data_3LIB
#
_entry.id   3LIB
#
_cell.length_a   129.524
_cell.length_b   129.524
_cell.length_c   404.729
_cell.angle_alpha   90.00
_cell.angle_beta   90.00
_cell.angle_gamma   120.00
#
_symmetry.space_group_name_H-M   'P 65'
#
loop_
_entity.id
_entity.type
_entity.pdbx_description
1 polymer 'Hypothetical sensory transduction histidine kinase'
2 non-polymer 'POTASSIUM ION'
3 water water
#
_entity_poly.entity_id   1
_entity_poly.type   'polypeptide(L)'
_entity_poly.pdbx_seq_one_letter_code
;MESTVTTQEEKLAYQQSVEMASNYANQFDADMKANLAIARTISTTMESYETADRDEALLILENLLRDNPHLLGTYVAFEP
DAFDGKDAEYTNSPAHDGTGRFVPYWNKMNGTASVAPLLHYDSSDYYQLPKATEKDVLTEPYFYEGVFMVSYVSPIMKEG
EFAGIGGVDVSLEYVDEVVSKVRTFDTGYAFMVSNSGVILSHPTHKDWIGKKDLYDFGGEELEKASRDIKNGIGGHLETA
DPTTGKTVILFYEPVETGDFAFVLVVPKEEMLAGVADLRERLLEHHHHHH
;
_entity_poly.pdbx_strand_id   A,B,C,D,E,F,G,H,I,J
#
loop_
_chem_comp.id
_chem_comp.type
_chem_comp.name
_chem_comp.formula
K non-polymer 'POTASSIUM ION' 'K 1'
#
# COMPACT_ATOMS: atom_id res chain seq x y z
N GLU A 10 -6.53 -24.66 -10.18
CA GLU A 10 -6.00 -24.11 -11.47
C GLU A 10 -7.08 -23.48 -12.36
N LYS A 11 -6.87 -22.22 -12.76
CA LYS A 11 -5.57 -21.55 -12.54
C LYS A 11 -4.70 -21.62 -13.80
N LEU A 12 -4.89 -22.69 -14.59
CA LEU A 12 -4.60 -22.63 -16.01
C LEU A 12 -5.81 -21.96 -16.65
N ALA A 13 -6.81 -21.62 -15.83
CA ALA A 13 -7.95 -20.85 -16.30
C ALA A 13 -7.43 -19.45 -16.59
N TYR A 14 -6.83 -18.85 -15.57
CA TYR A 14 -6.18 -17.57 -15.75
C TYR A 14 -5.27 -17.58 -16.95
N GLN A 15 -4.35 -18.52 -16.96
CA GLN A 15 -3.39 -18.63 -18.04
C GLN A 15 -4.06 -18.45 -19.41
N GLN A 16 -5.26 -18.97 -19.58
CA GLN A 16 -5.88 -18.98 -20.89
C GLN A 16 -6.58 -17.69 -21.27
N SER A 17 -7.03 -16.94 -20.29
CA SER A 17 -7.67 -15.65 -20.54
C SER A 17 -6.66 -14.59 -20.89
N VAL A 18 -5.53 -14.63 -20.21
CA VAL A 18 -4.40 -13.82 -20.61
C VAL A 18 -4.11 -14.05 -22.09
N GLU A 19 -3.84 -15.30 -22.44
CA GLU A 19 -3.45 -15.59 -23.81
C GLU A 19 -4.41 -15.04 -24.89
N MET A 20 -5.69 -14.94 -24.55
CA MET A 20 -6.70 -14.43 -25.48
C MET A 20 -6.75 -12.92 -25.47
N ALA A 21 -6.63 -12.38 -24.26
CA ALA A 21 -6.59 -10.95 -24.05
C ALA A 21 -5.48 -10.39 -24.92
N SER A 22 -4.32 -11.04 -24.82
CA SER A 22 -3.18 -10.69 -25.62
C SER A 22 -3.44 -10.79 -27.13
N ASN A 23 -3.95 -11.94 -27.58
CA ASN A 23 -4.30 -12.11 -28.98
C ASN A 23 -5.10 -10.90 -29.53
N TYR A 24 -6.23 -10.63 -28.90
CA TYR A 24 -7.00 -9.49 -29.33
C TYR A 24 -6.19 -8.20 -29.39
N ALA A 25 -5.51 -7.88 -28.28
CA ALA A 25 -4.80 -6.60 -28.15
C ALA A 25 -3.97 -6.47 -29.38
N ASN A 26 -3.35 -7.60 -29.74
CA ASN A 26 -2.50 -7.65 -30.92
C ASN A 26 -3.23 -7.49 -32.24
N GLN A 27 -4.42 -8.07 -32.38
CA GLN A 27 -5.18 -7.82 -33.60
C GLN A 27 -5.44 -6.35 -33.74
N PHE A 28 -5.94 -5.72 -32.69
CA PHE A 28 -6.18 -4.28 -32.79
C PHE A 28 -4.89 -3.46 -32.93
N ASP A 29 -3.74 -4.07 -32.65
CA ASP A 29 -2.51 -3.36 -32.93
C ASP A 29 -2.29 -3.25 -34.43
N ALA A 30 -2.67 -4.29 -35.19
CA ALA A 30 -2.41 -4.31 -36.63
C ALA A 30 -3.07 -3.08 -37.21
N ASP A 31 -4.36 -2.97 -36.88
CA ASP A 31 -5.19 -1.86 -37.31
C ASP A 31 -4.51 -0.56 -37.02
N MET A 32 -4.05 -0.39 -35.79
CA MET A 32 -3.57 0.94 -35.38
C MET A 32 -2.17 1.26 -35.89
N LYS A 33 -1.36 0.21 -36.04
CA LYS A 33 -0.06 0.35 -36.67
C LYS A 33 -0.23 0.87 -38.09
N ALA A 34 -1.20 0.32 -38.81
CA ALA A 34 -1.41 0.71 -40.20
C ALA A 34 -1.83 2.16 -40.30
N ASN A 35 -2.81 2.60 -39.48
CA ASN A 35 -3.27 3.99 -39.54
C ASN A 35 -2.10 4.99 -39.45
N LEU A 36 -1.39 4.93 -38.32
CA LEU A 36 -0.15 5.67 -38.10
C LEU A 36 0.81 5.65 -39.33
N ALA A 37 1.15 4.46 -39.85
CA ALA A 37 1.84 4.36 -41.14
C ALA A 37 1.26 5.32 -42.17
N ILE A 38 -0.06 5.40 -42.30
CA ILE A 38 -0.62 6.32 -43.30
C ILE A 38 -0.29 7.77 -42.96
N ALA A 39 -0.38 8.13 -41.69
CA ALA A 39 0.01 9.48 -41.28
C ALA A 39 1.51 9.73 -41.49
N ARG A 40 2.36 8.88 -40.92
CA ARG A 40 3.79 8.97 -41.19
C ARG A 40 4.06 9.13 -42.69
N THR A 41 3.36 8.38 -43.53
CA THR A 41 3.56 8.57 -44.94
C THR A 41 3.01 9.89 -45.50
N ILE A 42 1.87 10.35 -44.99
CA ILE A 42 1.34 11.60 -45.49
C ILE A 42 2.40 12.69 -45.21
N SER A 43 3.07 12.56 -44.06
CA SER A 43 3.95 13.65 -43.64
C SER A 43 5.34 13.56 -44.24
N THR A 44 5.89 12.35 -44.34
CA THR A 44 7.22 12.22 -44.90
C THR A 44 7.08 12.80 -46.28
N THR A 45 5.90 12.60 -46.86
CA THR A 45 5.66 13.10 -48.19
C THR A 45 5.67 14.59 -48.16
N MET A 46 4.85 15.21 -47.31
CA MET A 46 4.82 16.68 -47.26
C MET A 46 6.19 17.28 -47.00
N GLU A 47 7.01 16.58 -46.21
CA GLU A 47 8.40 16.98 -46.05
C GLU A 47 9.07 17.07 -47.41
N SER A 48 8.78 16.12 -48.30
CA SER A 48 9.43 16.06 -49.59
C SER A 48 8.71 16.85 -50.67
N TYR A 49 7.64 17.55 -50.33
CA TYR A 49 6.82 18.29 -51.32
C TYR A 49 7.25 19.74 -51.58
N GLU A 50 7.94 19.96 -52.70
CA GLU A 50 8.35 21.29 -53.16
C GLU A 50 7.20 22.08 -53.75
N THR A 51 6.57 21.51 -54.77
CA THR A 51 5.47 22.18 -55.45
C THR A 51 4.57 23.00 -54.52
N ALA A 52 4.06 22.36 -53.46
CA ALA A 52 3.30 23.12 -52.51
C ALA A 52 2.14 23.75 -53.20
N ASP A 53 1.43 22.96 -54.01
CA ASP A 53 0.12 23.36 -54.52
C ASP A 53 -0.94 22.86 -53.56
N ARG A 54 -1.66 23.77 -52.94
CA ARG A 54 -2.79 23.39 -52.07
C ARG A 54 -3.81 22.40 -52.64
N ASP A 55 -4.14 22.52 -53.93
CA ASP A 55 -5.18 21.67 -54.50
C ASP A 55 -4.70 20.25 -54.62
N GLU A 56 -3.44 20.13 -55.02
CA GLU A 56 -2.86 18.82 -55.17
C GLU A 56 -2.84 18.09 -53.81
N ALA A 57 -2.33 18.78 -52.81
CA ALA A 57 -2.50 18.34 -51.44
C ALA A 57 -3.93 17.84 -51.24
N LEU A 58 -4.89 18.77 -51.30
CA LEU A 58 -6.28 18.42 -51.06
C LEU A 58 -6.62 17.13 -51.77
N LEU A 59 -6.10 16.97 -52.97
CA LEU A 59 -6.43 15.80 -53.74
C LEU A 59 -5.93 14.61 -52.95
N ILE A 60 -4.63 14.61 -52.70
CA ILE A 60 -4.04 13.56 -51.89
C ILE A 60 -4.92 13.24 -50.68
N LEU A 61 -5.26 14.27 -49.91
CA LEU A 61 -6.02 14.03 -48.71
C LEU A 61 -7.32 13.35 -49.05
N GLU A 62 -8.22 14.10 -49.68
CA GLU A 62 -9.48 13.59 -50.27
C GLU A 62 -9.43 12.14 -50.76
N ASN A 63 -8.45 11.83 -51.59
CA ASN A 63 -8.29 10.48 -52.10
C ASN A 63 -7.82 9.43 -51.11
N LEU A 64 -7.11 9.81 -50.06
CA LEU A 64 -6.69 8.83 -49.04
C LEU A 64 -7.88 8.50 -48.12
N LEU A 65 -8.75 9.48 -47.92
CA LEU A 65 -9.97 9.31 -47.16
C LEU A 65 -10.87 8.36 -47.92
N ARG A 66 -10.94 8.63 -49.23
CA ARG A 66 -11.92 7.99 -50.09
C ARG A 66 -11.55 6.53 -50.24
N ASP A 67 -10.26 6.27 -50.18
CA ASP A 67 -9.70 4.97 -50.44
C ASP A 67 -9.47 4.19 -49.16
N ASN A 68 -9.81 4.81 -48.03
CA ASN A 68 -9.61 4.22 -46.71
C ASN A 68 -10.87 4.42 -45.92
N PRO A 69 -11.84 3.52 -46.12
CA PRO A 69 -13.21 3.78 -45.69
C PRO A 69 -13.34 3.79 -44.18
N HIS A 70 -12.43 3.09 -43.49
CA HIS A 70 -12.48 3.01 -42.02
C HIS A 70 -12.05 4.35 -41.40
N LEU A 71 -11.47 5.24 -42.20
CA LEU A 71 -10.92 6.48 -41.68
C LEU A 71 -11.92 7.63 -41.55
N LEU A 72 -12.19 8.05 -40.32
CA LEU A 72 -12.97 9.27 -40.11
C LEU A 72 -12.55 10.50 -40.98
N GLY A 73 -11.25 10.68 -41.23
CA GLY A 73 -10.77 11.83 -42.02
C GLY A 73 -9.26 11.89 -42.21
N THR A 74 -8.80 12.71 -43.14
CA THR A 74 -7.37 12.88 -43.31
C THR A 74 -7.12 14.37 -43.28
N TYR A 75 -5.90 14.79 -42.95
CA TYR A 75 -5.64 16.23 -42.82
C TYR A 75 -4.18 16.56 -42.80
N VAL A 76 -3.89 17.80 -43.19
CA VAL A 76 -2.58 18.37 -43.03
C VAL A 76 -2.73 19.73 -42.31
N ALA A 77 -1.78 20.11 -41.46
CA ALA A 77 -1.90 21.45 -40.88
C ALA A 77 -0.55 22.16 -40.62
N PHE A 78 -0.38 23.31 -41.26
CA PHE A 78 0.90 23.99 -41.26
C PHE A 78 0.98 25.24 -40.39
N GLU A 79 2.20 25.44 -39.90
CA GLU A 79 2.59 26.60 -39.17
C GLU A 79 2.44 27.79 -40.09
N PRO A 80 2.22 28.99 -39.52
CA PRO A 80 2.00 30.22 -40.30
C PRO A 80 2.90 30.37 -41.54
N ASP A 81 2.35 30.25 -42.74
CA ASP A 81 3.14 30.35 -43.98
C ASP A 81 4.06 29.18 -44.26
N ALA A 82 4.25 28.33 -43.25
CA ALA A 82 5.09 27.14 -43.42
C ALA A 82 4.84 26.32 -44.72
N PHE A 83 3.66 26.35 -45.31
CA PHE A 83 3.39 25.44 -46.43
C PHE A 83 3.95 25.94 -47.77
N ASP A 84 3.50 27.13 -48.19
CA ASP A 84 3.88 27.68 -49.48
C ASP A 84 4.14 29.18 -49.40
N GLY A 85 4.25 29.72 -48.19
CA GLY A 85 4.52 31.15 -48.05
C GLY A 85 3.37 32.07 -48.47
N LYS A 86 2.29 31.53 -49.02
CA LYS A 86 1.18 32.36 -49.51
C LYS A 86 -0.06 32.43 -48.59
N ASP A 87 0.13 32.35 -47.27
CA ASP A 87 -1.00 32.33 -46.32
C ASP A 87 -2.00 33.49 -46.48
N ALA A 88 -1.48 34.72 -46.62
CA ALA A 88 -2.34 35.91 -46.72
C ALA A 88 -3.22 35.90 -47.96
N GLU A 89 -2.81 35.11 -48.96
CA GLU A 89 -3.61 34.94 -50.18
C GLU A 89 -4.85 34.13 -49.93
N TYR A 90 -4.70 33.01 -49.23
CA TYR A 90 -5.79 32.04 -49.11
C TYR A 90 -6.82 32.37 -48.02
N THR A 91 -6.48 33.33 -47.16
CA THR A 91 -7.42 33.79 -46.16
C THR A 91 -8.90 33.77 -46.61
N ASN A 92 -9.68 32.91 -45.96
CA ASN A 92 -11.15 32.82 -46.10
C ASN A 92 -11.60 32.14 -47.38
N SER A 93 -10.66 31.63 -48.15
CA SER A 93 -11.07 30.89 -49.31
C SER A 93 -11.55 29.50 -48.87
N PRO A 94 -12.09 28.73 -49.82
CA PRO A 94 -12.64 27.44 -49.41
C PRO A 94 -11.62 26.63 -48.62
N ALA A 95 -12.08 26.05 -47.50
CA ALA A 95 -11.28 25.12 -46.69
C ALA A 95 -10.27 25.85 -45.82
N HIS A 96 -10.31 27.17 -45.81
CA HIS A 96 -9.45 27.87 -44.86
C HIS A 96 -10.26 28.62 -43.83
N ASP A 97 -9.59 29.50 -43.09
CA ASP A 97 -10.23 30.28 -42.06
C ASP A 97 -9.68 31.69 -42.17
N GLY A 98 -9.85 32.50 -41.14
CA GLY A 98 -9.39 33.88 -41.18
C GLY A 98 -7.89 33.92 -41.39
N THR A 99 -7.21 32.87 -40.96
CA THR A 99 -5.76 32.90 -40.98
C THR A 99 -5.20 32.60 -42.38
N GLY A 100 -5.88 31.82 -43.17
CA GLY A 100 -5.28 31.45 -44.45
C GLY A 100 -4.20 30.39 -44.31
N ARG A 101 -3.93 29.97 -43.07
CA ARG A 101 -3.03 28.83 -42.89
C ARG A 101 -3.58 27.61 -43.66
N PHE A 102 -2.66 26.77 -44.17
CA PHE A 102 -3.04 25.55 -44.84
C PHE A 102 -3.41 24.44 -43.85
N VAL A 103 -4.71 24.27 -43.60
CA VAL A 103 -5.15 23.40 -42.50
C VAL A 103 -6.37 22.55 -42.88
N PRO A 104 -6.28 21.86 -44.03
CA PRO A 104 -7.45 21.24 -44.65
C PRO A 104 -7.81 19.90 -44.07
N TYR A 105 -9.02 19.77 -43.56
CA TYR A 105 -9.49 18.54 -42.93
C TYR A 105 -10.50 17.79 -43.77
N TRP A 106 -10.11 16.73 -44.46
CA TRP A 106 -11.06 16.01 -45.31
C TRP A 106 -11.80 14.89 -44.56
N ASN A 107 -13.10 15.06 -44.28
CA ASN A 107 -13.76 14.17 -43.31
C ASN A 107 -15.21 13.75 -43.56
N LYS A 108 -15.49 12.50 -43.23
CA LYS A 108 -16.82 11.93 -43.29
C LYS A 108 -17.70 12.33 -42.14
N MET A 109 -17.40 13.43 -41.45
CA MET A 109 -18.06 13.70 -40.13
C MET A 109 -19.62 13.60 -40.09
N ASN A 110 -20.32 13.70 -41.23
CA ASN A 110 -21.78 13.44 -41.24
C ASN A 110 -22.23 12.70 -42.50
N GLY A 111 -21.79 11.45 -42.61
CA GLY A 111 -22.02 10.63 -43.81
C GLY A 111 -21.42 11.31 -45.03
N THR A 112 -21.80 12.57 -45.22
CA THR A 112 -21.21 13.45 -46.23
C THR A 112 -19.67 13.62 -46.10
N ALA A 113 -18.94 13.36 -47.20
CA ALA A 113 -17.49 13.50 -47.26
C ALA A 113 -17.01 14.88 -47.78
N SER A 114 -17.24 15.93 -47.00
CA SER A 114 -16.71 17.26 -47.22
C SER A 114 -15.23 17.41 -46.79
N VAL A 115 -14.68 18.60 -47.06
CA VAL A 115 -13.41 19.08 -46.50
C VAL A 115 -13.68 20.41 -45.79
N ALA A 116 -12.99 20.67 -44.69
CA ALA A 116 -13.11 21.98 -44.00
C ALA A 116 -11.84 22.34 -43.25
N PRO A 117 -11.72 23.59 -42.84
CA PRO A 117 -10.56 23.92 -42.04
C PRO A 117 -10.61 23.21 -40.70
N LEU A 118 -9.44 22.89 -40.14
CA LEU A 118 -9.35 22.38 -38.79
C LEU A 118 -9.75 23.44 -37.75
N LEU A 119 -10.15 23.01 -36.56
CA LEU A 119 -10.53 23.94 -35.51
C LEU A 119 -9.65 23.75 -34.27
N HIS A 120 -9.25 24.86 -33.66
CA HIS A 120 -8.49 24.81 -32.41
C HIS A 120 -7.18 24.06 -32.54
N TYR A 121 -6.51 24.22 -33.68
CA TYR A 121 -5.21 23.57 -33.89
C TYR A 121 -4.18 24.34 -33.15
N ASP A 122 -4.57 25.36 -32.43
CA ASP A 122 -3.62 26.12 -31.67
C ASP A 122 -3.74 25.76 -30.23
N SER A 123 -4.36 24.65 -29.92
CA SER A 123 -4.77 24.43 -28.54
C SER A 123 -5.09 22.98 -28.27
N SER A 124 -5.32 22.22 -29.33
CA SER A 124 -5.65 20.82 -29.24
C SER A 124 -4.41 19.97 -29.35
N ASP A 125 -4.40 18.85 -28.62
CA ASP A 125 -3.31 17.90 -28.75
C ASP A 125 -2.92 17.64 -30.19
N TYR A 126 -3.88 17.11 -30.95
CA TYR A 126 -3.58 16.60 -32.26
C TYR A 126 -2.53 17.43 -32.96
N TYR A 127 -2.44 18.69 -32.59
CA TYR A 127 -1.40 19.54 -33.14
C TYR A 127 -0.28 19.85 -32.14
N GLN A 128 -0.67 20.32 -30.95
CA GLN A 128 0.30 20.81 -29.97
C GLN A 128 1.25 19.74 -29.43
N LEU A 129 0.75 18.53 -29.17
CA LEU A 129 1.64 17.48 -28.72
C LEU A 129 2.71 17.22 -29.77
N PRO A 130 2.32 17.09 -31.03
CA PRO A 130 3.37 16.78 -31.98
C PRO A 130 4.32 17.95 -32.07
N LYS A 131 3.81 19.16 -31.91
CA LYS A 131 4.67 20.30 -32.02
C LYS A 131 5.62 20.28 -30.82
N ALA A 132 5.11 20.15 -29.60
CA ALA A 132 5.97 20.03 -28.43
C ALA A 132 6.98 18.89 -28.58
N THR A 133 6.55 17.68 -28.88
CA THR A 133 7.46 16.55 -28.84
C THR A 133 8.26 16.34 -30.13
N GLU A 134 7.82 16.92 -31.23
CA GLU A 134 8.48 16.69 -32.52
C GLU A 134 8.61 15.23 -32.86
N LYS A 135 7.64 14.47 -32.35
CA LYS A 135 7.59 13.01 -32.53
C LYS A 135 6.17 12.59 -32.95
N ASP A 136 6.03 11.37 -33.45
CA ASP A 136 4.70 10.86 -33.76
C ASP A 136 3.87 10.81 -32.52
N VAL A 137 2.55 10.81 -32.71
CA VAL A 137 1.63 10.67 -31.62
C VAL A 137 0.42 9.88 -32.06
N LEU A 138 -0.10 9.08 -31.15
CA LEU A 138 -1.47 8.60 -31.24
C LEU A 138 -2.19 9.24 -30.05
N THR A 139 -2.85 10.37 -30.30
CA THR A 139 -3.51 11.16 -29.27
C THR A 139 -4.48 10.37 -28.38
N GLU A 140 -4.72 10.90 -27.19
CA GLU A 140 -5.81 10.43 -26.35
C GLU A 140 -7.08 10.75 -27.10
N PRO A 141 -8.16 10.05 -26.75
CA PRO A 141 -9.45 10.28 -27.37
C PRO A 141 -9.90 11.66 -27.01
N TYR A 142 -10.48 12.36 -27.95
CA TYR A 142 -11.15 13.57 -27.55
C TYR A 142 -12.47 13.72 -28.30
N PHE A 143 -13.26 14.64 -27.74
CA PHE A 143 -14.50 15.07 -28.32
C PHE A 143 -14.21 16.29 -29.20
N TYR A 144 -13.96 16.07 -30.48
CA TYR A 144 -13.76 17.20 -31.40
C TYR A 144 -15.06 17.55 -32.10
N GLU A 145 -15.58 18.73 -31.76
CA GLU A 145 -16.68 19.31 -32.47
C GLU A 145 -17.75 18.26 -32.70
N GLY A 146 -18.19 17.56 -31.64
CA GLY A 146 -19.34 16.67 -31.78
C GLY A 146 -19.06 15.18 -31.74
N VAL A 147 -18.03 14.73 -32.44
CA VAL A 147 -17.66 13.31 -32.45
C VAL A 147 -16.49 13.01 -31.50
N PHE A 148 -16.49 11.82 -30.88
CA PHE A 148 -15.29 11.31 -30.17
C PHE A 148 -14.39 10.57 -31.13
N MET A 149 -13.22 11.13 -31.40
CA MET A 149 -12.27 10.43 -32.24
C MET A 149 -10.91 10.32 -31.54
N VAL A 150 -9.99 9.72 -32.28
CA VAL A 150 -8.62 9.55 -31.86
C VAL A 150 -7.77 9.85 -33.09
N SER A 151 -6.68 10.59 -32.95
CA SER A 151 -5.92 11.00 -34.14
C SER A 151 -4.52 10.40 -34.16
N TYR A 152 -4.11 9.93 -35.33
CA TYR A 152 -2.76 9.43 -35.51
C TYR A 152 -2.02 10.51 -36.24
N VAL A 153 -1.17 11.24 -35.54
CA VAL A 153 -0.55 12.40 -36.13
C VAL A 153 0.94 12.25 -36.18
N SER A 154 1.53 12.84 -37.21
CA SER A 154 2.96 12.74 -37.39
C SER A 154 3.56 14.02 -37.91
N PRO A 155 4.53 14.59 -37.14
CA PRO A 155 5.13 15.90 -37.47
C PRO A 155 5.88 15.93 -38.82
N ILE A 156 5.68 17.05 -39.55
CA ILE A 156 6.38 17.38 -40.78
C ILE A 156 7.59 18.20 -40.38
N MET A 157 8.75 17.53 -40.36
CA MET A 157 9.99 18.16 -39.96
C MET A 157 10.74 18.57 -41.21
N LYS A 158 10.77 19.88 -41.49
CA LYS A 158 11.55 20.37 -42.63
C LYS A 158 12.95 20.89 -42.28
N GLU A 159 13.93 20.06 -42.63
CA GLU A 159 15.34 20.25 -42.27
C GLU A 159 15.48 20.69 -40.81
N GLY A 160 15.16 19.75 -39.92
CA GLY A 160 15.29 19.96 -38.48
C GLY A 160 14.33 20.97 -37.85
N GLU A 161 13.45 21.54 -38.66
CA GLU A 161 12.52 22.56 -38.22
C GLU A 161 11.07 22.10 -38.43
N PHE A 162 10.23 22.33 -37.43
CA PHE A 162 8.84 21.89 -37.44
C PHE A 162 7.96 22.75 -38.35
N ALA A 163 7.51 22.17 -39.48
CA ALA A 163 6.65 22.86 -40.42
C ALA A 163 5.16 22.58 -40.15
N GLY A 164 4.85 21.50 -39.43
CA GLY A 164 3.45 21.17 -39.13
C GLY A 164 3.16 19.70 -39.00
N ILE A 165 1.89 19.30 -39.23
CA ILE A 165 1.44 17.90 -39.07
C ILE A 165 0.72 17.27 -40.27
N GLY A 166 0.74 15.95 -40.29
CA GLY A 166 -0.06 15.14 -41.20
C GLY A 166 -0.74 14.09 -40.35
N GLY A 167 -2.01 13.83 -40.60
CA GLY A 167 -2.75 12.94 -39.73
C GLY A 167 -3.92 12.23 -40.37
N VAL A 168 -4.61 11.46 -39.56
CA VAL A 168 -5.78 10.75 -39.97
C VAL A 168 -6.48 10.44 -38.67
N ASP A 169 -7.80 10.29 -38.75
CA ASP A 169 -8.65 10.13 -37.58
C ASP A 169 -9.41 8.81 -37.59
N VAL A 170 -9.73 8.33 -36.41
CA VAL A 170 -10.69 7.28 -36.27
C VAL A 170 -11.70 7.66 -35.18
N SER A 171 -12.95 7.26 -35.36
CA SER A 171 -14.00 7.53 -34.37
C SER A 171 -14.04 6.41 -33.34
N LEU A 172 -14.52 6.77 -32.16
CA LEU A 172 -14.69 5.77 -31.15
C LEU A 172 -15.79 4.87 -31.67
N GLU A 173 -16.77 5.50 -32.29
CA GLU A 173 -17.95 4.77 -32.76
C GLU A 173 -17.54 3.63 -33.68
N TYR A 174 -16.43 3.79 -34.38
CA TYR A 174 -15.92 2.67 -35.13
C TYR A 174 -15.42 1.63 -34.13
N VAL A 175 -14.60 2.10 -33.18
CA VAL A 175 -13.92 1.19 -32.26
C VAL A 175 -14.93 0.28 -31.57
N ASP A 176 -15.98 0.89 -31.03
CA ASP A 176 -16.96 0.21 -30.17
C ASP A 176 -17.78 -0.81 -30.94
N GLU A 177 -18.12 -0.43 -32.16
CA GLU A 177 -18.73 -1.31 -33.14
C GLU A 177 -17.95 -2.61 -33.19
N VAL A 178 -16.63 -2.47 -33.38
CA VAL A 178 -15.73 -3.60 -33.50
C VAL A 178 -15.54 -4.38 -32.18
N VAL A 179 -15.29 -3.68 -31.07
CA VAL A 179 -14.92 -4.34 -29.80
C VAL A 179 -16.08 -5.04 -29.08
N SER A 180 -17.25 -4.40 -29.11
CA SER A 180 -18.38 -4.96 -28.39
C SER A 180 -18.90 -6.22 -29.07
N LYS A 181 -18.52 -6.44 -30.34
CA LYS A 181 -18.67 -7.74 -30.98
C LYS A 181 -18.16 -8.82 -30.05
N VAL A 182 -16.88 -8.72 -29.68
CA VAL A 182 -16.22 -9.77 -28.86
C VAL A 182 -16.98 -10.26 -27.63
N ARG A 183 -17.09 -11.58 -27.52
CA ARG A 183 -17.67 -12.18 -26.34
C ARG A 183 -16.79 -13.29 -25.80
N THR A 184 -16.90 -13.54 -24.50
CA THR A 184 -16.28 -14.72 -23.89
C THR A 184 -17.21 -15.32 -22.85
N PHE A 185 -16.98 -16.60 -22.53
CA PHE A 185 -17.84 -17.34 -21.60
C PHE A 185 -19.38 -17.21 -21.80
N ASP A 186 -20.14 -17.20 -20.70
CA ASP A 186 -21.57 -16.92 -20.78
C ASP A 186 -21.78 -15.40 -20.82
N THR A 187 -21.71 -14.69 -19.68
CA THR A 187 -21.88 -13.21 -19.64
C THR A 187 -20.69 -12.30 -20.07
N GLY A 188 -19.49 -12.85 -20.24
CA GLY A 188 -18.27 -12.03 -20.45
C GLY A 188 -18.08 -11.35 -21.79
N TYR A 189 -17.59 -10.10 -21.75
CA TYR A 189 -17.36 -9.26 -22.95
C TYR A 189 -15.94 -8.59 -22.98
N ALA A 190 -15.83 -7.38 -23.52
CA ALA A 190 -14.54 -6.73 -23.59
C ALA A 190 -14.63 -5.26 -24.03
N PHE A 191 -13.67 -4.44 -23.59
CA PHE A 191 -13.65 -3.07 -24.05
C PHE A 191 -12.24 -2.56 -24.20
N MET A 192 -12.03 -1.63 -25.14
CA MET A 192 -10.75 -0.92 -25.20
C MET A 192 -10.70 0.20 -24.20
N VAL A 193 -9.58 0.90 -24.16
CA VAL A 193 -9.45 1.94 -23.19
C VAL A 193 -8.21 2.67 -23.65
N SER A 194 -8.18 3.99 -23.47
CA SER A 194 -7.06 4.80 -23.94
C SER A 194 -5.93 4.58 -23.00
N ASN A 195 -4.84 5.29 -23.20
CA ASN A 195 -3.64 5.07 -22.39
C ASN A 195 -3.81 5.64 -21.01
N SER A 196 -4.61 6.69 -20.89
CA SER A 196 -5.00 7.15 -19.57
C SER A 196 -6.30 6.51 -19.09
N GLY A 197 -6.66 5.40 -19.72
CA GLY A 197 -7.71 4.56 -19.20
C GLY A 197 -9.13 5.05 -19.46
N VAL A 198 -9.28 5.98 -20.41
CA VAL A 198 -10.61 6.37 -20.82
C VAL A 198 -11.30 5.18 -21.50
N ILE A 199 -12.64 5.12 -21.37
CA ILE A 199 -13.40 4.03 -21.99
C ILE A 199 -13.73 4.31 -23.45
N LEU A 200 -13.37 3.36 -24.30
CA LEU A 200 -13.39 3.57 -25.71
C LEU A 200 -14.54 2.79 -26.34
N SER A 201 -14.96 1.73 -25.70
CA SER A 201 -16.01 0.96 -26.25
C SER A 201 -16.81 0.41 -25.08
N HIS A 202 -18.04 0.01 -25.33
CA HIS A 202 -18.75 -0.74 -24.34
C HIS A 202 -20.01 -1.34 -24.86
N PRO A 203 -20.24 -2.63 -24.56
CA PRO A 203 -21.29 -3.40 -25.18
C PRO A 203 -22.67 -2.92 -24.77
N THR A 204 -22.87 -2.57 -23.50
CA THR A 204 -24.21 -2.22 -23.06
C THR A 204 -24.43 -0.77 -22.58
N HIS A 205 -23.36 -0.02 -22.32
CA HIS A 205 -23.48 1.38 -21.86
C HIS A 205 -22.80 2.38 -22.76
N LYS A 206 -23.29 2.57 -23.96
CA LYS A 206 -22.60 3.48 -24.83
C LYS A 206 -22.45 4.87 -24.20
N ASP A 207 -23.09 5.12 -23.08
CA ASP A 207 -22.98 6.45 -22.47
C ASP A 207 -21.63 6.66 -21.74
N TRP A 208 -20.92 5.56 -21.51
CA TRP A 208 -19.65 5.58 -20.80
C TRP A 208 -18.58 6.01 -21.80
N ILE A 209 -18.79 5.63 -23.06
CA ILE A 209 -17.78 5.81 -24.07
C ILE A 209 -17.25 7.23 -24.15
N GLY A 210 -15.99 7.39 -23.80
CA GLY A 210 -15.33 8.67 -23.95
C GLY A 210 -15.68 9.56 -22.81
N LYS A 211 -16.65 9.14 -21.99
CA LYS A 211 -17.05 9.99 -20.89
C LYS A 211 -16.47 9.51 -19.58
N LYS A 212 -16.30 8.21 -19.36
CA LYS A 212 -15.73 7.71 -18.09
C LYS A 212 -14.40 6.95 -18.27
N ASP A 213 -13.52 7.05 -17.28
CA ASP A 213 -12.28 6.30 -17.32
C ASP A 213 -12.20 5.44 -16.08
N LEU A 214 -11.32 4.45 -16.05
CA LEU A 214 -11.30 3.47 -14.97
C LEU A 214 -11.40 4.02 -13.55
N TYR A 215 -11.25 5.33 -13.37
CA TYR A 215 -11.33 5.91 -12.03
C TYR A 215 -12.77 6.06 -11.61
N ASP A 216 -13.67 6.19 -12.58
CA ASP A 216 -15.09 6.35 -12.33
C ASP A 216 -15.76 5.01 -12.01
N PHE A 217 -15.21 3.93 -12.58
CA PHE A 217 -15.65 2.56 -12.34
C PHE A 217 -15.48 2.39 -10.84
N GLY A 218 -15.04 3.43 -10.12
CA GLY A 218 -15.14 3.43 -8.63
C GLY A 218 -14.01 2.95 -7.72
N GLY A 219 -13.70 1.64 -7.73
CA GLY A 219 -12.71 1.03 -6.79
C GLY A 219 -11.24 1.48 -6.80
N GLU A 220 -10.44 0.94 -5.89
CA GLU A 220 -9.04 1.38 -5.75
C GLU A 220 -7.98 0.48 -6.41
N GLU A 221 -8.22 -0.83 -6.45
CA GLU A 221 -7.50 -1.71 -7.33
C GLU A 221 -7.65 -1.27 -8.81
N LEU A 222 -8.75 -0.64 -9.14
CA LEU A 222 -8.91 -0.14 -10.48
C LEU A 222 -7.92 0.98 -10.76
N GLU A 223 -7.43 1.64 -9.71
CA GLU A 223 -6.45 2.72 -9.89
C GLU A 223 -5.07 2.12 -10.10
N LYS A 224 -4.82 0.98 -9.47
CA LYS A 224 -3.62 0.23 -9.70
C LYS A 224 -3.49 -0.12 -11.16
N ALA A 225 -4.47 -0.86 -11.68
CA ALA A 225 -4.47 -1.25 -13.10
C ALA A 225 -4.41 -0.06 -14.05
N SER A 226 -4.88 1.11 -13.64
CA SER A 226 -4.70 2.29 -14.46
C SER A 226 -3.23 2.64 -14.65
N ARG A 227 -2.39 2.30 -13.69
CA ARG A 227 -0.98 2.61 -13.75
C ARG A 227 -0.27 1.60 -14.62
N ASP A 228 -0.55 0.31 -14.42
CA ASP A 228 -0.07 -0.68 -15.37
C ASP A 228 -0.39 -0.32 -16.81
N ILE A 229 -1.59 0.21 -17.09
CA ILE A 229 -1.92 0.47 -18.48
C ILE A 229 -1.28 1.77 -18.95
N LYS A 230 -1.02 2.72 -18.05
CA LYS A 230 -0.36 3.92 -18.52
C LYS A 230 1.05 3.62 -18.95
N ASN A 231 1.62 2.61 -18.31
CA ASN A 231 2.93 2.12 -18.62
C ASN A 231 2.92 1.04 -19.65
N GLY A 232 1.77 0.69 -20.17
CA GLY A 232 1.74 -0.38 -21.16
C GLY A 232 2.08 -1.72 -20.55
N ILE A 233 1.83 -1.87 -19.27
CA ILE A 233 1.98 -3.18 -18.65
C ILE A 233 0.65 -3.90 -18.67
N GLY A 234 0.65 -5.16 -19.02
CA GLY A 234 -0.56 -5.97 -18.92
C GLY A 234 -0.70 -6.69 -17.60
N GLY A 235 -1.90 -6.70 -17.05
CA GLY A 235 -2.14 -7.47 -15.83
C GLY A 235 -3.58 -7.91 -15.68
N HIS A 236 -3.97 -8.16 -14.42
CA HIS A 236 -5.37 -8.46 -14.09
C HIS A 236 -5.81 -8.10 -12.64
N LEU A 237 -7.11 -7.93 -12.46
CA LEU A 237 -7.72 -7.63 -11.16
C LEU A 237 -8.94 -8.49 -10.93
N GLU A 238 -9.48 -8.40 -9.72
CA GLU A 238 -10.83 -8.84 -9.45
C GLU A 238 -11.58 -7.59 -9.07
N THR A 239 -12.85 -7.51 -9.43
CA THR A 239 -13.61 -6.35 -9.03
C THR A 239 -15.10 -6.65 -9.21
N ALA A 240 -15.95 -5.94 -8.49
CA ALA A 240 -17.39 -6.08 -8.74
C ALA A 240 -17.79 -5.34 -10.02
N ASP A 241 -18.58 -6.00 -10.86
CA ASP A 241 -19.14 -5.30 -11.97
C ASP A 241 -19.68 -4.00 -11.37
N PRO A 242 -19.64 -2.89 -12.13
CA PRO A 242 -20.45 -1.75 -11.67
C PRO A 242 -21.97 -2.02 -11.58
N THR A 243 -22.67 -2.24 -12.70
CA THR A 243 -24.12 -2.38 -12.66
C THR A 243 -24.62 -3.58 -11.81
N THR A 244 -23.73 -4.41 -11.27
CA THR A 244 -24.16 -5.49 -10.38
C THR A 244 -22.97 -5.98 -9.60
N GLY A 245 -23.15 -6.32 -8.34
CA GLY A 245 -21.97 -6.58 -7.51
C GLY A 245 -21.18 -7.86 -7.73
N LYS A 246 -21.48 -8.63 -8.78
CA LYS A 246 -20.77 -9.91 -9.02
C LYS A 246 -19.29 -9.79 -9.46
N THR A 247 -18.41 -10.49 -8.75
CA THR A 247 -16.99 -10.35 -9.00
C THR A 247 -16.61 -10.82 -10.40
N VAL A 248 -15.96 -9.92 -11.12
CA VAL A 248 -15.41 -10.24 -12.42
C VAL A 248 -13.90 -10.01 -12.37
N ILE A 249 -13.19 -10.65 -13.29
CA ILE A 249 -11.77 -10.49 -13.45
C ILE A 249 -11.51 -9.70 -14.76
N LEU A 250 -10.84 -8.57 -14.65
CA LEU A 250 -10.42 -7.82 -15.83
C LEU A 250 -9.04 -8.31 -16.25
N PHE A 251 -8.90 -8.65 -17.51
CA PHE A 251 -7.59 -8.93 -18.08
C PHE A 251 -7.31 -7.85 -19.10
N TYR A 252 -6.35 -6.98 -18.80
CA TYR A 252 -5.98 -5.93 -19.73
C TYR A 252 -4.61 -6.31 -20.30
N GLU A 253 -4.41 -6.01 -21.55
CA GLU A 253 -3.17 -6.27 -22.20
C GLU A 253 -2.90 -5.10 -23.12
N PRO A 254 -1.64 -4.66 -23.18
CA PRO A 254 -1.38 -3.41 -23.89
C PRO A 254 -1.59 -3.55 -25.37
N VAL A 255 -2.10 -2.50 -25.98
CA VAL A 255 -2.12 -2.39 -27.43
C VAL A 255 -0.92 -1.56 -27.77
N GLU A 256 0.02 -2.21 -28.43
CA GLU A 256 1.38 -1.71 -28.45
C GLU A 256 1.58 -0.29 -28.94
N THR A 257 1.07 0.02 -30.13
CA THR A 257 1.16 1.38 -30.64
C THR A 257 0.23 2.27 -29.83
N GLY A 258 0.76 3.36 -29.29
CA GLY A 258 -0.08 4.23 -28.47
C GLY A 258 -0.19 3.75 -27.04
N ASP A 259 0.06 2.48 -26.80
CA ASP A 259 -0.12 1.95 -25.46
C ASP A 259 -1.54 2.19 -24.90
N PHE A 260 -2.54 1.82 -25.69
CA PHE A 260 -3.87 1.67 -25.17
C PHE A 260 -3.89 0.27 -24.56
N ALA A 261 -5.06 -0.19 -24.11
CA ALA A 261 -5.19 -1.47 -23.42
C ALA A 261 -6.48 -2.13 -23.83
N PHE A 262 -6.41 -3.41 -24.09
CA PHE A 262 -7.59 -4.16 -24.40
C PHE A 262 -7.93 -4.91 -23.16
N VAL A 263 -9.10 -4.62 -22.58
CA VAL A 263 -9.57 -5.31 -21.37
C VAL A 263 -10.66 -6.36 -21.65
N LEU A 264 -10.40 -7.61 -21.27
CA LEU A 264 -11.32 -8.73 -21.39
C LEU A 264 -12.03 -8.94 -20.06
N VAL A 265 -13.37 -8.92 -20.01
CA VAL A 265 -14.08 -9.12 -18.73
C VAL A 265 -14.62 -10.53 -18.55
N VAL A 266 -14.13 -11.22 -17.52
CA VAL A 266 -14.47 -12.62 -17.34
C VAL A 266 -15.15 -12.81 -15.99
N PRO A 267 -16.39 -13.35 -16.01
CA PRO A 267 -17.16 -13.51 -14.77
C PRO A 267 -16.53 -14.59 -13.93
N LYS A 268 -16.18 -14.18 -12.70
CA LYS A 268 -15.45 -15.00 -11.74
C LYS A 268 -16.01 -16.43 -11.62
N GLU A 269 -17.33 -16.51 -11.44
CA GLU A 269 -18.09 -17.75 -11.57
C GLU A 269 -17.60 -18.53 -12.78
N GLU A 270 -18.28 -18.24 -13.89
CA GLU A 270 -17.98 -18.83 -15.17
C GLU A 270 -16.58 -19.44 -15.29
N MET A 271 -15.60 -18.96 -14.53
CA MET A 271 -14.31 -19.66 -14.49
C MET A 271 -14.31 -20.87 -13.54
N LEU A 272 -15.00 -20.76 -12.41
CA LEU A 272 -15.22 -21.91 -11.53
C LEU A 272 -16.00 -22.97 -12.32
N ALA A 273 -16.98 -22.52 -13.12
CA ALA A 273 -17.69 -23.40 -14.06
C ALA A 273 -16.73 -23.95 -15.11
N GLY A 274 -15.83 -23.11 -15.61
CA GLY A 274 -14.75 -23.56 -16.48
C GLY A 274 -14.00 -24.72 -15.88
N VAL A 275 -13.43 -24.52 -14.69
CA VAL A 275 -12.56 -25.53 -14.06
C VAL A 275 -13.31 -26.83 -13.76
N ALA A 276 -14.56 -26.72 -13.29
CA ALA A 276 -15.43 -27.90 -13.08
C ALA A 276 -15.47 -28.86 -14.28
N ASP A 277 -15.80 -28.31 -15.46
CA ASP A 277 -15.77 -29.03 -16.76
C ASP A 277 -14.37 -29.56 -17.13
N LEU A 278 -13.61 -29.94 -16.11
CA LEU A 278 -12.32 -30.58 -16.31
C LEU A 278 -12.10 -31.51 -15.12
N ARG A 279 -12.94 -32.55 -15.03
CA ARG A 279 -12.85 -33.47 -13.89
C ARG A 279 -12.58 -34.95 -14.26
N GLU A 280 -12.99 -35.36 -15.46
CA GLU A 280 -12.88 -36.76 -15.89
C GLU A 280 -11.44 -37.15 -16.28
N GLU B 10 -5.48 -34.34 -23.82
CA GLU B 10 -5.06 -32.96 -24.18
C GLU B 10 -4.36 -32.99 -25.53
N LYS B 11 -4.78 -32.16 -26.49
CA LYS B 11 -5.96 -31.29 -26.34
C LYS B 11 -5.68 -30.28 -25.25
N LEU B 12 -6.31 -29.11 -25.34
CA LEU B 12 -6.12 -28.04 -24.36
C LEU B 12 -4.65 -27.68 -24.09
N ALA B 13 -3.76 -28.66 -24.25
CA ALA B 13 -2.30 -28.42 -24.40
C ALA B 13 -1.96 -28.10 -25.86
N TYR B 14 -2.61 -28.77 -26.79
CA TYR B 14 -2.58 -28.34 -28.16
C TYR B 14 -3.28 -27.01 -28.38
N GLN B 15 -4.46 -26.85 -27.77
CA GLN B 15 -5.23 -25.64 -27.99
C GLN B 15 -4.27 -24.53 -27.61
N GLN B 16 -3.63 -24.72 -26.47
CA GLN B 16 -2.68 -23.77 -25.93
C GLN B 16 -1.63 -23.28 -26.95
N SER B 17 -0.96 -24.21 -27.61
CA SER B 17 -0.11 -23.86 -28.76
C SER B 17 -0.87 -23.17 -29.88
N VAL B 18 -1.93 -23.80 -30.38
CA VAL B 18 -2.75 -23.14 -31.39
C VAL B 18 -3.03 -21.66 -31.11
N GLU B 19 -3.31 -21.32 -29.87
CA GLU B 19 -3.65 -19.94 -29.57
C GLU B 19 -2.40 -19.07 -29.71
N MET B 20 -1.35 -19.52 -29.02
CA MET B 20 0.03 -19.04 -29.17
C MET B 20 0.45 -18.85 -30.63
N ALA B 21 0.43 -19.89 -31.45
CA ALA B 21 0.72 -19.70 -32.88
C ALA B 21 -0.11 -18.53 -33.43
N SER B 22 -1.37 -18.55 -33.09
CA SER B 22 -2.33 -17.54 -33.45
C SER B 22 -1.80 -16.16 -33.14
N ASN B 23 -1.46 -16.00 -31.86
CA ASN B 23 -0.96 -14.75 -31.35
C ASN B 23 0.18 -14.18 -32.22
N TYR B 24 1.19 -15.00 -32.50
CA TYR B 24 2.29 -14.58 -33.33
C TYR B 24 1.82 -14.27 -34.75
N ALA B 25 1.02 -15.17 -35.33
CA ALA B 25 0.46 -14.84 -36.62
C ALA B 25 0.13 -13.35 -36.59
N ASN B 26 -0.79 -12.96 -35.71
CA ASN B 26 -1.22 -11.56 -35.66
C ASN B 26 -0.14 -10.51 -35.40
N GLN B 27 0.76 -10.77 -34.48
CA GLN B 27 1.78 -9.75 -34.19
C GLN B 27 2.57 -9.34 -35.45
N PHE B 28 2.97 -10.33 -36.23
CA PHE B 28 3.66 -10.07 -37.48
C PHE B 28 2.78 -9.38 -38.49
N ASP B 29 1.48 -9.52 -38.33
CA ASP B 29 0.60 -8.83 -39.24
C ASP B 29 0.65 -7.31 -39.05
N ALA B 30 0.67 -6.86 -37.80
CA ALA B 30 1.02 -5.48 -37.49
C ALA B 30 1.97 -4.88 -38.51
N ASP B 31 3.11 -5.51 -38.67
CA ASP B 31 4.10 -4.92 -39.55
C ASP B 31 3.68 -5.10 -41.00
N MET B 32 3.41 -6.33 -41.40
CA MET B 32 3.13 -6.62 -42.79
C MET B 32 1.95 -5.80 -43.26
N LYS B 33 1.03 -5.50 -42.35
CA LYS B 33 -0.16 -4.73 -42.67
C LYS B 33 0.26 -3.28 -42.89
N ALA B 34 1.08 -2.76 -41.97
CA ALA B 34 1.57 -1.39 -42.04
C ALA B 34 2.36 -1.14 -43.31
N ASN B 35 3.19 -2.12 -43.66
CA ASN B 35 3.97 -2.06 -44.88
C ASN B 35 3.04 -1.89 -46.05
N LEU B 36 2.01 -2.71 -46.11
CA LEU B 36 1.09 -2.57 -47.21
C LEU B 36 0.43 -1.19 -47.18
N ALA B 37 0.22 -0.64 -45.99
CA ALA B 37 -0.37 0.68 -45.88
C ALA B 37 0.55 1.72 -46.48
N ILE B 38 1.84 1.47 -46.41
CA ILE B 38 2.78 2.40 -47.01
C ILE B 38 2.67 2.39 -48.54
N ALA B 39 2.80 1.20 -49.15
CA ALA B 39 2.70 1.08 -50.59
C ALA B 39 1.36 1.63 -51.04
N ARG B 40 0.31 1.20 -50.37
CA ARG B 40 -0.98 1.78 -50.68
C ARG B 40 -0.87 3.29 -50.71
N THR B 41 -0.51 3.90 -49.60
CA THR B 41 -0.45 5.36 -49.60
C THR B 41 0.38 5.91 -50.75
N ILE B 42 1.53 5.28 -50.99
CA ILE B 42 2.45 5.76 -52.01
C ILE B 42 1.73 5.90 -53.33
N SER B 43 0.95 4.89 -53.68
CA SER B 43 0.22 4.93 -54.95
C SER B 43 -0.98 5.91 -54.97
N THR B 44 -1.88 5.88 -54.01
CA THR B 44 -2.94 6.89 -53.98
C THR B 44 -2.33 8.27 -54.23
N THR B 45 -1.07 8.45 -53.87
CA THR B 45 -0.47 9.77 -54.06
C THR B 45 -0.26 9.97 -55.55
N MET B 46 0.73 9.27 -56.12
CA MET B 46 0.92 9.23 -57.57
C MET B 46 -0.44 9.31 -58.34
N GLU B 47 -1.45 8.56 -57.88
CA GLU B 47 -2.79 8.73 -58.44
C GLU B 47 -3.25 10.18 -58.36
N SER B 48 -2.94 10.90 -57.29
CA SER B 48 -3.46 12.26 -57.10
C SER B 48 -2.50 13.33 -57.62
N TYR B 49 -1.40 12.89 -58.20
CA TYR B 49 -0.24 13.76 -58.36
C TYR B 49 0.00 14.31 -59.78
N GLU B 50 -0.78 15.34 -60.15
CA GLU B 50 -0.64 16.11 -61.41
C GLU B 50 0.79 16.51 -61.79
N THR B 51 1.40 17.36 -60.97
CA THR B 51 2.73 17.91 -61.29
C THR B 51 3.62 16.95 -62.08
N ALA B 52 3.62 15.67 -61.71
CA ALA B 52 4.44 14.66 -62.42
C ALA B 52 5.96 14.94 -62.45
N ASP B 53 6.43 15.75 -61.51
CA ASP B 53 7.84 16.08 -61.42
C ASP B 53 8.67 14.86 -60.97
N ARG B 54 9.72 14.54 -61.71
CA ARG B 54 10.43 13.30 -61.48
C ARG B 54 11.30 13.35 -60.25
N ASP B 55 11.95 14.48 -60.02
CA ASP B 55 12.87 14.58 -58.87
C ASP B 55 12.08 14.60 -57.57
N GLU B 56 10.91 15.25 -57.62
CA GLU B 56 10.05 15.32 -56.45
C GLU B 56 9.55 13.92 -56.10
N ALA B 57 9.12 13.15 -57.10
CA ALA B 57 8.71 11.79 -56.84
C ALA B 57 9.87 11.08 -56.16
N LEU B 58 11.05 11.25 -56.71
CA LEU B 58 12.19 10.54 -56.17
C LEU B 58 12.50 11.02 -54.76
N LEU B 59 12.50 12.33 -54.53
CA LEU B 59 12.74 12.81 -53.18
C LEU B 59 11.82 12.02 -52.27
N ILE B 60 10.51 12.04 -52.57
CA ILE B 60 9.54 11.24 -51.81
C ILE B 60 10.06 9.82 -51.62
N LEU B 61 10.17 9.07 -52.71
CA LEU B 61 10.61 7.71 -52.56
C LEU B 61 11.83 7.68 -51.62
N GLU B 62 12.76 8.60 -51.78
CA GLU B 62 13.96 8.55 -50.95
C GLU B 62 13.71 8.80 -49.46
N ASN B 63 12.85 9.78 -49.14
CA ASN B 63 12.59 10.08 -47.73
C ASN B 63 11.80 9.00 -46.98
N LEU B 64 10.83 8.36 -47.63
CA LEU B 64 10.17 7.19 -47.06
C LEU B 64 11.17 6.07 -46.77
N LEU B 65 11.98 5.68 -47.75
CA LEU B 65 12.98 4.64 -47.52
C LEU B 65 13.79 4.94 -46.27
N ARG B 66 14.12 6.21 -46.07
CA ARG B 66 15.05 6.55 -45.02
C ARG B 66 14.37 6.64 -43.67
N ASP B 67 13.14 7.13 -43.68
CA ASP B 67 12.36 7.25 -42.45
C ASP B 67 11.76 5.87 -42.03
N ASN B 68 12.15 4.79 -42.72
CA ASN B 68 11.52 3.47 -42.58
C ASN B 68 12.59 2.40 -42.64
N PRO B 69 13.41 2.30 -41.58
CA PRO B 69 14.66 1.54 -41.57
C PRO B 69 14.52 0.05 -41.81
N HIS B 70 13.34 -0.52 -41.58
CA HIS B 70 13.15 -1.96 -41.78
C HIS B 70 12.74 -2.31 -43.22
N LEU B 71 12.69 -1.33 -44.11
CA LEU B 71 12.38 -1.59 -45.49
C LEU B 71 13.67 -1.72 -46.34
N LEU B 72 13.67 -2.65 -47.31
CA LEU B 72 14.79 -2.80 -48.21
C LEU B 72 14.81 -1.73 -49.30
N GLY B 73 13.63 -1.22 -49.66
CA GLY B 73 13.60 -0.21 -50.70
C GLY B 73 12.22 0.31 -51.01
N THR B 74 12.15 1.47 -51.63
CA THR B 74 10.87 1.94 -52.07
C THR B 74 10.96 2.22 -53.56
N TYR B 75 9.81 2.24 -54.21
CA TYR B 75 9.81 2.35 -55.63
C TYR B 75 8.46 2.72 -56.19
N VAL B 76 8.48 3.14 -57.44
CA VAL B 76 7.28 3.51 -58.14
C VAL B 76 7.61 3.00 -59.53
N ALA B 77 6.61 2.61 -60.32
CA ALA B 77 6.88 2.09 -61.68
C ALA B 77 5.79 2.40 -62.72
N PHE B 78 6.20 2.96 -63.86
CA PHE B 78 5.22 3.35 -64.88
C PHE B 78 5.23 2.66 -66.28
N GLU B 79 4.01 2.39 -66.78
CA GLU B 79 3.79 2.13 -68.19
C GLU B 79 4.44 3.26 -69.01
N PRO B 80 4.93 2.96 -70.23
CA PRO B 80 5.73 4.01 -70.91
C PRO B 80 4.92 5.30 -71.17
N ASP B 81 5.54 6.44 -70.90
CA ASP B 81 4.85 7.73 -70.99
C ASP B 81 3.61 7.79 -70.13
N ALA B 82 3.57 6.92 -69.12
CA ALA B 82 2.39 6.80 -68.25
C ALA B 82 2.38 7.82 -67.09
N PHE B 83 3.48 8.54 -66.92
CA PHE B 83 3.67 9.41 -65.76
C PHE B 83 3.57 10.93 -66.09
N ASP B 84 4.63 11.46 -66.71
CA ASP B 84 4.68 12.86 -67.13
C ASP B 84 4.56 12.97 -68.65
N GLY B 85 4.50 11.84 -69.32
CA GLY B 85 4.38 11.82 -70.78
C GLY B 85 5.69 12.02 -71.54
N LYS B 86 6.78 12.27 -70.82
CA LYS B 86 8.06 12.61 -71.45
C LYS B 86 9.07 11.49 -71.40
N ASP B 87 8.63 10.25 -71.57
CA ASP B 87 9.54 9.11 -71.40
C ASP B 87 10.89 9.32 -72.09
N ALA B 88 10.87 10.01 -73.24
CA ALA B 88 12.06 10.11 -74.10
C ALA B 88 13.14 11.08 -73.57
N GLU B 89 12.71 12.21 -73.01
CA GLU B 89 13.62 13.18 -72.43
C GLU B 89 14.35 12.61 -71.25
N TYR B 90 14.05 11.36 -70.92
CA TYR B 90 14.63 10.71 -69.73
C TYR B 90 15.35 9.43 -70.10
N THR B 91 15.04 8.99 -71.32
CA THR B 91 15.76 7.93 -72.01
C THR B 91 17.24 7.82 -71.62
N ASN B 92 17.55 7.04 -70.59
CA ASN B 92 18.96 6.81 -70.22
C ASN B 92 19.58 7.59 -69.05
N SER B 93 18.89 8.65 -68.57
CA SER B 93 19.44 9.50 -67.49
C SER B 93 19.69 8.73 -66.20
N PRO B 94 20.34 9.39 -65.21
CA PRO B 94 20.55 8.68 -63.96
C PRO B 94 19.23 8.14 -63.40
N ALA B 95 19.29 6.93 -62.84
CA ALA B 95 18.12 6.30 -62.21
C ALA B 95 17.11 5.75 -63.21
N HIS B 96 17.21 6.14 -64.48
CA HIS B 96 16.41 5.50 -65.55
C HIS B 96 17.24 4.57 -66.40
N ASP B 97 16.59 3.85 -67.31
CA ASP B 97 17.29 2.92 -68.21
C ASP B 97 16.97 3.18 -69.69
N GLY B 98 17.40 2.27 -70.57
CA GLY B 98 16.91 2.25 -71.95
C GLY B 98 15.52 2.90 -72.06
N THR B 99 14.46 2.10 -71.88
CA THR B 99 13.07 2.57 -72.15
C THR B 99 12.78 3.96 -71.61
N GLY B 100 13.61 4.43 -70.70
CA GLY B 100 13.45 5.77 -70.11
C GLY B 100 12.12 6.03 -69.41
N ARG B 101 11.50 4.97 -68.88
CA ARG B 101 10.29 5.14 -68.08
C ARG B 101 10.68 5.62 -66.69
N PHE B 102 9.73 6.22 -65.97
CA PHE B 102 9.91 6.47 -64.54
C PHE B 102 9.68 5.17 -63.79
N VAL B 103 10.80 4.61 -63.33
CA VAL B 103 10.79 3.33 -62.67
C VAL B 103 11.92 3.22 -61.62
N PRO B 104 11.96 4.23 -60.71
CA PRO B 104 13.07 4.40 -59.78
C PRO B 104 12.96 3.42 -58.60
N TYR B 105 14.10 2.94 -58.13
CA TYR B 105 14.14 2.04 -57.00
C TYR B 105 15.18 2.47 -55.98
N TRP B 106 14.75 3.23 -54.97
CA TRP B 106 15.62 3.52 -53.83
C TRP B 106 15.71 2.25 -52.99
N ASN B 107 16.91 1.97 -52.46
CA ASN B 107 17.16 0.69 -51.79
C ASN B 107 18.52 0.62 -51.07
N LYS B 108 18.53 -0.06 -49.94
CA LYS B 108 19.74 -0.22 -49.15
C LYS B 108 20.38 -1.55 -49.50
N MET B 109 20.27 -1.93 -50.77
CA MET B 109 20.65 -3.28 -51.19
C MET B 109 22.12 -3.64 -50.99
N ASN B 110 23.03 -2.66 -50.97
CA ASN B 110 24.42 -2.94 -50.56
C ASN B 110 24.88 -2.14 -49.34
N GLY B 111 24.17 -2.33 -48.21
CA GLY B 111 24.42 -1.53 -47.02
C GLY B 111 24.09 -0.05 -47.20
N THR B 112 24.34 0.49 -48.41
CA THR B 112 24.19 1.93 -48.65
C THR B 112 22.98 2.28 -49.55
N ALA B 113 22.44 3.50 -49.35
CA ALA B 113 21.15 3.89 -49.94
C ALA B 113 21.27 4.69 -51.23
N SER B 114 20.86 4.06 -52.34
CA SER B 114 21.04 4.60 -53.68
C SER B 114 19.85 4.29 -54.56
N VAL B 115 19.64 5.11 -55.57
CA VAL B 115 18.63 4.78 -56.57
C VAL B 115 19.21 4.10 -57.82
N ALA B 116 18.41 3.21 -58.40
CA ALA B 116 18.77 2.55 -59.63
C ALA B 116 17.43 2.27 -60.33
N PRO B 117 17.47 1.81 -61.57
CA PRO B 117 16.16 1.55 -62.16
C PRO B 117 15.68 0.15 -61.81
N LEU B 118 14.37 -0.02 -61.72
CA LEU B 118 13.80 -1.34 -61.53
C LEU B 118 14.15 -2.30 -62.68
N LEU B 119 14.72 -3.46 -62.36
CA LEU B 119 15.01 -4.44 -63.39
C LEU B 119 13.92 -5.49 -63.54
N HIS B 120 13.10 -5.37 -64.57
CA HIS B 120 12.35 -6.53 -65.04
C HIS B 120 10.86 -6.37 -64.80
N TYR B 121 10.43 -5.12 -64.80
CA TYR B 121 9.01 -4.83 -64.67
C TYR B 121 8.31 -5.59 -65.78
N ASP B 122 9.14 -6.09 -66.70
CA ASP B 122 8.66 -6.74 -67.91
C ASP B 122 8.67 -8.27 -67.81
N SER B 123 8.60 -8.77 -66.59
CA SER B 123 8.43 -10.21 -66.42
C SER B 123 8.30 -10.58 -64.96
N SER B 124 8.53 -9.63 -64.06
CA SER B 124 8.53 -9.94 -62.63
C SER B 124 7.17 -9.78 -61.95
N ASP B 125 6.90 -10.76 -61.08
CA ASP B 125 5.70 -10.79 -60.27
C ASP B 125 5.27 -9.43 -59.75
N TYR B 126 6.23 -8.70 -59.19
CA TYR B 126 5.89 -7.49 -58.51
C TYR B 126 5.14 -6.52 -59.39
N TYR B 127 5.40 -6.57 -60.70
CA TYR B 127 4.76 -5.67 -61.67
C TYR B 127 3.55 -6.29 -62.34
N GLN B 128 3.75 -7.49 -62.90
CA GLN B 128 2.68 -8.18 -63.62
C GLN B 128 1.45 -8.37 -62.73
N LEU B 129 1.56 -9.28 -61.76
CA LEU B 129 0.42 -9.65 -60.89
C LEU B 129 -0.49 -8.51 -60.56
N PRO B 130 0.09 -7.35 -60.20
CA PRO B 130 -0.70 -6.16 -59.90
C PRO B 130 -1.40 -5.66 -61.15
N LYS B 131 -0.66 -5.61 -62.25
CA LYS B 131 -1.18 -5.16 -63.54
C LYS B 131 -2.22 -6.10 -64.10
N ALA B 132 -1.98 -7.40 -63.97
CA ALA B 132 -2.99 -8.42 -64.27
C ALA B 132 -4.23 -8.24 -63.37
N THR B 133 -4.10 -8.45 -62.07
CA THR B 133 -5.24 -8.43 -61.16
C THR B 133 -5.78 -7.04 -60.93
N GLU B 134 -4.92 -6.03 -61.12
CA GLU B 134 -5.19 -4.63 -60.76
C GLU B 134 -5.62 -4.53 -59.29
N LYS B 135 -4.82 -5.13 -58.41
CA LYS B 135 -5.10 -5.17 -56.97
C LYS B 135 -3.79 -5.13 -56.19
N ASP B 136 -3.91 -4.81 -54.91
CA ASP B 136 -2.76 -4.85 -54.03
C ASP B 136 -2.25 -6.28 -53.98
N VAL B 137 -0.97 -6.43 -53.68
CA VAL B 137 -0.31 -7.71 -53.75
C VAL B 137 0.85 -7.71 -52.78
N LEU B 138 1.08 -8.85 -52.16
CA LEU B 138 2.30 -9.10 -51.41
C LEU B 138 2.92 -10.31 -52.09
N THR B 139 3.94 -10.06 -52.88
CA THR B 139 4.47 -11.07 -53.79
C THR B 139 5.14 -12.22 -53.08
N GLU B 140 5.29 -13.35 -53.75
CA GLU B 140 5.99 -14.47 -53.18
C GLU B 140 7.45 -14.11 -53.14
N PRO B 141 8.23 -14.82 -52.32
CA PRO B 141 9.62 -14.38 -52.23
C PRO B 141 10.23 -14.54 -53.60
N TYR B 142 11.24 -13.74 -53.92
CA TYR B 142 12.00 -13.99 -55.15
C TYR B 142 13.39 -13.49 -54.92
N PHE B 143 14.24 -13.56 -55.94
CA PHE B 143 15.68 -13.45 -55.66
C PHE B 143 16.37 -12.33 -56.46
N TYR B 144 15.66 -11.20 -56.59
CA TYR B 144 16.12 -9.97 -57.24
C TYR B 144 17.56 -9.50 -56.87
N GLU B 145 18.41 -9.43 -57.89
CA GLU B 145 19.73 -8.80 -57.82
C GLU B 145 20.62 -9.23 -56.67
N GLY B 146 20.65 -10.51 -56.39
CA GLY B 146 21.57 -10.98 -55.36
C GLY B 146 20.95 -11.16 -53.99
N VAL B 147 19.72 -10.69 -53.79
CA VAL B 147 19.07 -10.83 -52.46
C VAL B 147 17.66 -11.41 -52.49
N PHE B 148 17.27 -12.10 -51.43
CA PHE B 148 15.90 -12.63 -51.35
C PHE B 148 15.02 -11.60 -50.66
N MET B 149 13.90 -11.26 -51.27
CA MET B 149 13.08 -10.15 -50.78
C MET B 149 11.61 -10.43 -51.01
N VAL B 150 10.73 -9.46 -50.73
CA VAL B 150 9.30 -9.70 -50.84
C VAL B 150 8.64 -8.35 -51.07
N SER B 151 7.57 -8.30 -51.85
CA SER B 151 7.14 -6.99 -52.28
C SER B 151 5.69 -6.65 -52.05
N TYR B 152 5.50 -5.56 -51.29
CA TYR B 152 4.19 -4.96 -51.08
C TYR B 152 3.89 -3.99 -52.24
N VAL B 153 2.81 -4.25 -52.96
CA VAL B 153 2.63 -3.51 -54.19
C VAL B 153 1.19 -3.08 -54.43
N SER B 154 1.04 -1.90 -54.98
CA SER B 154 -0.25 -1.35 -55.08
C SER B 154 -0.31 -0.70 -56.44
N PRO B 155 -1.37 -1.00 -57.17
CA PRO B 155 -1.33 -0.62 -58.53
C PRO B 155 -1.84 0.81 -58.59
N ILE B 156 -1.31 1.57 -59.54
CA ILE B 156 -1.69 2.96 -59.74
C ILE B 156 -2.79 3.07 -60.78
N MET B 157 -3.98 3.49 -60.34
CA MET B 157 -5.14 3.59 -61.21
C MET B 157 -5.58 5.04 -61.43
N LYS B 158 -5.14 5.64 -62.54
CA LYS B 158 -5.63 6.97 -62.96
C LYS B 158 -6.81 6.84 -63.94
N GLU B 159 -7.99 7.29 -63.50
CA GLU B 159 -9.29 7.07 -64.21
C GLU B 159 -9.42 5.76 -65.01
N GLY B 160 -9.99 4.73 -64.38
CA GLY B 160 -10.19 3.41 -65.00
C GLY B 160 -8.90 2.76 -65.48
N GLU B 161 -7.94 3.59 -65.84
CA GLU B 161 -6.73 3.14 -66.53
C GLU B 161 -5.52 2.92 -65.61
N PHE B 162 -5.13 1.66 -65.46
CA PHE B 162 -3.94 1.31 -64.72
C PHE B 162 -2.64 1.93 -65.32
N ALA B 163 -1.96 2.79 -64.56
CA ALA B 163 -0.79 3.52 -65.06
C ALA B 163 0.56 3.06 -64.51
N GLY B 164 0.53 2.13 -63.55
CA GLY B 164 1.76 1.61 -62.92
C GLY B 164 1.56 0.93 -61.57
N ILE B 165 2.51 1.11 -60.67
CA ILE B 165 2.42 0.55 -59.33
C ILE B 165 3.25 1.40 -58.37
N GLY B 166 2.94 1.27 -57.08
CA GLY B 166 3.77 1.81 -56.03
C GLY B 166 4.11 0.68 -55.08
N GLY B 167 5.27 0.73 -54.44
CA GLY B 167 5.63 -0.34 -53.53
C GLY B 167 6.82 -0.11 -52.61
N VAL B 168 7.01 -1.07 -51.71
CA VAL B 168 8.13 -1.08 -50.77
C VAL B 168 8.58 -2.52 -50.64
N ASP B 169 9.87 -2.75 -50.46
CA ASP B 169 10.39 -4.10 -50.38
C ASP B 169 10.90 -4.42 -48.99
N VAL B 170 10.90 -5.69 -48.63
CA VAL B 170 11.39 -6.09 -47.34
C VAL B 170 12.28 -7.27 -47.56
N SER B 171 13.51 -7.21 -47.06
CA SER B 171 14.44 -8.30 -47.30
C SER B 171 14.06 -9.53 -46.50
N LEU B 172 14.49 -10.69 -46.96
CA LEU B 172 14.21 -11.92 -46.19
C LEU B 172 15.15 -11.92 -44.99
N GLU B 173 16.27 -11.22 -45.14
CA GLU B 173 17.28 -11.21 -44.10
C GLU B 173 16.61 -10.68 -42.85
N TYR B 174 15.73 -9.70 -43.05
CA TYR B 174 15.10 -9.04 -41.92
C TYR B 174 13.97 -9.91 -41.35
N VAL B 175 13.18 -10.50 -42.24
CA VAL B 175 12.09 -11.36 -41.82
C VAL B 175 12.69 -12.40 -40.92
N ASP B 176 13.73 -13.07 -41.42
CA ASP B 176 14.33 -14.15 -40.68
C ASP B 176 14.80 -13.66 -39.36
N GLU B 177 15.49 -12.52 -39.37
CA GLU B 177 16.10 -11.96 -38.16
C GLU B 177 15.13 -11.80 -36.99
N VAL B 178 13.92 -11.34 -37.30
CA VAL B 178 12.84 -11.21 -36.36
C VAL B 178 12.26 -12.55 -35.92
N VAL B 179 11.72 -13.30 -36.88
CA VAL B 179 11.04 -14.57 -36.59
C VAL B 179 11.92 -15.59 -35.87
N SER B 180 13.20 -15.61 -36.16
CA SER B 180 14.07 -16.59 -35.50
C SER B 180 14.43 -16.24 -34.06
N LYS B 181 13.79 -15.21 -33.52
CA LYS B 181 13.97 -14.84 -32.12
C LYS B 181 12.85 -15.47 -31.31
N VAL B 182 11.85 -16.03 -31.98
CA VAL B 182 10.78 -16.70 -31.25
C VAL B 182 11.29 -18.02 -30.68
N ARG B 183 10.65 -18.50 -29.64
CA ARG B 183 11.08 -19.74 -29.00
C ARG B 183 9.87 -20.42 -28.32
N THR B 184 9.91 -21.72 -28.14
CA THR B 184 8.76 -22.38 -27.52
C THR B 184 9.17 -23.66 -26.78
N PHE B 185 8.52 -23.94 -25.65
CA PHE B 185 8.95 -25.08 -24.85
C PHE B 185 10.46 -24.98 -24.70
N ASP B 186 11.14 -26.11 -24.67
CA ASP B 186 12.60 -26.06 -24.54
C ASP B 186 13.32 -25.73 -25.85
N THR B 187 13.06 -26.51 -26.88
CA THR B 187 13.82 -26.38 -28.10
C THR B 187 12.97 -25.93 -29.29
N GLY B 188 11.67 -25.76 -29.06
CA GLY B 188 10.74 -25.31 -30.12
C GLY B 188 11.10 -23.95 -30.70
N TYR B 189 10.73 -23.73 -31.97
CA TYR B 189 10.91 -22.44 -32.62
C TYR B 189 9.76 -22.19 -33.57
N ALA B 190 9.98 -21.28 -34.53
CA ALA B 190 8.94 -20.94 -35.49
C ALA B 190 9.57 -20.41 -36.77
N PHE B 191 8.81 -20.44 -37.87
CA PHE B 191 9.26 -19.82 -39.12
C PHE B 191 8.06 -19.35 -39.95
N MET B 192 8.16 -18.22 -40.61
CA MET B 192 7.10 -17.80 -41.51
C MET B 192 7.23 -18.50 -42.86
N VAL B 193 6.25 -18.32 -43.72
CA VAL B 193 6.16 -19.11 -44.95
C VAL B 193 5.23 -18.40 -45.92
N SER B 194 5.64 -18.30 -47.18
CA SER B 194 4.88 -17.55 -48.20
C SER B 194 3.50 -18.14 -48.44
N ASN B 195 2.71 -17.51 -49.33
CA ASN B 195 1.34 -17.98 -49.55
C ASN B 195 1.29 -19.39 -50.16
N SER B 196 2.38 -19.85 -50.76
CA SER B 196 2.41 -21.23 -51.21
C SER B 196 3.46 -21.98 -50.42
N GLY B 197 3.80 -21.44 -49.27
CA GLY B 197 4.66 -22.18 -48.36
C GLY B 197 6.15 -22.25 -48.68
N VAL B 198 6.64 -21.39 -49.55
CA VAL B 198 8.09 -21.19 -49.58
C VAL B 198 8.49 -20.79 -48.15
N ILE B 199 9.57 -21.36 -47.65
CA ILE B 199 10.11 -20.93 -46.35
C ILE B 199 10.66 -19.50 -46.40
N LEU B 200 10.39 -18.70 -45.38
CA LEU B 200 10.98 -17.33 -45.33
C LEU B 200 11.96 -17.05 -44.17
N SER B 201 12.31 -18.07 -43.40
CA SER B 201 13.16 -17.83 -42.29
C SER B 201 13.49 -19.15 -41.62
N HIS B 202 14.51 -19.17 -40.78
CA HIS B 202 14.79 -20.37 -40.03
C HIS B 202 15.94 -20.19 -39.06
N PRO B 203 15.71 -20.54 -37.79
CA PRO B 203 16.66 -20.28 -36.71
C PRO B 203 18.09 -20.70 -37.09
N THR B 204 18.21 -21.72 -37.94
CA THR B 204 19.52 -22.33 -38.19
C THR B 204 19.86 -22.57 -39.66
N HIS B 205 19.03 -23.30 -40.37
CA HIS B 205 19.34 -23.60 -41.77
C HIS B 205 19.02 -22.45 -42.70
N LYS B 206 19.81 -21.39 -42.61
CA LYS B 206 19.66 -20.23 -43.47
C LYS B 206 19.66 -20.52 -44.97
N ASP B 207 20.32 -21.59 -45.42
CA ASP B 207 20.31 -21.92 -46.86
C ASP B 207 18.94 -22.28 -47.40
N TRP B 208 17.97 -22.43 -46.51
CA TRP B 208 16.61 -22.79 -46.88
C TRP B 208 15.81 -21.54 -47.26
N ILE B 209 16.10 -20.45 -46.56
CA ILE B 209 15.31 -19.26 -46.74
C ILE B 209 15.25 -18.91 -48.23
N GLY B 210 14.03 -18.78 -48.75
CA GLY B 210 13.81 -18.40 -50.14
C GLY B 210 13.97 -19.55 -51.11
N LYS B 211 14.74 -20.57 -50.72
CA LYS B 211 15.01 -21.74 -51.57
C LYS B 211 13.95 -22.84 -51.43
N LYS B 212 13.88 -23.43 -50.25
CA LYS B 212 13.03 -24.60 -49.99
C LYS B 212 11.60 -24.22 -49.64
N ASP B 213 10.71 -25.19 -49.56
CA ASP B 213 9.32 -24.93 -49.15
C ASP B 213 8.73 -26.07 -48.31
N LEU B 214 7.46 -25.98 -47.98
CA LEU B 214 6.87 -26.98 -47.11
C LEU B 214 7.12 -28.38 -47.63
N TYR B 215 7.04 -28.53 -48.95
CA TYR B 215 7.26 -29.81 -49.62
C TYR B 215 8.56 -30.48 -49.17
N ASP B 216 9.69 -29.79 -49.32
CA ASP B 216 10.98 -30.37 -48.94
C ASP B 216 11.12 -30.40 -47.42
N PHE B 217 10.00 -30.60 -46.72
CA PHE B 217 9.97 -30.56 -45.25
C PHE B 217 9.04 -31.71 -44.80
N GLY B 218 9.27 -32.90 -45.35
CA GLY B 218 8.27 -33.99 -45.34
C GLY B 218 7.37 -33.89 -46.57
N GLY B 219 6.87 -35.01 -47.06
CA GLY B 219 5.90 -34.99 -48.15
C GLY B 219 4.63 -35.57 -47.57
N GLU B 220 3.51 -35.33 -48.23
CA GLU B 220 2.24 -35.81 -47.67
C GLU B 220 1.75 -34.79 -46.67
N GLU B 221 0.88 -35.25 -45.75
CA GLU B 221 0.23 -34.40 -44.71
C GLU B 221 0.61 -32.91 -44.80
N LEU B 222 1.87 -32.65 -45.18
CA LEU B 222 2.33 -31.29 -45.41
C LEU B 222 1.77 -30.75 -46.71
N GLU B 223 0.60 -31.26 -47.12
CA GLU B 223 -0.02 -30.76 -48.34
C GLU B 223 -1.44 -30.31 -48.08
N LYS B 224 -2.14 -31.03 -47.20
CA LYS B 224 -3.33 -30.48 -46.57
C LYS B 224 -2.79 -29.22 -45.92
N ALA B 225 -1.53 -29.31 -45.48
CA ALA B 225 -0.77 -28.17 -45.00
C ALA B 225 -0.72 -27.09 -46.06
N SER B 226 0.12 -27.28 -47.07
CA SER B 226 0.28 -26.28 -48.13
C SER B 226 -1.03 -25.70 -48.61
N ARG B 227 -2.10 -26.50 -48.57
CA ARG B 227 -3.39 -26.00 -49.01
C ARG B 227 -4.00 -25.03 -48.01
N ASP B 228 -4.11 -25.47 -46.75
CA ASP B 228 -4.69 -24.64 -45.70
C ASP B 228 -4.10 -23.25 -45.75
N ILE B 229 -2.76 -23.21 -45.71
CA ILE B 229 -2.05 -21.96 -45.60
C ILE B 229 -2.23 -21.17 -46.89
N LYS B 230 -2.28 -21.88 -48.03
CA LYS B 230 -2.54 -21.25 -49.34
C LYS B 230 -3.95 -20.68 -49.46
N ASN B 231 -4.83 -21.01 -48.51
CA ASN B 231 -6.22 -20.53 -48.51
C ASN B 231 -6.54 -19.68 -47.28
N GLY B 232 -5.59 -19.57 -46.36
CA GLY B 232 -5.79 -18.79 -45.15
C GLY B 232 -6.39 -19.61 -44.02
N ILE B 233 -5.92 -20.84 -43.84
CA ILE B 233 -6.50 -21.70 -42.83
C ILE B 233 -5.45 -22.39 -42.00
N GLY B 234 -5.49 -22.18 -40.68
CA GLY B 234 -4.54 -22.83 -39.76
C GLY B 234 -4.74 -24.32 -39.58
N GLY B 235 -3.70 -25.00 -39.09
CA GLY B 235 -3.80 -26.42 -38.81
C GLY B 235 -2.70 -26.92 -37.89
N HIS B 236 -2.49 -28.22 -37.93
CA HIS B 236 -1.32 -28.84 -37.31
C HIS B 236 -1.06 -30.22 -37.93
N LEU B 237 0.18 -30.69 -37.85
CA LEU B 237 0.56 -32.01 -38.33
C LEU B 237 1.69 -32.52 -37.48
N GLU B 238 1.95 -33.80 -37.57
CA GLU B 238 3.20 -34.30 -37.08
C GLU B 238 4.07 -34.44 -38.31
N THR B 239 5.36 -34.26 -38.14
CA THR B 239 6.28 -34.53 -39.23
C THR B 239 7.67 -34.68 -38.62
N ALA B 240 8.60 -35.14 -39.43
CA ALA B 240 9.97 -35.08 -39.01
C ALA B 240 10.51 -33.70 -39.38
N ASP B 241 11.16 -33.06 -38.43
CA ASP B 241 11.80 -31.81 -38.69
C ASP B 241 13.16 -32.14 -39.23
N PRO B 242 13.39 -31.78 -40.50
CA PRO B 242 14.62 -32.04 -41.24
C PRO B 242 15.77 -31.20 -40.73
N THR B 243 15.67 -30.69 -39.53
CA THR B 243 16.77 -29.92 -38.99
C THR B 243 17.29 -30.60 -37.74
N THR B 244 16.63 -31.70 -37.41
CA THR B 244 17.07 -32.61 -36.38
C THR B 244 16.54 -33.95 -36.80
N GLY B 245 16.18 -34.81 -35.86
CA GLY B 245 15.57 -36.09 -36.26
C GLY B 245 14.17 -35.87 -35.82
N LYS B 246 14.00 -34.76 -35.12
CA LYS B 246 12.95 -34.64 -34.17
C LYS B 246 11.61 -34.70 -34.81
N THR B 247 10.77 -35.60 -34.33
CA THR B 247 9.40 -35.52 -34.75
C THR B 247 8.86 -34.30 -34.01
N VAL B 248 8.17 -33.46 -34.75
CA VAL B 248 7.65 -32.22 -34.24
C VAL B 248 6.18 -32.18 -34.62
N ILE B 249 5.46 -31.21 -34.04
CA ILE B 249 4.12 -30.90 -34.46
C ILE B 249 4.25 -29.49 -34.93
N LEU B 250 3.74 -29.20 -36.11
CA LEU B 250 3.76 -27.87 -36.65
C LEU B 250 2.40 -27.23 -36.48
N PHE B 251 2.34 -26.13 -35.73
CA PHE B 251 1.13 -25.32 -35.68
C PHE B 251 1.26 -24.13 -36.62
N TYR B 252 0.53 -24.15 -37.73
CA TYR B 252 0.57 -23.04 -38.64
C TYR B 252 -0.75 -22.27 -38.56
N GLU B 253 -0.70 -20.95 -38.38
CA GLU B 253 -1.90 -20.09 -38.47
C GLU B 253 -1.67 -19.07 -39.56
N PRO B 254 -2.75 -18.54 -40.16
CA PRO B 254 -2.50 -17.62 -41.28
C PRO B 254 -2.04 -16.22 -40.85
N VAL B 255 -1.14 -15.60 -41.61
CA VAL B 255 -0.85 -14.20 -41.40
C VAL B 255 -1.86 -13.54 -42.30
N GLU B 256 -2.58 -12.58 -41.76
CA GLU B 256 -3.73 -12.09 -42.44
C GLU B 256 -3.34 -11.60 -43.82
N THR B 257 -2.56 -10.52 -43.86
CA THR B 257 -2.24 -9.89 -45.14
C THR B 257 -1.31 -10.72 -46.04
N GLY B 258 -1.66 -10.83 -47.32
CA GLY B 258 -1.00 -11.74 -48.26
C GLY B 258 -1.32 -13.20 -47.94
N ASP B 259 -2.30 -13.41 -47.06
CA ASP B 259 -2.50 -14.71 -46.41
C ASP B 259 -1.18 -15.50 -46.43
N PHE B 260 -0.19 -15.09 -45.63
CA PHE B 260 1.03 -15.91 -45.46
C PHE B 260 0.79 -16.85 -44.26
N ALA B 261 1.84 -17.43 -43.69
CA ALA B 261 1.61 -18.33 -42.56
C ALA B 261 2.64 -18.18 -41.46
N PHE B 262 2.19 -18.28 -40.21
CA PHE B 262 3.11 -18.40 -39.11
C PHE B 262 3.16 -19.85 -38.60
N VAL B 263 4.25 -20.54 -38.88
CA VAL B 263 4.38 -21.92 -38.42
C VAL B 263 5.16 -22.00 -37.12
N LEU B 264 4.55 -22.57 -36.08
CA LEU B 264 5.18 -22.63 -34.77
C LEU B 264 5.62 -24.05 -34.52
N VAL B 265 6.89 -24.30 -34.24
CA VAL B 265 7.35 -25.69 -34.17
C VAL B 265 7.50 -26.21 -32.75
N VAL B 266 6.89 -27.37 -32.46
CA VAL B 266 6.99 -27.94 -31.12
C VAL B 266 7.46 -29.37 -31.13
N PRO B 267 8.58 -29.68 -30.45
CA PRO B 267 9.00 -31.08 -30.49
C PRO B 267 8.05 -31.99 -29.72
N LYS B 268 7.89 -33.22 -30.18
CA LYS B 268 6.87 -34.13 -29.62
C LYS B 268 7.27 -34.62 -28.23
N GLU B 269 8.56 -34.89 -28.06
CA GLU B 269 9.11 -35.24 -26.76
C GLU B 269 8.76 -34.16 -25.76
N GLU B 270 8.41 -32.98 -26.27
CA GLU B 270 8.03 -31.85 -25.42
C GLU B 270 6.51 -31.58 -25.30
N MET B 271 5.72 -31.81 -26.35
CA MET B 271 4.28 -31.82 -26.18
C MET B 271 4.00 -32.81 -25.04
N LEU B 272 4.67 -33.96 -25.11
CA LEU B 272 4.47 -35.03 -24.15
C LEU B 272 4.92 -34.63 -22.76
N ALA B 273 6.20 -34.33 -22.61
CA ALA B 273 6.77 -34.00 -21.30
C ALA B 273 5.92 -32.94 -20.65
N GLY B 274 5.28 -32.13 -21.50
CA GLY B 274 4.44 -31.02 -21.08
C GLY B 274 3.10 -31.46 -20.57
N VAL B 275 2.45 -32.40 -21.27
CA VAL B 275 1.15 -32.93 -20.83
C VAL B 275 1.30 -33.68 -19.50
N ALA B 276 2.46 -34.32 -19.32
CA ALA B 276 2.90 -34.80 -18.03
C ALA B 276 2.50 -33.81 -16.93
N ASP B 277 2.91 -32.56 -17.08
CA ASP B 277 2.62 -31.48 -16.12
C ASP B 277 1.18 -31.30 -15.67
N LEU B 278 0.20 -31.52 -16.54
CA LEU B 278 -1.16 -31.64 -16.03
C LEU B 278 -1.27 -32.95 -15.20
N ARG B 279 -0.39 -32.97 -14.21
CA ARG B 279 -0.39 -33.87 -13.09
C ARG B 279 -0.96 -33.00 -11.97
N GLU B 280 -1.98 -32.20 -12.36
CA GLU B 280 -2.85 -31.39 -11.47
C GLU B 280 -3.49 -30.22 -12.21
N GLU C 10 43.44 -12.93 -38.81
CA GLU C 10 43.72 -14.37 -39.07
C GLU C 10 42.45 -15.28 -39.07
N LYS C 11 41.88 -15.73 -37.93
CA LYS C 11 42.21 -15.47 -36.49
C LYS C 11 41.74 -14.11 -35.86
N LEU C 12 41.09 -13.28 -36.68
CA LEU C 12 40.43 -12.07 -36.22
C LEU C 12 38.94 -12.39 -36.02
N ALA C 13 38.48 -13.48 -36.63
CA ALA C 13 37.12 -13.94 -36.39
C ALA C 13 36.90 -13.91 -34.89
N TYR C 14 37.97 -14.15 -34.14
CA TYR C 14 37.93 -14.02 -32.71
C TYR C 14 37.57 -12.60 -32.25
N GLN C 15 38.39 -11.60 -32.59
CA GLN C 15 38.12 -10.23 -32.15
C GLN C 15 36.70 -9.73 -32.36
N GLN C 16 36.04 -10.10 -33.44
CA GLN C 16 34.69 -9.55 -33.67
C GLN C 16 33.80 -10.11 -32.58
N SER C 17 33.95 -11.39 -32.29
CA SER C 17 33.21 -11.99 -31.18
C SER C 17 33.47 -11.28 -29.84
N VAL C 18 34.74 -11.15 -29.48
CA VAL C 18 35.08 -10.46 -28.27
C VAL C 18 34.29 -9.19 -28.21
N GLU C 19 34.35 -8.37 -29.25
CA GLU C 19 33.63 -7.10 -29.27
C GLU C 19 32.11 -7.19 -29.04
N MET C 20 31.43 -8.14 -29.69
CA MET C 20 30.02 -8.45 -29.42
C MET C 20 29.78 -8.85 -27.97
N ALA C 21 30.37 -9.95 -27.53
CA ALA C 21 30.22 -10.32 -26.15
C ALA C 21 30.35 -9.04 -25.30
N SER C 22 31.25 -8.16 -25.69
CA SER C 22 31.43 -6.95 -24.90
C SER C 22 30.26 -5.96 -24.97
N ASN C 23 29.71 -5.79 -26.16
CA ASN C 23 28.61 -4.90 -26.39
C ASN C 23 27.42 -5.36 -25.55
N TYR C 24 27.10 -6.65 -25.64
CA TYR C 24 25.99 -7.24 -24.90
C TYR C 24 26.18 -7.09 -23.40
N ALA C 25 27.32 -7.49 -22.89
CA ALA C 25 27.60 -7.28 -21.48
C ALA C 25 27.15 -5.90 -21.10
N ASN C 26 27.59 -4.89 -21.85
CA ASN C 26 27.29 -3.53 -21.47
C ASN C 26 25.81 -3.19 -21.57
N GLN C 27 25.10 -3.93 -22.41
CA GLN C 27 23.68 -3.71 -22.63
C GLN C 27 22.92 -4.20 -21.45
N PHE C 28 23.17 -5.42 -21.04
CA PHE C 28 22.65 -5.86 -19.78
C PHE C 28 23.16 -5.01 -18.61
N ASP C 29 24.33 -4.39 -18.75
CA ASP C 29 24.77 -3.58 -17.63
C ASP C 29 23.81 -2.41 -17.41
N ALA C 30 23.48 -1.67 -18.46
CA ALA C 30 22.54 -0.54 -18.36
C ALA C 30 21.24 -0.87 -17.64
N ASP C 31 20.91 -2.16 -17.59
CA ASP C 31 19.73 -2.62 -16.89
C ASP C 31 20.02 -2.82 -15.43
N MET C 32 21.07 -3.60 -15.12
CA MET C 32 21.44 -3.94 -13.74
C MET C 32 21.82 -2.66 -13.01
N LYS C 33 22.34 -1.71 -13.76
CA LYS C 33 22.71 -0.44 -13.21
C LYS C 33 21.45 0.34 -12.80
N ALA C 34 20.50 0.51 -13.71
CA ALA C 34 19.29 1.26 -13.33
C ALA C 34 18.65 0.68 -12.08
N ASN C 35 18.56 -0.65 -12.01
CA ASN C 35 18.14 -1.35 -10.79
C ASN C 35 18.88 -0.90 -9.54
N LEU C 36 20.19 -1.13 -9.52
CA LEU C 36 20.99 -0.69 -8.39
C LEU C 36 20.71 0.79 -8.16
N ALA C 37 20.48 1.56 -9.21
CA ALA C 37 20.11 2.96 -8.98
C ALA C 37 18.84 3.14 -8.16
N ILE C 38 17.86 2.24 -8.27
CA ILE C 38 16.61 2.39 -7.53
C ILE C 38 16.83 2.03 -6.08
N ALA C 39 17.47 0.88 -5.82
CA ALA C 39 17.88 0.53 -4.45
C ALA C 39 18.64 1.71 -3.83
N ARG C 40 19.67 2.20 -4.52
CA ARG C 40 20.39 3.39 -4.05
C ARG C 40 19.44 4.52 -3.65
N THR C 41 18.46 4.83 -4.49
CA THR C 41 17.56 5.95 -4.19
C THR C 41 16.64 5.70 -3.02
N ILE C 42 16.13 4.48 -2.91
CA ILE C 42 15.30 4.17 -1.78
C ILE C 42 16.07 4.49 -0.49
N SER C 43 17.27 3.89 -0.34
CA SER C 43 18.17 4.15 0.82
C SER C 43 18.36 5.61 1.22
N THR C 44 18.82 6.41 0.27
CA THR C 44 19.03 7.81 0.55
C THR C 44 17.72 8.45 0.94
N THR C 45 16.61 7.93 0.45
CA THR C 45 15.38 8.58 0.89
C THR C 45 15.17 8.22 2.35
N MET C 46 15.20 6.92 2.68
CA MET C 46 15.14 6.52 4.09
C MET C 46 16.06 7.33 5.02
N GLU C 47 17.32 7.46 4.64
CA GLU C 47 18.24 8.25 5.44
C GLU C 47 17.75 9.69 5.61
N SER C 48 17.00 10.22 4.66
CA SER C 48 16.50 11.61 4.81
C SER C 48 15.07 11.71 5.35
N TYR C 49 14.49 10.56 5.73
CA TYR C 49 13.07 10.46 6.04
C TYR C 49 12.73 10.56 7.52
N GLU C 50 12.66 11.78 8.04
CA GLU C 50 12.38 12.01 9.45
C GLU C 50 11.06 11.40 9.96
N THR C 51 9.96 11.86 9.37
CA THR C 51 8.64 11.26 9.56
C THR C 51 8.50 9.78 9.89
N ALA C 52 9.36 8.92 9.42
CA ALA C 52 9.28 7.53 9.84
C ALA C 52 7.86 6.99 10.01
N ASP C 53 6.99 7.16 9.01
CA ASP C 53 5.69 6.50 9.02
C ASP C 53 5.66 5.19 8.21
N ARG C 54 5.61 4.03 8.90
CA ARG C 54 5.64 2.75 8.17
C ARG C 54 4.63 2.72 7.01
N ASP C 55 3.55 3.49 7.14
CA ASP C 55 2.51 3.38 6.15
C ASP C 55 2.95 4.02 4.85
N GLU C 56 3.49 5.23 4.98
CA GLU C 56 4.08 5.90 3.85
C GLU C 56 5.19 5.05 3.23
N ALA C 57 6.14 4.65 4.07
CA ALA C 57 7.16 3.69 3.70
C ALA C 57 6.50 2.72 2.76
N LEU C 58 5.58 1.92 3.28
CA LEU C 58 4.97 0.84 2.50
C LEU C 58 4.43 1.34 1.16
N LEU C 59 3.93 2.56 1.12
CA LEU C 59 3.23 3.04 -0.07
C LEU C 59 4.28 3.31 -1.12
N ILE C 60 5.29 4.07 -0.70
CA ILE C 60 6.53 4.17 -1.46
C ILE C 60 6.99 2.83 -2.07
N LEU C 61 7.22 1.80 -1.24
CA LEU C 61 7.67 0.53 -1.80
C LEU C 61 6.71 0.00 -2.85
N GLU C 62 5.43 0.17 -2.57
CA GLU C 62 4.40 -0.52 -3.35
C GLU C 62 4.28 0.11 -4.76
N ASN C 63 4.13 1.42 -4.78
CA ASN C 63 4.17 2.15 -6.02
C ASN C 63 5.45 2.00 -6.87
N LEU C 64 6.59 1.66 -6.25
CA LEU C 64 7.78 1.39 -7.05
C LEU C 64 7.74 -0.02 -7.61
N LEU C 65 7.31 -0.99 -6.84
CA LEU C 65 7.26 -2.31 -7.42
C LEU C 65 6.36 -2.21 -8.65
N ARG C 66 5.35 -1.33 -8.53
CA ARG C 66 4.27 -1.29 -9.54
C ARG C 66 4.72 -0.62 -10.80
N ASP C 67 5.38 0.52 -10.64
CA ASP C 67 5.91 1.33 -11.70
C ASP C 67 7.09 0.69 -12.38
N ASN C 68 7.58 -0.44 -11.88
CA ASN C 68 8.81 -1.06 -12.38
C ASN C 68 8.58 -2.54 -12.58
N PRO C 69 7.84 -2.88 -13.63
CA PRO C 69 7.33 -4.20 -14.04
C PRO C 69 8.40 -5.23 -14.00
N HIS C 70 9.64 -4.81 -14.14
CA HIS C 70 10.64 -5.83 -14.34
C HIS C 70 11.16 -6.31 -13.01
N LEU C 71 10.89 -5.53 -11.97
CA LEU C 71 11.30 -5.92 -10.65
C LEU C 71 10.36 -6.96 -10.12
N LEU C 72 10.91 -7.90 -9.35
CA LEU C 72 10.11 -8.91 -8.69
C LEU C 72 9.62 -8.44 -7.31
N GLY C 73 10.21 -7.40 -6.74
CA GLY C 73 9.88 -7.01 -5.37
C GLY C 73 10.66 -5.80 -4.96
N THR C 74 10.19 -5.07 -3.96
CA THR C 74 10.95 -4.00 -3.36
C THR C 74 10.92 -4.17 -1.84
N TYR C 75 11.78 -3.49 -1.12
CA TYR C 75 11.77 -3.73 0.30
C TYR C 75 12.54 -2.73 1.07
N VAL C 76 12.38 -2.80 2.37
CA VAL C 76 13.18 -2.01 3.25
C VAL C 76 13.32 -2.95 4.41
N ALA C 77 14.45 -2.92 5.10
CA ALA C 77 14.62 -3.71 6.30
C ALA C 77 15.45 -2.86 7.25
N PHE C 78 15.02 -2.79 8.51
CA PHE C 78 15.79 -2.03 9.49
C PHE C 78 16.30 -2.86 10.65
N GLU C 79 17.39 -2.37 11.21
CA GLU C 79 17.93 -2.81 12.48
C GLU C 79 16.88 -2.58 13.60
N PRO C 80 16.91 -3.40 14.70
CA PRO C 80 16.01 -3.19 15.83
C PRO C 80 15.92 -1.73 16.29
N ASP C 81 14.68 -1.23 16.34
CA ASP C 81 14.31 0.17 16.61
C ASP C 81 14.95 1.24 15.75
N ALA C 82 15.55 0.81 14.64
CA ALA C 82 16.26 1.72 13.77
C ALA C 82 15.33 2.68 12.96
N PHE C 83 14.09 2.25 12.72
CA PHE C 83 13.13 3.01 11.88
C PHE C 83 12.35 4.09 12.60
N ASP C 84 11.63 3.73 13.67
CA ASP C 84 10.79 4.71 14.42
C ASP C 84 10.94 4.56 15.91
N GLY C 85 11.54 3.47 16.34
CA GLY C 85 11.68 3.24 17.78
C GLY C 85 10.56 2.43 18.39
N LYS C 86 9.60 2.02 17.57
CA LYS C 86 8.42 1.33 18.06
C LYS C 86 8.32 -0.11 17.67
N ASP C 87 9.42 -0.78 17.40
CA ASP C 87 9.23 -2.14 16.98
C ASP C 87 8.23 -2.82 17.92
N ALA C 88 8.14 -2.28 19.15
CA ALA C 88 7.27 -2.84 20.20
C ALA C 88 5.80 -2.98 19.74
N GLU C 89 5.29 -1.88 19.18
CA GLU C 89 3.92 -1.76 18.79
C GLU C 89 3.52 -2.67 17.60
N TYR C 90 4.41 -2.87 16.62
CA TYR C 90 4.00 -3.54 15.34
C TYR C 90 4.22 -5.03 15.34
N THR C 91 4.90 -5.47 16.38
CA THR C 91 5.08 -6.86 16.64
C THR C 91 3.98 -7.73 16.07
N ASN C 92 3.93 -7.86 14.76
CA ASN C 92 3.28 -9.05 14.23
C ASN C 92 2.11 -8.88 13.29
N SER C 93 2.03 -7.72 12.67
CA SER C 93 1.17 -7.58 11.54
C SER C 93 0.92 -6.11 11.37
N PRO C 94 0.35 -5.74 10.21
CA PRO C 94 0.56 -6.60 9.05
C PRO C 94 1.91 -6.25 8.42
N ALA C 95 2.43 -7.15 7.57
CA ALA C 95 3.72 -6.91 6.90
C ALA C 95 4.91 -7.09 7.86
N HIS C 96 4.62 -7.22 9.15
CA HIS C 96 5.67 -7.45 10.11
C HIS C 96 5.75 -8.90 10.58
N ASP C 97 6.44 -9.15 11.69
CA ASP C 97 6.86 -10.52 12.05
C ASP C 97 7.13 -10.70 13.56
N GLY C 98 7.42 -11.95 13.98
CA GLY C 98 7.87 -12.16 15.36
C GLY C 98 8.49 -10.91 15.98
N THR C 99 9.38 -10.22 15.26
CA THR C 99 10.21 -9.14 15.85
C THR C 99 9.57 -7.79 15.85
N GLY C 100 8.71 -7.54 14.88
CA GLY C 100 8.18 -6.19 14.75
C GLY C 100 9.25 -5.21 14.29
N ARG C 101 10.18 -5.70 13.47
CA ARG C 101 11.12 -4.81 12.82
C ARG C 101 10.47 -4.40 11.51
N PHE C 102 10.72 -3.16 11.09
CA PHE C 102 10.22 -2.71 9.82
C PHE C 102 11.00 -3.37 8.70
N VAL C 103 10.41 -4.40 8.07
CA VAL C 103 11.08 -5.26 7.09
C VAL C 103 10.14 -5.74 5.94
N PRO C 104 9.45 -4.78 5.33
CA PRO C 104 8.41 -5.10 4.37
C PRO C 104 8.94 -5.59 3.02
N TYR C 105 8.30 -6.60 2.47
CA TYR C 105 8.71 -7.15 1.21
C TYR C 105 7.63 -7.06 0.15
N TRP C 106 7.34 -5.86 -0.37
CA TRP C 106 6.32 -5.77 -1.44
C TRP C 106 6.83 -6.56 -2.61
N ASN C 107 6.04 -7.50 -3.12
CA ASN C 107 6.53 -8.42 -4.17
C ASN C 107 5.50 -9.16 -5.00
N LYS C 108 5.74 -9.23 -6.29
CA LYS C 108 4.97 -10.12 -7.20
C LYS C 108 5.34 -11.60 -7.09
N MET C 109 5.66 -12.08 -5.90
CA MET C 109 6.10 -13.46 -5.85
C MET C 109 5.08 -14.47 -6.41
N ASN C 110 3.77 -14.26 -6.18
CA ASN C 110 2.76 -15.19 -6.74
C ASN C 110 1.81 -14.52 -7.75
N GLY C 111 2.32 -14.25 -8.94
CA GLY C 111 1.62 -13.45 -9.95
C GLY C 111 1.10 -12.13 -9.40
N THR C 112 0.70 -12.14 -8.12
CA THR C 112 -0.04 -11.02 -7.55
C THR C 112 0.78 -10.18 -6.56
N ALA C 113 0.55 -8.88 -6.58
CA ALA C 113 1.37 -7.98 -5.80
C ALA C 113 0.92 -7.97 -4.34
N SER C 114 1.67 -8.60 -3.45
CA SER C 114 1.39 -8.50 -2.02
C SER C 114 2.58 -7.97 -1.20
N VAL C 115 2.34 -7.57 0.04
CA VAL C 115 3.46 -7.33 0.92
C VAL C 115 3.46 -8.39 2.02
N ALA C 116 4.62 -8.97 2.28
CA ALA C 116 4.83 -9.96 3.34
C ALA C 116 6.06 -9.47 4.09
N PRO C 117 6.33 -10.02 5.28
CA PRO C 117 7.57 -9.50 5.86
C PRO C 117 8.81 -10.26 5.32
N LEU C 118 9.95 -9.59 5.29
CA LEU C 118 11.17 -10.25 4.79
C LEU C 118 11.51 -11.54 5.55
N LEU C 119 12.10 -12.53 4.89
CA LEU C 119 12.62 -13.68 5.63
C LEU C 119 14.15 -13.87 5.58
N HIS C 120 14.67 -14.45 6.67
CA HIS C 120 16.05 -14.97 6.73
C HIS C 120 17.03 -13.84 6.68
N TYR C 121 16.54 -12.64 6.97
CA TYR C 121 17.35 -11.46 6.80
C TYR C 121 18.46 -11.43 7.84
N ASP C 122 18.39 -12.34 8.79
CA ASP C 122 19.47 -12.46 9.75
C ASP C 122 20.57 -13.41 9.29
N SER C 123 20.48 -13.92 8.08
CA SER C 123 21.49 -14.87 7.62
C SER C 123 21.61 -14.96 6.08
N SER C 124 21.07 -13.95 5.39
CA SER C 124 21.16 -13.84 3.95
C SER C 124 22.13 -12.75 3.54
N ASP C 125 22.86 -13.04 2.46
CA ASP C 125 23.67 -12.03 1.83
C ASP C 125 22.86 -10.77 1.79
N TYR C 126 21.68 -10.83 1.17
CA TYR C 126 20.94 -9.59 0.92
C TYR C 126 20.94 -8.63 2.11
N TYR C 127 21.04 -9.17 3.32
CA TYR C 127 21.06 -8.32 4.50
C TYR C 127 22.45 -8.39 5.10
N GLN C 128 23.02 -9.58 5.12
CA GLN C 128 24.30 -9.75 5.82
C GLN C 128 25.48 -8.98 5.20
N LEU C 129 25.71 -9.13 3.89
CA LEU C 129 26.78 -8.43 3.20
C LEU C 129 26.69 -6.93 3.42
N PRO C 130 25.60 -6.31 2.97
CA PRO C 130 25.52 -4.86 3.23
C PRO C 130 25.87 -4.48 4.69
N LYS C 131 25.42 -5.30 5.63
CA LYS C 131 25.61 -4.98 7.03
C LYS C 131 27.09 -5.15 7.38
N ALA C 132 27.71 -6.15 6.74
CA ALA C 132 29.09 -6.44 6.99
C ALA C 132 30.01 -5.48 6.21
N THR C 133 29.67 -5.09 4.99
CA THR C 133 30.58 -4.23 4.25
C THR C 133 30.20 -2.77 4.39
N GLU C 134 28.96 -2.48 4.70
CA GLU C 134 28.42 -1.11 4.56
C GLU C 134 28.53 -0.47 3.18
N LYS C 135 28.41 -1.27 2.13
CA LYS C 135 28.49 -0.71 0.79
C LYS C 135 27.40 -1.36 -0.06
N ASP C 136 27.06 -0.77 -1.21
CA ASP C 136 26.08 -1.41 -2.15
C ASP C 136 26.39 -2.85 -2.51
N VAL C 137 25.43 -3.62 -2.98
CA VAL C 137 25.73 -5.01 -3.24
C VAL C 137 24.75 -5.51 -4.25
N LEU C 138 25.22 -6.38 -5.16
CA LEU C 138 24.34 -7.07 -6.04
C LEU C 138 24.60 -8.52 -5.67
N THR C 139 23.76 -9.11 -4.86
CA THR C 139 24.09 -10.38 -4.24
C THR C 139 24.28 -11.46 -5.26
N GLU C 140 24.83 -12.60 -4.83
CA GLU C 140 24.81 -13.78 -5.71
C GLU C 140 23.37 -14.21 -5.78
N PRO C 141 23.07 -15.17 -6.68
CA PRO C 141 21.68 -15.62 -6.74
C PRO C 141 21.37 -16.51 -5.53
N TYR C 142 20.21 -16.30 -4.91
CA TYR C 142 19.73 -17.22 -3.91
C TYR C 142 18.37 -17.86 -4.22
N PHE C 143 18.03 -18.88 -3.44
CA PHE C 143 16.75 -19.59 -3.57
C PHE C 143 15.86 -19.21 -2.40
N TYR C 144 15.02 -18.20 -2.60
CA TYR C 144 14.18 -17.67 -1.55
C TYR C 144 12.77 -18.06 -1.85
N GLU C 145 12.08 -18.61 -0.86
CA GLU C 145 10.65 -18.93 -1.03
C GLU C 145 10.37 -19.61 -2.36
N GLY C 146 11.23 -20.52 -2.78
CA GLY C 146 11.00 -21.25 -4.01
C GLY C 146 11.14 -20.45 -5.30
N VAL C 147 11.69 -19.25 -5.28
CA VAL C 147 12.04 -18.62 -6.56
C VAL C 147 13.56 -18.38 -6.64
N PHE C 148 14.15 -18.32 -7.85
CA PHE C 148 15.57 -17.95 -7.95
C PHE C 148 15.80 -16.44 -8.21
N MET C 149 16.33 -15.75 -7.22
CA MET C 149 16.43 -14.31 -7.37
C MET C 149 17.83 -13.75 -7.17
N VAL C 150 18.01 -12.48 -7.53
CA VAL C 150 19.25 -11.81 -7.31
C VAL C 150 18.86 -10.46 -6.71
N SER C 151 19.60 -9.93 -5.74
CA SER C 151 19.17 -8.69 -5.04
C SER C 151 20.10 -7.49 -5.16
N TYR C 152 19.54 -6.31 -5.41
CA TYR C 152 20.33 -5.10 -5.39
C TYR C 152 20.04 -4.34 -4.14
N VAL C 153 20.92 -4.42 -3.17
CA VAL C 153 20.67 -3.81 -1.87
C VAL C 153 21.66 -2.67 -1.65
N SER C 154 21.26 -1.67 -0.89
CA SER C 154 22.15 -0.59 -0.58
C SER C 154 21.85 -0.23 0.85
N PRO C 155 22.89 -0.01 1.67
CA PRO C 155 22.65 0.17 3.07
C PRO C 155 22.08 1.57 3.35
N ILE C 156 21.49 1.70 4.55
CA ILE C 156 20.94 2.94 5.05
C ILE C 156 21.79 3.31 6.27
N MET C 157 22.50 4.41 6.15
CA MET C 157 23.43 4.85 7.16
C MET C 157 22.83 6.10 7.76
N LYS C 158 22.30 6.04 8.98
CA LYS C 158 21.90 7.29 9.66
C LYS C 158 23.07 7.78 10.51
N GLU C 159 23.86 8.64 9.90
CA GLU C 159 25.08 9.18 10.52
C GLU C 159 25.97 8.16 11.24
N GLY C 160 26.91 7.62 10.47
CA GLY C 160 27.88 6.71 11.04
C GLY C 160 27.33 5.31 11.17
N GLU C 161 26.12 5.15 11.68
CA GLU C 161 25.72 3.79 12.00
C GLU C 161 24.83 3.14 10.94
N PHE C 162 24.96 1.83 10.83
CA PHE C 162 24.22 1.12 9.84
C PHE C 162 22.87 0.80 10.38
N ALA C 163 21.87 1.56 9.89
CA ALA C 163 20.46 1.47 10.28
C ALA C 163 19.67 0.41 9.53
N GLY C 164 20.10 0.03 8.33
CA GLY C 164 19.48 -1.11 7.62
C GLY C 164 19.61 -0.97 6.11
N ILE C 165 18.90 -1.82 5.36
CA ILE C 165 18.95 -1.78 3.92
C ILE C 165 17.70 -1.19 3.24
N GLY C 166 17.84 -0.98 1.93
CA GLY C 166 16.75 -0.76 1.03
C GLY C 166 17.17 -1.35 -0.30
N GLY C 167 16.37 -2.23 -0.89
CA GLY C 167 16.75 -2.77 -2.19
C GLY C 167 15.59 -3.16 -3.09
N VAL C 168 15.90 -3.91 -4.16
CA VAL C 168 14.91 -4.43 -5.07
C VAL C 168 15.42 -5.77 -5.55
N ASP C 169 14.52 -6.62 -6.04
CA ASP C 169 14.85 -7.99 -6.44
C ASP C 169 14.59 -8.18 -7.92
N VAL C 170 15.22 -9.19 -8.51
CA VAL C 170 14.96 -9.51 -9.87
C VAL C 170 15.05 -11.00 -9.94
N SER C 171 14.16 -11.60 -10.71
CA SER C 171 14.03 -13.04 -10.70
C SER C 171 14.91 -13.57 -11.79
N LEU C 172 15.46 -14.76 -11.59
CA LEU C 172 16.31 -15.34 -12.60
C LEU C 172 15.43 -15.72 -13.78
N GLU C 173 14.18 -16.01 -13.47
CA GLU C 173 13.18 -16.24 -14.51
C GLU C 173 13.16 -15.08 -15.51
N TYR C 174 13.28 -13.86 -15.00
CA TYR C 174 13.29 -12.72 -15.90
C TYR C 174 14.63 -12.60 -16.63
N VAL C 175 15.72 -12.63 -15.86
CA VAL C 175 17.05 -12.64 -16.43
C VAL C 175 17.01 -13.59 -17.62
N ASP C 176 16.71 -14.87 -17.36
CA ASP C 176 16.73 -15.89 -18.40
C ASP C 176 15.91 -15.54 -19.63
N GLU C 177 14.68 -15.07 -19.38
CA GLU C 177 13.80 -14.57 -20.42
C GLU C 177 14.44 -13.54 -21.36
N VAL C 178 15.19 -12.58 -20.82
CA VAL C 178 15.80 -11.55 -21.65
C VAL C 178 17.07 -12.03 -22.33
N VAL C 179 17.91 -12.74 -21.57
CA VAL C 179 19.19 -13.19 -22.10
C VAL C 179 18.96 -14.16 -23.22
N SER C 180 18.00 -15.05 -23.00
CA SER C 180 17.85 -16.24 -23.84
C SER C 180 17.29 -15.89 -25.21
N LYS C 181 16.91 -14.63 -25.41
CA LYS C 181 16.50 -14.10 -26.70
C LYS C 181 17.70 -13.97 -27.62
N VAL C 182 18.89 -13.85 -27.04
CA VAL C 182 20.09 -13.53 -27.81
C VAL C 182 20.54 -14.71 -28.65
N ARG C 183 20.75 -14.43 -29.95
CA ARG C 183 21.12 -15.45 -30.95
C ARG C 183 22.42 -14.97 -31.63
N THR C 184 23.36 -15.86 -31.89
CA THR C 184 24.56 -15.47 -32.64
C THR C 184 24.92 -16.48 -33.74
N PHE C 185 25.36 -15.96 -34.89
CA PHE C 185 25.62 -16.80 -36.05
C PHE C 185 24.34 -17.58 -36.40
N ASP C 186 24.46 -18.91 -36.41
CA ASP C 186 23.30 -19.78 -36.65
C ASP C 186 22.86 -20.41 -35.35
N THR C 187 23.54 -21.48 -34.96
CA THR C 187 23.24 -22.11 -33.68
C THR C 187 23.63 -21.23 -32.46
N GLY C 188 24.65 -20.38 -32.63
CA GLY C 188 25.15 -19.56 -31.54
C GLY C 188 24.06 -19.03 -30.62
N TYR C 189 24.43 -18.83 -29.35
CA TYR C 189 23.54 -18.27 -28.32
C TYR C 189 24.31 -17.70 -27.11
N ALA C 190 23.57 -17.34 -26.04
CA ALA C 190 24.15 -16.63 -24.89
C ALA C 190 23.60 -17.00 -23.52
N PHE C 191 24.40 -16.80 -22.48
CA PHE C 191 23.92 -16.89 -21.09
C PHE C 191 24.75 -16.03 -20.11
N MET C 192 24.11 -15.47 -19.09
CA MET C 192 24.82 -14.69 -18.10
C MET C 192 25.18 -15.59 -16.97
N VAL C 193 25.94 -15.05 -16.04
CA VAL C 193 26.44 -15.86 -14.99
C VAL C 193 26.88 -14.85 -13.95
N SER C 194 26.67 -15.22 -12.68
CA SER C 194 26.96 -14.36 -11.55
C SER C 194 28.47 -14.37 -11.31
N ASN C 195 28.95 -13.39 -10.55
CA ASN C 195 30.35 -13.29 -10.18
C ASN C 195 31.00 -14.62 -9.82
N SER C 196 30.28 -15.52 -9.15
CA SER C 196 30.85 -16.86 -8.85
C SER C 196 30.61 -17.92 -9.92
N GLY C 197 30.17 -17.47 -11.10
CA GLY C 197 30.04 -18.34 -12.24
C GLY C 197 28.82 -19.23 -12.12
N VAL C 198 27.87 -18.81 -11.27
CA VAL C 198 26.56 -19.47 -11.17
C VAL C 198 25.69 -19.14 -12.40
N ILE C 199 25.13 -20.17 -13.05
CA ILE C 199 24.31 -19.98 -14.29
C ILE C 199 22.99 -19.24 -14.06
N LEU C 200 22.80 -18.17 -14.81
CA LEU C 200 21.70 -17.26 -14.53
C LEU C 200 20.62 -17.35 -15.59
N SER C 201 20.90 -18.11 -16.63
CA SER C 201 19.99 -18.22 -17.75
C SER C 201 20.52 -19.35 -18.58
N HIS C 202 19.70 -19.88 -19.47
CA HIS C 202 20.15 -20.87 -20.42
C HIS C 202 19.05 -21.07 -21.42
N PRO C 203 19.43 -21.23 -22.69
CA PRO C 203 18.35 -21.17 -23.66
C PRO C 203 17.56 -22.46 -23.59
N THR C 204 18.26 -23.58 -23.36
CA THR C 204 17.61 -24.90 -23.37
C THR C 204 17.57 -25.60 -22.00
N HIS C 205 18.62 -25.57 -21.20
CA HIS C 205 18.49 -26.29 -19.93
C HIS C 205 18.01 -25.47 -18.73
N LYS C 206 16.74 -25.10 -18.67
CA LYS C 206 16.25 -24.33 -17.51
C LYS C 206 16.54 -24.98 -16.12
N ASP C 207 16.72 -26.28 -16.08
CA ASP C 207 16.97 -26.95 -14.80
C ASP C 207 18.37 -26.54 -14.29
N TRP C 208 19.17 -25.99 -15.20
CA TRP C 208 20.52 -25.52 -14.88
C TRP C 208 20.51 -24.14 -14.19
N ILE C 209 19.53 -23.30 -14.56
CA ILE C 209 19.47 -21.89 -14.13
C ILE C 209 19.36 -21.66 -12.62
N GLY C 210 20.48 -21.43 -11.94
CA GLY C 210 20.44 -21.17 -10.53
C GLY C 210 21.02 -22.36 -9.78
N LYS C 211 21.08 -23.51 -10.44
CA LYS C 211 21.53 -24.74 -9.79
C LYS C 211 22.95 -25.19 -10.14
N LYS C 212 23.43 -24.89 -11.33
CA LYS C 212 24.81 -25.23 -11.73
C LYS C 212 25.74 -24.00 -11.76
N ASP C 213 27.05 -24.26 -11.77
CA ASP C 213 28.04 -23.21 -12.08
C ASP C 213 29.12 -23.72 -13.02
N LEU C 214 30.11 -22.90 -13.35
CA LEU C 214 31.08 -23.33 -14.34
C LEU C 214 31.93 -24.49 -13.83
N TYR C 215 32.01 -24.67 -12.52
CA TYR C 215 32.79 -25.77 -12.00
C TYR C 215 32.12 -27.11 -12.27
N ASP C 216 30.84 -27.05 -12.59
CA ASP C 216 30.04 -28.23 -12.82
C ASP C 216 30.18 -28.75 -14.26
N PHE C 217 30.86 -28.01 -15.13
CA PHE C 217 30.98 -28.42 -16.53
C PHE C 217 32.31 -29.12 -16.88
N GLY C 218 32.54 -30.26 -16.24
CA GLY C 218 33.80 -31.00 -16.43
C GLY C 218 34.95 -29.99 -16.42
N GLY C 219 35.77 -30.04 -17.46
CA GLY C 219 36.88 -29.10 -17.69
C GLY C 219 37.59 -28.40 -16.53
N GLU C 220 38.75 -27.84 -16.83
CA GLU C 220 39.52 -27.08 -15.86
C GLU C 220 40.05 -25.88 -16.59
N GLU C 221 39.92 -25.89 -17.92
CA GLU C 221 40.02 -24.64 -18.65
C GLU C 221 38.87 -23.78 -18.15
N LEU C 222 37.75 -24.42 -17.81
CA LEU C 222 36.60 -23.72 -17.24
C LEU C 222 36.86 -23.20 -15.82
N GLU C 223 37.82 -23.78 -15.11
CA GLU C 223 38.18 -23.24 -13.82
C GLU C 223 38.92 -21.92 -13.96
N LYS C 224 39.69 -21.79 -15.02
CA LYS C 224 40.43 -20.57 -15.21
C LYS C 224 39.48 -19.46 -15.62
N ALA C 225 38.41 -19.84 -16.32
CA ALA C 225 37.31 -18.91 -16.64
C ALA C 225 36.65 -18.35 -15.38
N SER C 226 36.35 -19.24 -14.44
CA SER C 226 35.68 -18.88 -13.21
C SER C 226 36.46 -17.87 -12.44
N ARG C 227 37.78 -18.05 -12.41
CA ARG C 227 38.65 -17.14 -11.70
C ARG C 227 38.54 -15.80 -12.38
N ASP C 228 38.59 -15.81 -13.70
CA ASP C 228 38.62 -14.56 -14.43
C ASP C 228 37.38 -13.73 -14.25
N ILE C 229 36.24 -14.42 -14.08
CA ILE C 229 35.00 -13.64 -14.13
C ILE C 229 34.79 -13.13 -12.73
N LYS C 230 35.19 -13.94 -11.76
CA LYS C 230 35.20 -13.48 -10.37
C LYS C 230 36.02 -12.24 -10.25
N ASN C 231 37.18 -12.25 -10.92
CA ASN C 231 38.05 -11.06 -11.06
C ASN C 231 37.45 -9.93 -11.90
N GLY C 232 36.43 -10.21 -12.70
CA GLY C 232 35.89 -9.21 -13.60
C GLY C 232 36.74 -9.07 -14.85
N ILE C 233 37.43 -10.14 -15.20
CA ILE C 233 38.29 -10.11 -16.37
C ILE C 233 37.59 -10.91 -17.42
N GLY C 234 37.54 -10.40 -18.63
CA GLY C 234 36.91 -11.15 -19.72
C GLY C 234 37.90 -12.01 -20.47
N GLY C 235 37.43 -13.08 -21.09
CA GLY C 235 38.28 -13.91 -21.95
C GLY C 235 37.50 -14.79 -22.90
N HIS C 236 38.04 -15.98 -23.17
CA HIS C 236 37.40 -16.97 -24.05
C HIS C 236 38.02 -18.36 -23.94
N LEU C 237 37.20 -19.40 -23.85
CA LEU C 237 37.72 -20.74 -23.86
C LEU C 237 37.24 -21.44 -25.09
N GLU C 238 38.01 -22.38 -25.60
CA GLU C 238 37.43 -23.35 -26.52
C GLU C 238 36.94 -24.53 -25.68
N THR C 239 35.74 -24.98 -25.96
CA THR C 239 35.12 -26.01 -25.16
C THR C 239 34.15 -26.76 -26.07
N ALA C 240 33.74 -27.95 -25.65
CA ALA C 240 32.80 -28.76 -26.41
C ALA C 240 31.37 -28.77 -25.84
N ASP C 241 30.44 -29.31 -26.64
CA ASP C 241 29.10 -29.58 -26.14
C ASP C 241 28.47 -28.28 -25.70
N PRO C 242 28.07 -28.21 -24.41
CA PRO C 242 27.90 -29.44 -23.62
C PRO C 242 26.51 -30.04 -23.85
N THR C 243 25.61 -29.25 -24.43
CA THR C 243 24.42 -29.82 -25.02
C THR C 243 24.67 -29.73 -26.51
N THR C 244 25.21 -30.80 -27.10
CA THR C 244 25.46 -30.82 -28.55
C THR C 244 26.76 -31.48 -29.02
N GLY C 245 27.68 -31.77 -28.11
CA GLY C 245 28.93 -32.42 -28.49
C GLY C 245 29.81 -31.57 -29.38
N LYS C 246 29.21 -30.73 -30.22
CA LYS C 246 30.00 -29.87 -31.13
C LYS C 246 30.79 -28.81 -30.35
N THR C 247 32.05 -28.63 -30.74
CA THR C 247 32.93 -27.75 -29.98
C THR C 247 32.70 -26.26 -30.29
N VAL C 248 32.50 -25.50 -29.21
CA VAL C 248 32.17 -24.07 -29.27
C VAL C 248 33.22 -23.21 -28.55
N ILE C 249 33.08 -21.91 -28.73
CA ILE C 249 33.99 -20.94 -28.12
C ILE C 249 33.27 -19.98 -27.18
N LEU C 250 33.49 -20.15 -25.88
CA LEU C 250 32.94 -19.27 -24.84
C LEU C 250 33.64 -17.92 -24.84
N PHE C 251 32.88 -16.87 -25.10
CA PHE C 251 33.39 -15.54 -24.99
C PHE C 251 32.74 -14.89 -23.79
N TYR C 252 33.45 -14.82 -22.67
CA TYR C 252 32.88 -14.12 -21.55
C TYR C 252 33.45 -12.71 -21.37
N GLU C 253 32.58 -11.77 -21.04
CA GLU C 253 32.89 -10.39 -20.79
C GLU C 253 32.19 -9.95 -19.49
N PRO C 254 32.89 -9.20 -18.63
CA PRO C 254 32.33 -8.72 -17.35
C PRO C 254 31.13 -7.74 -17.44
N VAL C 255 30.14 -7.93 -16.57
CA VAL C 255 29.11 -6.92 -16.41
C VAL C 255 29.47 -6.00 -15.23
N GLU C 256 29.64 -4.71 -15.52
CA GLU C 256 30.22 -3.77 -14.54
C GLU C 256 29.52 -3.89 -13.21
N THR C 257 28.25 -3.55 -13.16
CA THR C 257 27.52 -3.71 -11.90
C THR C 257 27.47 -5.19 -11.47
N GLY C 258 28.31 -5.61 -10.53
CA GLY C 258 28.20 -6.96 -9.99
C GLY C 258 29.44 -7.80 -10.31
N ASP C 259 30.19 -7.34 -11.30
CA ASP C 259 31.19 -8.17 -11.95
C ASP C 259 30.56 -9.51 -12.17
N PHE C 260 29.52 -9.52 -13.00
CA PHE C 260 28.79 -10.69 -13.41
C PHE C 260 29.34 -10.90 -14.82
N ALA C 261 28.97 -11.97 -15.50
CA ALA C 261 29.51 -12.22 -16.84
C ALA C 261 28.45 -12.54 -17.91
N PHE C 262 28.47 -11.80 -19.00
CA PHE C 262 27.74 -12.21 -20.19
C PHE C 262 28.61 -13.20 -20.99
N VAL C 263 28.05 -14.32 -21.42
CA VAL C 263 28.81 -15.35 -22.11
C VAL C 263 28.25 -15.62 -23.52
N LEU C 264 28.84 -15.07 -24.59
CA LEU C 264 28.50 -15.50 -25.95
C LEU C 264 29.05 -16.91 -26.23
N VAL C 265 28.19 -17.93 -26.34
CA VAL C 265 28.63 -19.24 -26.80
C VAL C 265 28.52 -19.22 -28.32
N VAL C 266 29.60 -19.60 -28.99
CA VAL C 266 29.72 -19.49 -30.45
C VAL C 266 30.41 -20.73 -31.01
N PRO C 267 29.71 -21.42 -31.93
CA PRO C 267 30.09 -22.75 -32.38
C PRO C 267 31.39 -22.66 -33.14
N LYS C 268 32.44 -23.26 -32.59
CA LYS C 268 33.77 -23.04 -33.17
C LYS C 268 33.66 -23.02 -34.69
N GLU C 269 33.06 -24.08 -35.24
CA GLU C 269 33.00 -24.32 -36.68
C GLU C 269 32.29 -23.24 -37.47
N GLU C 270 31.26 -22.61 -36.91
CA GLU C 270 30.54 -21.55 -37.63
C GLU C 270 31.35 -20.26 -37.68
N MET C 271 32.17 -20.02 -36.67
CA MET C 271 33.09 -18.89 -36.66
C MET C 271 34.05 -18.99 -37.84
N LEU C 272 34.64 -20.17 -37.98
CA LEU C 272 35.54 -20.41 -39.08
C LEU C 272 34.85 -20.30 -40.46
N ALA C 273 33.57 -19.91 -40.47
CA ALA C 273 32.86 -19.75 -41.74
C ALA C 273 32.78 -18.28 -42.12
N GLY C 274 32.77 -17.41 -41.11
CA GLY C 274 32.81 -15.96 -41.30
C GLY C 274 34.19 -15.51 -41.77
N VAL C 275 35.23 -16.25 -41.40
CA VAL C 275 36.57 -16.08 -41.99
C VAL C 275 36.48 -16.21 -43.52
N ALA C 276 35.92 -17.32 -43.99
CA ALA C 276 35.68 -17.55 -45.42
C ALA C 276 35.35 -16.25 -46.15
N ASP C 277 34.30 -15.53 -45.70
CA ASP C 277 33.79 -14.34 -46.41
C ASP C 277 34.32 -12.99 -45.87
N GLU D 10 37.98 -6.27 -48.30
CA GLU D 10 37.30 -6.68 -47.02
C GLU D 10 38.15 -6.34 -45.79
N LYS D 11 38.16 -5.06 -45.39
CA LYS D 11 37.19 -4.06 -45.89
C LYS D 11 35.86 -4.16 -45.13
N LEU D 12 35.63 -5.31 -44.49
CA LEU D 12 34.67 -5.43 -43.39
C LEU D 12 35.08 -4.39 -42.33
N ALA D 13 36.14 -4.69 -41.57
CA ALA D 13 36.85 -3.68 -40.76
C ALA D 13 36.02 -2.47 -40.37
N TYR D 14 35.08 -2.10 -41.24
CA TYR D 14 33.99 -1.17 -40.93
C TYR D 14 33.06 -1.79 -39.88
N GLN D 15 32.73 -3.04 -40.10
CA GLN D 15 32.09 -3.86 -39.11
C GLN D 15 32.68 -3.58 -37.73
N GLN D 16 34.00 -3.57 -37.63
CA GLN D 16 34.63 -3.31 -36.34
C GLN D 16 34.31 -1.91 -35.80
N SER D 17 34.30 -0.90 -36.67
CA SER D 17 34.08 0.45 -36.19
C SER D 17 32.63 0.66 -35.85
N VAL D 18 31.77 -0.11 -36.50
CA VAL D 18 30.36 -0.01 -36.27
C VAL D 18 30.16 -0.58 -34.89
N GLU D 19 30.74 -1.74 -34.64
CA GLU D 19 30.54 -2.41 -33.34
C GLU D 19 31.09 -1.61 -32.17
N MET D 20 32.27 -1.04 -32.33
CA MET D 20 32.83 -0.15 -31.33
C MET D 20 31.83 0.94 -31.00
N ALA D 21 31.25 1.57 -32.02
CA ALA D 21 30.34 2.70 -31.81
C ALA D 21 29.12 2.25 -31.01
N SER D 22 28.56 1.14 -31.42
CA SER D 22 27.48 0.57 -30.71
C SER D 22 27.86 0.45 -29.26
N ASN D 23 28.85 -0.39 -28.96
CA ASN D 23 29.36 -0.55 -27.60
C ASN D 23 29.47 0.75 -26.78
N TYR D 24 30.03 1.80 -27.38
CA TYR D 24 30.13 3.07 -26.70
C TYR D 24 28.79 3.72 -26.41
N ALA D 25 27.91 3.75 -27.41
CA ALA D 25 26.52 4.16 -27.21
C ALA D 25 26.02 3.47 -25.97
N ASN D 26 26.01 2.14 -26.01
CA ASN D 26 25.50 1.40 -24.91
C ASN D 26 26.09 1.72 -23.55
N GLN D 27 27.36 2.08 -23.51
CA GLN D 27 27.97 2.41 -22.22
C GLN D 27 27.46 3.75 -21.73
N PHE D 28 27.46 4.75 -22.60
CA PHE D 28 26.82 6.00 -22.20
C PHE D 28 25.30 5.88 -21.99
N ASP D 29 24.68 4.79 -22.43
CA ASP D 29 23.26 4.57 -22.13
C ASP D 29 23.04 4.06 -20.71
N ALA D 30 24.04 3.39 -20.13
CA ALA D 30 23.85 2.81 -18.82
C ALA D 30 23.82 3.92 -17.79
N ASP D 31 24.52 5.00 -18.06
CA ASP D 31 24.60 6.04 -17.08
C ASP D 31 23.33 6.82 -17.20
N MET D 32 22.81 6.84 -18.42
CA MET D 32 21.69 7.73 -18.72
C MET D 32 20.44 7.08 -18.19
N LYS D 33 20.36 5.77 -18.32
CA LYS D 33 19.29 5.01 -17.75
C LYS D 33 19.26 5.17 -16.26
N ALA D 34 20.42 5.06 -15.62
CA ALA D 34 20.50 5.20 -14.17
C ALA D 34 20.10 6.59 -13.70
N ASN D 35 20.49 7.60 -14.44
CA ASN D 35 19.95 8.90 -14.14
C ASN D 35 18.44 9.00 -14.19
N LEU D 36 17.86 8.67 -15.35
CA LEU D 36 16.40 8.54 -15.47
C LEU D 36 15.73 7.77 -14.29
N ALA D 37 16.26 6.60 -13.95
CA ALA D 37 15.83 5.89 -12.76
C ALA D 37 15.82 6.73 -11.47
N ILE D 38 16.78 7.62 -11.31
CA ILE D 38 16.74 8.41 -10.10
C ILE D 38 15.54 9.34 -10.21
N ALA D 39 15.31 9.94 -11.38
CA ALA D 39 14.17 10.85 -11.48
C ALA D 39 12.88 10.03 -11.34
N ARG D 40 12.77 8.95 -12.09
CA ARG D 40 11.60 8.12 -12.01
C ARG D 40 11.36 7.86 -10.51
N THR D 41 12.28 7.19 -9.84
CA THR D 41 12.16 6.97 -8.40
C THR D 41 11.76 8.23 -7.60
N ILE D 42 12.35 9.39 -7.90
CA ILE D 42 11.96 10.52 -7.12
C ILE D 42 10.45 10.77 -7.26
N SER D 43 9.95 10.91 -8.49
CA SER D 43 8.50 11.10 -8.69
C SER D 43 7.60 9.98 -8.15
N THR D 44 7.91 8.70 -8.36
CA THR D 44 7.03 7.73 -7.74
C THR D 44 7.00 7.99 -6.24
N THR D 45 8.00 8.67 -5.74
CA THR D 45 8.04 8.84 -4.31
C THR D 45 7.06 9.93 -3.90
N MET D 46 7.23 11.12 -4.47
CA MET D 46 6.26 12.17 -4.31
C MET D 46 4.83 11.64 -4.57
N GLU D 47 4.64 10.82 -5.58
CA GLU D 47 3.32 10.24 -5.71
C GLU D 47 2.83 9.52 -4.44
N SER D 48 3.72 9.06 -3.59
CA SER D 48 3.29 8.31 -2.42
C SER D 48 3.45 9.10 -1.12
N TYR D 49 3.69 10.40 -1.24
CA TYR D 49 4.06 11.20 -0.09
C TYR D 49 2.91 12.13 0.34
N GLU D 50 2.06 11.66 1.26
CA GLU D 50 0.98 12.49 1.79
C GLU D 50 1.42 13.43 2.91
N THR D 51 2.48 13.10 3.64
CA THR D 51 3.01 14.00 4.66
C THR D 51 3.47 15.32 4.09
N ALA D 52 3.34 15.46 2.78
CA ALA D 52 3.85 16.63 2.08
C ALA D 52 4.57 17.65 2.99
N ASP D 53 5.73 17.27 3.53
CA ASP D 53 6.63 18.23 4.21
C ASP D 53 7.72 18.90 3.36
N ARG D 54 7.56 20.18 3.08
CA ARG D 54 8.58 20.87 2.29
C ARG D 54 10.04 20.71 2.79
N ASP D 55 10.26 20.79 4.08
CA ASP D 55 11.63 20.61 4.57
C ASP D 55 12.11 19.18 4.33
N GLU D 56 11.28 18.19 4.58
CA GLU D 56 11.69 16.82 4.31
C GLU D 56 11.94 16.54 2.79
N ALA D 57 11.05 17.04 1.93
CA ALA D 57 11.26 16.90 0.51
C ALA D 57 12.66 17.40 0.24
N LEU D 58 12.91 18.65 0.59
CA LEU D 58 14.20 19.31 0.32
C LEU D 58 15.38 18.43 0.71
N LEU D 59 15.24 17.78 1.86
CA LEU D 59 16.29 16.95 2.43
C LEU D 59 16.57 15.77 1.49
N ILE D 60 15.49 15.20 0.95
CA ILE D 60 15.59 14.08 0.02
C ILE D 60 16.35 14.56 -1.17
N LEU D 61 15.83 15.61 -1.79
CA LEU D 61 16.48 16.17 -2.94
C LEU D 61 17.95 16.40 -2.67
N GLU D 62 18.26 17.17 -1.63
CA GLU D 62 19.66 17.49 -1.30
C GLU D 62 20.55 16.28 -0.95
N ASN D 63 20.11 15.38 -0.09
CA ASN D 63 20.87 14.18 0.07
C ASN D 63 21.08 13.35 -1.21
N LEU D 64 20.17 13.40 -2.15
CA LEU D 64 20.34 12.67 -3.40
C LEU D 64 21.40 13.32 -4.27
N LEU D 65 21.39 14.65 -4.31
CA LEU D 65 22.44 15.40 -4.98
C LEU D 65 23.78 14.99 -4.36
N ARG D 66 23.85 14.93 -3.02
CA ARG D 66 25.13 14.67 -2.40
C ARG D 66 25.56 13.27 -2.75
N ASP D 67 24.66 12.32 -2.68
CA ASP D 67 25.08 10.94 -2.89
C ASP D 67 25.33 10.60 -4.37
N ASN D 68 25.19 11.59 -5.24
CA ASN D 68 25.33 11.34 -6.66
C ASN D 68 26.19 12.42 -7.30
N PRO D 69 27.50 12.37 -7.03
CA PRO D 69 28.52 13.35 -7.41
C PRO D 69 28.39 13.81 -8.83
N HIS D 70 28.09 12.92 -9.78
CA HIS D 70 28.06 13.35 -11.18
C HIS D 70 26.79 14.13 -11.56
N LEU D 71 25.82 14.25 -10.69
CA LEU D 71 24.66 15.02 -11.06
C LEU D 71 24.87 16.49 -10.78
N LEU D 72 24.48 17.33 -11.72
CA LEU D 72 24.50 18.78 -11.53
C LEU D 72 23.50 19.24 -10.47
N GLY D 73 22.25 18.80 -10.60
CA GLY D 73 21.21 19.22 -9.66
C GLY D 73 20.11 18.21 -9.48
N THR D 74 19.39 18.32 -8.38
CA THR D 74 18.17 17.55 -8.19
C THR D 74 17.00 18.50 -7.86
N TYR D 75 15.78 18.07 -8.18
CA TYR D 75 14.67 19.00 -8.12
C TYR D 75 13.36 18.33 -8.27
N VAL D 76 12.37 18.98 -7.66
CA VAL D 76 10.97 18.58 -7.73
C VAL D 76 10.15 19.84 -8.09
N ALA D 77 9.04 19.70 -8.80
CA ALA D 77 8.26 20.88 -9.20
C ALA D 77 6.74 20.62 -9.27
N PHE D 78 5.91 21.54 -8.74
CA PHE D 78 4.45 21.30 -8.65
C PHE D 78 3.46 22.34 -9.20
N GLU D 79 2.39 21.83 -9.80
CA GLU D 79 1.21 22.65 -10.12
C GLU D 79 0.66 23.41 -8.87
N PRO D 80 0.19 24.65 -9.07
CA PRO D 80 -0.24 25.51 -7.96
C PRO D 80 -1.13 24.79 -6.96
N ASP D 81 -0.63 24.67 -5.72
CA ASP D 81 -1.30 23.97 -4.60
C ASP D 81 -1.23 22.47 -4.68
N ALA D 82 -0.62 21.97 -5.75
CA ALA D 82 -0.47 20.54 -5.97
C ALA D 82 0.23 19.73 -4.86
N PHE D 83 1.01 20.36 -4.00
CA PHE D 83 1.88 19.61 -3.08
C PHE D 83 1.32 19.39 -1.66
N ASP D 84 1.03 20.50 -0.97
CA ASP D 84 0.51 20.49 0.42
C ASP D 84 -0.71 21.40 0.56
N GLY D 85 -0.91 22.26 -0.42
CA GLY D 85 -2.10 23.08 -0.45
C GLY D 85 -1.84 24.48 0.06
N LYS D 86 -0.58 24.81 0.31
CA LYS D 86 -0.26 26.10 0.93
C LYS D 86 0.75 26.98 0.19
N ASP D 87 0.72 27.04 -1.13
CA ASP D 87 1.60 27.97 -1.87
C ASP D 87 1.60 29.35 -1.23
N ALA D 88 0.40 29.81 -0.86
CA ALA D 88 0.21 31.18 -0.42
C ALA D 88 0.99 31.45 0.87
N GLU D 89 1.17 30.41 1.69
CA GLU D 89 1.97 30.47 2.92
C GLU D 89 3.46 30.65 2.68
N TYR D 90 3.96 30.02 1.61
CA TYR D 90 5.39 29.95 1.38
C TYR D 90 5.79 30.98 0.39
N THR D 91 4.85 31.88 0.20
CA THR D 91 5.00 32.96 -0.76
C THR D 91 6.27 33.80 -0.50
N ASN D 92 7.39 33.24 -0.91
CA ASN D 92 8.70 33.88 -0.78
C ASN D 92 9.48 33.53 0.49
N SER D 93 9.64 32.21 0.69
CA SER D 93 10.59 31.67 1.65
C SER D 93 11.92 31.64 0.91
N PRO D 94 12.98 31.23 1.61
CA PRO D 94 14.07 30.82 0.77
C PRO D 94 13.61 29.67 -0.14
N ALA D 95 14.27 29.49 -1.28
CA ALA D 95 14.02 28.32 -2.13
C ALA D 95 12.70 28.43 -2.91
N HIS D 96 11.84 29.36 -2.49
CA HIS D 96 10.57 29.55 -3.15
C HIS D 96 10.64 30.77 -4.04
N ASP D 97 9.52 31.15 -4.66
CA ASP D 97 9.48 32.38 -5.47
C ASP D 97 8.18 33.15 -5.19
N GLY D 98 7.83 34.05 -6.11
CA GLY D 98 6.58 34.81 -6.00
C GLY D 98 5.35 33.93 -5.80
N THR D 99 5.19 32.90 -6.62
CA THR D 99 4.04 32.01 -6.51
C THR D 99 4.07 31.05 -5.32
N GLY D 100 5.09 31.15 -4.48
CA GLY D 100 5.27 30.15 -3.42
C GLY D 100 4.91 28.75 -3.89
N ARG D 101 5.12 28.45 -5.17
CA ARG D 101 4.93 27.07 -5.62
C ARG D 101 6.12 26.19 -5.21
N PHE D 102 5.87 24.92 -4.85
CA PHE D 102 6.99 24.05 -4.45
C PHE D 102 7.89 23.65 -5.63
N VAL D 103 8.90 24.49 -5.91
CA VAL D 103 9.84 24.26 -7.01
C VAL D 103 11.33 24.37 -6.57
N PRO D 104 11.74 23.50 -5.65
CA PRO D 104 13.11 23.47 -5.14
C PRO D 104 14.15 22.94 -6.14
N TYR D 105 15.19 23.73 -6.43
CA TYR D 105 16.31 23.29 -7.24
C TYR D 105 17.64 23.19 -6.46
N TRP D 106 17.93 21.99 -5.95
CA TRP D 106 19.19 21.68 -5.31
C TRP D 106 20.35 21.45 -6.27
N ASN D 107 21.19 22.47 -6.51
CA ASN D 107 22.31 22.35 -7.48
C ASN D 107 23.74 22.74 -7.07
N LYS D 108 24.68 22.28 -7.86
CA LYS D 108 26.08 22.58 -7.70
C LYS D 108 26.47 23.59 -8.80
N MET D 109 25.51 24.38 -9.25
CA MET D 109 25.81 25.32 -10.33
C MET D 109 26.94 26.32 -10.02
N ASN D 110 27.19 26.65 -8.75
CA ASN D 110 28.26 27.62 -8.47
C ASN D 110 29.44 26.97 -7.75
N GLY D 111 30.05 25.98 -8.41
CA GLY D 111 30.95 25.06 -7.73
C GLY D 111 30.28 24.45 -6.50
N THR D 112 29.52 25.28 -5.77
CA THR D 112 28.95 24.92 -4.46
C THR D 112 27.53 24.31 -4.46
N ALA D 113 27.15 23.63 -3.37
CA ALA D 113 25.83 22.97 -3.28
C ALA D 113 24.73 23.80 -2.60
N SER D 114 23.99 24.63 -3.35
CA SER D 114 22.94 25.46 -2.76
C SER D 114 21.56 25.18 -3.33
N VAL D 115 20.51 25.53 -2.59
CA VAL D 115 19.11 25.39 -3.07
C VAL D 115 18.57 26.69 -3.69
N ALA D 116 17.79 26.61 -4.77
CA ALA D 116 17.14 27.81 -5.32
C ALA D 116 15.79 27.49 -5.99
N PRO D 117 14.92 28.50 -6.13
CA PRO D 117 13.68 28.23 -6.82
C PRO D 117 13.95 27.90 -8.28
N LEU D 118 13.44 26.79 -8.79
CA LEU D 118 13.48 26.53 -10.21
C LEU D 118 13.06 27.77 -11.00
N LEU D 119 13.58 27.94 -12.21
CA LEU D 119 13.25 29.12 -13.05
C LEU D 119 12.59 28.71 -14.36
N HIS D 120 11.73 29.57 -14.90
CA HIS D 120 11.05 29.31 -16.19
C HIS D 120 10.25 27.98 -16.32
N TYR D 121 9.66 27.49 -15.24
CA TYR D 121 8.98 26.21 -15.28
C TYR D 121 7.65 26.35 -16.02
N ASP D 122 7.36 27.54 -16.52
CA ASP D 122 6.14 27.75 -17.28
C ASP D 122 6.46 27.91 -18.75
N SER D 123 7.50 27.21 -19.20
CA SER D 123 7.94 27.40 -20.57
C SER D 123 9.01 26.45 -21.03
N SER D 124 9.99 26.12 -20.18
CA SER D 124 11.07 25.22 -20.65
C SER D 124 10.55 23.79 -20.73
N ASP D 125 11.11 22.99 -21.63
CA ASP D 125 10.65 21.60 -21.72
C ASP D 125 10.71 20.86 -20.39
N TYR D 126 11.79 21.05 -19.62
CA TYR D 126 12.02 20.19 -18.44
C TYR D 126 10.73 20.05 -17.65
N TYR D 127 9.82 21.03 -17.82
CA TYR D 127 8.52 21.00 -17.15
C TYR D 127 7.38 20.95 -18.13
N GLN D 128 7.44 21.75 -19.19
CA GLN D 128 6.32 21.78 -20.11
C GLN D 128 6.12 20.49 -20.93
N LEU D 129 7.21 19.79 -21.24
CA LEU D 129 7.07 18.54 -21.97
C LEU D 129 6.48 17.38 -21.17
N PRO D 130 6.98 17.14 -19.95
CA PRO D 130 6.40 16.04 -19.15
C PRO D 130 4.93 16.35 -18.79
N LYS D 131 4.63 17.64 -18.65
CA LYS D 131 3.26 18.06 -18.52
C LYS D 131 2.61 17.64 -19.84
N ALA D 132 2.89 18.32 -20.93
CA ALA D 132 2.32 17.87 -22.21
C ALA D 132 2.19 16.33 -22.39
N THR D 133 3.13 15.51 -21.94
CA THR D 133 3.05 14.14 -22.38
C THR D 133 2.63 13.16 -21.29
N GLU D 134 2.59 13.59 -20.03
CA GLU D 134 2.46 12.66 -18.90
C GLU D 134 3.40 11.44 -18.97
N LYS D 135 4.49 11.56 -19.74
CA LYS D 135 5.52 10.50 -19.84
C LYS D 135 6.87 11.08 -19.43
N ASP D 136 7.83 10.25 -19.02
CA ASP D 136 9.20 10.73 -18.76
C ASP D 136 9.84 11.51 -19.92
N VAL D 137 10.85 12.31 -19.63
CA VAL D 137 11.66 12.90 -20.66
C VAL D 137 13.17 12.93 -20.33
N LEU D 138 14.02 12.92 -21.36
CA LEU D 138 15.35 13.40 -21.26
C LEU D 138 15.35 14.61 -22.19
N THR D 139 15.41 15.83 -21.67
CA THR D 139 15.24 17.00 -22.55
C THR D 139 16.40 17.25 -23.51
N GLU D 140 16.14 18.12 -24.48
CA GLU D 140 17.12 18.50 -25.49
C GLU D 140 18.03 19.40 -24.68
N PRO D 141 19.29 19.52 -25.07
CA PRO D 141 20.15 20.35 -24.23
C PRO D 141 19.63 21.75 -24.23
N TYR D 142 19.69 22.43 -23.09
CA TYR D 142 19.29 23.83 -23.03
C TYR D 142 20.22 24.63 -22.13
N PHE D 143 20.09 25.95 -22.23
CA PHE D 143 20.94 26.86 -21.50
C PHE D 143 20.18 27.50 -20.34
N TYR D 144 20.55 27.18 -19.11
CA TYR D 144 19.80 27.64 -17.91
C TYR D 144 20.75 28.23 -16.87
N GLU D 145 20.44 29.45 -16.42
CA GLU D 145 21.33 30.26 -15.54
C GLU D 145 22.78 30.28 -16.02
N GLY D 146 22.97 30.47 -17.31
CA GLY D 146 24.32 30.40 -17.88
C GLY D 146 25.10 29.09 -17.70
N VAL D 147 24.42 27.95 -17.57
CA VAL D 147 25.08 26.65 -17.82
C VAL D 147 24.32 25.82 -18.89
N PHE D 148 25.02 25.15 -19.78
CA PHE D 148 24.37 24.23 -20.69
C PHE D 148 24.17 22.94 -19.94
N MET D 149 22.90 22.55 -19.75
CA MET D 149 22.57 21.23 -19.17
C MET D 149 21.51 20.40 -19.95
N VAL D 150 21.21 19.24 -19.36
CA VAL D 150 20.32 18.29 -19.97
C VAL D 150 19.56 17.74 -18.76
N SER D 151 18.21 17.66 -18.81
CA SER D 151 17.43 17.09 -17.65
C SER D 151 16.70 15.74 -17.88
N TYR D 152 16.84 14.81 -16.94
CA TYR D 152 16.08 13.55 -16.89
C TYR D 152 14.85 13.72 -15.99
N VAL D 153 13.71 14.02 -16.59
CA VAL D 153 12.56 14.46 -15.82
C VAL D 153 11.48 13.44 -15.86
N SER D 154 10.68 13.38 -14.81
CA SER D 154 9.58 12.40 -14.78
C SER D 154 8.29 12.88 -14.12
N PRO D 155 7.18 12.86 -14.88
CA PRO D 155 5.94 13.41 -14.39
C PRO D 155 5.45 12.64 -13.17
N ILE D 156 5.01 13.44 -12.18
CA ILE D 156 4.28 13.00 -10.98
C ILE D 156 2.77 12.89 -11.23
N MET D 157 2.27 11.67 -11.32
CA MET D 157 0.85 11.45 -11.66
C MET D 157 0.07 11.01 -10.39
N LYS D 158 -0.57 11.99 -9.75
CA LYS D 158 -1.41 11.72 -8.58
C LYS D 158 -2.87 11.31 -8.95
N GLU D 159 -3.15 10.00 -8.82
CA GLU D 159 -4.41 9.36 -9.33
C GLU D 159 -5.01 10.07 -10.54
N GLY D 160 -4.43 9.85 -11.71
CA GLY D 160 -5.04 10.35 -12.92
C GLY D 160 -4.59 11.74 -13.31
N GLU D 161 -4.18 12.53 -12.34
CA GLU D 161 -3.89 13.92 -12.63
C GLU D 161 -2.41 14.28 -12.58
N PHE D 162 -2.02 15.27 -13.38
CA PHE D 162 -0.65 15.74 -13.40
C PHE D 162 -0.36 16.70 -12.24
N ALA D 163 0.30 16.22 -11.20
CA ALA D 163 0.72 17.07 -10.07
C ALA D 163 1.98 17.91 -10.34
N GLY D 164 2.94 17.33 -11.05
CA GLY D 164 4.19 18.00 -11.46
C GLY D 164 5.30 17.00 -11.82
N ILE D 165 6.57 17.42 -11.65
CA ILE D 165 7.74 16.59 -11.95
C ILE D 165 8.74 16.40 -10.80
N GLY D 166 9.53 15.34 -10.92
CA GLY D 166 10.80 15.22 -10.22
C GLY D 166 11.86 15.11 -11.31
N GLY D 167 13.07 15.61 -11.04
CA GLY D 167 14.15 15.47 -12.03
C GLY D 167 15.57 15.44 -11.50
N VAL D 168 16.52 15.10 -12.37
CA VAL D 168 17.92 15.26 -12.09
C VAL D 168 18.59 15.91 -13.28
N ASP D 169 19.63 16.72 -13.03
CA ASP D 169 20.37 17.42 -14.09
C ASP D 169 21.79 16.88 -14.33
N VAL D 170 22.28 17.00 -15.56
CA VAL D 170 23.66 16.61 -15.86
C VAL D 170 24.27 17.75 -16.66
N SER D 171 25.46 18.22 -16.29
CA SER D 171 26.04 19.35 -17.04
C SER D 171 26.66 18.85 -18.33
N LEU D 172 26.40 19.53 -19.44
CA LEU D 172 26.97 19.10 -20.71
C LEU D 172 28.51 19.07 -20.54
N GLU D 173 28.97 20.06 -19.77
CA GLU D 173 30.37 20.17 -19.37
C GLU D 173 30.82 18.84 -18.79
N TYR D 174 29.96 18.18 -18.00
CA TYR D 174 30.30 16.87 -17.54
C TYR D 174 30.38 15.89 -18.69
N VAL D 175 29.37 15.91 -19.54
CA VAL D 175 29.31 14.95 -20.63
C VAL D 175 30.62 15.02 -21.39
N ASP D 176 30.97 16.25 -21.83
CA ASP D 176 32.19 16.52 -22.58
C ASP D 176 33.44 16.03 -21.91
N GLU D 177 33.48 16.17 -20.60
CA GLU D 177 34.56 15.57 -19.88
C GLU D 177 34.69 14.07 -20.16
N VAL D 178 33.60 13.33 -20.13
CA VAL D 178 33.74 11.89 -20.25
C VAL D 178 33.94 11.38 -21.69
N VAL D 179 33.36 12.07 -22.66
CA VAL D 179 33.33 11.60 -24.04
C VAL D 179 34.63 11.92 -24.80
N SER D 180 35.05 13.17 -24.71
CA SER D 180 36.31 13.61 -25.29
C SER D 180 37.49 12.75 -24.84
N LYS D 181 37.34 12.05 -23.71
CA LYS D 181 38.29 11.00 -23.34
C LYS D 181 38.48 9.95 -24.47
N VAL D 182 37.45 9.71 -25.26
CA VAL D 182 37.54 8.58 -26.19
C VAL D 182 38.52 8.87 -27.32
N ARG D 183 39.31 7.84 -27.64
CA ARG D 183 40.17 7.91 -28.82
C ARG D 183 40.09 6.57 -29.56
N THR D 184 40.35 6.62 -30.85
CA THR D 184 40.17 5.45 -31.67
C THR D 184 41.12 5.61 -32.87
N PHE D 185 41.58 4.47 -33.42
CA PHE D 185 42.67 4.48 -34.45
C PHE D 185 43.82 5.41 -34.07
N ASP D 186 44.18 6.32 -34.97
CA ASP D 186 45.30 7.23 -34.71
C ASP D 186 44.84 8.51 -34.04
N THR D 187 44.52 9.54 -34.83
CA THR D 187 43.95 10.76 -34.28
C THR D 187 42.40 10.74 -34.33
N GLY D 188 41.83 9.55 -34.20
CA GLY D 188 40.38 9.33 -34.21
C GLY D 188 39.74 9.56 -32.85
N TYR D 189 38.66 10.33 -32.84
CA TYR D 189 37.91 10.63 -31.62
C TYR D 189 36.40 10.28 -31.68
N ALA D 190 35.61 10.98 -30.86
CA ALA D 190 34.21 10.65 -30.62
C ALA D 190 33.54 11.85 -30.00
N PHE D 191 32.24 12.01 -30.28
CA PHE D 191 31.43 13.05 -29.64
C PHE D 191 29.97 12.59 -29.61
N MET D 192 29.23 13.02 -28.57
CA MET D 192 27.77 12.72 -28.42
C MET D 192 26.90 13.85 -28.93
N VAL D 193 25.64 13.54 -29.18
CA VAL D 193 24.78 14.52 -29.78
C VAL D 193 23.32 14.36 -29.21
N SER D 194 22.58 15.45 -29.03
CA SER D 194 21.24 15.31 -28.49
C SER D 194 20.43 14.68 -29.58
N ASN D 195 19.15 14.39 -29.29
CA ASN D 195 18.31 13.66 -30.24
C ASN D 195 18.05 14.48 -31.48
N SER D 196 17.89 15.79 -31.29
CA SER D 196 17.75 16.73 -32.40
C SER D 196 19.15 17.18 -32.84
N GLY D 197 20.14 16.42 -32.41
CA GLY D 197 21.47 16.43 -32.98
C GLY D 197 22.30 17.62 -32.60
N VAL D 198 21.94 18.29 -31.52
CA VAL D 198 22.79 19.34 -31.01
C VAL D 198 24.11 18.75 -30.50
N ILE D 199 25.21 19.50 -30.64
CA ILE D 199 26.51 18.98 -30.20
C ILE D 199 26.70 19.04 -28.67
N LEU D 200 27.09 17.91 -28.06
CA LEU D 200 27.03 17.78 -26.60
C LEU D 200 28.41 17.79 -25.93
N SER D 201 29.43 17.42 -26.71
CA SER D 201 30.79 17.31 -26.24
C SER D 201 31.66 17.50 -27.47
N HIS D 202 32.95 17.74 -27.28
CA HIS D 202 33.89 17.87 -28.42
C HIS D 202 35.32 18.16 -27.98
N PRO D 203 36.29 17.33 -28.43
CA PRO D 203 37.65 17.29 -27.91
C PRO D 203 38.43 18.58 -28.06
N THR D 204 38.17 19.34 -29.11
CA THR D 204 38.90 20.59 -29.29
C THR D 204 37.97 21.82 -29.20
N HIS D 205 37.09 21.97 -30.17
CA HIS D 205 36.22 23.13 -30.26
C HIS D 205 35.09 23.17 -29.25
N LYS D 206 35.36 23.56 -28.01
CA LYS D 206 34.36 23.49 -26.95
C LYS D 206 33.32 24.56 -27.09
N ASP D 207 33.57 25.50 -27.99
CA ASP D 207 32.65 26.61 -28.19
C ASP D 207 31.38 26.07 -28.76
N TRP D 208 31.58 25.21 -29.76
CA TRP D 208 30.53 24.39 -30.37
C TRP D 208 29.47 23.78 -29.41
N ILE D 209 29.95 23.06 -28.39
CA ILE D 209 29.09 22.37 -27.43
C ILE D 209 27.87 23.18 -27.05
N GLY D 210 26.70 22.65 -27.32
CA GLY D 210 25.48 23.26 -26.84
C GLY D 210 25.03 24.40 -27.69
N LYS D 211 25.91 24.84 -28.61
CA LYS D 211 25.59 26.00 -29.45
C LYS D 211 25.34 25.57 -30.90
N LYS D 212 26.03 24.51 -31.33
CA LYS D 212 26.00 24.07 -32.75
C LYS D 212 25.36 22.70 -32.93
N ASP D 213 24.83 22.44 -34.11
CA ASP D 213 24.27 21.14 -34.44
C ASP D 213 24.77 20.61 -35.79
N LEU D 214 24.27 19.45 -36.21
CA LEU D 214 24.77 18.85 -37.43
C LEU D 214 24.46 19.62 -38.69
N TYR D 215 23.42 20.43 -38.69
CA TYR D 215 23.13 21.23 -39.86
C TYR D 215 24.21 22.29 -40.00
N ASP D 216 24.71 22.75 -38.86
CA ASP D 216 25.85 23.66 -38.83
C ASP D 216 27.17 22.99 -39.23
N PHE D 217 27.14 21.77 -39.75
CA PHE D 217 28.35 21.21 -40.30
C PHE D 217 28.16 20.93 -41.80
N GLY D 218 27.12 21.55 -42.37
CA GLY D 218 27.09 21.82 -43.81
C GLY D 218 26.84 20.69 -44.79
N GLY D 219 27.73 19.70 -44.85
CA GLY D 219 27.49 18.54 -45.70
C GLY D 219 26.02 18.11 -45.65
N GLU D 220 25.34 18.15 -46.79
CA GLU D 220 23.95 17.77 -46.81
C GLU D 220 23.70 16.27 -46.55
N GLU D 221 24.75 15.46 -46.41
CA GLU D 221 24.52 14.07 -46.01
C GLU D 221 24.37 14.07 -44.50
N LEU D 222 24.80 15.19 -43.90
CA LEU D 222 24.66 15.43 -42.48
C LEU D 222 23.24 15.86 -42.14
N GLU D 223 22.42 16.07 -43.15
CA GLU D 223 21.00 16.22 -42.91
C GLU D 223 20.39 14.82 -42.87
N LYS D 224 20.73 13.98 -43.82
CA LYS D 224 20.17 12.66 -43.79
C LYS D 224 20.57 12.07 -42.44
N ALA D 225 21.79 12.33 -41.98
CA ALA D 225 22.17 11.72 -40.72
C ALA D 225 21.32 12.27 -39.59
N SER D 226 21.06 13.58 -39.61
CA SER D 226 20.21 14.17 -38.58
C SER D 226 18.88 13.44 -38.40
N ARG D 227 18.25 13.03 -39.49
CA ARG D 227 16.97 12.33 -39.39
C ARG D 227 17.16 10.95 -38.79
N ASP D 228 18.20 10.27 -39.22
CA ASP D 228 18.49 8.95 -38.68
C ASP D 228 18.59 9.01 -37.14
N ILE D 229 19.28 10.04 -36.62
CA ILE D 229 19.50 10.11 -35.17
C ILE D 229 18.23 10.58 -34.41
N LYS D 230 17.37 11.35 -35.07
CA LYS D 230 16.07 11.64 -34.49
C LYS D 230 15.13 10.41 -34.49
N ASN D 231 15.36 9.45 -35.37
CA ASN D 231 14.55 8.24 -35.31
C ASN D 231 15.27 7.17 -34.52
N GLY D 232 16.35 7.53 -33.86
CA GLY D 232 17.12 6.53 -33.14
C GLY D 232 17.74 5.54 -34.11
N ILE D 233 18.04 5.97 -35.32
CA ILE D 233 18.69 5.08 -36.26
C ILE D 233 20.18 5.34 -36.31
N GLY D 234 20.99 4.28 -36.34
CA GLY D 234 22.43 4.41 -36.57
C GLY D 234 22.81 4.32 -38.04
N GLY D 235 24.09 4.53 -38.34
CA GLY D 235 24.64 4.53 -39.72
C GLY D 235 26.00 5.22 -39.79
N HIS D 236 26.54 5.37 -41.00
CA HIS D 236 27.83 6.07 -41.17
C HIS D 236 27.95 6.87 -42.47
N LEU D 237 28.92 7.77 -42.51
CA LEU D 237 29.02 8.81 -43.54
C LEU D 237 30.46 9.12 -43.86
N GLU D 238 30.68 9.81 -44.95
CA GLU D 238 31.93 10.46 -45.20
C GLU D 238 31.59 11.91 -45.28
N THR D 239 32.13 12.71 -44.38
CA THR D 239 31.92 14.13 -44.44
C THR D 239 33.29 14.72 -44.34
N ALA D 240 33.36 16.04 -44.35
CA ALA D 240 34.65 16.68 -44.35
C ALA D 240 34.83 17.46 -43.08
N ASP D 241 35.71 16.98 -42.21
CA ASP D 241 35.88 17.71 -40.95
C ASP D 241 36.16 19.16 -41.17
N PRO D 242 35.29 20.03 -40.65
CA PRO D 242 35.68 21.42 -40.77
C PRO D 242 36.96 21.52 -39.98
N THR D 243 37.01 20.71 -38.92
CA THR D 243 38.13 20.65 -37.99
C THR D 243 39.45 20.79 -38.75
N THR D 244 39.65 20.00 -39.82
CA THR D 244 40.91 20.07 -40.57
C THR D 244 40.92 20.98 -41.84
N GLY D 245 40.33 20.58 -42.97
CA GLY D 245 39.50 19.39 -43.04
C GLY D 245 39.52 18.58 -44.31
N LYS D 246 40.30 17.49 -44.31
CA LYS D 246 40.12 16.42 -45.29
C LYS D 246 38.88 15.60 -44.84
N THR D 247 38.62 14.47 -45.50
CA THR D 247 37.37 13.76 -45.26
C THR D 247 37.50 12.71 -44.16
N VAL D 248 36.45 12.60 -43.34
CA VAL D 248 36.38 11.54 -42.32
C VAL D 248 35.14 10.68 -42.41
N ILE D 249 35.16 9.59 -41.67
CA ILE D 249 34.04 8.67 -41.59
C ILE D 249 33.33 8.76 -40.21
N LEU D 250 32.10 9.30 -40.20
CA LEU D 250 31.29 9.37 -38.96
C LEU D 250 30.50 8.09 -38.76
N PHE D 251 30.69 7.47 -37.59
CA PHE D 251 29.95 6.28 -37.21
C PHE D 251 28.99 6.59 -36.05
N TYR D 252 27.71 6.89 -36.36
CA TYR D 252 26.76 7.22 -35.29
C TYR D 252 25.87 6.05 -34.89
N GLU D 253 25.81 5.77 -33.59
CA GLU D 253 24.89 4.80 -33.05
C GLU D 253 23.99 5.48 -32.04
N PRO D 254 22.69 5.10 -32.01
CA PRO D 254 21.71 5.67 -31.08
C PRO D 254 22.00 5.30 -29.63
N VAL D 255 21.75 6.22 -28.73
CA VAL D 255 21.80 5.95 -27.29
C VAL D 255 20.36 5.73 -26.80
N GLU D 256 20.06 4.53 -26.31
CA GLU D 256 18.66 4.17 -26.10
C GLU D 256 17.81 5.15 -25.29
N THR D 257 18.33 5.66 -24.18
CA THR D 257 17.47 6.47 -23.39
C THR D 257 17.54 7.84 -24.00
N GLY D 258 16.42 8.31 -24.55
CA GLY D 258 16.36 9.67 -25.09
C GLY D 258 16.64 9.72 -26.58
N ASP D 259 17.06 8.59 -27.12
CA ASP D 259 17.50 8.54 -28.50
C ASP D 259 18.44 9.69 -28.85
N PHE D 260 19.49 9.79 -28.04
CA PHE D 260 20.61 10.63 -28.36
C PHE D 260 21.49 9.72 -29.23
N ALA D 261 22.62 10.28 -29.71
CA ALA D 261 23.53 9.58 -30.60
C ALA D 261 24.98 9.78 -30.19
N PHE D 262 25.72 8.67 -30.14
CA PHE D 262 27.16 8.70 -29.99
C PHE D 262 27.83 8.66 -31.36
N VAL D 263 28.77 9.56 -31.61
CA VAL D 263 29.48 9.54 -32.89
C VAL D 263 30.97 9.31 -32.78
N LEU D 264 31.43 8.21 -33.36
CA LEU D 264 32.86 7.94 -33.64
C LEU D 264 33.36 8.63 -34.89
N VAL D 265 34.39 9.47 -34.76
CA VAL D 265 35.08 10.02 -35.93
C VAL D 265 36.33 9.21 -36.28
N VAL D 266 36.34 8.57 -37.45
CA VAL D 266 37.51 7.84 -37.97
C VAL D 266 38.02 8.52 -39.24
N PRO D 267 39.13 9.26 -39.14
CA PRO D 267 39.83 9.88 -40.28
C PRO D 267 40.05 8.85 -41.38
N LYS D 268 39.79 9.25 -42.63
CA LYS D 268 39.65 8.27 -43.74
C LYS D 268 40.89 7.40 -44.04
N GLU D 269 42.00 7.69 -43.40
CA GLU D 269 43.30 7.48 -44.00
C GLU D 269 44.18 6.27 -43.67
N GLU D 270 44.39 5.89 -42.41
CA GLU D 270 43.45 5.91 -41.29
C GLU D 270 42.54 4.68 -41.42
N MET D 271 41.39 4.76 -42.07
CA MET D 271 40.61 3.52 -42.29
C MET D 271 41.44 2.60 -43.19
N LEU D 272 42.01 3.18 -44.23
CA LEU D 272 42.85 2.48 -45.19
C LEU D 272 44.14 1.97 -44.55
N ALA D 273 44.52 2.59 -43.44
CA ALA D 273 45.49 2.04 -42.50
C ALA D 273 45.82 0.54 -42.68
N GLY D 274 44.96 -0.38 -42.24
CA GLY D 274 43.58 -0.14 -41.85
C GLY D 274 42.90 -1.37 -42.44
N VAL D 275 42.26 -1.18 -43.59
CA VAL D 275 41.95 -2.32 -44.45
C VAL D 275 43.28 -2.96 -44.90
N ALA D 276 44.36 -2.16 -44.90
CA ALA D 276 45.69 -2.56 -45.42
C ALA D 276 46.43 -3.56 -44.53
N ASP D 277 46.56 -3.19 -43.26
CA ASP D 277 47.05 -4.07 -42.21
C ASP D 277 46.41 -5.41 -42.33
N LEU D 278 45.09 -5.40 -42.28
CA LEU D 278 44.31 -6.62 -42.38
C LEU D 278 44.69 -7.41 -43.63
N ARG D 279 44.79 -6.71 -44.78
CA ARG D 279 45.34 -7.35 -45.97
C ARG D 279 46.52 -8.21 -45.52
N GLU D 280 47.58 -7.57 -45.02
CA GLU D 280 48.67 -8.36 -44.42
C GLU D 280 48.43 -8.67 -42.93
N GLU E 10 39.96 33.86 -6.93
CA GLU E 10 40.14 34.39 -5.53
C GLU E 10 40.55 33.40 -4.37
N LYS E 11 40.06 32.15 -4.27
CA LYS E 11 39.36 31.33 -5.27
C LYS E 11 40.32 30.34 -5.96
N LEU E 12 41.61 30.56 -5.76
CA LEU E 12 42.64 29.69 -6.28
C LEU E 12 43.38 29.11 -5.09
N ALA E 13 43.79 29.99 -4.19
CA ALA E 13 44.40 29.55 -2.94
C ALA E 13 43.86 28.16 -2.73
N TYR E 14 42.55 28.01 -2.91
CA TYR E 14 41.92 26.70 -2.84
C TYR E 14 42.52 25.76 -3.89
N GLN E 15 41.86 25.62 -5.03
CA GLN E 15 42.37 24.82 -6.11
C GLN E 15 43.79 24.34 -5.85
N GLN E 16 44.60 25.17 -5.20
CA GLN E 16 45.99 24.83 -4.96
C GLN E 16 46.18 23.82 -3.81
N SER E 17 45.39 23.97 -2.75
CA SER E 17 45.39 23.01 -1.65
C SER E 17 44.82 21.66 -2.08
N VAL E 18 43.72 21.69 -2.82
CA VAL E 18 43.14 20.49 -3.36
C VAL E 18 44.25 19.72 -4.02
N GLU E 19 45.01 20.42 -4.85
CA GLU E 19 46.09 19.77 -5.58
C GLU E 19 47.14 19.11 -4.69
N MET E 20 47.37 19.59 -3.48
CA MET E 20 48.27 18.91 -2.56
C MET E 20 47.65 17.68 -1.94
N ALA E 21 46.43 17.83 -1.42
CA ALA E 21 45.82 16.74 -0.69
C ALA E 21 45.66 15.54 -1.63
N SER E 22 45.55 15.83 -2.90
CA SER E 22 45.38 14.77 -3.84
C SER E 22 46.73 14.14 -4.18
N ASN E 23 47.75 14.98 -4.25
CA ASN E 23 49.10 14.49 -4.45
C ASN E 23 49.54 13.59 -3.28
N TYR E 24 49.35 14.08 -2.06
CA TYR E 24 49.66 13.28 -0.90
C TYR E 24 48.85 11.99 -0.86
N ALA E 25 47.54 12.10 -1.00
CA ALA E 25 46.69 10.92 -1.02
C ALA E 25 47.26 9.87 -1.95
N ASN E 26 47.78 10.28 -3.08
CA ASN E 26 48.35 9.33 -4.02
C ASN E 26 49.71 8.80 -3.55
N GLN E 27 50.52 9.61 -2.89
CA GLN E 27 51.74 9.09 -2.42
C GLN E 27 51.50 7.94 -1.48
N PHE E 28 50.49 8.07 -0.63
CA PHE E 28 50.22 7.05 0.38
C PHE E 28 49.49 5.88 -0.21
N ASP E 29 48.73 6.11 -1.27
CA ASP E 29 48.11 4.99 -1.96
C ASP E 29 49.22 4.02 -2.36
N ALA E 30 50.37 4.59 -2.80
CA ALA E 30 51.48 3.80 -3.33
C ALA E 30 51.85 2.61 -2.45
N ASP E 31 52.10 2.88 -1.17
CA ASP E 31 52.31 1.84 -0.15
C ASP E 31 51.16 0.91 0.04
N MET E 32 49.97 1.47 0.03
CA MET E 32 48.83 0.69 0.42
C MET E 32 48.56 -0.28 -0.72
N LYS E 33 48.85 0.14 -1.94
CA LYS E 33 48.68 -0.74 -3.08
C LYS E 33 49.67 -1.86 -3.05
N ALA E 34 50.82 -1.60 -2.48
CA ALA E 34 51.88 -2.59 -2.47
C ALA E 34 51.57 -3.62 -1.41
N ASN E 35 51.19 -3.14 -0.25
CA ASN E 35 50.81 -4.02 0.83
C ASN E 35 49.81 -5.04 0.33
N LEU E 36 48.80 -4.51 -0.40
CA LEU E 36 47.72 -5.31 -0.90
C LEU E 36 48.32 -6.30 -1.87
N ALA E 37 49.22 -5.84 -2.72
CA ALA E 37 49.82 -6.76 -3.70
C ALA E 37 50.49 -7.89 -2.94
N ILE E 38 51.23 -7.60 -1.88
CA ILE E 38 51.88 -8.68 -1.16
C ILE E 38 50.82 -9.71 -0.73
N ALA E 39 49.81 -9.23 0.00
CA ALA E 39 48.70 -10.05 0.48
C ALA E 39 48.04 -10.90 -0.60
N ARG E 40 47.79 -10.32 -1.77
CA ARG E 40 47.22 -11.08 -2.88
C ARG E 40 48.19 -12.13 -3.35
N THR E 41 49.47 -11.78 -3.33
CA THR E 41 50.48 -12.69 -3.78
C THR E 41 50.58 -13.85 -2.82
N ILE E 42 50.41 -13.58 -1.54
CA ILE E 42 50.46 -14.67 -0.57
C ILE E 42 49.31 -15.63 -0.78
N SER E 43 48.13 -15.09 -1.07
CA SER E 43 46.96 -15.91 -1.13
C SER E 43 46.93 -16.65 -2.42
N THR E 44 47.10 -15.95 -3.53
CA THR E 44 47.22 -16.67 -4.81
C THR E 44 48.27 -17.80 -4.81
N THR E 45 49.36 -17.64 -4.08
CA THR E 45 50.37 -18.67 -3.92
C THR E 45 49.78 -19.87 -3.21
N MET E 46 49.28 -19.66 -1.99
CA MET E 46 48.61 -20.74 -1.25
C MET E 46 47.52 -21.39 -2.14
N GLU E 47 46.80 -20.60 -2.91
CA GLU E 47 45.84 -21.20 -3.82
C GLU E 47 46.45 -22.27 -4.72
N SER E 48 47.76 -22.25 -4.93
CA SER E 48 48.40 -23.19 -5.86
C SER E 48 49.35 -24.13 -5.09
N TYR E 49 49.40 -23.91 -3.78
CA TYR E 49 50.29 -24.65 -2.92
C TYR E 49 49.67 -26.01 -2.53
N GLU E 50 50.00 -27.00 -3.35
CA GLU E 50 49.69 -28.38 -3.08
C GLU E 50 50.46 -29.01 -1.94
N THR E 51 51.76 -29.17 -2.08
CA THR E 51 52.52 -29.82 -1.01
C THR E 51 51.96 -29.41 0.33
N ALA E 52 51.39 -28.23 0.39
CA ALA E 52 50.74 -27.80 1.61
C ALA E 52 51.48 -28.25 2.88
N ASP E 53 52.79 -27.98 2.93
CA ASP E 53 53.60 -28.25 4.11
C ASP E 53 53.53 -27.13 5.17
N ARG E 54 53.08 -27.48 6.38
CA ARG E 54 52.92 -26.47 7.39
C ARG E 54 54.16 -25.61 7.67
N ASP E 55 55.34 -26.24 7.78
CA ASP E 55 56.61 -25.55 8.05
C ASP E 55 57.07 -24.64 6.90
N GLU E 56 56.93 -25.14 5.68
CA GLU E 56 57.31 -24.34 4.52
C GLU E 56 56.55 -23.03 4.49
N ALA E 57 55.23 -23.12 4.66
CA ALA E 57 54.37 -21.98 4.61
C ALA E 57 54.83 -21.03 5.69
N LEU E 58 55.09 -21.56 6.88
CA LEU E 58 55.57 -20.70 7.95
C LEU E 58 56.84 -19.98 7.51
N LEU E 59 57.73 -20.70 6.84
CA LEU E 59 59.00 -20.12 6.43
C LEU E 59 58.71 -18.86 5.65
N ILE E 60 58.11 -19.06 4.49
CA ILE E 60 57.61 -17.99 3.67
C ILE E 60 57.07 -16.79 4.48
N LEU E 61 56.14 -17.02 5.40
CA LEU E 61 55.52 -15.94 6.10
C LEU E 61 56.59 -15.16 6.85
N GLU E 62 57.37 -15.90 7.63
CA GLU E 62 58.51 -15.31 8.36
C GLU E 62 59.39 -14.45 7.44
N ASN E 63 59.77 -15.03 6.30
CA ASN E 63 60.69 -14.31 5.47
C ASN E 63 60.09 -13.01 4.88
N LEU E 64 58.86 -13.08 4.37
CA LEU E 64 58.17 -11.89 3.87
C LEU E 64 58.01 -10.82 4.96
N LEU E 65 57.93 -11.22 6.23
CA LEU E 65 57.81 -10.22 7.33
C LEU E 65 59.14 -9.50 7.46
N ARG E 66 60.19 -10.32 7.41
CA ARG E 66 61.52 -9.85 7.68
C ARG E 66 61.93 -8.89 6.60
N ASP E 67 61.57 -9.27 5.39
CA ASP E 67 61.94 -8.60 4.18
C ASP E 67 61.16 -7.32 3.96
N ASN E 68 60.20 -7.01 4.82
CA ASN E 68 59.30 -5.89 4.61
C ASN E 68 59.16 -5.28 5.95
N PRO E 69 60.15 -4.48 6.34
CA PRO E 69 60.22 -3.99 7.69
C PRO E 69 59.06 -3.12 8.10
N HIS E 70 58.27 -2.59 7.17
CA HIS E 70 57.12 -1.78 7.59
C HIS E 70 55.83 -2.56 7.90
N LEU E 71 55.79 -3.82 7.49
CA LEU E 71 54.73 -4.74 7.93
C LEU E 71 54.84 -5.04 9.43
N LEU E 72 53.68 -4.99 10.14
CA LEU E 72 53.55 -5.44 11.53
C LEU E 72 53.49 -6.96 11.63
N GLY E 73 53.02 -7.63 10.58
CA GLY E 73 52.93 -9.09 10.63
C GLY E 73 52.40 -9.63 9.33
N THR E 74 52.70 -10.88 9.04
CA THR E 74 52.17 -11.48 7.85
C THR E 74 51.41 -12.69 8.37
N TYR E 75 50.49 -13.22 7.60
CA TYR E 75 49.73 -14.32 8.14
C TYR E 75 48.91 -15.01 7.12
N VAL E 76 48.34 -16.13 7.55
CA VAL E 76 47.49 -16.96 6.71
C VAL E 76 46.52 -17.64 7.66
N ALA E 77 45.31 -17.89 7.20
CA ALA E 77 44.26 -18.46 8.05
C ALA E 77 43.39 -19.41 7.26
N PHE E 78 43.32 -20.67 7.69
CA PHE E 78 42.49 -21.62 6.96
C PHE E 78 41.24 -22.14 7.65
N GLU E 79 40.28 -22.49 6.82
CA GLU E 79 39.11 -23.25 7.24
C GLU E 79 39.49 -24.67 7.68
N PRO E 80 38.75 -25.20 8.68
CA PRO E 80 39.00 -26.54 9.22
C PRO E 80 39.39 -27.55 8.13
N ASP E 81 40.54 -28.21 8.30
CA ASP E 81 41.04 -29.20 7.34
C ASP E 81 41.19 -28.72 5.92
N ALA E 82 41.11 -27.41 5.71
CA ALA E 82 41.23 -26.87 4.36
C ALA E 82 42.68 -26.76 3.90
N PHE E 83 43.64 -26.70 4.81
CA PHE E 83 45.03 -26.54 4.40
C PHE E 83 45.65 -27.84 3.94
N ASP E 84 46.01 -28.65 4.94
CA ASP E 84 46.59 -29.96 4.70
C ASP E 84 45.54 -31.04 4.98
N GLY E 85 44.54 -30.71 5.78
CA GLY E 85 43.53 -31.67 6.13
C GLY E 85 44.00 -32.56 7.27
N LYS E 86 44.64 -31.97 8.27
CA LYS E 86 45.21 -32.73 9.35
C LYS E 86 45.08 -31.92 10.59
N ASP E 87 44.01 -31.14 10.67
CA ASP E 87 43.91 -30.18 11.76
C ASP E 87 44.28 -30.81 13.11
N ALA E 88 44.08 -32.12 13.24
CA ALA E 88 44.15 -32.79 14.55
C ALA E 88 45.57 -33.13 14.98
N GLU E 89 46.43 -33.39 14.00
CA GLU E 89 47.84 -33.65 14.29
C GLU E 89 48.55 -32.47 14.93
N TYR E 90 48.02 -31.25 14.75
CA TYR E 90 48.70 -30.01 15.19
C TYR E 90 48.06 -29.33 16.39
N THR E 91 46.76 -29.54 16.55
CA THR E 91 46.03 -29.06 17.71
C THR E 91 46.90 -28.76 18.94
N ASN E 92 47.00 -27.49 19.29
CA ASN E 92 47.76 -27.06 20.48
C ASN E 92 49.28 -27.10 20.42
N SER E 93 49.82 -27.46 19.25
CA SER E 93 51.25 -27.43 19.04
C SER E 93 51.74 -25.98 18.89
N PRO E 94 53.04 -25.80 18.56
CA PRO E 94 53.60 -24.44 18.47
C PRO E 94 53.10 -23.63 17.25
N ALA E 95 52.74 -22.37 17.47
CA ALA E 95 52.12 -21.52 16.43
C ALA E 95 50.60 -21.74 16.30
N HIS E 96 50.13 -22.94 16.64
CA HIS E 96 48.71 -23.26 16.60
C HIS E 96 47.97 -23.07 17.92
N ASP E 97 46.71 -23.53 17.93
CA ASP E 97 45.83 -23.37 19.09
C ASP E 97 44.92 -24.58 19.30
N GLY E 98 44.00 -24.41 20.26
CA GLY E 98 42.92 -25.35 20.53
C GLY E 98 42.46 -26.12 19.29
N THR E 99 42.11 -25.41 18.23
CA THR E 99 41.47 -26.04 17.07
C THR E 99 42.36 -26.73 16.05
N GLY E 100 43.68 -26.63 16.20
CA GLY E 100 44.57 -27.20 15.19
C GLY E 100 44.47 -26.62 13.78
N ARG E 101 43.59 -25.65 13.58
CA ARG E 101 43.50 -24.99 12.28
C ARG E 101 44.82 -24.30 11.97
N PHE E 102 45.23 -24.32 10.70
CA PHE E 102 46.44 -23.59 10.30
C PHE E 102 46.17 -22.07 10.28
N VAL E 103 46.60 -21.39 11.34
CA VAL E 103 46.31 -19.97 11.47
C VAL E 103 47.47 -19.14 12.05
N PRO E 104 48.68 -19.27 11.45
CA PRO E 104 49.86 -18.60 11.97
C PRO E 104 49.90 -17.08 11.71
N TYR E 105 50.52 -16.38 12.65
CA TYR E 105 50.65 -14.93 12.59
C TYR E 105 52.08 -14.57 12.96
N TRP E 106 52.96 -14.50 11.98
CA TRP E 106 54.27 -13.91 12.17
C TRP E 106 54.16 -12.42 12.39
N ASN E 107 54.78 -11.92 13.46
CA ASN E 107 54.61 -10.51 13.82
C ASN E 107 55.65 -9.93 14.78
N LYS E 108 56.02 -8.68 14.52
CA LYS E 108 56.85 -7.87 15.40
C LYS E 108 55.98 -7.22 16.51
N MET E 109 54.94 -7.88 16.98
CA MET E 109 54.02 -7.23 17.91
C MET E 109 54.61 -6.84 19.30
N ASN E 110 55.72 -7.46 19.70
CA ASN E 110 56.40 -6.99 20.92
C ASN E 110 57.88 -6.69 20.67
N GLY E 111 58.11 -5.63 19.88
CA GLY E 111 59.43 -5.29 19.36
C GLY E 111 59.99 -6.47 18.59
N THR E 112 60.15 -7.58 19.30
CA THR E 112 60.73 -8.78 18.75
C THR E 112 59.74 -9.54 17.85
N ALA E 113 60.25 -10.21 16.82
CA ALA E 113 59.45 -10.94 15.83
C ALA E 113 59.29 -12.44 16.11
N SER E 114 58.06 -12.93 16.10
CA SER E 114 57.80 -14.32 16.46
C SER E 114 56.49 -14.75 15.81
N VAL E 115 56.09 -15.99 16.02
CA VAL E 115 54.84 -16.46 15.45
C VAL E 115 53.94 -16.97 16.56
N ALA E 116 52.63 -16.89 16.34
CA ALA E 116 51.65 -17.21 17.36
C ALA E 116 50.33 -17.37 16.60
N PRO E 117 49.38 -18.13 17.18
CA PRO E 117 48.15 -18.40 16.42
C PRO E 117 47.26 -17.16 16.36
N LEU E 118 46.43 -17.08 15.33
CA LEU E 118 45.56 -15.93 15.19
C LEU E 118 44.48 -15.98 16.24
N LEU E 119 44.00 -14.82 16.67
CA LEU E 119 42.94 -14.77 17.65
C LEU E 119 41.69 -14.15 17.00
N HIS E 120 40.50 -14.59 17.39
CA HIS E 120 39.29 -13.88 16.94
C HIS E 120 39.01 -14.01 15.43
N TYR E 121 39.54 -15.05 14.82
CA TYR E 121 39.30 -15.20 13.41
C TYR E 121 37.85 -15.66 13.20
N ASP E 122 37.18 -16.00 14.31
CA ASP E 122 35.78 -16.40 14.24
C ASP E 122 34.82 -15.23 14.30
N SER E 123 35.36 -14.02 14.41
CA SER E 123 34.53 -12.88 14.74
C SER E 123 35.11 -11.56 14.31
N SER E 124 36.32 -11.56 13.75
CA SER E 124 36.99 -10.32 13.36
C SER E 124 36.96 -10.03 11.88
N ASP E 125 36.79 -8.76 11.55
CA ASP E 125 36.67 -8.39 10.16
C ASP E 125 37.76 -8.98 9.29
N TYR E 126 39.00 -8.90 9.76
CA TYR E 126 40.13 -9.36 8.97
C TYR E 126 39.88 -10.73 8.41
N TYR E 127 39.06 -11.53 9.08
CA TYR E 127 38.77 -12.86 8.58
C TYR E 127 37.35 -13.00 8.04
N GLN E 128 36.38 -12.33 8.67
CA GLN E 128 34.99 -12.48 8.32
C GLN E 128 34.55 -11.69 7.06
N LEU E 129 35.01 -10.44 6.96
CA LEU E 129 34.74 -9.66 5.78
C LEU E 129 35.14 -10.35 4.47
N PRO E 130 36.38 -10.86 4.42
CA PRO E 130 36.69 -11.53 3.16
C PRO E 130 35.93 -12.87 3.01
N LYS E 131 35.67 -13.58 4.11
CA LYS E 131 34.84 -14.78 4.03
C LYS E 131 33.42 -14.53 3.48
N ALA E 132 32.74 -13.50 3.98
CA ALA E 132 31.47 -13.06 3.44
C ALA E 132 31.55 -12.60 1.95
N THR E 133 32.35 -11.56 1.66
CA THR E 133 32.34 -10.97 0.31
C THR E 133 33.14 -11.80 -0.68
N GLU E 134 33.92 -12.72 -0.17
CA GLU E 134 34.89 -13.44 -0.97
C GLU E 134 35.78 -12.54 -1.82
N LYS E 135 36.27 -11.44 -1.24
CA LYS E 135 37.02 -10.43 -1.98
C LYS E 135 38.07 -9.74 -1.12
N ASP E 136 39.14 -9.26 -1.74
CA ASP E 136 40.15 -8.49 -1.04
C ASP E 136 39.48 -7.48 -0.13
N VAL E 137 40.21 -7.07 0.90
CA VAL E 137 39.70 -6.17 1.88
C VAL E 137 40.84 -5.49 2.57
N LEU E 138 40.76 -4.18 2.67
CA LEU E 138 41.55 -3.47 3.61
C LEU E 138 40.67 -3.14 4.85
N THR E 139 40.70 -3.95 5.89
CA THR E 139 39.83 -3.74 7.03
C THR E 139 39.90 -2.31 7.60
N GLU E 140 38.83 -1.92 8.30
CA GLU E 140 38.84 -0.70 9.09
C GLU E 140 39.74 -0.95 10.29
N PRO E 141 40.21 0.11 10.96
CA PRO E 141 41.24 -0.16 11.97
C PRO E 141 40.63 -0.90 13.14
N TYR E 142 41.36 -1.86 13.70
CA TYR E 142 40.80 -2.46 14.89
C TYR E 142 41.85 -2.60 15.96
N PHE E 143 41.37 -2.94 17.15
CA PHE E 143 42.21 -3.09 18.31
C PHE E 143 42.39 -4.60 18.48
N TYR E 144 43.60 -5.03 18.74
CA TYR E 144 43.93 -6.45 18.76
C TYR E 144 45.22 -6.53 19.56
N GLU E 145 45.20 -7.42 20.56
CA GLU E 145 46.27 -7.50 21.52
C GLU E 145 46.77 -6.10 21.89
N GLY E 146 45.85 -5.18 22.14
CA GLY E 146 46.20 -3.87 22.70
C GLY E 146 47.05 -3.04 21.77
N VAL E 147 47.00 -3.35 20.48
CA VAL E 147 47.53 -2.44 19.46
C VAL E 147 46.57 -2.27 18.26
N PHE E 148 46.49 -1.03 17.76
CA PHE E 148 45.58 -0.66 16.66
C PHE E 148 46.26 -0.87 15.34
N MET E 149 45.60 -1.62 14.45
CA MET E 149 46.24 -2.01 13.23
C MET E 149 45.18 -1.97 12.15
N VAL E 150 45.63 -2.24 10.91
CA VAL E 150 44.81 -2.27 9.73
C VAL E 150 45.30 -3.49 8.94
N SER E 151 44.40 -4.25 8.34
CA SER E 151 44.79 -5.48 7.63
C SER E 151 44.47 -5.51 6.15
N TYR E 152 45.42 -6.04 5.39
CA TYR E 152 45.34 -6.14 3.96
C TYR E 152 45.15 -7.60 3.79
N VAL E 153 43.94 -8.01 3.40
CA VAL E 153 43.62 -9.45 3.36
C VAL E 153 43.08 -9.92 2.02
N SER E 154 43.54 -11.07 1.57
CA SER E 154 42.95 -11.62 0.38
C SER E 154 42.52 -13.09 0.48
N PRO E 155 41.24 -13.39 0.14
CA PRO E 155 40.70 -14.72 0.24
C PRO E 155 41.47 -15.67 -0.61
N ILE E 156 41.68 -16.87 -0.08
CA ILE E 156 42.29 -17.99 -0.79
C ILE E 156 41.15 -18.82 -1.34
N MET E 157 40.83 -18.69 -2.61
CA MET E 157 39.72 -19.44 -3.13
C MET E 157 40.32 -20.66 -3.81
N LYS E 158 39.86 -21.82 -3.36
CA LYS E 158 40.24 -23.09 -3.92
C LYS E 158 39.10 -23.65 -4.74
N GLU E 159 39.16 -23.38 -6.04
CA GLU E 159 38.30 -24.02 -7.05
C GLU E 159 36.85 -23.94 -6.60
N GLY E 160 36.27 -22.77 -6.78
CA GLY E 160 34.97 -22.54 -6.26
C GLY E 160 35.02 -22.14 -4.81
N GLU E 161 35.83 -22.79 -3.99
CA GLU E 161 35.55 -22.72 -2.57
C GLU E 161 36.36 -21.73 -1.71
N PHE E 162 35.83 -21.32 -0.57
CA PHE E 162 36.58 -20.41 0.32
C PHE E 162 37.48 -21.21 1.27
N ALA E 163 38.77 -21.26 0.99
CA ALA E 163 39.69 -22.10 1.75
C ALA E 163 40.26 -21.37 2.95
N GLY E 164 40.32 -20.03 2.89
CA GLY E 164 40.93 -19.23 3.98
C GLY E 164 41.30 -17.81 3.53
N ILE E 165 42.36 -17.25 4.14
CA ILE E 165 42.91 -15.94 3.72
C ILE E 165 44.43 -15.82 3.83
N GLY E 166 44.95 -14.78 3.19
CA GLY E 166 46.36 -14.43 3.27
C GLY E 166 46.40 -12.95 3.54
N GLY E 167 47.21 -12.52 4.50
CA GLY E 167 47.14 -11.10 4.81
C GLY E 167 48.43 -10.53 5.33
N VAL E 168 48.45 -9.22 5.53
CA VAL E 168 49.59 -8.50 6.12
C VAL E 168 49.04 -7.33 6.94
N ASP E 169 49.69 -6.99 8.05
CA ASP E 169 49.20 -5.93 8.90
C ASP E 169 50.13 -4.76 8.89
N VAL E 170 49.59 -3.57 9.10
CA VAL E 170 50.38 -2.38 9.29
C VAL E 170 49.75 -1.68 10.48
N SER E 171 50.57 -1.18 11.40
CA SER E 171 50.07 -0.62 12.66
C SER E 171 49.69 0.83 12.54
N LEU E 172 48.70 1.24 13.31
CA LEU E 172 48.33 2.64 13.29
C LEU E 172 49.52 3.55 13.63
N GLU E 173 50.43 3.04 14.47
CA GLU E 173 51.59 3.84 14.95
C GLU E 173 52.50 4.10 13.77
N TYR E 174 52.54 3.13 12.86
CA TYR E 174 53.28 3.36 11.66
C TYR E 174 52.70 4.55 10.88
N VAL E 175 51.44 4.42 10.45
CA VAL E 175 50.71 5.48 9.75
C VAL E 175 50.91 6.88 10.35
N ASP E 176 50.68 6.97 11.66
CA ASP E 176 50.86 8.23 12.39
C ASP E 176 52.27 8.78 12.25
N GLU E 177 53.26 7.95 12.56
CA GLU E 177 54.65 8.38 12.40
C GLU E 177 54.81 9.05 11.05
N VAL E 178 54.45 8.32 10.01
CA VAL E 178 54.56 8.81 8.66
C VAL E 178 53.71 10.06 8.33
N VAL E 179 52.44 10.08 8.71
CA VAL E 179 51.61 11.18 8.26
C VAL E 179 51.84 12.49 9.03
N SER E 180 51.95 12.37 10.34
CA SER E 180 52.14 13.52 11.20
C SER E 180 53.40 14.34 10.88
N LYS E 181 54.28 13.83 10.02
CA LYS E 181 55.39 14.64 9.53
C LYS E 181 54.89 15.80 8.67
N VAL E 182 53.87 15.58 7.84
CA VAL E 182 53.38 16.64 6.92
C VAL E 182 53.14 18.05 7.52
N ARG E 183 53.38 19.10 6.74
CA ARG E 183 53.00 20.47 7.14
C ARG E 183 52.51 21.28 5.96
N THR E 184 51.72 22.29 6.21
CA THR E 184 51.30 23.19 5.16
C THR E 184 51.13 24.53 5.84
N PHE E 185 51.27 25.62 5.09
CA PHE E 185 51.23 26.98 5.69
C PHE E 185 52.04 27.01 6.98
N ASP E 186 51.64 27.82 7.97
CA ASP E 186 52.45 27.99 9.19
C ASP E 186 52.18 26.93 10.23
N THR E 187 50.90 26.68 10.47
CA THR E 187 50.48 25.73 11.46
C THR E 187 49.65 24.61 10.84
N GLY E 188 49.56 24.59 9.51
CA GLY E 188 48.86 23.53 8.78
C GLY E 188 49.42 22.14 9.04
N TYR E 189 48.56 21.13 8.97
CA TYR E 189 48.96 19.72 9.16
C TYR E 189 48.05 18.75 8.36
N ALA E 190 48.14 17.46 8.64
CA ALA E 190 47.30 16.50 7.94
C ALA E 190 47.06 15.29 8.79
N PHE E 191 45.91 14.66 8.60
CA PHE E 191 45.70 13.35 9.21
C PHE E 191 45.02 12.50 8.18
N MET E 192 45.07 11.19 8.38
CA MET E 192 44.41 10.24 7.48
C MET E 192 43.20 9.69 8.18
N VAL E 193 42.19 9.29 7.42
CA VAL E 193 41.02 8.61 7.98
C VAL E 193 40.74 7.31 7.25
N SER E 194 40.12 6.37 7.93
CA SER E 194 39.71 5.14 7.28
C SER E 194 38.50 5.43 6.44
N ASN E 195 37.95 4.41 5.80
CA ASN E 195 36.87 4.71 4.87
C ASN E 195 35.57 5.09 5.60
N SER E 196 35.46 4.70 6.87
CA SER E 196 34.30 5.07 7.65
C SER E 196 34.64 6.11 8.67
N GLY E 197 35.45 7.08 8.26
CA GLY E 197 35.72 8.25 9.08
C GLY E 197 36.69 8.16 10.25
N VAL E 198 37.09 6.95 10.70
CA VAL E 198 37.95 6.83 11.90
C VAL E 198 39.30 7.55 11.70
N ILE E 199 39.82 8.13 12.77
CA ILE E 199 41.11 8.81 12.74
C ILE E 199 42.30 7.86 12.81
N LEU E 200 43.21 8.00 11.86
CA LEU E 200 44.33 7.10 11.76
C LEU E 200 45.63 7.72 12.28
N SER E 201 45.66 9.03 12.41
CA SER E 201 46.88 9.73 12.72
C SER E 201 46.55 11.09 13.34
N HIS E 202 47.48 11.69 14.07
CA HIS E 202 47.32 13.08 14.55
C HIS E 202 48.62 13.65 15.15
N PRO E 203 48.99 14.86 14.73
CA PRO E 203 50.19 15.53 15.17
C PRO E 203 50.32 15.49 16.66
N THR E 204 49.26 15.89 17.36
CA THR E 204 49.31 16.12 18.82
C THR E 204 48.39 15.24 19.66
N HIS E 205 47.16 14.99 19.23
CA HIS E 205 46.29 14.16 20.06
C HIS E 205 46.35 12.64 19.83
N LYS E 206 47.38 11.98 20.29
CA LYS E 206 47.50 10.56 19.95
C LYS E 206 46.37 9.67 20.48
N ASP E 207 45.56 10.20 21.40
CA ASP E 207 44.48 9.38 21.98
C ASP E 207 43.38 9.20 20.96
N TRP E 208 43.19 10.20 20.11
CA TRP E 208 42.06 10.11 19.18
C TRP E 208 42.31 9.04 18.15
N ILE E 209 43.58 8.70 17.89
CA ILE E 209 43.90 7.68 16.91
C ILE E 209 43.19 6.36 17.22
N GLY E 210 42.29 5.92 16.35
CA GLY E 210 41.61 4.64 16.52
C GLY E 210 40.32 4.73 17.32
N LYS E 211 40.12 5.87 17.96
CA LYS E 211 39.08 6.01 18.96
C LYS E 211 38.05 7.03 18.50
N LYS E 212 38.42 7.89 17.55
CA LYS E 212 37.55 9.02 17.18
C LYS E 212 37.40 9.09 15.66
N ASP E 213 36.17 9.30 15.22
CA ASP E 213 35.91 9.53 13.81
C ASP E 213 35.49 10.96 13.55
N LEU E 214 35.05 11.24 12.34
CA LEU E 214 34.76 12.60 11.96
C LEU E 214 33.52 13.23 12.65
N TYR E 215 32.75 12.40 13.32
CA TYR E 215 31.61 12.89 14.05
C TYR E 215 32.07 13.49 15.34
N ASP E 216 32.95 12.80 16.05
CA ASP E 216 33.54 13.30 17.28
C ASP E 216 34.31 14.60 17.02
N PHE E 217 34.99 14.69 15.89
CA PHE E 217 35.73 15.89 15.48
C PHE E 217 34.73 17.05 15.29
N GLY E 218 33.46 16.78 15.63
CA GLY E 218 32.48 17.83 15.88
C GLY E 218 31.27 17.90 14.96
N GLY E 219 31.28 18.90 14.11
CA GLY E 219 30.09 19.28 13.35
C GLY E 219 29.13 18.15 12.99
N GLU E 220 28.21 18.52 12.11
CA GLU E 220 27.39 17.55 11.42
C GLU E 220 27.43 18.05 9.99
N GLU E 221 28.17 19.12 9.74
CA GLU E 221 28.58 19.40 8.35
C GLU E 221 29.78 18.49 8.08
N LEU E 222 30.07 17.65 9.07
CA LEU E 222 31.06 16.59 8.95
C LEU E 222 30.38 15.28 8.61
N GLU E 223 29.06 15.32 8.48
CA GLU E 223 28.35 14.14 8.00
C GLU E 223 28.44 14.17 6.52
N LYS E 224 28.47 15.38 6.00
CA LYS E 224 28.58 15.57 4.57
C LYS E 224 29.95 15.13 4.06
N ALA E 225 31.02 15.51 4.77
CA ALA E 225 32.36 14.97 4.45
C ALA E 225 32.50 13.47 4.73
N SER E 226 31.99 13.00 5.85
CA SER E 226 32.04 11.58 6.12
C SER E 226 31.44 10.78 4.96
N ARG E 227 30.28 11.21 4.47
CA ARG E 227 29.58 10.49 3.40
C ARG E 227 30.45 10.54 2.14
N ASP E 228 30.95 11.74 1.84
CA ASP E 228 31.79 11.92 0.69
C ASP E 228 32.99 11.02 0.75
N ILE E 229 33.52 10.78 1.95
CA ILE E 229 34.69 9.91 1.99
C ILE E 229 34.37 8.42 2.03
N LYS E 230 33.26 8.03 2.63
CA LYS E 230 32.84 6.63 2.55
C LYS E 230 32.72 6.25 1.08
N ASN E 231 32.40 7.24 0.25
CA ASN E 231 32.12 6.97 -1.15
C ASN E 231 33.34 7.11 -2.03
N GLY E 232 34.43 7.63 -1.49
CA GLY E 232 35.60 7.98 -2.29
C GLY E 232 35.47 9.31 -3.00
N ILE E 233 34.86 10.29 -2.38
CA ILE E 233 34.74 11.59 -3.04
C ILE E 233 35.54 12.68 -2.33
N GLY E 234 36.30 13.47 -3.05
CA GLY E 234 37.06 14.54 -2.39
C GLY E 234 36.22 15.78 -2.13
N GLY E 235 36.65 16.61 -1.20
CA GLY E 235 36.02 17.90 -0.96
C GLY E 235 36.67 18.66 0.17
N HIS E 236 35.99 19.71 0.65
CA HIS E 236 36.51 20.56 1.70
C HIS E 236 35.38 21.19 2.49
N LEU E 237 35.61 21.48 3.76
CA LEU E 237 34.67 22.30 4.54
C LEU E 237 35.43 23.26 5.41
N GLU E 238 34.70 24.20 6.00
CA GLU E 238 35.24 24.98 7.10
C GLU E 238 34.77 24.41 8.40
N THR E 239 35.53 24.67 9.44
CA THR E 239 35.15 24.16 10.72
C THR E 239 36.19 24.60 11.72
N ALA E 240 35.84 24.49 12.99
CA ALA E 240 36.74 24.87 14.05
C ALA E 240 37.58 23.67 14.36
N ASP E 241 38.88 23.84 14.24
CA ASP E 241 39.82 22.89 14.76
C ASP E 241 39.51 22.59 16.22
N PRO E 242 39.07 21.36 16.52
CA PRO E 242 38.84 21.04 17.93
C PRO E 242 40.11 21.13 18.78
N THR E 243 41.29 21.25 18.17
CA THR E 243 42.51 21.25 18.97
C THR E 243 42.94 22.65 19.36
N THR E 244 42.80 23.61 18.46
CA THR E 244 42.77 24.97 18.93
C THR E 244 41.35 25.42 18.79
N GLY E 245 41.13 26.39 17.93
CA GLY E 245 39.82 26.93 17.76
C GLY E 245 39.88 27.61 16.42
N LYS E 246 41.09 27.86 15.96
CA LYS E 246 41.22 28.47 14.66
C LYS E 246 40.18 27.79 13.77
N THR E 247 39.47 28.59 12.99
CA THR E 247 38.64 28.01 11.96
C THR E 247 39.63 27.61 10.85
N VAL E 248 39.52 26.33 10.45
CA VAL E 248 40.35 25.68 9.43
C VAL E 248 39.48 25.29 8.25
N ILE E 249 40.09 25.09 7.08
CA ILE E 249 39.40 24.37 6.02
C ILE E 249 40.07 23.04 5.85
N LEU E 250 39.28 21.97 5.97
CA LEU E 250 39.70 20.61 5.62
C LEU E 250 39.65 20.39 4.09
N PHE E 251 40.70 19.80 3.54
CA PHE E 251 40.67 19.37 2.14
C PHE E 251 40.86 17.87 2.15
N TYR E 252 39.86 17.12 1.73
CA TYR E 252 39.96 15.66 1.84
C TYR E 252 39.91 14.97 0.47
N GLU E 253 40.87 14.08 0.23
CA GLU E 253 40.92 13.32 -1.02
C GLU E 253 41.03 11.83 -0.74
N PRO E 254 40.46 10.98 -1.61
CA PRO E 254 40.36 9.55 -1.42
C PRO E 254 41.70 8.86 -1.61
N VAL E 255 42.01 7.89 -0.76
CA VAL E 255 43.20 7.07 -0.98
C VAL E 255 42.60 5.87 -1.62
N GLU E 256 42.84 5.69 -2.92
CA GLU E 256 42.07 4.72 -3.65
C GLU E 256 42.08 3.29 -3.12
N THR E 257 43.20 2.79 -2.62
CA THR E 257 43.08 1.43 -2.13
C THR E 257 42.50 1.51 -0.74
N GLY E 258 41.32 0.92 -0.57
CA GLY E 258 40.65 1.01 0.70
C GLY E 258 39.60 2.10 0.65
N ASP E 259 39.79 3.05 -0.24
CA ASP E 259 38.99 4.28 -0.21
C ASP E 259 39.07 5.02 1.12
N PHE E 260 40.25 5.00 1.71
CA PHE E 260 40.52 5.88 2.81
C PHE E 260 40.55 7.37 2.30
N ALA E 261 41.13 8.26 3.10
CA ALA E 261 41.10 9.68 2.83
C ALA E 261 42.32 10.40 3.46
N PHE E 262 42.88 11.37 2.72
CA PHE E 262 43.96 12.17 3.25
C PHE E 262 43.41 13.56 3.44
N VAL E 263 43.37 13.99 4.72
CA VAL E 263 42.78 15.27 5.09
C VAL E 263 43.86 16.30 5.38
N LEU E 264 44.08 17.22 4.45
CA LEU E 264 44.96 18.34 4.72
C LEU E 264 44.22 19.35 5.61
N VAL E 265 44.93 19.99 6.55
CA VAL E 265 44.30 21.02 7.36
C VAL E 265 44.88 22.44 7.20
N VAL E 266 44.12 23.34 6.59
CA VAL E 266 44.59 24.69 6.30
C VAL E 266 43.97 25.72 7.24
N PRO E 267 44.76 26.27 8.18
CA PRO E 267 44.25 27.29 9.09
C PRO E 267 43.55 28.40 8.29
N LYS E 268 42.28 28.67 8.60
CA LYS E 268 41.49 29.56 7.77
C LYS E 268 42.22 30.86 7.45
N GLU E 269 42.79 31.47 8.48
CA GLU E 269 43.24 32.84 8.36
C GLU E 269 44.53 32.92 7.57
N GLU E 270 45.29 31.82 7.54
CA GLU E 270 46.54 31.79 6.78
C GLU E 270 46.28 31.65 5.26
N MET E 271 45.20 30.93 4.92
CA MET E 271 44.61 30.99 3.58
C MET E 271 44.46 32.44 3.16
N LEU E 272 44.30 33.29 4.18
CA LEU E 272 44.15 34.73 4.04
C LEU E 272 45.53 35.41 4.02
N ALA E 273 46.55 34.71 4.51
CA ALA E 273 47.89 35.28 4.74
C ALA E 273 48.59 35.90 3.52
N GLY E 274 48.51 35.23 2.37
CA GLY E 274 47.65 34.07 2.14
C GLY E 274 46.86 34.41 0.90
N VAL E 275 45.60 34.74 1.08
CA VAL E 275 44.84 35.40 0.05
C VAL E 275 45.59 36.68 -0.37
N ALA E 276 46.00 37.49 0.61
CA ALA E 276 46.68 38.79 0.37
C ALA E 276 47.78 38.72 -0.69
N ASP E 277 48.39 37.53 -0.80
CA ASP E 277 49.44 37.22 -1.78
C ASP E 277 48.93 36.30 -2.89
N GLU F 10 54.26 36.85 -13.11
CA GLU F 10 53.89 35.53 -12.45
C GLU F 10 53.79 34.31 -13.42
N LYS F 11 54.69 33.32 -13.28
CA LYS F 11 55.61 33.18 -12.13
C LYS F 11 55.10 32.12 -11.15
N LEU F 12 53.93 31.56 -11.42
CA LEU F 12 53.32 30.57 -10.56
C LEU F 12 52.27 29.80 -11.35
N ALA F 13 51.94 30.28 -12.55
CA ALA F 13 51.18 29.45 -13.47
C ALA F 13 52.00 28.19 -13.40
N TYR F 14 53.32 28.40 -13.44
CA TYR F 14 54.30 27.35 -13.21
C TYR F 14 53.95 26.49 -12.00
N GLN F 15 54.34 26.94 -10.81
CA GLN F 15 54.05 26.22 -9.56
C GLN F 15 52.92 25.22 -9.74
N GLN F 16 51.89 25.61 -10.49
CA GLN F 16 50.71 24.77 -10.58
C GLN F 16 50.85 23.59 -11.54
N SER F 17 51.66 23.74 -12.57
CA SER F 17 52.01 22.61 -13.41
C SER F 17 52.95 21.66 -12.67
N VAL F 18 53.94 22.22 -11.99
CA VAL F 18 54.85 21.40 -11.19
C VAL F 18 54.02 20.46 -10.35
N GLU F 19 52.96 21.01 -9.78
CA GLU F 19 52.06 20.24 -8.92
C GLU F 19 51.36 19.07 -9.62
N MET F 20 50.88 19.29 -10.84
CA MET F 20 50.29 18.20 -11.59
C MET F 20 51.29 17.10 -11.91
N ALA F 21 52.42 17.50 -12.51
CA ALA F 21 53.43 16.55 -12.96
C ALA F 21 53.82 15.64 -11.80
N SER F 22 53.82 16.22 -10.62
CA SER F 22 54.25 15.52 -9.45
C SER F 22 53.13 14.61 -8.94
N ASN F 23 51.90 15.07 -9.05
CA ASN F 23 50.74 14.27 -8.69
C ASN F 23 50.61 13.02 -9.58
N TYR F 24 50.60 13.25 -10.89
CA TYR F 24 50.62 12.16 -11.84
C TYR F 24 51.74 11.16 -11.56
N ALA F 25 52.93 11.69 -11.32
CA ALA F 25 54.11 10.88 -11.17
C ALA F 25 53.89 9.91 -10.03
N ASN F 26 53.14 10.35 -9.04
CA ASN F 26 52.91 9.48 -7.92
C ASN F 26 51.76 8.51 -8.18
N GLN F 27 50.83 8.88 -9.04
CA GLN F 27 49.80 7.94 -9.36
C GLN F 27 50.38 6.79 -10.08
N PHE F 28 51.28 7.07 -10.99
CA PHE F 28 51.92 6.00 -11.71
C PHE F 28 52.91 5.28 -10.81
N ASP F 29 53.55 5.98 -9.88
CA ASP F 29 54.42 5.26 -8.95
C ASP F 29 53.69 4.12 -8.24
N ALA F 30 52.37 4.27 -8.06
CA ALA F 30 51.60 3.34 -7.24
C ALA F 30 51.53 1.92 -7.80
N ASP F 31 51.21 1.78 -9.09
CA ASP F 31 51.22 0.46 -9.77
C ASP F 31 52.62 -0.04 -9.94
N MET F 32 53.56 0.87 -10.16
CA MET F 32 54.93 0.40 -10.33
C MET F 32 55.51 -0.18 -9.02
N LYS F 33 55.08 0.37 -7.89
CA LYS F 33 55.49 -0.18 -6.61
C LYS F 33 54.84 -1.53 -6.35
N ALA F 34 53.68 -1.73 -6.94
CA ALA F 34 52.89 -2.90 -6.61
C ALA F 34 53.44 -4.02 -7.42
N ASN F 35 53.86 -3.66 -8.62
CA ASN F 35 54.46 -4.61 -9.52
C ASN F 35 55.67 -5.18 -8.83
N LEU F 36 56.43 -4.28 -8.21
CA LEU F 36 57.71 -4.61 -7.64
C LEU F 36 57.45 -5.47 -6.42
N ALA F 37 56.41 -5.13 -5.67
CA ALA F 37 56.04 -5.95 -4.52
C ALA F 37 55.77 -7.37 -4.98
N ILE F 38 55.07 -7.52 -6.10
CA ILE F 38 54.76 -8.86 -6.56
C ILE F 38 56.08 -9.60 -6.79
N ALA F 39 56.99 -9.00 -7.56
CA ALA F 39 58.26 -9.66 -7.89
C ALA F 39 59.07 -9.99 -6.65
N ARG F 40 59.12 -9.05 -5.72
CA ARG F 40 59.80 -9.32 -4.45
C ARG F 40 59.16 -10.51 -3.70
N THR F 41 57.83 -10.60 -3.74
CA THR F 41 57.15 -11.64 -3.00
C THR F 41 57.41 -12.97 -3.71
N ILE F 42 57.53 -12.92 -5.03
CA ILE F 42 57.80 -14.14 -5.74
C ILE F 42 59.15 -14.67 -5.38
N SER F 43 60.14 -13.80 -5.24
CA SER F 43 61.47 -14.29 -4.98
C SER F 43 61.60 -14.66 -3.53
N THR F 44 61.22 -13.78 -2.62
CA THR F 44 61.24 -14.21 -1.22
C THR F 44 60.60 -15.58 -1.05
N THR F 45 59.45 -15.81 -1.67
CA THR F 45 58.83 -17.12 -1.59
C THR F 45 59.78 -18.22 -2.05
N MET F 46 60.32 -18.08 -3.27
CA MET F 46 61.28 -19.04 -3.79
C MET F 46 62.45 -19.21 -2.79
N GLU F 47 62.91 -18.12 -2.20
CA GLU F 47 64.01 -18.24 -1.25
C GLU F 47 63.69 -19.23 -0.13
N SER F 48 62.41 -19.38 0.19
CA SER F 48 62.00 -20.21 1.32
C SER F 48 61.34 -21.48 0.83
N TYR F 49 61.18 -21.60 -0.49
CA TYR F 49 60.63 -22.79 -1.12
C TYR F 49 61.60 -24.02 -1.20
N GLU F 50 61.68 -24.70 -0.07
CA GLU F 50 62.33 -25.99 0.07
C GLU F 50 61.91 -27.05 -0.93
N THR F 51 60.67 -27.50 -0.79
CA THR F 51 60.10 -28.50 -1.66
C THR F 51 60.61 -28.44 -3.08
N ALA F 52 60.74 -27.26 -3.61
CA ALA F 52 61.31 -27.14 -4.93
C ALA F 52 60.64 -28.06 -5.97
N ASP F 53 59.32 -28.03 -6.08
CA ASP F 53 58.64 -28.78 -7.13
C ASP F 53 58.45 -27.97 -8.43
N ARG F 54 59.03 -28.46 -9.51
CA ARG F 54 59.02 -27.68 -10.74
C ARG F 54 57.63 -27.33 -11.25
N ASP F 55 56.67 -28.24 -11.12
CA ASP F 55 55.27 -28.02 -11.55
C ASP F 55 54.52 -27.04 -10.63
N GLU F 56 54.66 -27.24 -9.33
CA GLU F 56 54.05 -26.34 -8.38
C GLU F 56 54.42 -24.91 -8.71
N ALA F 57 55.73 -24.70 -8.90
CA ALA F 57 56.29 -23.40 -9.19
C ALA F 57 55.56 -22.83 -10.36
N LEU F 58 55.46 -23.58 -11.45
CA LEU F 58 54.74 -23.10 -12.61
C LEU F 58 53.28 -22.79 -12.32
N LEU F 59 52.65 -23.59 -11.46
CA LEU F 59 51.26 -23.35 -11.16
C LEU F 59 51.17 -21.92 -10.71
N ILE F 60 51.88 -21.61 -9.62
CA ILE F 60 51.99 -20.28 -9.05
C ILE F 60 52.31 -19.17 -10.08
N LEU F 61 53.30 -19.41 -10.91
CA LEU F 61 53.61 -18.40 -11.89
C LEU F 61 52.39 -18.13 -12.78
N GLU F 62 51.85 -19.19 -13.37
CA GLU F 62 50.58 -19.10 -14.11
C GLU F 62 49.47 -18.37 -13.34
N ASN F 63 49.20 -18.79 -12.11
CA ASN F 63 48.13 -18.16 -11.38
C ASN F 63 48.28 -16.66 -11.13
N LEU F 64 49.49 -16.19 -10.79
CA LEU F 64 49.70 -14.75 -10.53
C LEU F 64 49.65 -13.99 -11.83
N LEU F 65 49.90 -14.67 -12.93
CA LEU F 65 49.80 -14.00 -14.23
C LEU F 65 48.34 -13.75 -14.49
N ARG F 66 47.55 -14.76 -14.14
CA ARG F 66 46.14 -14.81 -14.50
C ARG F 66 45.45 -13.83 -13.63
N ASP F 67 45.81 -13.90 -12.36
CA ASP F 67 45.20 -13.09 -11.35
C ASP F 67 45.58 -11.61 -11.38
N ASN F 68 46.37 -11.19 -12.36
CA ASN F 68 46.99 -9.85 -12.37
C ASN F 68 47.05 -9.46 -13.78
N PRO F 69 45.89 -9.16 -14.36
CA PRO F 69 45.69 -8.94 -15.78
C PRO F 69 46.52 -7.84 -16.43
N HIS F 70 47.10 -6.91 -15.69
CA HIS F 70 47.89 -5.91 -16.42
C HIS F 70 49.35 -6.29 -16.62
N LEU F 71 49.75 -7.41 -16.05
CA LEU F 71 51.07 -7.99 -16.25
C LEU F 71 51.16 -8.74 -17.59
N LEU F 72 52.19 -8.42 -18.39
CA LEU F 72 52.60 -9.20 -19.58
C LEU F 72 53.08 -10.63 -19.27
N GLY F 73 53.84 -10.83 -18.20
CA GLY F 73 54.32 -12.18 -17.90
C GLY F 73 54.87 -12.29 -16.49
N THR F 74 54.89 -13.48 -15.92
CA THR F 74 55.53 -13.66 -14.65
C THR F 74 56.62 -14.63 -14.94
N TYR F 75 57.56 -14.81 -14.02
CA TYR F 75 58.65 -15.70 -14.36
C TYR F 75 59.64 -15.90 -13.27
N VAL F 76 60.58 -16.77 -13.53
CA VAL F 76 61.55 -17.13 -12.52
C VAL F 76 62.67 -17.71 -13.33
N ALA F 77 63.91 -17.52 -12.86
CA ALA F 77 65.10 -18.01 -13.57
C ALA F 77 66.11 -18.46 -12.56
N PHE F 78 66.58 -19.69 -12.64
CA PHE F 78 67.71 -20.09 -11.75
C PHE F 78 69.09 -20.34 -12.37
N GLU F 79 70.10 -20.18 -11.55
CA GLU F 79 71.43 -20.69 -11.87
C GLU F 79 71.32 -22.20 -12.08
N PRO F 80 72.30 -22.77 -12.83
CA PRO F 80 72.37 -24.23 -13.08
C PRO F 80 72.28 -25.04 -11.76
N ASP F 81 71.42 -26.04 -11.75
CA ASP F 81 71.24 -26.90 -10.57
C ASP F 81 70.92 -26.14 -9.30
N ALA F 82 70.62 -24.85 -9.44
CA ALA F 82 70.27 -24.04 -8.26
C ALA F 82 68.87 -24.34 -7.69
N PHE F 83 67.90 -24.71 -8.53
CA PHE F 83 66.54 -24.82 -8.06
C PHE F 83 66.26 -26.13 -7.33
N ASP F 84 66.27 -27.22 -8.08
CA ASP F 84 66.00 -28.55 -7.51
C ASP F 84 67.22 -29.42 -7.64
N GLY F 85 68.28 -28.89 -8.23
CA GLY F 85 69.49 -29.66 -8.40
C GLY F 85 69.39 -30.73 -9.47
N LYS F 86 68.44 -30.65 -10.38
CA LYS F 86 68.24 -31.71 -11.34
C LYS F 86 68.16 -31.20 -12.75
N ASP F 87 68.94 -30.18 -13.06
CA ASP F 87 68.78 -29.55 -14.36
C ASP F 87 68.71 -30.57 -15.49
N ALA F 88 69.34 -31.72 -15.25
CA ALA F 88 69.63 -32.70 -16.31
C ALA F 88 68.41 -33.55 -16.64
N GLU F 89 67.58 -33.75 -15.62
CA GLU F 89 66.31 -34.43 -15.86
C GLU F 89 65.40 -33.63 -16.79
N TYR F 90 65.33 -32.30 -16.62
CA TYR F 90 64.35 -31.49 -17.37
C TYR F 90 64.79 -31.02 -18.75
N THR F 91 66.11 -30.92 -18.93
CA THR F 91 66.70 -30.61 -20.21
C THR F 91 65.81 -30.79 -21.46
N ASN F 92 65.31 -29.68 -22.02
CA ASN F 92 64.46 -29.71 -23.24
C ASN F 92 62.98 -30.08 -23.11
N SER F 93 62.52 -30.40 -21.90
CA SER F 93 61.13 -30.77 -21.71
C SER F 93 60.19 -29.55 -21.80
N PRO F 94 58.88 -29.77 -21.58
CA PRO F 94 57.94 -28.66 -21.63
C PRO F 94 58.33 -27.52 -20.67
N ALA F 95 58.49 -26.32 -21.21
CA ALA F 95 58.79 -25.13 -20.40
C ALA F 95 60.30 -24.80 -20.37
N HIS F 96 61.14 -25.85 -20.45
CA HIS F 96 62.58 -25.67 -20.40
C HIS F 96 63.26 -25.54 -21.76
N ASP F 97 64.60 -25.59 -21.73
CA ASP F 97 65.41 -25.45 -22.93
C ASP F 97 66.61 -26.39 -22.92
N GLY F 98 67.54 -26.07 -23.81
CA GLY F 98 68.79 -26.81 -23.95
C GLY F 98 69.46 -27.02 -22.60
N THR F 99 69.49 -26.01 -21.75
CA THR F 99 70.23 -26.14 -20.50
C THR F 99 69.50 -26.93 -19.42
N GLY F 100 68.19 -27.15 -19.58
CA GLY F 100 67.39 -27.71 -18.47
C GLY F 100 67.34 -26.89 -17.17
N ARG F 101 67.89 -25.67 -17.22
CA ARG F 101 67.86 -24.76 -16.07
C ARG F 101 66.41 -24.32 -15.81
N PHE F 102 65.98 -24.23 -14.55
CA PHE F 102 64.57 -23.86 -14.32
C PHE F 102 64.31 -22.40 -14.68
N VAL F 103 63.75 -22.15 -15.88
CA VAL F 103 63.66 -20.79 -16.36
C VAL F 103 62.34 -20.42 -17.06
N PRO F 104 61.20 -20.71 -16.40
CA PRO F 104 59.91 -20.63 -17.06
C PRO F 104 59.39 -19.19 -17.22
N TYR F 105 58.60 -18.96 -18.26
CA TYR F 105 58.11 -17.64 -18.52
C TYR F 105 56.65 -17.73 -18.94
N TRP F 106 55.76 -17.60 -17.96
CA TRP F 106 54.35 -17.52 -18.24
C TRP F 106 54.05 -16.19 -18.85
N ASN F 107 53.29 -16.16 -19.95
CA ASN F 107 53.07 -14.90 -20.64
C ASN F 107 51.94 -14.78 -21.68
N LYS F 108 51.36 -13.58 -21.72
CA LYS F 108 50.34 -13.17 -22.67
C LYS F 108 50.98 -12.58 -23.95
N MET F 109 52.22 -12.98 -24.26
CA MET F 109 52.92 -12.31 -25.36
C MET F 109 52.26 -12.47 -26.74
N ASN F 110 51.56 -13.58 -26.98
CA ASN F 110 50.72 -13.62 -28.20
C ASN F 110 49.26 -13.67 -27.81
N GLY F 111 48.74 -12.51 -27.40
CA GLY F 111 47.40 -12.37 -26.86
C GLY F 111 47.07 -13.44 -25.84
N THR F 112 47.42 -14.67 -26.18
CA THR F 112 47.04 -15.84 -25.44
C THR F 112 48.13 -16.26 -24.41
N ALA F 113 47.71 -16.88 -23.31
CA ALA F 113 48.54 -17.14 -22.14
C ALA F 113 49.21 -18.54 -22.10
N SER F 114 50.54 -18.56 -22.13
CA SER F 114 51.27 -19.78 -22.37
C SER F 114 52.64 -19.67 -21.71
N VAL F 115 53.30 -20.79 -21.48
CA VAL F 115 54.63 -20.77 -20.83
C VAL F 115 55.73 -21.26 -21.78
N ALA F 116 56.88 -20.59 -21.72
CA ALA F 116 57.99 -20.89 -22.61
C ALA F 116 59.28 -20.61 -21.86
N PRO F 117 60.39 -21.21 -22.30
CA PRO F 117 61.67 -20.91 -21.66
C PRO F 117 62.11 -19.47 -21.87
N LEU F 118 62.86 -18.96 -20.91
CA LEU F 118 63.32 -17.61 -20.97
C LEU F 118 64.45 -17.52 -21.97
N LEU F 119 64.43 -16.54 -22.86
CA LEU F 119 65.55 -16.35 -23.78
C LEU F 119 66.52 -15.33 -23.22
N HIS F 120 67.78 -15.43 -23.62
CA HIS F 120 68.79 -14.40 -23.36
C HIS F 120 69.06 -14.15 -21.88
N TYR F 121 68.91 -15.16 -21.05
CA TYR F 121 69.20 -14.93 -19.66
C TYR F 121 70.69 -14.75 -19.49
N ASP F 122 71.46 -15.30 -20.42
CA ASP F 122 72.91 -15.19 -20.33
C ASP F 122 73.41 -13.79 -20.62
N SER F 123 72.56 -12.96 -21.24
CA SER F 123 73.00 -11.66 -21.69
C SER F 123 72.03 -10.51 -21.52
N SER F 124 70.91 -10.69 -20.83
CA SER F 124 69.95 -9.57 -20.69
C SER F 124 69.87 -8.96 -19.31
N ASP F 125 69.67 -7.66 -19.27
CA ASP F 125 69.55 -6.95 -18.01
C ASP F 125 68.62 -7.63 -17.04
N TYR F 126 67.47 -8.11 -17.51
CA TYR F 126 66.50 -8.64 -16.57
C TYR F 126 67.15 -9.69 -15.67
N TYR F 127 68.20 -10.34 -16.15
CA TYR F 127 68.86 -11.37 -15.35
C TYR F 127 70.21 -10.93 -14.82
N GLN F 128 70.94 -10.19 -15.63
CA GLN F 128 72.33 -9.89 -15.36
C GLN F 128 72.47 -8.80 -14.30
N LEU F 129 71.67 -7.74 -14.43
CA LEU F 129 71.65 -6.67 -13.47
C LEU F 129 71.39 -7.16 -12.02
N PRO F 130 70.37 -8.01 -11.81
CA PRO F 130 70.24 -8.44 -10.43
C PRO F 130 71.45 -9.32 -10.07
N LYS F 131 71.87 -10.20 -10.99
CA LYS F 131 73.00 -11.08 -10.67
C LYS F 131 74.27 -10.35 -10.25
N ALA F 132 74.48 -9.15 -10.81
CA ALA F 132 75.62 -8.32 -10.49
C ALA F 132 75.37 -7.60 -9.17
N THR F 133 74.43 -6.64 -9.16
CA THR F 133 74.16 -5.84 -7.97
C THR F 133 73.58 -6.65 -6.82
N GLU F 134 73.03 -7.80 -7.11
CA GLU F 134 72.33 -8.61 -6.12
C GLU F 134 71.15 -7.85 -5.49
N LYS F 135 70.38 -7.16 -6.29
CA LYS F 135 69.45 -6.19 -5.77
C LYS F 135 68.31 -5.95 -6.74
N ASP F 136 67.15 -5.60 -6.21
CA ASP F 136 65.96 -5.36 -7.02
C ASP F 136 66.31 -4.50 -8.21
N VAL F 137 65.59 -4.67 -9.31
CA VAL F 137 65.77 -3.84 -10.47
C VAL F 137 64.49 -3.64 -11.24
N LEU F 138 64.22 -2.40 -11.61
CA LEU F 138 63.31 -2.10 -12.69
C LEU F 138 64.13 -1.83 -14.00
N THR F 139 64.31 -2.86 -14.83
CA THR F 139 65.12 -2.69 -16.01
C THR F 139 64.67 -1.55 -16.96
N GLU F 140 65.62 -1.08 -17.77
CA GLU F 140 65.35 -0.13 -18.82
C GLU F 140 64.58 -0.84 -19.91
N PRO F 141 63.72 -0.11 -20.64
CA PRO F 141 62.87 -0.79 -21.65
C PRO F 141 63.71 -1.63 -22.58
N TYR F 142 63.26 -2.80 -22.94
CA TYR F 142 64.02 -3.54 -23.93
C TYR F 142 63.14 -4.31 -24.89
N PHE F 143 63.76 -4.90 -25.89
CA PHE F 143 63.02 -5.51 -26.99
C PHE F 143 63.28 -6.98 -26.90
N TYR F 144 62.22 -7.75 -26.76
CA TYR F 144 62.30 -9.19 -26.52
C TYR F 144 61.15 -9.76 -27.34
N GLU F 145 61.49 -10.79 -28.13
CA GLU F 145 60.58 -11.32 -29.14
C GLU F 145 59.63 -10.20 -29.64
N GLY F 146 60.20 -9.20 -30.27
CA GLY F 146 59.40 -8.28 -31.05
C GLY F 146 58.36 -7.54 -30.25
N VAL F 147 58.55 -7.46 -28.94
CA VAL F 147 57.74 -6.53 -28.14
C VAL F 147 58.60 -5.79 -27.09
N PHE F 148 58.24 -4.53 -26.82
CA PHE F 148 59.02 -3.67 -25.91
C PHE F 148 58.40 -3.77 -24.54
N MET F 149 59.23 -3.92 -23.54
CA MET F 149 58.71 -4.20 -22.22
C MET F 149 59.71 -3.72 -21.18
N VAL F 150 59.25 -3.75 -19.94
CA VAL F 150 60.04 -3.35 -18.82
C VAL F 150 59.89 -4.43 -17.74
N SER F 151 60.96 -4.73 -17.01
CA SER F 151 60.94 -5.84 -16.04
C SER F 151 61.20 -5.46 -14.59
N TYR F 152 60.40 -6.08 -13.72
CA TYR F 152 60.45 -5.85 -12.31
C TYR F 152 61.04 -7.12 -11.81
N VAL F 153 62.31 -7.09 -11.37
CA VAL F 153 63.03 -8.32 -11.06
C VAL F 153 63.65 -8.33 -9.68
N SER F 154 63.53 -9.44 -8.97
CA SER F 154 64.19 -9.51 -7.68
C SER F 154 65.01 -10.79 -7.45
N PRO F 155 66.28 -10.62 -7.04
CA PRO F 155 67.17 -11.73 -6.84
C PRO F 155 66.62 -12.68 -5.81
N ILE F 156 66.73 -13.97 -6.11
CA ILE F 156 66.54 -15.03 -5.11
C ILE F 156 67.90 -15.34 -4.46
N MET F 157 68.13 -14.84 -3.25
CA MET F 157 69.38 -15.11 -2.57
C MET F 157 69.11 -16.25 -1.62
N LYS F 158 69.83 -17.36 -1.84
CA LYS F 158 69.86 -18.49 -0.91
C LYS F 158 71.12 -18.53 -0.07
N GLU F 159 70.92 -18.35 1.23
CA GLU F 159 71.97 -18.23 2.27
C GLU F 159 73.30 -17.68 1.78
N GLY F 160 73.33 -16.39 1.56
CA GLY F 160 74.49 -15.74 1.04
C GLY F 160 74.57 -15.79 -0.46
N GLU F 161 74.14 -16.89 -1.08
CA GLU F 161 74.45 -17.10 -2.49
C GLU F 161 73.37 -16.67 -3.47
N PHE F 162 73.74 -16.29 -4.69
CA PHE F 162 72.77 -15.85 -5.68
C PHE F 162 72.24 -17.03 -6.46
N ALA F 163 70.96 -17.37 -6.30
CA ALA F 163 70.40 -18.57 -6.93
C ALA F 163 69.61 -18.28 -8.19
N GLY F 164 69.24 -17.03 -8.43
CA GLY F 164 68.40 -16.72 -9.60
C GLY F 164 67.59 -15.44 -9.44
N ILE F 165 66.35 -15.44 -9.94
CA ILE F 165 65.49 -14.26 -9.84
C ILE F 165 64.03 -14.62 -10.00
N GLY F 166 63.17 -13.78 -9.44
CA GLY F 166 61.73 -13.86 -9.65
C GLY F 166 61.32 -12.52 -10.22
N GLY F 167 60.46 -12.52 -11.22
CA GLY F 167 60.12 -11.24 -11.81
C GLY F 167 58.78 -11.23 -12.49
N VAL F 168 58.39 -10.03 -12.95
CA VAL F 168 57.18 -9.82 -13.72
C VAL F 168 57.47 -8.77 -14.78
N ASP F 169 56.73 -8.80 -15.90
CA ASP F 169 56.90 -7.87 -17.02
C ASP F 169 55.65 -7.12 -17.27
N VAL F 170 55.79 -5.86 -17.66
CA VAL F 170 54.70 -5.03 -18.18
C VAL F 170 55.15 -4.43 -19.51
N SER F 171 54.24 -4.40 -20.48
CA SER F 171 54.60 -4.03 -21.85
C SER F 171 54.61 -2.54 -22.00
N LEU F 172 55.48 -2.02 -22.86
CA LEU F 172 55.42 -0.59 -23.12
C LEU F 172 54.01 -0.17 -23.62
N GLU F 173 53.35 -1.06 -24.37
CA GLU F 173 52.03 -0.79 -24.96
C GLU F 173 51.04 -0.47 -23.85
N TYR F 174 51.18 -1.23 -22.77
CA TYR F 174 50.35 -0.95 -21.64
C TYR F 174 50.54 0.50 -21.13
N VAL F 175 51.80 0.87 -20.88
CA VAL F 175 52.16 2.19 -20.36
C VAL F 175 51.66 3.34 -21.26
N ASP F 176 51.95 3.23 -22.55
CA ASP F 176 51.49 4.21 -23.52
C ASP F 176 49.98 4.26 -23.55
N GLU F 177 49.36 3.09 -23.41
CA GLU F 177 47.90 3.09 -23.36
C GLU F 177 47.46 3.95 -22.20
N VAL F 178 48.01 3.63 -21.03
CA VAL F 178 47.62 4.32 -19.83
C VAL F 178 48.06 5.80 -19.81
N VAL F 179 49.24 6.11 -20.35
CA VAL F 179 49.78 7.46 -20.20
C VAL F 179 49.21 8.48 -21.19
N SER F 180 49.19 8.11 -22.47
CA SER F 180 48.73 9.00 -23.53
C SER F 180 47.31 9.46 -23.29
N LYS F 181 46.62 8.82 -22.35
CA LYS F 181 45.30 9.28 -21.96
C LYS F 181 45.38 10.70 -21.39
N VAL F 182 46.49 11.04 -20.74
CA VAL F 182 46.59 12.36 -20.09
C VAL F 182 46.42 13.58 -21.01
N ARG F 183 46.05 14.72 -20.41
CA ARG F 183 45.92 15.94 -21.16
C ARG F 183 45.93 17.14 -20.23
N THR F 184 46.27 18.32 -20.75
CA THR F 184 46.37 19.49 -19.92
C THR F 184 46.30 20.69 -20.82
N PHE F 185 45.71 21.78 -20.31
CA PHE F 185 45.42 22.95 -21.15
C PHE F 185 44.67 22.50 -22.40
N ASP F 186 44.92 23.13 -23.55
CA ASP F 186 44.15 22.79 -24.76
C ASP F 186 44.75 21.60 -25.46
N THR F 187 45.93 21.84 -26.01
CA THR F 187 46.61 20.92 -26.87
C THR F 187 47.78 20.23 -26.15
N GLY F 188 47.86 20.39 -24.83
CA GLY F 188 48.95 19.84 -24.02
C GLY F 188 48.76 18.36 -23.75
N TYR F 189 49.85 17.68 -23.36
CA TYR F 189 49.86 16.23 -23.17
C TYR F 189 50.99 15.81 -22.19
N ALA F 190 51.32 14.52 -22.16
CA ALA F 190 52.34 14.01 -21.24
C ALA F 190 52.90 12.70 -21.73
N PHE F 191 54.18 12.46 -21.46
CA PHE F 191 54.73 11.15 -21.74
C PHE F 191 55.59 10.75 -20.59
N MET F 192 55.86 9.45 -20.50
CA MET F 192 56.68 8.89 -19.45
C MET F 192 58.03 8.60 -20.06
N VAL F 193 59.04 8.51 -19.20
CA VAL F 193 60.40 8.27 -19.65
C VAL F 193 61.10 7.36 -18.64
N SER F 194 61.99 6.50 -19.13
CA SER F 194 62.75 5.58 -18.29
C SER F 194 63.81 6.37 -17.52
N ASN F 195 64.62 5.66 -16.73
CA ASN F 195 65.58 6.36 -15.90
C ASN F 195 66.68 7.00 -16.77
N SER F 196 66.92 6.40 -17.94
CA SER F 196 67.97 6.90 -18.79
C SER F 196 67.40 7.56 -20.02
N GLY F 197 66.35 8.33 -19.84
CA GLY F 197 65.87 9.20 -20.89
C GLY F 197 64.97 8.58 -21.93
N VAL F 198 64.83 7.25 -21.97
CA VAL F 198 64.11 6.61 -23.08
C VAL F 198 62.62 6.92 -23.06
N ILE F 199 62.03 7.03 -24.25
CA ILE F 199 60.60 7.29 -24.36
C ILE F 199 59.68 6.05 -24.22
N LEU F 200 58.84 6.08 -23.20
CA LEU F 200 58.00 4.93 -22.91
C LEU F 200 56.60 5.05 -23.54
N SER F 201 56.27 6.21 -24.10
CA SER F 201 54.93 6.47 -24.58
C SER F 201 54.88 7.83 -25.30
N HIS F 202 53.95 7.97 -26.23
CA HIS F 202 53.70 9.24 -26.94
C HIS F 202 52.31 9.21 -27.59
N PRO F 203 51.56 10.31 -27.44
CA PRO F 203 50.16 10.30 -27.79
C PRO F 203 49.95 10.11 -29.29
N THR F 204 50.98 10.34 -30.09
CA THR F 204 50.88 10.30 -31.57
C THR F 204 52.08 9.69 -32.29
N HIS F 205 53.27 9.75 -31.73
CA HIS F 205 54.38 9.12 -32.43
C HIS F 205 54.80 7.70 -32.00
N LYS F 206 53.89 6.75 -32.12
CA LYS F 206 54.08 5.46 -31.51
C LYS F 206 55.42 4.83 -31.87
N ASP F 207 55.97 5.22 -33.00
CA ASP F 207 57.21 4.59 -33.45
C ASP F 207 58.40 5.08 -32.65
N TRP F 208 58.29 6.26 -32.05
CA TRP F 208 59.31 6.73 -31.12
C TRP F 208 59.43 5.83 -29.88
N ILE F 209 58.30 5.27 -29.43
CA ILE F 209 58.30 4.48 -28.18
C ILE F 209 59.34 3.36 -28.18
N GLY F 210 60.30 3.46 -27.27
CA GLY F 210 61.32 2.41 -27.14
C GLY F 210 62.57 2.68 -27.94
N LYS F 211 62.47 3.55 -28.95
CA LYS F 211 63.54 3.77 -29.89
C LYS F 211 64.20 5.15 -29.66
N LYS F 212 63.51 6.09 -29.04
CA LYS F 212 64.06 7.44 -28.91
C LYS F 212 64.27 7.78 -27.44
N ASP F 213 65.17 8.71 -27.19
CA ASP F 213 65.34 9.25 -25.87
C ASP F 213 65.38 10.76 -25.95
N LEU F 214 65.64 11.38 -24.82
CA LEU F 214 65.60 12.81 -24.74
C LEU F 214 66.64 13.53 -25.58
N TYR F 215 67.62 12.80 -26.08
CA TYR F 215 68.61 13.44 -26.92
C TYR F 215 68.05 13.56 -28.33
N ASP F 216 67.62 12.43 -28.86
CA ASP F 216 66.86 12.41 -30.09
C ASP F 216 65.76 13.49 -30.03
N PHE F 217 64.86 13.42 -29.04
CA PHE F 217 63.73 14.36 -28.91
C PHE F 217 64.16 15.82 -29.15
N GLY F 218 65.34 16.20 -28.64
CA GLY F 218 65.80 17.58 -28.82
C GLY F 218 67.25 17.93 -28.51
N GLY F 219 67.44 19.14 -27.96
CA GLY F 219 68.77 19.74 -27.89
C GLY F 219 69.85 18.99 -27.10
N GLU F 220 70.74 19.79 -26.52
CA GLU F 220 71.52 19.32 -25.42
C GLU F 220 71.09 20.28 -24.32
N GLU F 221 70.19 21.20 -24.65
CA GLU F 221 69.55 21.95 -23.59
C GLU F 221 68.71 20.90 -22.85
N LEU F 222 68.50 19.78 -23.55
CA LEU F 222 67.80 18.64 -23.00
C LEU F 222 68.73 17.70 -22.29
N GLU F 223 69.99 18.10 -22.13
CA GLU F 223 70.93 17.21 -21.49
C GLU F 223 70.98 17.45 -20.00
N LYS F 224 70.78 18.71 -19.63
CA LYS F 224 70.56 19.05 -18.26
C LYS F 224 69.39 18.25 -17.66
N ALA F 225 68.28 18.13 -18.40
CA ALA F 225 67.10 17.34 -17.95
C ALA F 225 67.33 15.82 -17.90
N SER F 226 68.06 15.27 -18.84
CA SER F 226 68.34 13.86 -18.76
C SER F 226 69.12 13.51 -17.50
N ARG F 227 70.08 14.36 -17.14
CA ARG F 227 70.86 14.19 -15.92
C ARG F 227 69.92 14.23 -14.72
N ASP F 228 69.14 15.30 -14.69
CA ASP F 228 68.19 15.46 -13.63
C ASP F 228 67.32 14.26 -13.47
N ILE F 229 66.88 13.63 -14.55
CA ILE F 229 66.02 12.49 -14.33
C ILE F 229 66.82 11.22 -13.99
N LYS F 230 68.07 11.12 -14.41
CA LYS F 230 68.82 9.92 -14.06
C LYS F 230 69.04 9.96 -12.57
N ASN F 231 69.13 11.18 -12.06
CA ASN F 231 69.37 11.39 -10.65
C ASN F 231 68.11 11.28 -9.83
N GLY F 232 66.95 11.43 -10.47
CA GLY F 232 65.70 11.50 -9.74
C GLY F 232 65.36 12.91 -9.33
N ILE F 233 65.69 13.90 -10.15
CA ILE F 233 65.37 15.26 -9.79
C ILE F 233 64.32 15.80 -10.73
N GLY F 234 63.36 16.56 -10.21
CA GLY F 234 62.34 17.16 -11.09
C GLY F 234 62.84 18.46 -11.66
N GLY F 235 62.03 19.11 -12.50
CA GLY F 235 62.35 20.44 -13.05
C GLY F 235 61.61 20.65 -14.37
N HIS F 236 61.96 21.72 -15.10
CA HIS F 236 61.24 22.09 -16.31
C HIS F 236 62.14 22.71 -17.34
N LEU F 237 61.77 22.64 -18.61
CA LEU F 237 62.54 23.27 -19.71
C LEU F 237 61.60 23.97 -20.68
N GLU F 238 62.16 24.81 -21.54
CA GLU F 238 61.46 25.23 -22.75
C GLU F 238 62.09 24.55 -23.94
N THR F 239 61.30 24.23 -24.94
CA THR F 239 61.90 23.62 -26.09
C THR F 239 60.85 23.59 -27.15
N ALA F 240 61.22 23.13 -28.34
CA ALA F 240 60.24 23.00 -29.40
C ALA F 240 59.74 21.58 -29.38
N ASP F 241 58.43 21.40 -29.46
CA ASP F 241 57.86 20.07 -29.63
C ASP F 241 58.25 19.55 -30.99
N PRO F 242 59.25 18.63 -31.06
CA PRO F 242 59.61 18.17 -32.40
C PRO F 242 58.43 17.55 -33.13
N THR F 243 57.24 17.55 -32.50
CA THR F 243 56.05 16.98 -33.11
C THR F 243 55.25 18.08 -33.77
N THR F 244 55.07 19.20 -33.10
CA THR F 244 54.63 20.36 -33.84
C THR F 244 55.83 21.23 -34.12
N GLY F 245 56.12 22.15 -33.21
CA GLY F 245 57.16 23.13 -33.45
C GLY F 245 56.65 24.26 -32.63
N LYS F 246 55.40 24.11 -32.23
CA LYS F 246 54.91 24.92 -31.14
C LYS F 246 55.95 24.70 -30.00
N THR F 247 56.38 25.80 -29.39
CA THR F 247 57.35 25.72 -28.32
C THR F 247 56.58 25.44 -27.04
N VAL F 248 57.09 24.46 -26.30
CA VAL F 248 56.45 23.90 -25.10
C VAL F 248 57.36 24.03 -23.88
N ILE F 249 56.75 23.97 -22.70
CA ILE F 249 57.54 23.73 -21.51
C ILE F 249 57.30 22.34 -21.05
N LEU F 250 58.38 21.61 -20.79
CA LEU F 250 58.34 20.29 -20.14
C LEU F 250 58.44 20.44 -18.62
N PHE F 251 57.49 19.87 -17.88
CA PHE F 251 57.65 19.72 -16.43
C PHE F 251 57.88 18.26 -16.17
N TYR F 252 59.02 17.91 -15.59
CA TYR F 252 59.36 16.47 -15.41
C TYR F 252 59.55 16.18 -13.92
N GLU F 253 58.93 15.11 -13.45
CA GLU F 253 59.02 14.74 -12.03
C GLU F 253 59.31 13.25 -11.88
N PRO F 254 60.14 12.89 -10.90
CA PRO F 254 60.67 11.51 -10.76
C PRO F 254 59.57 10.52 -10.41
N VAL F 255 59.56 9.36 -11.04
CA VAL F 255 58.64 8.34 -10.61
C VAL F 255 59.50 7.53 -9.69
N GLU F 256 59.17 7.51 -8.41
CA GLU F 256 60.09 7.00 -7.43
C GLU F 256 60.59 5.54 -7.60
N THR F 257 59.75 4.61 -8.01
CA THR F 257 60.28 3.27 -8.12
C THR F 257 60.87 3.15 -9.51
N GLY F 258 62.16 2.83 -9.60
CA GLY F 258 62.85 2.89 -10.88
C GLY F 258 63.55 4.22 -11.12
N ASP F 259 63.11 5.26 -10.44
CA ASP F 259 63.49 6.61 -10.81
C ASP F 259 63.21 7.02 -12.25
N PHE F 260 62.07 6.58 -12.78
CA PHE F 260 61.64 7.01 -14.08
C PHE F 260 61.13 8.45 -13.92
N ALA F 261 60.43 8.95 -14.94
CA ALA F 261 60.04 10.34 -14.97
C ALA F 261 58.71 10.52 -15.71
N PHE F 262 57.86 11.41 -15.17
CA PHE F 262 56.62 11.73 -15.83
C PHE F 262 56.75 13.15 -16.37
N VAL F 263 56.67 13.30 -17.70
CA VAL F 263 56.83 14.62 -18.31
C VAL F 263 55.51 15.22 -18.73
N LEU F 264 55.09 16.29 -18.09
CA LEU F 264 53.92 17.02 -18.57
C LEU F 264 54.35 18.04 -19.62
N VAL F 265 53.82 17.90 -20.83
CA VAL F 265 54.06 18.91 -21.86
C VAL F 265 53.04 20.07 -21.90
N VAL F 266 53.51 21.30 -21.79
CA VAL F 266 52.63 22.49 -21.73
C VAL F 266 52.89 23.53 -22.84
N PRO F 267 51.99 23.62 -23.84
CA PRO F 267 52.21 24.56 -24.95
C PRO F 267 52.45 25.97 -24.40
N LYS F 268 53.54 26.60 -24.84
CA LYS F 268 53.97 27.86 -24.22
C LYS F 268 52.88 28.94 -24.32
N GLU F 269 52.39 29.13 -25.54
CA GLU F 269 51.37 30.11 -25.83
C GLU F 269 50.29 30.05 -24.76
N GLU F 270 49.76 28.85 -24.54
CA GLU F 270 48.66 28.63 -23.57
C GLU F 270 48.97 28.91 -22.09
N MET F 271 50.20 28.66 -21.66
CA MET F 271 50.69 29.14 -20.36
C MET F 271 50.39 30.62 -20.25
N LEU F 272 50.46 31.29 -21.40
CA LEU F 272 50.31 32.74 -21.49
C LEU F 272 48.90 33.13 -21.92
N ALA F 273 48.17 32.18 -22.50
CA ALA F 273 46.73 32.32 -22.66
C ALA F 273 46.06 32.28 -21.29
N GLY F 274 46.68 31.59 -20.33
CA GLY F 274 46.11 31.44 -19.00
C GLY F 274 46.62 32.44 -17.97
N VAL F 275 47.78 33.04 -18.24
CA VAL F 275 48.35 34.00 -17.30
C VAL F 275 47.76 35.41 -17.46
N ALA F 276 47.28 35.73 -18.67
CA ALA F 276 46.54 36.98 -18.90
C ALA F 276 45.12 36.83 -18.36
N ASP F 277 44.56 35.64 -18.61
CA ASP F 277 43.22 35.27 -18.13
C ASP F 277 43.11 35.27 -16.61
N LEU F 278 44.20 34.96 -15.91
CA LEU F 278 44.24 35.09 -14.45
C LEU F 278 44.36 36.58 -14.06
N ARG F 279 45.02 37.36 -14.91
CA ARG F 279 45.15 38.80 -14.67
C ARG F 279 43.86 39.38 -14.06
N GLU F 280 42.70 38.89 -14.50
CA GLU F 280 41.42 39.31 -13.94
C GLU F 280 41.60 39.76 -12.49
N GLU G 10 -61.62 -8.06 51.90
CA GLU G 10 -60.83 -9.01 51.05
C GLU G 10 -61.72 -9.52 49.92
N LYS G 11 -61.62 -8.92 48.73
CA LYS G 11 -60.74 -7.77 48.47
C LYS G 11 -59.19 -7.93 48.33
N LEU G 12 -58.62 -8.66 47.36
CA LEU G 12 -59.26 -9.57 46.37
C LEU G 12 -60.10 -8.94 45.22
N ALA G 13 -60.96 -7.98 45.54
CA ALA G 13 -61.75 -7.33 44.50
C ALA G 13 -60.92 -6.23 43.84
N TYR G 14 -59.98 -5.70 44.63
CA TYR G 14 -59.09 -4.68 44.17
C TYR G 14 -58.02 -5.30 43.30
N GLN G 15 -57.57 -6.46 43.73
CA GLN G 15 -56.59 -7.18 42.96
C GLN G 15 -57.07 -7.36 41.53
N GLN G 16 -58.18 -6.76 41.13
CA GLN G 16 -58.90 -7.45 40.06
C GLN G 16 -59.17 -6.95 38.64
N SER G 17 -59.60 -5.73 38.32
CA SER G 17 -59.41 -4.44 38.98
C SER G 17 -58.05 -3.84 38.71
N VAL G 18 -57.06 -4.26 39.47
CA VAL G 18 -55.72 -3.80 39.20
C VAL G 18 -55.30 -4.61 38.00
N GLU G 19 -55.64 -5.89 37.99
CA GLU G 19 -55.22 -6.73 36.87
C GLU G 19 -55.96 -6.38 35.58
N MET G 20 -57.25 -6.08 35.69
CA MET G 20 -58.01 -5.64 34.54
C MET G 20 -57.34 -4.40 33.96
N ALA G 21 -57.14 -3.39 34.79
CA ALA G 21 -56.54 -2.13 34.35
C ALA G 21 -55.21 -2.39 33.64
N SER G 22 -54.41 -3.23 34.25
CA SER G 22 -53.17 -3.63 33.66
C SER G 22 -53.43 -4.16 32.27
N ASN G 23 -54.00 -5.36 32.19
CA ASN G 23 -54.42 -5.97 30.91
C ASN G 23 -54.80 -4.92 29.82
N TYR G 24 -55.67 -3.99 30.18
CA TYR G 24 -56.07 -2.96 29.25
C TYR G 24 -54.95 -2.07 28.78
N ALA G 25 -54.15 -1.57 29.70
CA ALA G 25 -53.04 -0.71 29.32
C ALA G 25 -52.24 -1.49 28.29
N ASN G 26 -52.00 -2.77 28.57
CA ASN G 26 -51.20 -3.53 27.66
C ASN G 26 -51.77 -3.67 26.27
N GLN G 27 -53.08 -3.87 26.16
CA GLN G 27 -53.72 -3.99 24.87
C GLN G 27 -53.72 -2.69 24.10
N PHE G 28 -53.78 -1.57 24.80
CA PHE G 28 -53.62 -0.33 24.09
C PHE G 28 -52.14 -0.12 23.76
N ASP G 29 -51.24 -0.63 24.58
CA ASP G 29 -49.82 -0.50 24.28
C ASP G 29 -49.44 -1.27 23.04
N ALA G 30 -50.21 -2.29 22.70
CA ALA G 30 -49.83 -3.15 21.58
C ALA G 30 -50.07 -2.36 20.30
N ASP G 31 -51.15 -1.62 20.27
CA ASP G 31 -51.45 -0.91 19.08
C ASP G 31 -50.46 0.20 18.94
N MET G 32 -49.99 0.70 20.07
CA MET G 32 -49.18 1.92 20.06
C MET G 32 -47.77 1.58 19.64
N LYS G 33 -47.29 0.44 20.11
CA LYS G 33 -46.02 -0.08 19.75
C LYS G 33 -45.98 -0.25 18.26
N ALA G 34 -47.03 -0.84 17.72
CA ALA G 34 -47.10 -1.06 16.28
C ALA G 34 -47.09 0.25 15.47
N ASN G 35 -47.79 1.27 15.95
CA ASN G 35 -47.66 2.56 15.35
C ASN G 35 -46.23 3.04 15.34
N LEU G 36 -45.61 3.12 16.52
CA LEU G 36 -44.19 3.44 16.61
C LEU G 36 -43.33 2.61 15.62
N ALA G 37 -43.45 1.29 15.65
CA ALA G 37 -42.85 0.44 14.64
C ALA G 37 -43.00 0.95 13.18
N ILE G 38 -44.12 1.57 12.85
CA ILE G 38 -44.26 2.02 11.47
C ILE G 38 -43.41 3.25 11.35
N ALA G 39 -43.54 4.19 12.27
CA ALA G 39 -42.67 5.36 12.23
C ALA G 39 -41.18 4.94 12.20
N ARG G 40 -40.77 4.08 13.12
CA ARG G 40 -39.38 3.66 13.16
C ARG G 40 -38.96 3.16 11.79
N THR G 41 -39.60 2.12 11.27
CA THR G 41 -39.41 1.72 9.88
C THR G 41 -39.36 2.89 8.84
N ILE G 42 -40.24 3.88 8.91
CA ILE G 42 -40.20 4.87 7.85
C ILE G 42 -38.93 5.74 7.88
N SER G 43 -38.40 6.00 9.07
CA SER G 43 -37.09 6.67 9.18
C SER G 43 -35.92 5.72 8.85
N THR G 44 -35.83 4.53 9.44
CA THR G 44 -34.77 3.65 8.98
C THR G 44 -34.84 3.49 7.44
N THR G 45 -36.00 3.69 6.86
CA THR G 45 -35.98 3.50 5.42
C THR G 45 -35.31 4.67 4.71
N MET G 46 -35.88 5.85 4.84
CA MET G 46 -35.23 7.08 4.41
C MET G 46 -33.72 7.06 4.64
N GLU G 47 -33.27 6.80 5.87
CA GLU G 47 -31.83 6.61 6.05
C GLU G 47 -31.12 5.66 5.05
N SER G 48 -31.80 4.67 4.50
CA SER G 48 -31.15 3.84 3.51
C SER G 48 -31.52 4.27 2.09
N TYR G 49 -32.08 5.45 1.96
CA TYR G 49 -32.62 5.88 0.68
C TYR G 49 -31.77 6.97 0.04
N GLU G 50 -30.79 6.56 -0.77
CA GLU G 50 -29.96 7.53 -1.51
C GLU G 50 -30.59 8.00 -2.82
N THR G 51 -31.53 7.25 -3.38
CA THR G 51 -32.29 7.74 -4.54
C THR G 51 -33.05 9.03 -4.23
N ALA G 52 -32.86 9.59 -3.05
CA ALA G 52 -33.73 10.69 -2.62
C ALA G 52 -34.73 11.27 -3.65
N ASP G 53 -35.69 10.44 -4.09
CA ASP G 53 -36.76 10.88 -5.01
C ASP G 53 -38.05 11.35 -4.33
N ARG G 54 -38.34 12.65 -4.40
CA ARG G 54 -39.50 13.18 -3.70
C ARG G 54 -40.84 12.51 -4.06
N ASP G 55 -41.05 12.29 -5.36
CA ASP G 55 -42.32 11.69 -5.76
C ASP G 55 -42.48 10.27 -5.22
N GLU G 56 -41.46 9.43 -5.35
CA GLU G 56 -41.43 8.11 -4.74
C GLU G 56 -41.63 8.13 -3.18
N ALA G 57 -41.00 9.07 -2.50
CA ALA G 57 -41.17 9.16 -1.06
C ALA G 57 -42.65 9.32 -0.80
N LEU G 58 -43.26 10.28 -1.49
CA LEU G 58 -44.66 10.62 -1.31
C LEU G 58 -45.57 9.41 -1.53
N LEU G 59 -45.11 8.49 -2.38
CA LEU G 59 -45.90 7.34 -2.76
C LEU G 59 -45.89 6.35 -1.59
N ILE G 60 -44.70 6.14 -1.05
CA ILE G 60 -44.48 5.32 0.13
C ILE G 60 -45.36 5.87 1.21
N LEU G 61 -45.30 7.17 1.45
CA LEU G 61 -46.07 7.71 2.55
C LEU G 61 -47.52 7.44 2.27
N GLU G 62 -47.99 7.83 1.10
CA GLU G 62 -49.40 7.60 0.71
C GLU G 62 -49.88 6.14 0.76
N ASN G 63 -49.21 5.24 0.08
CA ASN G 63 -49.56 3.87 0.27
C ASN G 63 -49.59 3.35 1.73
N LEU G 64 -48.71 3.85 2.58
CA LEU G 64 -48.72 3.45 3.99
C LEU G 64 -49.92 3.99 4.75
N LEU G 65 -50.26 5.26 4.52
CA LEU G 65 -51.46 5.84 5.12
C LEU G 65 -52.66 5.05 4.65
N ARG G 66 -52.62 4.57 3.41
CA ARG G 66 -53.80 3.94 2.87
C ARG G 66 -53.92 2.56 3.48
N ASP G 67 -52.81 1.94 3.78
CA ASP G 67 -52.88 0.53 4.16
C ASP G 67 -52.99 0.42 5.68
N ASN G 68 -53.20 1.57 6.30
CA ASN G 68 -53.23 1.67 7.75
C ASN G 68 -54.34 2.60 8.17
N PRO G 69 -55.57 2.08 8.06
CA PRO G 69 -56.88 2.69 8.27
C PRO G 69 -56.96 3.57 9.49
N HIS G 70 -56.36 3.14 10.62
CA HIS G 70 -56.57 3.90 11.85
C HIS G 70 -55.59 5.05 12.01
N LEU G 71 -54.68 5.20 11.07
CA LEU G 71 -53.79 6.31 11.17
C LEU G 71 -54.43 7.53 10.54
N LEU G 72 -54.31 8.66 11.23
CA LEU G 72 -54.71 9.94 10.69
C LEU G 72 -53.86 10.39 9.48
N GLY G 73 -52.54 10.24 9.59
CA GLY G 73 -51.64 10.77 8.56
C GLY G 73 -50.27 10.13 8.57
N THR G 74 -49.56 10.20 7.45
CA THR G 74 -48.17 9.79 7.46
C THR G 74 -47.29 10.95 6.96
N TYR G 75 -46.01 10.94 7.32
CA TYR G 75 -45.16 12.10 7.03
C TYR G 75 -43.71 11.90 7.32
N VAL G 76 -42.92 12.51 6.44
CA VAL G 76 -41.47 12.60 6.56
C VAL G 76 -41.08 14.09 6.62
N ALA G 77 -39.99 14.43 7.28
CA ALA G 77 -39.67 15.85 7.38
C ALA G 77 -38.18 16.10 7.58
N PHE G 78 -37.61 16.97 6.73
CA PHE G 78 -36.15 17.14 6.66
C PHE G 78 -35.56 18.52 6.96
N GLU G 79 -34.41 18.52 7.63
CA GLU G 79 -33.49 19.68 7.74
C GLU G 79 -33.16 20.33 6.35
N PRO G 80 -33.11 21.68 6.31
CA PRO G 80 -32.97 22.37 5.02
C PRO G 80 -31.91 21.71 4.17
N ASP G 81 -32.31 21.22 2.99
CA ASP G 81 -31.42 20.58 2.00
C ASP G 81 -30.95 19.19 2.40
N ALA G 82 -31.51 18.70 3.50
CA ALA G 82 -31.15 17.38 4.07
C ALA G 82 -31.56 16.12 3.27
N PHE G 83 -32.42 16.27 2.27
CA PHE G 83 -33.01 15.09 1.64
C PHE G 83 -32.36 14.76 0.31
N ASP G 84 -32.38 15.72 -0.61
CA ASP G 84 -31.84 15.57 -1.98
C ASP G 84 -31.03 16.80 -2.39
N GLY G 85 -30.93 17.77 -1.50
CA GLY G 85 -30.08 18.92 -1.76
C GLY G 85 -30.66 19.99 -2.68
N LYS G 86 -31.93 19.91 -3.04
CA LYS G 86 -32.50 20.86 -3.95
C LYS G 86 -33.79 21.48 -3.43
N ASP G 87 -33.79 21.95 -2.20
CA ASP G 87 -35.00 22.61 -1.66
C ASP G 87 -35.47 23.70 -2.58
N ALA G 88 -34.51 24.49 -3.10
CA ALA G 88 -34.82 25.68 -3.88
C ALA G 88 -35.65 25.37 -5.14
N GLU G 89 -35.33 24.24 -5.78
CA GLU G 89 -36.05 23.77 -6.95
C GLU G 89 -37.53 23.59 -6.67
N TYR G 90 -37.84 23.34 -5.40
CA TYR G 90 -39.17 22.88 -5.05
C TYR G 90 -39.99 23.94 -4.38
N THR G 91 -39.54 25.17 -4.58
CA THR G 91 -40.00 26.28 -3.78
C THR G 91 -41.44 26.69 -4.09
N ASN G 92 -42.34 25.78 -3.75
CA ASN G 92 -43.78 25.97 -3.90
C ASN G 92 -44.33 25.24 -5.12
N SER G 93 -44.05 23.93 -5.09
CA SER G 93 -44.77 22.96 -5.85
C SER G 93 -45.91 22.57 -4.93
N PRO G 94 -46.71 21.58 -5.31
CA PRO G 94 -47.68 21.17 -4.31
C PRO G 94 -46.96 20.41 -3.20
N ALA G 95 -47.59 20.28 -2.04
CA ALA G 95 -47.02 19.47 -0.94
C ALA G 95 -45.86 20.16 -0.21
N HIS G 96 -45.24 21.12 -0.88
CA HIS G 96 -44.13 21.86 -0.29
C HIS G 96 -44.62 23.22 0.18
N ASP G 97 -43.70 24.06 0.64
CA ASP G 97 -44.01 25.41 1.08
C ASP G 97 -42.87 26.38 0.70
N GLY G 98 -42.91 27.55 1.32
CA GLY G 98 -41.90 28.59 1.06
C GLY G 98 -40.45 28.12 1.10
N THR G 99 -40.12 27.14 1.94
CA THR G 99 -38.74 26.69 2.09
C THR G 99 -38.34 25.53 1.17
N GLY G 100 -39.28 25.03 0.39
CA GLY G 100 -38.97 23.89 -0.45
C GLY G 100 -38.35 22.76 0.33
N ARG G 101 -38.32 22.86 1.65
CA ARG G 101 -37.93 21.69 2.47
C ARG G 101 -38.87 20.51 2.19
N PHE G 102 -38.34 19.28 2.18
CA PHE G 102 -39.23 18.10 2.05
C PHE G 102 -40.02 17.85 3.34
N VAL G 103 -41.22 18.41 3.43
CA VAL G 103 -42.09 18.24 4.62
C VAL G 103 -43.53 17.71 4.29
N PRO G 104 -43.62 16.63 3.50
CA PRO G 104 -44.91 16.13 3.00
C PRO G 104 -45.80 15.50 4.07
N TYR G 105 -47.04 15.98 4.22
CA TYR G 105 -47.99 15.37 5.16
C TYR G 105 -49.20 14.72 4.49
N TRP G 106 -49.14 13.40 4.28
CA TRP G 106 -50.29 12.64 3.78
C TRP G 106 -51.36 12.36 4.82
N ASN G 107 -52.41 13.18 4.89
CA ASN G 107 -53.50 13.00 5.90
C ASN G 107 -54.97 12.81 5.45
N LYS G 108 -55.75 12.24 6.37
CA LYS G 108 -57.19 12.11 6.24
C LYS G 108 -57.86 13.24 7.05
N MET G 109 -57.14 14.35 7.27
CA MET G 109 -57.67 15.47 8.05
C MET G 109 -58.92 16.16 7.46
N ASN G 110 -59.36 15.80 6.25
CA ASN G 110 -60.65 16.35 5.80
C ASN G 110 -61.56 15.27 5.26
N GLY G 111 -61.89 14.29 6.12
CA GLY G 111 -62.54 13.06 5.68
C GLY G 111 -61.70 12.41 4.60
N THR G 112 -61.25 13.22 3.65
CA THR G 112 -60.54 12.80 2.43
C THR G 112 -59.02 12.52 2.59
N ALA G 113 -58.40 11.92 1.59
CA ALA G 113 -56.96 11.60 1.65
C ALA G 113 -56.05 12.51 0.82
N SER G 114 -55.83 13.74 1.28
CA SER G 114 -54.98 14.70 0.57
C SER G 114 -53.58 14.80 1.16
N VAL G 115 -52.68 15.47 0.44
CA VAL G 115 -51.29 15.73 0.89
C VAL G 115 -51.04 17.21 1.19
N ALA G 116 -50.19 17.54 2.16
CA ALA G 116 -49.94 18.97 2.41
C ALA G 116 -48.63 19.26 3.12
N PRO G 117 -48.07 20.46 2.89
CA PRO G 117 -46.83 20.77 3.55
C PRO G 117 -47.11 20.74 5.04
N LEU G 118 -46.21 20.17 5.83
CA LEU G 118 -46.32 20.21 7.27
C LEU G 118 -46.35 21.66 7.78
N LEU G 119 -46.74 21.86 9.04
CA LEU G 119 -46.83 23.21 9.60
C LEU G 119 -46.18 23.25 10.95
N HIS G 120 -45.69 24.42 11.35
CA HIS G 120 -45.01 24.63 12.64
C HIS G 120 -43.89 23.59 12.98
N TYR G 121 -43.08 23.20 12.01
CA TYR G 121 -42.13 22.14 12.33
C TYR G 121 -40.89 22.72 12.95
N ASP G 122 -40.87 24.03 13.09
CA ASP G 122 -39.75 24.67 13.75
C ASP G 122 -40.15 25.04 15.13
N SER G 123 -41.17 24.35 15.63
CA SER G 123 -41.68 24.65 16.96
C SER G 123 -42.40 23.51 17.64
N SER G 124 -43.26 22.76 16.96
CA SER G 124 -43.98 21.71 17.70
C SER G 124 -43.06 20.55 18.06
N ASP G 125 -43.39 19.86 19.14
CA ASP G 125 -42.59 18.74 19.54
C ASP G 125 -42.40 17.73 18.42
N TYR G 126 -43.44 17.46 17.62
CA TYR G 126 -43.34 16.33 16.69
C TYR G 126 -42.02 16.40 15.94
N TYR G 127 -41.46 17.61 15.82
CA TYR G 127 -40.16 17.78 15.17
C TYR G 127 -39.08 18.26 16.14
N GLN G 128 -39.34 19.30 16.91
CA GLN G 128 -38.29 19.79 17.81
C GLN G 128 -37.79 18.73 18.81
N LEU G 129 -38.70 17.91 19.34
CA LEU G 129 -38.31 16.90 20.29
C LEU G 129 -37.42 15.79 19.73
N PRO G 130 -37.84 15.16 18.61
CA PRO G 130 -36.94 14.13 18.08
C PRO G 130 -35.60 14.78 17.70
N LYS G 131 -35.67 16.03 17.27
CA LYS G 131 -34.47 16.79 16.99
C LYS G 131 -33.68 16.93 18.27
N ALA G 132 -34.28 17.52 19.29
CA ALA G 132 -33.58 17.65 20.56
C ALA G 132 -32.97 16.32 21.06
N THR G 133 -33.72 15.22 21.06
CA THR G 133 -33.20 14.06 21.76
C THR G 133 -32.46 13.11 20.82
N GLU G 134 -32.67 13.25 19.52
CA GLU G 134 -32.25 12.23 18.58
C GLU G 134 -32.67 10.81 18.96
N LYS G 135 -33.79 10.65 19.68
CA LYS G 135 -34.37 9.32 20.00
C LYS G 135 -35.80 9.39 19.52
N ASP G 136 -36.51 8.26 19.46
CA ASP G 136 -37.96 8.28 19.15
C ASP G 136 -38.83 9.12 20.12
N VAL G 137 -40.13 9.20 19.82
CA VAL G 137 -41.06 10.00 20.61
C VAL G 137 -42.54 9.62 20.30
N LEU G 138 -43.37 9.42 21.32
CA LEU G 138 -44.80 9.54 21.13
C LEU G 138 -45.11 10.90 21.70
N THR G 139 -45.43 11.91 20.90
CA THR G 139 -45.63 13.26 21.48
C THR G 139 -46.86 13.42 22.35
N GLU G 140 -46.89 14.52 23.06
CA GLU G 140 -48.00 14.87 23.92
C GLU G 140 -49.10 15.30 23.01
N PRO G 141 -50.34 15.24 23.48
CA PRO G 141 -51.39 15.59 22.53
C PRO G 141 -51.32 17.07 22.23
N TYR G 142 -51.38 17.43 20.96
CA TYR G 142 -51.44 18.82 20.56
C TYR G 142 -52.52 19.01 19.53
N PHE G 143 -53.01 20.24 19.48
CA PHE G 143 -54.02 20.68 18.53
C PHE G 143 -53.39 21.19 17.24
N TYR G 144 -53.61 20.53 16.11
CA TYR G 144 -52.98 20.93 14.84
C TYR G 144 -54.00 20.98 13.72
N GLU G 145 -54.07 22.12 13.02
CA GLU G 145 -55.12 22.37 12.02
C GLU G 145 -56.47 21.96 12.58
N GLY G 146 -56.89 22.59 13.66
CA GLY G 146 -58.17 22.26 14.24
C GLY G 146 -58.43 20.83 14.70
N VAL G 147 -57.54 19.87 14.44
CA VAL G 147 -57.74 18.54 15.08
C VAL G 147 -56.73 18.21 16.21
N PHE G 148 -57.23 17.65 17.32
CA PHE G 148 -56.39 17.12 18.41
C PHE G 148 -55.90 15.76 17.96
N MET G 149 -54.56 15.64 17.88
CA MET G 149 -53.86 14.40 17.50
C MET G 149 -52.67 14.04 18.40
N VAL G 150 -52.05 12.93 18.06
CA VAL G 150 -50.88 12.45 18.76
C VAL G 150 -49.94 11.83 17.73
N SER G 151 -48.67 12.26 17.71
CA SER G 151 -47.69 11.71 16.72
C SER G 151 -46.66 10.75 17.30
N TYR G 152 -46.47 9.64 16.59
CA TYR G 152 -45.37 8.69 16.82
C TYR G 152 -44.21 9.04 15.87
N VAL G 153 -43.21 9.76 16.37
CA VAL G 153 -42.15 10.25 15.50
C VAL G 153 -40.85 9.52 15.69
N SER G 154 -40.00 9.57 14.68
CA SER G 154 -38.71 8.88 14.79
C SER G 154 -37.58 9.54 13.98
N PRO G 155 -36.46 9.86 14.64
CA PRO G 155 -35.46 10.69 14.00
C PRO G 155 -34.67 9.94 12.89
N ILE G 156 -34.44 10.65 11.79
CA ILE G 156 -33.65 10.15 10.67
C ILE G 156 -32.18 10.51 10.91
N MET G 157 -31.32 9.51 11.08
CA MET G 157 -29.94 9.79 11.46
C MET G 157 -29.01 9.28 10.36
N LYS G 158 -28.61 10.19 9.48
CA LYS G 158 -27.62 9.88 8.45
C LYS G 158 -26.17 10.00 8.95
N GLU G 159 -25.52 8.83 9.06
CA GLU G 159 -24.15 8.68 9.64
C GLU G 159 -23.81 9.79 10.63
N GLY G 160 -24.30 9.67 11.85
CA GLY G 160 -23.90 10.58 12.91
C GLY G 160 -24.81 11.77 13.05
N GLU G 161 -25.48 12.15 11.98
CA GLU G 161 -26.14 13.46 11.95
C GLU G 161 -27.66 13.43 11.79
N PHE G 162 -28.33 14.46 12.29
CA PHE G 162 -29.78 14.50 12.28
C PHE G 162 -30.35 15.09 10.99
N ALA G 163 -31.00 14.26 10.19
CA ALA G 163 -31.51 14.66 8.90
C ALA G 163 -32.96 15.16 8.94
N GLY G 164 -33.70 14.71 9.96
CA GLY G 164 -35.14 15.00 10.10
C GLY G 164 -35.85 13.78 10.67
N ILE G 165 -37.18 13.74 10.49
CA ILE G 165 -38.04 12.70 11.07
C ILE G 165 -38.87 11.92 10.05
N GLY G 166 -39.43 10.82 10.52
CA GLY G 166 -40.52 10.11 9.88
C GLY G 166 -41.55 9.92 10.96
N GLY G 167 -42.83 10.00 10.61
CA GLY G 167 -43.89 9.79 11.61
C GLY G 167 -45.21 9.19 11.15
N VAL G 168 -46.06 8.81 12.11
CA VAL G 168 -47.46 8.60 11.84
C VAL G 168 -48.28 9.32 12.87
N ASP G 169 -49.49 9.71 12.47
CA ASP G 169 -50.44 10.40 13.35
C ASP G 169 -51.65 9.54 13.75
N VAL G 170 -52.17 9.76 14.94
CA VAL G 170 -53.41 9.14 15.37
C VAL G 170 -54.30 10.25 15.96
N SER G 171 -55.53 10.39 15.48
CA SER G 171 -56.36 11.50 15.96
C SER G 171 -56.88 11.15 17.34
N LEU G 172 -57.02 12.15 18.18
CA LEU G 172 -57.55 11.86 19.50
C LEU G 172 -58.98 11.28 19.38
N GLU G 173 -59.77 11.89 18.49
CA GLU G 173 -61.09 11.37 18.19
C GLU G 173 -61.08 9.85 17.92
N TYR G 174 -60.03 9.35 17.30
CA TYR G 174 -59.92 7.93 17.11
C TYR G 174 -59.76 7.19 18.46
N VAL G 175 -58.84 7.66 19.31
CA VAL G 175 -58.58 7.04 20.61
C VAL G 175 -59.86 6.94 21.42
N ASP G 176 -60.53 8.10 21.57
CA ASP G 176 -61.80 8.19 22.31
C ASP G 176 -62.82 7.20 21.82
N GLU G 177 -62.97 7.19 20.51
CA GLU G 177 -63.73 6.19 19.82
C GLU G 177 -63.41 4.76 20.29
N VAL G 178 -62.15 4.40 20.48
CA VAL G 178 -61.90 3.02 20.91
C VAL G 178 -62.00 2.83 22.43
N VAL G 179 -61.63 3.85 23.20
CA VAL G 179 -61.55 3.74 24.64
C VAL G 179 -62.94 3.80 25.34
N SER G 180 -63.80 4.73 24.91
CA SER G 180 -65.09 4.90 25.55
C SER G 180 -65.97 3.65 25.36
N LYS G 181 -65.64 2.83 24.38
CA LYS G 181 -66.21 1.47 24.33
C LYS G 181 -66.16 0.70 25.66
N VAL G 182 -65.08 0.82 26.42
CA VAL G 182 -64.87 -0.08 27.57
C VAL G 182 -65.88 0.14 28.70
N ARG G 183 -66.35 -0.96 29.28
CA ARG G 183 -67.29 -0.88 30.40
C ARG G 183 -66.84 -1.81 31.55
N THR G 184 -67.04 -1.39 32.79
CA THR G 184 -66.58 -2.19 33.91
C THR G 184 -67.54 -2.06 35.09
N PHE G 185 -67.87 -3.19 35.74
CA PHE G 185 -68.96 -3.29 36.76
C PHE G 185 -70.34 -2.90 36.16
N ASP G 186 -71.06 -2.00 36.83
CA ASP G 186 -72.39 -1.56 36.36
C ASP G 186 -72.27 -0.33 35.47
N THR G 187 -71.97 0.82 36.09
CA THR G 187 -71.76 2.05 35.30
C THR G 187 -70.27 2.45 35.23
N GLY G 188 -69.42 1.45 35.45
CA GLY G 188 -67.97 1.59 35.35
C GLY G 188 -67.45 1.83 33.94
N TYR G 189 -66.62 2.86 33.79
CA TYR G 189 -66.01 3.19 32.51
C TYR G 189 -64.47 3.38 32.59
N ALA G 190 -63.88 3.89 31.50
CA ALA G 190 -62.43 3.94 31.33
C ALA G 190 -62.04 5.12 30.43
N PHE G 191 -60.87 5.69 30.67
CA PHE G 191 -60.36 6.76 29.81
C PHE G 191 -58.83 6.76 29.77
N MET G 192 -58.25 7.20 28.65
CA MET G 192 -56.77 7.32 28.49
C MET G 192 -56.25 8.71 28.77
N VAL G 193 -54.97 8.77 29.09
CA VAL G 193 -54.39 10.03 29.47
C VAL G 193 -52.92 10.07 28.97
N SER G 194 -52.46 11.23 28.50
CA SER G 194 -51.12 11.31 27.96
C SER G 194 -50.19 11.25 29.14
N ASN G 195 -48.88 11.33 28.87
CA ASN G 195 -47.90 11.17 29.92
C ASN G 195 -47.95 12.29 30.94
N SER G 196 -48.31 13.49 30.49
CA SER G 196 -48.48 14.61 31.44
C SER G 196 -49.97 14.78 31.82
N GLY G 197 -50.70 13.69 31.58
CA GLY G 197 -52.01 13.47 32.17
C GLY G 197 -53.08 14.27 31.48
N VAL G 198 -52.81 14.71 30.25
CA VAL G 198 -53.87 15.37 29.53
C VAL G 198 -54.94 14.32 29.17
N ILE G 199 -56.20 14.74 29.13
CA ILE G 199 -57.28 13.78 28.90
C ILE G 199 -57.47 13.41 27.41
N LEU G 200 -57.40 12.12 27.08
CA LEU G 200 -57.29 11.71 25.68
C LEU G 200 -58.61 11.27 25.09
N SER G 201 -59.51 10.83 25.97
CA SER G 201 -60.78 10.24 25.60
C SER G 201 -61.73 10.42 26.78
N HIS G 202 -63.02 10.15 26.57
CA HIS G 202 -64.02 10.17 27.67
C HIS G 202 -65.40 9.80 27.16
N PRO G 203 -66.16 8.99 27.92
CA PRO G 203 -67.43 8.45 27.42
C PRO G 203 -68.51 9.51 27.25
N THR G 204 -68.57 10.48 28.15
CA THR G 204 -69.59 11.53 28.04
C THR G 204 -69.01 12.88 27.67
N HIS G 205 -68.32 13.54 28.58
CA HIS G 205 -67.80 14.88 28.33
C HIS G 205 -66.68 15.02 27.27
N LYS G 206 -67.04 14.96 25.99
CA LYS G 206 -66.07 15.02 24.90
C LYS G 206 -65.34 16.33 24.83
N ASP G 207 -65.86 17.35 25.49
CA ASP G 207 -65.22 18.68 25.41
C ASP G 207 -63.89 18.63 26.12
N TRP G 208 -63.84 17.80 27.17
CA TRP G 208 -62.62 17.60 27.94
C TRP G 208 -61.43 17.12 27.09
N ILE G 209 -61.66 16.10 26.25
CA ILE G 209 -60.64 15.52 25.40
C ILE G 209 -59.74 16.57 24.79
N GLY G 210 -58.44 16.49 25.08
CA GLY G 210 -57.47 17.37 24.49
C GLY G 210 -57.40 18.72 25.16
N LYS G 211 -58.41 19.05 25.97
CA LYS G 211 -58.48 20.38 26.59
C LYS G 211 -58.22 20.38 28.10
N LYS G 212 -58.57 19.29 28.78
CA LYS G 212 -58.41 19.16 30.27
C LYS G 212 -57.28 18.21 30.70
N ASP G 213 -56.75 18.36 31.92
CA ASP G 213 -55.86 17.36 32.47
C ASP G 213 -56.27 16.92 33.87
N LEU G 214 -55.42 16.17 34.55
CA LEU G 214 -55.78 15.68 35.86
C LEU G 214 -55.71 16.80 36.87
N TYR G 215 -54.96 17.84 36.56
CA TYR G 215 -54.87 18.96 37.46
C TYR G 215 -56.16 19.72 37.40
N ASP G 216 -57.03 19.31 36.48
CA ASP G 216 -58.36 19.94 36.36
C ASP G 216 -59.43 19.09 37.07
N PHE G 217 -59.69 17.87 36.58
CA PHE G 217 -60.46 16.88 37.35
C PHE G 217 -60.36 17.21 38.87
N GLY G 218 -59.40 18.03 39.30
CA GLY G 218 -59.59 18.77 40.57
C GLY G 218 -58.83 18.51 41.87
N GLY G 219 -59.18 17.42 42.57
CA GLY G 219 -58.62 17.13 43.90
C GLY G 219 -57.12 16.83 43.97
N GLU G 220 -56.53 16.95 45.16
CA GLU G 220 -55.07 16.88 45.28
C GLU G 220 -54.44 15.46 45.30
N GLU G 221 -55.25 14.40 45.26
CA GLU G 221 -54.68 13.06 45.09
C GLU G 221 -54.35 12.97 43.63
N LEU G 222 -55.02 13.83 42.87
CA LEU G 222 -54.88 13.84 41.44
C LEU G 222 -53.56 14.46 41.03
N GLU G 223 -53.03 15.38 41.84
CA GLU G 223 -51.68 15.88 41.60
C GLU G 223 -50.69 14.75 41.81
N LYS G 224 -50.81 14.03 42.91
CA LYS G 224 -49.87 12.97 43.15
C LYS G 224 -50.06 11.89 42.11
N ALA G 225 -51.28 11.69 41.63
CA ALA G 225 -51.46 10.66 40.62
C ALA G 225 -50.73 11.13 39.38
N SER G 226 -50.97 12.36 38.98
CA SER G 226 -50.26 12.94 37.84
C SER G 226 -48.76 12.58 37.80
N ARG G 227 -48.06 12.70 38.92
CA ARG G 227 -46.63 12.46 38.96
C ARG G 227 -46.32 10.99 38.76
N ASP G 228 -47.20 10.16 39.31
CA ASP G 228 -47.08 8.73 39.20
C ASP G 228 -47.02 8.29 37.74
N ILE G 229 -47.86 8.93 36.95
CA ILE G 229 -48.01 8.49 35.58
C ILE G 229 -47.04 9.23 34.67
N LYS G 230 -46.54 10.37 35.10
CA LYS G 230 -45.38 10.92 34.41
C LYS G 230 -44.16 10.00 34.51
N ASN G 231 -44.02 9.30 35.64
CA ASN G 231 -42.93 8.34 35.81
C ASN G 231 -43.35 6.98 35.40
N GLY G 232 -44.51 6.84 34.79
CA GLY G 232 -44.95 5.52 34.35
C GLY G 232 -45.22 4.57 35.49
N ILE G 233 -45.65 5.07 36.64
CA ILE G 233 -46.02 4.20 37.74
C ILE G 233 -47.53 4.03 37.83
N GLY G 234 -48.01 2.82 38.08
CA GLY G 234 -49.46 2.59 38.30
C GLY G 234 -49.90 2.83 39.75
N GLY G 235 -51.20 2.85 39.99
CA GLY G 235 -51.77 3.01 41.36
C GLY G 235 -53.27 3.22 41.35
N HIS G 236 -53.86 3.46 42.50
CA HIS G 236 -55.31 3.75 42.56
C HIS G 236 -55.62 4.65 43.73
N LEU G 237 -56.35 5.71 43.48
CA LEU G 237 -56.71 6.62 44.52
C LEU G 237 -58.22 6.80 44.49
N GLU G 238 -58.77 7.42 45.54
CA GLU G 238 -60.18 7.76 45.50
C GLU G 238 -60.39 9.22 45.28
N THR G 239 -61.35 9.53 44.44
CA THR G 239 -61.65 10.92 44.21
C THR G 239 -63.10 11.11 43.84
N ALA G 240 -63.52 12.37 43.86
CA ALA G 240 -64.90 12.73 43.63
C ALA G 240 -65.11 13.08 42.17
N ASP G 241 -65.94 12.28 41.51
CA ASP G 241 -66.42 12.56 40.17
C ASP G 241 -66.74 14.05 40.00
N PRO G 242 -66.38 14.65 38.85
CA PRO G 242 -66.91 15.99 38.67
C PRO G 242 -68.38 15.84 38.25
N THR G 243 -68.61 15.53 36.98
CA THR G 243 -69.95 15.10 36.55
C THR G 243 -70.90 15.07 37.78
N THR G 244 -71.22 13.85 38.22
CA THR G 244 -72.07 13.64 39.41
C THR G 244 -71.42 14.26 40.66
N GLY G 245 -71.07 13.43 41.64
CA GLY G 245 -70.45 13.95 42.84
C GLY G 245 -70.03 12.86 43.80
N LYS G 246 -70.61 11.67 43.67
CA LYS G 246 -70.19 10.55 44.52
C LYS G 246 -68.70 10.20 44.29
N THR G 247 -68.11 9.45 45.23
CA THR G 247 -66.69 9.16 45.13
C THR G 247 -66.43 7.91 44.28
N VAL G 248 -65.33 7.97 43.52
CA VAL G 248 -64.94 6.86 42.65
C VAL G 248 -63.52 6.40 42.89
N ILE G 249 -63.26 5.19 42.42
CA ILE G 249 -61.96 4.57 42.53
C ILE G 249 -61.26 4.58 41.16
N LEU G 250 -60.31 5.51 40.98
CA LEU G 250 -59.49 5.58 39.76
C LEU G 250 -58.35 4.58 39.81
N PHE G 251 -58.41 3.56 38.96
CA PHE G 251 -57.34 2.58 38.80
C PHE G 251 -56.48 2.93 37.57
N TYR G 252 -55.26 3.42 37.76
CA TYR G 252 -54.46 3.78 36.57
C TYR G 252 -53.24 2.90 36.38
N GLU G 253 -53.06 2.38 35.16
CA GLU G 253 -51.85 1.64 34.81
C GLU G 253 -51.13 2.30 33.64
N PRO G 254 -49.78 2.31 33.66
CA PRO G 254 -48.98 2.92 32.60
C PRO G 254 -49.09 2.15 31.32
N VAL G 255 -49.14 2.84 30.20
CA VAL G 255 -49.01 2.22 28.90
C VAL G 255 -47.56 2.31 28.41
N GLU G 256 -46.94 1.15 28.23
CA GLU G 256 -45.48 1.09 28.07
C GLU G 256 -44.89 2.05 27.05
N THR G 257 -45.51 2.21 25.90
CA THR G 257 -44.93 3.07 24.90
C THR G 257 -45.38 4.51 25.12
N GLY G 258 -44.47 5.38 25.54
CA GLY G 258 -44.80 6.79 25.66
C GLY G 258 -45.09 7.12 27.10
N ASP G 259 -45.16 6.07 27.90
CA ASP G 259 -45.60 6.17 29.30
C ASP G 259 -46.81 7.08 29.42
N PHE G 260 -47.84 6.66 28.69
CA PHE G 260 -49.19 7.17 28.81
C PHE G 260 -49.84 6.26 29.85
N ALA G 261 -51.12 6.54 30.14
CA ALA G 261 -51.84 5.87 31.24
C ALA G 261 -53.27 5.49 30.85
N PHE G 262 -53.60 4.24 31.12
CA PHE G 262 -54.98 3.81 31.04
C PHE G 262 -55.65 3.93 32.41
N VAL G 263 -56.82 4.54 32.47
CA VAL G 263 -57.53 4.69 33.74
C VAL G 263 -58.88 4.01 33.75
N LEU G 264 -59.04 3.09 34.68
CA LEU G 264 -60.28 2.33 34.88
C LEU G 264 -61.06 2.97 36.01
N VAL G 265 -62.22 3.54 35.70
CA VAL G 265 -63.08 4.22 36.71
C VAL G 265 -64.18 3.29 37.30
N VAL G 266 -64.13 3.08 38.62
CA VAL G 266 -65.00 2.14 39.33
C VAL G 266 -65.70 2.91 40.44
N PRO G 267 -67.02 3.09 40.33
CA PRO G 267 -67.89 3.73 41.34
C PRO G 267 -67.81 3.05 42.71
N LYS G 268 -67.47 3.82 43.76
CA LYS G 268 -67.18 3.25 45.08
C LYS G 268 -68.30 2.33 45.58
N GLU G 269 -69.53 2.80 45.39
CA GLU G 269 -70.73 1.98 45.64
C GLU G 269 -70.63 0.57 45.05
N GLU G 270 -70.28 0.49 43.77
CA GLU G 270 -70.26 -0.79 43.09
C GLU G 270 -69.15 -1.73 43.58
N MET G 271 -68.03 -1.19 44.07
CA MET G 271 -66.96 -2.08 44.58
C MET G 271 -67.52 -2.84 45.77
N LEU G 272 -68.11 -2.07 46.70
CA LEU G 272 -68.77 -2.59 47.90
C LEU G 272 -69.79 -3.68 47.56
N ALA G 273 -70.63 -3.45 46.57
CA ALA G 273 -71.47 -4.53 46.07
C ALA G 273 -70.66 -5.81 45.75
N GLY G 274 -69.46 -5.64 45.16
CA GLY G 274 -68.67 -6.77 44.68
C GLY G 274 -67.97 -7.53 45.79
N VAL G 275 -67.45 -6.81 46.78
CA VAL G 275 -66.93 -7.46 47.99
C VAL G 275 -68.07 -8.25 48.67
N ALA G 276 -69.27 -7.64 48.69
CA ALA G 276 -70.49 -8.28 49.21
C ALA G 276 -70.68 -9.67 48.59
N ASP G 277 -70.48 -9.75 47.28
CA ASP G 277 -70.58 -11.00 46.53
C ASP G 277 -69.66 -12.07 47.02
N LEU G 278 -68.41 -11.68 47.26
CA LEU G 278 -67.37 -12.63 47.62
C LEU G 278 -67.78 -13.56 48.78
N ARG G 279 -69.02 -13.42 49.23
CA ARG G 279 -69.61 -14.30 50.23
C ARG G 279 -70.43 -15.42 49.57
N GLU H 10 -63.99 -21.18 44.36
CA GLU H 10 -62.56 -20.74 44.27
C GLU H 10 -61.77 -21.53 43.23
N LYS H 11 -62.12 -21.46 41.93
CA LYS H 11 -63.26 -20.70 41.36
C LYS H 11 -63.04 -19.19 41.44
N LEU H 12 -62.41 -18.75 42.51
CA LEU H 12 -61.95 -17.39 42.56
C LEU H 12 -60.44 -17.40 42.37
N ALA H 13 -59.80 -18.38 42.99
CA ALA H 13 -58.39 -18.55 42.77
C ALA H 13 -58.20 -18.63 41.26
N TYR H 14 -59.07 -19.38 40.61
CA TYR H 14 -59.01 -19.58 39.16
C TYR H 14 -59.11 -18.28 38.38
N GLN H 15 -60.15 -17.49 38.63
CA GLN H 15 -60.33 -16.21 37.93
C GLN H 15 -59.03 -15.37 37.90
N GLN H 16 -58.33 -15.32 39.03
CA GLN H 16 -57.15 -14.49 39.14
C GLN H 16 -56.11 -14.89 38.09
N SER H 17 -55.89 -16.20 37.96
CA SER H 17 -54.95 -16.73 36.97
C SER H 17 -55.36 -16.49 35.51
N VAL H 18 -56.61 -16.84 35.20
CA VAL H 18 -57.16 -16.50 33.92
C VAL H 18 -56.76 -15.05 33.59
N GLU H 19 -57.07 -14.09 34.44
CA GLU H 19 -56.70 -12.71 34.13
C GLU H 19 -55.19 -12.46 33.94
N MET H 20 -54.34 -13.09 34.75
CA MET H 20 -52.90 -13.10 34.52
C MET H 20 -52.52 -13.71 33.17
N ALA H 21 -52.74 -15.00 33.00
CA ALA H 21 -52.47 -15.57 31.71
C ALA H 21 -52.93 -14.60 30.60
N SER H 22 -54.11 -14.04 30.72
CA SER H 22 -54.59 -13.16 29.67
C SER H 22 -53.79 -11.84 29.55
N ASN H 23 -53.44 -11.25 30.67
CA ASN H 23 -52.62 -10.07 30.67
C ASN H 23 -51.25 -10.27 30.00
N TYR H 24 -50.56 -11.35 30.36
CA TYR H 24 -49.29 -11.74 29.71
C TYR H 24 -49.46 -11.92 28.23
N ALA H 25 -50.36 -12.79 27.85
CA ALA H 25 -50.68 -12.94 26.44
C ALA H 25 -50.65 -11.58 25.74
N ASN H 26 -51.39 -10.62 26.26
CA ASN H 26 -51.47 -9.32 25.62
C ASN H 26 -50.15 -8.59 25.57
N GLN H 27 -49.26 -8.87 26.53
CA GLN H 27 -47.95 -8.23 26.56
C GLN H 27 -47.06 -8.80 25.48
N PHE H 28 -47.01 -10.11 25.38
CA PHE H 28 -46.27 -10.70 24.29
C PHE H 28 -46.89 -10.40 22.94
N ASP H 29 -48.20 -10.12 22.92
CA ASP H 29 -48.81 -9.72 21.67
C ASP H 29 -48.21 -8.41 21.16
N ALA H 30 -48.11 -7.41 22.04
CA ALA H 30 -47.51 -6.12 21.68
C ALA H 30 -46.21 -6.27 20.90
N ASP H 31 -45.47 -7.32 21.20
CA ASP H 31 -44.20 -7.52 20.54
C ASP H 31 -44.43 -8.13 19.19
N MET H 32 -45.23 -9.18 19.15
CA MET H 32 -45.48 -9.92 17.91
C MET H 32 -46.23 -9.00 16.97
N LYS H 33 -46.90 -8.00 17.51
CA LYS H 33 -47.65 -7.11 16.67
C LYS H 33 -46.74 -6.09 16.00
N ALA H 34 -45.84 -5.48 16.77
CA ALA H 34 -44.95 -4.48 16.18
C ALA H 34 -44.05 -5.13 15.15
N ASN H 35 -43.56 -6.33 15.43
CA ASN H 35 -42.91 -7.16 14.39
C ASN H 35 -43.66 -7.21 13.09
N LEU H 36 -44.85 -7.81 13.13
CA LEU H 36 -45.65 -7.89 11.93
C LEU H 36 -45.82 -6.50 11.34
N ALA H 37 -45.91 -5.49 12.18
CA ALA H 37 -45.96 -4.14 11.65
C ALA H 37 -44.72 -3.77 10.83
N ILE H 38 -43.57 -4.41 11.11
CA ILE H 38 -42.40 -4.11 10.32
C ILE H 38 -42.53 -4.74 8.93
N ALA H 39 -42.77 -6.06 8.90
CA ALA H 39 -43.06 -6.77 7.64
C ALA H 39 -44.07 -5.95 6.81
N ARG H 40 -45.25 -5.72 7.37
CA ARG H 40 -46.24 -4.96 6.61
C ARG H 40 -45.60 -3.71 6.01
N THR H 41 -44.87 -2.93 6.81
CA THR H 41 -44.28 -1.70 6.26
C THR H 41 -43.25 -1.99 5.18
N ILE H 42 -42.46 -3.03 5.39
CA ILE H 42 -41.51 -3.38 4.37
C ILE H 42 -42.29 -3.49 3.05
N SER H 43 -43.21 -4.47 2.96
CA SER H 43 -43.93 -4.77 1.72
C SER H 43 -44.74 -3.62 1.08
N THR H 44 -45.41 -2.80 1.88
CA THR H 44 -46.03 -1.64 1.29
C THR H 44 -44.97 -0.76 0.67
N THR H 45 -43.76 -0.78 1.20
CA THR H 45 -42.75 0.08 0.59
C THR H 45 -42.41 -0.50 -0.77
N MET H 46 -42.07 -1.79 -0.82
CA MET H 46 -41.81 -2.46 -2.09
C MET H 46 -42.88 -2.19 -3.16
N GLU H 47 -44.13 -2.11 -2.71
CA GLU H 47 -45.22 -1.82 -3.61
C GLU H 47 -45.17 -0.37 -4.05
N SER H 48 -44.56 0.50 -3.26
CA SER H 48 -44.47 1.90 -3.68
C SER H 48 -43.22 2.19 -4.48
N TYR H 49 -42.34 1.19 -4.62
CA TYR H 49 -40.96 1.45 -4.97
C TYR H 49 -40.59 1.20 -6.43
N GLU H 50 -40.81 2.17 -7.32
CA GLU H 50 -40.58 1.96 -8.76
C GLU H 50 -39.09 1.82 -9.19
N THR H 51 -38.24 2.67 -8.62
CA THR H 51 -36.77 2.51 -8.70
C THR H 51 -36.21 1.09 -8.76
N ALA H 52 -36.73 0.16 -7.99
CA ALA H 52 -36.16 -1.18 -7.95
C ALA H 52 -34.65 -1.23 -8.07
N ASP H 53 -33.94 -0.41 -7.30
CA ASP H 53 -32.52 -0.68 -7.09
C ASP H 53 -32.23 -1.83 -6.08
N ARG H 54 -31.83 -2.97 -6.61
CA ARG H 54 -31.50 -4.10 -5.77
C ARG H 54 -30.58 -3.73 -4.59
N ASP H 55 -29.77 -2.69 -4.75
CA ASP H 55 -28.74 -2.38 -3.76
C ASP H 55 -29.33 -1.64 -2.61
N GLU H 56 -30.08 -0.60 -2.96
CA GLU H 56 -30.85 0.16 -2.00
C GLU H 56 -31.82 -0.70 -1.18
N ALA H 57 -32.56 -1.57 -1.87
CA ALA H 57 -33.36 -2.58 -1.20
C ALA H 57 -32.49 -3.24 -0.15
N LEU H 58 -31.31 -3.73 -0.55
CA LEU H 58 -30.44 -4.44 0.40
C LEU H 58 -30.11 -3.57 1.62
N LEU H 59 -29.93 -2.28 1.37
CA LEU H 59 -29.50 -1.40 2.43
C LEU H 59 -30.68 -1.29 3.38
N ILE H 60 -31.84 -0.98 2.84
CA ILE H 60 -33.07 -0.98 3.62
C ILE H 60 -33.19 -2.21 4.56
N LEU H 61 -33.16 -3.42 4.00
CA LEU H 61 -33.19 -4.63 4.84
C LEU H 61 -32.09 -4.62 5.89
N GLU H 62 -30.87 -4.24 5.50
CA GLU H 62 -29.74 -4.39 6.41
C GLU H 62 -29.88 -3.49 7.66
N ASN H 63 -30.20 -2.24 7.39
CA ASN H 63 -30.46 -1.27 8.42
C ASN H 63 -31.69 -1.56 9.28
N LEU H 64 -32.63 -2.37 8.80
CA LEU H 64 -33.74 -2.75 9.68
C LEU H 64 -33.28 -3.89 10.58
N LEU H 65 -32.54 -4.83 10.03
CA LEU H 65 -32.06 -5.86 10.91
C LEU H 65 -31.33 -5.17 12.06
N ARG H 66 -30.67 -4.06 11.74
CA ARG H 66 -29.66 -3.57 12.66
C ARG H 66 -30.27 -2.74 13.75
N ASP H 67 -31.21 -1.88 13.35
CA ASP H 67 -31.98 -1.02 14.22
C ASP H 67 -32.96 -1.83 15.08
N ASN H 68 -33.04 -3.13 14.86
CA ASN H 68 -34.00 -3.98 15.50
C ASN H 68 -33.37 -5.23 16.05
N PRO H 69 -32.60 -5.07 17.12
CA PRO H 69 -31.80 -6.11 17.82
C PRO H 69 -32.53 -7.40 17.98
N HIS H 70 -33.82 -7.31 18.21
CA HIS H 70 -34.54 -8.49 18.65
C HIS H 70 -34.95 -9.37 17.49
N LEU H 71 -34.77 -8.85 16.28
CA LEU H 71 -35.06 -9.63 15.08
C LEU H 71 -33.90 -10.57 14.78
N LEU H 72 -34.17 -11.66 14.08
CA LEU H 72 -33.14 -12.59 13.62
C LEU H 72 -32.73 -12.27 12.17
N GLY H 73 -33.67 -11.84 11.34
CA GLY H 73 -33.37 -11.49 9.96
C GLY H 73 -34.43 -10.60 9.36
N THR H 74 -34.14 -10.01 8.20
CA THR H 74 -35.16 -9.34 7.45
C THR H 74 -35.01 -9.84 6.03
N TYR H 75 -35.91 -9.48 5.13
CA TYR H 75 -35.82 -10.07 3.82
C TYR H 75 -36.90 -9.60 2.91
N VAL H 76 -36.77 -10.01 1.66
CA VAL H 76 -37.70 -9.65 0.64
C VAL H 76 -37.51 -10.81 -0.29
N ALA H 77 -38.59 -11.34 -0.86
CA ALA H 77 -38.49 -12.42 -1.86
C ALA H 77 -39.43 -12.01 -2.95
N PHE H 78 -39.02 -12.20 -4.20
CA PHE H 78 -39.89 -11.87 -5.31
C PHE H 78 -40.10 -13.02 -6.24
N GLU H 79 -41.26 -12.96 -6.89
CA GLU H 79 -41.57 -13.82 -8.04
C GLU H 79 -40.58 -13.51 -9.18
N PRO H 80 -40.24 -14.54 -10.00
CA PRO H 80 -39.49 -14.38 -11.24
C PRO H 80 -39.71 -13.05 -11.98
N ASP H 81 -38.61 -12.30 -12.14
CA ASP H 81 -38.61 -10.99 -12.78
C ASP H 81 -39.62 -10.02 -12.19
N ALA H 82 -40.04 -10.31 -10.98
CA ALA H 82 -41.03 -9.48 -10.33
C ALA H 82 -40.45 -8.16 -9.79
N PHE H 83 -39.15 -8.12 -9.51
CA PHE H 83 -38.53 -6.92 -8.89
C PHE H 83 -38.13 -5.86 -9.90
N ASP H 84 -37.10 -6.14 -10.70
CA ASP H 84 -36.68 -5.23 -11.81
C ASP H 84 -36.93 -5.86 -13.17
N GLY H 85 -37.23 -7.15 -13.18
CA GLY H 85 -37.28 -7.85 -14.44
C GLY H 85 -35.92 -8.07 -15.07
N LYS H 86 -34.87 -8.15 -14.24
CA LYS H 86 -33.52 -8.37 -14.72
C LYS H 86 -32.92 -9.55 -14.05
N ASP H 87 -33.67 -10.62 -13.89
CA ASP H 87 -33.14 -11.67 -13.05
C ASP H 87 -31.97 -12.42 -13.67
N ALA H 88 -31.84 -12.40 -14.99
CA ALA H 88 -30.72 -13.13 -15.63
C ALA H 88 -29.37 -12.45 -15.33
N GLU H 89 -29.44 -11.12 -15.18
CA GLU H 89 -28.28 -10.31 -14.91
C GLU H 89 -27.73 -10.55 -13.54
N TYR H 90 -28.52 -11.11 -12.63
CA TYR H 90 -28.06 -11.31 -11.22
C TYR H 90 -27.84 -12.75 -10.88
N THR H 91 -28.25 -13.61 -11.78
CA THR H 91 -28.00 -15.02 -11.63
C THR H 91 -26.67 -15.24 -10.88
N ASN H 92 -26.76 -15.58 -9.61
CA ASN H 92 -25.57 -16.03 -8.93
C ASN H 92 -24.60 -14.96 -8.47
N SER H 93 -24.98 -13.68 -8.60
CA SER H 93 -24.24 -12.59 -7.93
C SER H 93 -24.18 -12.72 -6.40
N PRO H 94 -23.57 -11.73 -5.72
CA PRO H 94 -23.70 -11.77 -4.25
C PRO H 94 -25.16 -11.59 -3.84
N ALA H 95 -25.61 -12.41 -2.90
CA ALA H 95 -26.99 -12.31 -2.36
C ALA H 95 -28.04 -13.09 -3.16
N HIS H 96 -27.71 -13.45 -4.40
CA HIS H 96 -28.66 -14.20 -5.21
C HIS H 96 -28.29 -15.69 -5.30
N ASP H 97 -28.79 -16.36 -6.34
CA ASP H 97 -28.74 -17.83 -6.43
C ASP H 97 -29.10 -18.37 -7.82
N GLY H 98 -28.98 -19.69 -8.00
CA GLY H 98 -29.36 -20.32 -9.27
C GLY H 98 -30.28 -19.43 -10.09
N THR H 99 -31.43 -19.11 -9.53
CA THR H 99 -32.51 -18.42 -10.26
C THR H 99 -32.24 -16.96 -10.48
N GLY H 100 -31.43 -16.37 -9.62
CA GLY H 100 -31.21 -14.95 -9.67
C GLY H 100 -32.47 -14.18 -9.39
N ARG H 101 -33.22 -14.64 -8.40
CA ARG H 101 -34.45 -13.93 -8.03
C ARG H 101 -34.15 -12.98 -6.88
N PHE H 102 -34.80 -11.84 -6.81
CA PHE H 102 -34.46 -10.96 -5.71
C PHE H 102 -34.99 -11.53 -4.39
N VAL H 103 -34.11 -12.20 -3.62
CA VAL H 103 -34.51 -12.98 -2.45
C VAL H 103 -33.52 -12.95 -1.25
N PRO H 104 -33.13 -11.74 -0.88
CA PRO H 104 -32.08 -11.54 0.10
C PRO H 104 -32.50 -11.82 1.54
N TYR H 105 -31.63 -12.48 2.28
CA TYR H 105 -31.87 -12.76 3.68
C TYR H 105 -30.87 -12.10 4.62
N TRP H 106 -30.96 -10.78 4.86
CA TRP H 106 -30.08 -10.18 5.89
C TRP H 106 -30.34 -10.87 7.21
N ASN H 107 -29.31 -11.41 7.87
CA ASN H 107 -29.55 -12.21 9.08
C ASN H 107 -28.39 -12.40 10.08
N LYS H 108 -28.68 -12.18 11.36
CA LYS H 108 -27.78 -12.52 12.49
C LYS H 108 -27.68 -14.02 12.74
N MET H 109 -27.84 -14.83 11.70
CA MET H 109 -27.96 -16.25 11.93
C MET H 109 -26.75 -16.96 12.52
N ASN H 110 -25.53 -16.42 12.36
CA ASN H 110 -24.30 -17.01 12.99
C ASN H 110 -23.48 -15.97 13.71
N GLY H 111 -23.91 -15.60 14.92
CA GLY H 111 -23.35 -14.45 15.61
C GLY H 111 -23.37 -13.23 14.70
N THR H 112 -22.77 -13.36 13.52
CA THR H 112 -22.51 -12.24 12.64
C THR H 112 -23.65 -11.83 11.67
N ALA H 113 -23.69 -10.53 11.38
CA ALA H 113 -24.68 -9.95 10.47
C ALA H 113 -24.33 -10.08 8.98
N SER H 114 -24.63 -11.22 8.36
CA SER H 114 -24.49 -11.39 6.90
C SER H 114 -25.81 -11.27 6.10
N VAL H 115 -25.70 -11.00 4.81
CA VAL H 115 -26.82 -11.28 3.94
C VAL H 115 -26.48 -12.49 3.07
N ALA H 116 -27.44 -13.41 2.94
CA ALA H 116 -27.36 -14.61 2.08
C ALA H 116 -28.70 -14.71 1.33
N PRO H 117 -28.72 -15.36 0.18
CA PRO H 117 -30.01 -15.50 -0.48
C PRO H 117 -30.95 -16.53 0.24
N LEU H 118 -32.26 -16.32 0.20
CA LEU H 118 -33.17 -17.24 0.91
C LEU H 118 -33.16 -18.70 0.40
N LEU H 119 -33.44 -19.66 1.26
CA LEU H 119 -33.64 -21.04 0.79
C LEU H 119 -35.07 -21.60 0.97
N HIS H 120 -35.41 -22.57 0.11
CA HIS H 120 -36.61 -23.40 0.28
C HIS H 120 -37.85 -22.61 -0.04
N TYR H 121 -37.67 -21.42 -0.57
CA TYR H 121 -38.81 -20.55 -0.71
C TYR H 121 -39.88 -21.09 -1.67
N ASP H 122 -39.58 -22.16 -2.39
CA ASP H 122 -40.60 -22.86 -3.15
C ASP H 122 -41.16 -24.05 -2.36
N SER H 123 -41.39 -23.90 -1.07
CA SER H 123 -41.78 -25.08 -0.30
C SER H 123 -41.87 -24.86 1.23
N SER H 124 -41.69 -23.61 1.64
CA SER H 124 -41.69 -23.24 3.04
C SER H 124 -42.84 -22.26 3.25
N ASP H 125 -43.53 -22.43 4.38
CA ASP H 125 -44.70 -21.63 4.65
C ASP H 125 -44.32 -20.21 4.40
N TYR H 126 -43.19 -19.78 4.95
CA TYR H 126 -42.87 -18.36 4.94
C TYR H 126 -43.08 -17.74 3.55
N TYR H 127 -42.94 -18.53 2.51
CA TYR H 127 -43.15 -17.97 1.19
C TYR H 127 -44.45 -18.55 0.65
N GLN H 128 -44.67 -19.83 0.91
CA GLN H 128 -45.81 -20.51 0.35
C GLN H 128 -47.18 -20.00 0.78
N LEU H 129 -47.41 -19.82 2.08
CA LEU H 129 -48.72 -19.42 2.57
C LEU H 129 -49.08 -18.07 1.99
N PRO H 130 -48.20 -17.08 2.17
CA PRO H 130 -48.55 -15.77 1.63
C PRO H 130 -48.88 -15.86 0.14
N LYS H 131 -48.20 -16.77 -0.55
CA LYS H 131 -48.47 -16.92 -1.97
C LYS H 131 -49.90 -17.48 -2.14
N ALA H 132 -50.26 -18.44 -1.28
CA ALA H 132 -51.55 -19.10 -1.40
C ALA H 132 -52.67 -18.21 -0.83
N THR H 133 -52.45 -17.56 0.29
CA THR H 133 -53.52 -16.79 0.88
C THR H 133 -53.61 -15.38 0.36
N GLU H 134 -52.49 -14.79 -0.05
CA GLU H 134 -52.38 -13.33 -0.30
C GLU H 134 -52.68 -12.42 0.92
N LYS H 135 -52.31 -12.88 2.10
CA LYS H 135 -52.57 -12.12 3.29
C LYS H 135 -51.37 -12.26 4.24
N ASP H 136 -51.25 -11.39 5.24
CA ASP H 136 -50.19 -11.50 6.29
C ASP H 136 -50.10 -12.87 6.95
N VAL H 137 -48.97 -13.21 7.53
CA VAL H 137 -48.90 -14.56 8.05
C VAL H 137 -47.87 -14.54 9.13
N LEU H 138 -48.13 -15.26 10.22
CA LEU H 138 -47.10 -15.47 11.22
C LEU H 138 -46.91 -16.98 11.21
N THR H 139 -45.93 -17.47 10.49
CA THR H 139 -45.81 -18.90 10.25
C THR H 139 -45.71 -19.70 11.53
N GLU H 140 -45.97 -20.99 11.44
CA GLU H 140 -45.64 -21.91 12.53
C GLU H 140 -44.12 -21.92 12.62
N PRO H 141 -43.59 -22.45 13.74
CA PRO H 141 -42.13 -22.50 13.86
C PRO H 141 -41.61 -23.55 12.89
N TYR H 142 -40.56 -23.19 12.15
CA TYR H 142 -39.88 -24.15 11.28
C TYR H 142 -38.38 -24.31 11.62
N PHE H 143 -37.76 -25.30 10.99
CA PHE H 143 -36.32 -25.54 11.21
C PHE H 143 -35.52 -25.15 9.96
N TYR H 144 -34.85 -24.00 10.03
CA TYR H 144 -34.17 -23.47 8.88
C TYR H 144 -32.70 -23.43 9.15
N GLU H 145 -31.88 -23.77 8.16
CA GLU H 145 -30.44 -23.60 8.32
C GLU H 145 -30.01 -23.92 9.75
N GLY H 146 -30.57 -24.96 10.34
CA GLY H 146 -30.18 -25.29 11.69
C GLY H 146 -30.76 -24.50 12.85
N VAL H 147 -31.42 -23.36 12.64
CA VAL H 147 -32.06 -22.71 13.81
C VAL H 147 -33.61 -22.86 13.82
N PHE H 148 -34.24 -22.79 14.99
CA PHE H 148 -35.73 -22.72 15.04
C PHE H 148 -36.26 -21.28 14.94
N MET H 149 -37.02 -20.99 13.90
CA MET H 149 -37.48 -19.62 13.79
C MET H 149 -38.98 -19.49 13.66
N VAL H 150 -39.49 -18.27 13.68
CA VAL H 150 -40.87 -18.01 13.41
C VAL H 150 -40.89 -16.79 12.46
N SER H 151 -41.74 -16.79 11.42
CA SER H 151 -41.62 -15.74 10.42
C SER H 151 -42.84 -14.86 10.29
N TYR H 152 -42.62 -13.57 10.09
CA TYR H 152 -43.70 -12.62 9.94
C TYR H 152 -43.66 -12.07 8.54
N VAL H 153 -44.38 -12.68 7.62
CA VAL H 153 -44.28 -12.32 6.21
C VAL H 153 -45.53 -11.56 5.74
N SER H 154 -45.38 -10.65 4.78
CA SER H 154 -46.51 -9.90 4.26
C SER H 154 -46.37 -9.58 2.76
N PRO H 155 -47.28 -10.17 1.95
CA PRO H 155 -47.18 -10.30 0.53
C PRO H 155 -47.11 -8.91 -0.11
N ILE H 156 -46.47 -8.86 -1.28
CA ILE H 156 -46.30 -7.63 -2.05
C ILE H 156 -47.24 -7.76 -3.23
N MET H 157 -48.23 -6.89 -3.26
CA MET H 157 -49.25 -6.98 -4.27
C MET H 157 -48.99 -5.86 -5.25
N LYS H 158 -48.50 -6.18 -6.42
CA LYS H 158 -48.39 -5.17 -7.47
C LYS H 158 -49.66 -5.16 -8.35
N GLU H 159 -50.68 -4.48 -7.82
CA GLU H 159 -52.02 -4.37 -8.43
C GLU H 159 -52.67 -5.70 -8.90
N GLY H 160 -53.25 -6.41 -7.94
CA GLY H 160 -53.93 -7.65 -8.23
C GLY H 160 -52.94 -8.79 -8.31
N GLU H 161 -51.69 -8.50 -8.63
CA GLU H 161 -50.79 -9.61 -8.79
C GLU H 161 -49.86 -9.81 -7.60
N PHE H 162 -49.67 -11.05 -7.21
CA PHE H 162 -48.81 -11.33 -6.10
C PHE H 162 -47.40 -11.35 -6.61
N ALA H 163 -46.72 -10.21 -6.38
CA ALA H 163 -45.33 -9.93 -6.78
C ALA H 163 -44.29 -10.51 -5.86
N GLY H 164 -44.58 -10.64 -4.57
CA GLY H 164 -43.67 -11.41 -3.71
C GLY H 164 -43.92 -11.10 -2.25
N ILE H 165 -42.99 -11.51 -1.38
CA ILE H 165 -43.10 -11.21 0.06
C ILE H 165 -42.16 -10.14 0.58
N GLY H 166 -42.42 -9.74 1.83
CA GLY H 166 -41.51 -8.98 2.66
C GLY H 166 -41.68 -9.45 4.08
N GLY H 167 -40.61 -9.87 4.77
CA GLY H 167 -40.78 -10.36 6.12
C GLY H 167 -39.72 -9.99 7.15
N VAL H 168 -39.89 -10.49 8.38
CA VAL H 168 -38.81 -10.50 9.37
C VAL H 168 -38.89 -11.81 10.15
N ASP H 169 -37.80 -12.19 10.83
CA ASP H 169 -37.71 -13.48 11.52
C ASP H 169 -37.38 -13.35 12.98
N VAL H 170 -37.88 -14.26 13.80
CA VAL H 170 -37.59 -14.19 15.20
C VAL H 170 -37.30 -15.60 15.59
N SER H 171 -36.29 -15.76 16.45
CA SER H 171 -35.81 -17.09 16.71
C SER H 171 -36.49 -17.62 17.95
N LEU H 172 -36.72 -18.93 18.00
CA LEU H 172 -37.32 -19.47 19.20
C LEU H 172 -36.34 -19.29 20.35
N GLU H 173 -35.07 -19.08 20.01
CA GLU H 173 -34.06 -18.87 21.04
C GLU H 173 -34.41 -17.61 21.82
N TYR H 174 -34.84 -16.59 21.09
CA TYR H 174 -35.21 -15.36 21.72
C TYR H 174 -36.55 -15.45 22.45
N VAL H 175 -37.52 -16.05 21.77
CA VAL H 175 -38.82 -16.24 22.34
C VAL H 175 -38.61 -16.89 23.69
N ASP H 176 -37.84 -17.96 23.74
CA ASP H 176 -37.64 -18.70 24.98
C ASP H 176 -36.97 -17.92 26.13
N GLU H 177 -35.97 -17.13 25.77
CA GLU H 177 -35.36 -16.14 26.66
C GLU H 177 -36.36 -15.21 27.32
N VAL H 178 -37.29 -14.62 26.57
CA VAL H 178 -38.21 -13.63 27.15
C VAL H 178 -39.32 -14.26 27.98
N VAL H 179 -39.85 -15.37 27.50
CA VAL H 179 -40.94 -16.07 28.18
C VAL H 179 -40.45 -16.64 29.49
N SER H 180 -39.28 -17.27 29.48
CA SER H 180 -38.85 -18.03 30.63
C SER H 180 -38.40 -17.13 31.77
N LYS H 181 -38.52 -15.82 31.58
CA LYS H 181 -38.32 -14.89 32.68
C LYS H 181 -39.51 -14.89 33.60
N VAL H 182 -40.64 -15.37 33.08
CA VAL H 182 -41.92 -15.27 33.78
C VAL H 182 -42.08 -16.32 34.85
N ARG H 183 -42.43 -15.86 36.05
CA ARG H 183 -42.62 -16.73 37.22
C ARG H 183 -44.01 -16.43 37.82
N THR H 184 -44.63 -17.39 38.51
CA THR H 184 -45.94 -17.14 39.13
C THR H 184 -46.13 -17.92 40.45
N PHE H 185 -46.61 -17.25 41.49
CA PHE H 185 -46.71 -17.89 42.81
C PHE H 185 -45.27 -18.23 43.28
N ASP H 186 -45.04 -19.50 43.60
CA ASP H 186 -43.72 -19.94 44.07
C ASP H 186 -42.98 -20.71 42.99
N THR H 187 -43.42 -21.94 42.72
CA THR H 187 -42.84 -22.69 41.59
C THR H 187 -43.29 -22.25 40.17
N GLY H 188 -44.50 -21.68 40.06
CA GLY H 188 -45.11 -21.41 38.75
C GLY H 188 -44.25 -20.76 37.67
N TYR H 189 -44.43 -21.23 36.44
CA TYR H 189 -43.71 -20.69 35.27
C TYR H 189 -44.65 -20.51 34.07
N ALA H 190 -44.07 -20.43 32.86
CA ALA H 190 -44.86 -20.09 31.69
C ALA H 190 -44.18 -20.53 30.40
N PHE H 191 -44.97 -20.94 29.40
CA PHE H 191 -44.42 -21.18 28.02
C PHE H 191 -45.38 -20.69 26.94
N MET H 192 -44.87 -20.35 25.76
CA MET H 192 -45.74 -19.99 24.64
C MET H 192 -45.83 -21.15 23.70
N VAL H 193 -46.74 -21.07 22.77
CA VAL H 193 -47.02 -22.22 22.00
C VAL H 193 -47.61 -21.67 20.74
N SER H 194 -47.34 -22.32 19.62
CA SER H 194 -47.77 -21.80 18.33
C SER H 194 -49.27 -22.09 18.17
N ASN H 195 -49.89 -21.57 17.13
CA ASN H 195 -51.26 -21.90 16.86
C ASN H 195 -51.53 -23.39 16.79
N SER H 196 -50.65 -24.21 16.21
CA SER H 196 -50.85 -25.69 16.33
C SER H 196 -50.20 -26.35 17.52
N GLY H 197 -50.06 -25.56 18.59
CA GLY H 197 -49.70 -26.05 19.90
C GLY H 197 -48.29 -26.59 19.99
N VAL H 198 -47.45 -26.20 19.03
CA VAL H 198 -46.00 -26.47 19.09
C VAL H 198 -45.30 -25.64 20.19
N ILE H 199 -44.47 -26.28 21.03
CA ILE H 199 -43.77 -25.57 22.13
C ILE H 199 -42.66 -24.57 21.71
N LEU H 200 -42.85 -23.32 22.04
CA LEU H 200 -41.94 -22.29 21.57
C LEU H 200 -40.87 -21.91 22.63
N SER H 201 -41.14 -22.26 23.87
CA SER H 201 -40.25 -21.90 24.94
C SER H 201 -40.39 -22.99 25.99
N HIS H 202 -39.45 -23.02 26.93
CA HIS H 202 -39.62 -23.81 28.13
C HIS H 202 -38.61 -23.39 29.13
N PRO H 203 -39.01 -23.32 30.40
CA PRO H 203 -38.01 -22.79 31.30
C PRO H 203 -36.87 -23.81 31.51
N THR H 204 -37.20 -25.11 31.53
CA THR H 204 -36.19 -26.13 31.82
C THR H 204 -35.88 -27.09 30.65
N HIS H 205 -36.89 -27.56 29.91
CA HIS H 205 -36.59 -28.52 28.85
C HIS H 205 -36.41 -27.90 27.47
N LYS H 206 -35.23 -27.32 27.22
CA LYS H 206 -34.96 -26.68 25.94
C LYS H 206 -34.94 -27.68 24.79
N ASP H 207 -34.95 -28.95 25.14
CA ASP H 207 -35.04 -30.02 24.14
C ASP H 207 -36.35 -29.87 23.41
N TRP H 208 -37.41 -29.86 24.23
CA TRP H 208 -38.78 -29.67 23.81
C TRP H 208 -39.00 -28.55 22.79
N ILE H 209 -38.36 -27.40 23.00
CA ILE H 209 -38.59 -26.18 22.23
C ILE H 209 -38.48 -26.23 20.71
N GLY H 210 -39.59 -26.45 20.02
CA GLY H 210 -39.63 -26.42 18.56
C GLY H 210 -39.90 -27.82 18.06
N LYS H 211 -39.81 -28.79 18.97
CA LYS H 211 -39.83 -30.21 18.64
C LYS H 211 -41.01 -30.96 19.23
N LYS H 212 -41.50 -30.50 20.38
CA LYS H 212 -42.71 -31.08 20.98
C LYS H 212 -43.94 -30.16 20.88
N ASP H 213 -45.10 -30.78 20.67
CA ASP H 213 -46.36 -30.06 20.72
C ASP H 213 -47.29 -30.65 21.79
N LEU H 214 -48.38 -29.97 22.10
CA LEU H 214 -49.30 -30.46 23.15
C LEU H 214 -49.71 -31.95 23.00
N TYR H 215 -49.77 -32.44 21.77
CA TYR H 215 -50.10 -33.83 21.54
C TYR H 215 -49.03 -34.76 22.11
N ASP H 216 -47.78 -34.33 22.04
CA ASP H 216 -46.66 -35.07 22.62
C ASP H 216 -46.84 -35.31 24.13
N PHE H 217 -47.62 -34.47 24.79
CA PHE H 217 -47.67 -34.50 26.26
C PHE H 217 -48.78 -35.33 26.92
N GLY H 218 -48.82 -36.63 26.61
CA GLY H 218 -49.73 -37.55 27.30
C GLY H 218 -51.19 -37.14 27.15
N GLY H 219 -51.78 -36.68 28.25
CA GLY H 219 -53.20 -36.24 28.30
C GLY H 219 -54.07 -36.35 27.06
N GLU H 220 -55.36 -36.07 27.23
CA GLU H 220 -56.30 -36.01 26.10
C GLU H 220 -57.15 -34.78 26.35
N GLU H 221 -57.24 -34.40 27.61
CA GLU H 221 -57.46 -33.02 27.95
C GLU H 221 -56.62 -32.18 27.02
N LEU H 222 -55.37 -32.60 26.83
CA LEU H 222 -54.40 -31.85 26.04
C LEU H 222 -54.78 -31.70 24.55
N GLU H 223 -55.58 -32.62 24.03
CA GLU H 223 -56.02 -32.42 22.66
C GLU H 223 -57.12 -31.38 22.59
N LYS H 224 -57.93 -31.34 23.64
CA LYS H 224 -58.98 -30.38 23.70
C LYS H 224 -58.40 -28.98 23.83
N ALA H 225 -57.35 -28.82 24.63
CA ALA H 225 -56.64 -27.56 24.66
C ALA H 225 -56.10 -27.20 23.27
N SER H 226 -55.55 -28.20 22.57
CA SER H 226 -54.95 -27.97 21.26
C SER H 226 -55.93 -27.44 20.28
N ARG H 227 -57.11 -28.05 20.23
CA ARG H 227 -58.16 -27.52 19.39
C ARG H 227 -58.48 -26.12 19.83
N ASP H 228 -58.55 -25.89 21.13
CA ASP H 228 -58.94 -24.59 21.62
C ASP H 228 -58.01 -23.46 21.22
N ILE H 229 -56.70 -23.73 21.27
CA ILE H 229 -55.76 -22.66 21.00
C ILE H 229 -55.60 -22.54 19.50
N LYS H 230 -55.95 -23.61 18.78
CA LYS H 230 -56.02 -23.50 17.33
C LYS H 230 -57.11 -22.53 16.94
N ASN H 231 -58.24 -22.65 17.62
CA ASN H 231 -59.38 -21.74 17.46
C ASN H 231 -59.14 -20.31 17.96
N GLY H 232 -58.10 -20.10 18.76
CA GLY H 232 -57.89 -18.82 19.40
C GLY H 232 -58.75 -18.69 20.63
N ILE H 233 -59.17 -19.81 21.20
CA ILE H 233 -59.96 -19.76 22.41
C ILE H 233 -59.12 -20.13 23.59
N GLY H 234 -59.27 -19.39 24.69
CA GLY H 234 -58.50 -19.71 25.90
C GLY H 234 -59.22 -20.63 26.88
N GLY H 235 -58.49 -21.43 27.63
CA GLY H 235 -59.11 -22.25 28.66
C GLY H 235 -58.20 -22.62 29.82
N HIS H 236 -58.40 -23.83 30.36
CA HIS H 236 -57.50 -24.41 31.36
C HIS H 236 -57.67 -25.91 31.58
N LEU H 237 -56.57 -26.63 31.55
CA LEU H 237 -56.57 -28.02 31.90
C LEU H 237 -56.02 -28.17 33.29
N GLU H 238 -56.33 -29.29 33.93
CA GLU H 238 -55.53 -29.76 35.05
C GLU H 238 -54.71 -30.97 34.64
N THR H 239 -53.47 -31.02 35.12
CA THR H 239 -52.56 -32.04 34.66
C THR H 239 -51.37 -32.15 35.60
N ALA H 240 -50.66 -33.27 35.50
CA ALA H 240 -49.39 -33.46 36.20
C ALA H 240 -48.28 -32.83 35.37
N ASP H 241 -47.60 -31.86 35.95
CA ASP H 241 -46.43 -31.28 35.34
C ASP H 241 -45.58 -32.47 34.95
N PRO H 242 -45.10 -32.52 33.70
CA PRO H 242 -44.26 -33.66 33.33
C PRO H 242 -42.75 -33.48 33.66
N THR H 243 -42.38 -32.43 34.39
CA THR H 243 -41.03 -32.37 34.97
C THR H 243 -41.09 -32.88 36.40
N THR H 244 -42.19 -32.59 37.09
CA THR H 244 -42.44 -33.18 38.43
C THR H 244 -43.52 -34.26 38.30
N GLY H 245 -44.42 -34.35 39.27
CA GLY H 245 -45.58 -35.19 39.14
C GLY H 245 -46.74 -34.41 39.72
N LYS H 246 -46.41 -33.29 40.35
CA LYS H 246 -47.38 -32.47 41.09
C LYS H 246 -48.42 -31.85 40.15
N THR H 247 -49.68 -31.94 40.53
CA THR H 247 -50.72 -31.45 39.66
C THR H 247 -50.61 -29.93 39.50
N VAL H 248 -50.66 -29.48 38.25
CA VAL H 248 -50.65 -28.06 37.90
C VAL H 248 -51.87 -27.70 37.06
N ILE H 249 -52.17 -26.40 37.08
CA ILE H 249 -53.24 -25.86 36.24
C ILE H 249 -52.67 -25.07 35.05
N LEU H 250 -52.87 -25.63 33.86
CA LEU H 250 -52.53 -24.97 32.60
C LEU H 250 -53.51 -23.85 32.22
N PHE H 251 -53.11 -22.61 32.33
CA PHE H 251 -54.01 -21.53 31.98
C PHE H 251 -53.62 -20.94 30.65
N TYR H 252 -54.16 -21.45 29.55
CA TYR H 252 -53.79 -20.90 28.25
C TYR H 252 -54.68 -19.76 27.74
N GLU H 253 -54.07 -18.73 27.15
CA GLU H 253 -54.77 -17.61 26.57
C GLU H 253 -54.18 -17.29 25.21
N PRO H 254 -55.04 -16.92 24.24
CA PRO H 254 -54.60 -16.64 22.86
C PRO H 254 -53.79 -15.36 22.68
N VAL H 255 -52.71 -15.44 21.93
CA VAL H 255 -52.01 -14.24 21.52
C VAL H 255 -52.66 -13.80 20.21
N GLU H 256 -53.18 -12.58 20.19
CA GLU H 256 -54.00 -12.17 19.06
C GLU H 256 -53.25 -12.35 17.76
N THR H 257 -52.12 -11.69 17.57
CA THR H 257 -51.46 -11.86 16.29
C THR H 257 -50.85 -13.23 16.12
N GLY H 258 -51.56 -14.10 15.40
CA GLY H 258 -51.08 -15.44 15.02
C GLY H 258 -51.94 -16.52 15.64
N ASP H 259 -52.81 -16.10 16.56
CA ASP H 259 -53.49 -17.05 17.43
C ASP H 259 -52.54 -18.08 18.00
N PHE H 260 -51.54 -17.61 18.74
CA PHE H 260 -50.53 -18.43 19.39
C PHE H 260 -51.07 -18.37 20.81
N ALA H 261 -50.52 -19.17 21.73
CA ALA H 261 -51.04 -19.14 23.10
C ALA H 261 -49.97 -18.90 24.18
N PHE H 262 -50.25 -18.02 25.13
CA PHE H 262 -49.45 -17.96 26.32
C PHE H 262 -49.97 -19.00 27.35
N VAL H 263 -49.08 -19.72 28.02
CA VAL H 263 -49.54 -20.69 28.99
C VAL H 263 -48.93 -20.48 30.40
N LEU H 264 -49.71 -19.90 31.32
CA LEU H 264 -49.42 -19.90 32.75
C LEU H 264 -49.51 -21.28 33.39
N VAL H 265 -48.39 -21.81 33.86
CA VAL H 265 -48.42 -23.06 34.55
C VAL H 265 -48.41 -22.74 36.01
N VAL H 266 -49.41 -23.25 36.71
CA VAL H 266 -49.67 -22.91 38.09
C VAL H 266 -49.95 -24.21 38.84
N PRO H 267 -49.17 -24.45 39.90
CA PRO H 267 -49.23 -25.74 40.59
C PRO H 267 -50.52 -25.81 41.42
N LYS H 268 -51.40 -26.75 41.08
CA LYS H 268 -52.74 -26.76 41.67
C LYS H 268 -52.74 -26.34 43.15
N GLU H 269 -51.80 -26.91 43.90
CA GLU H 269 -51.86 -26.83 45.36
C GLU H 269 -51.09 -25.65 45.92
N GLU H 270 -50.52 -24.80 45.08
CA GLU H 270 -50.04 -23.53 45.60
C GLU H 270 -51.14 -22.54 45.37
N MET H 271 -52.00 -22.85 44.41
CA MET H 271 -53.12 -21.97 44.08
C MET H 271 -54.17 -22.17 45.15
N LEU H 272 -54.36 -23.43 45.50
CA LEU H 272 -55.08 -23.76 46.70
C LEU H 272 -54.77 -22.73 47.80
N ALA H 273 -53.49 -22.37 47.93
CA ALA H 273 -53.05 -21.56 49.07
C ALA H 273 -53.36 -20.06 48.90
N GLY H 274 -53.68 -19.66 47.67
CA GLY H 274 -54.20 -18.32 47.40
C GLY H 274 -55.63 -18.26 47.91
N VAL H 275 -55.99 -19.24 48.73
CA VAL H 275 -57.23 -19.20 49.53
C VAL H 275 -56.83 -18.84 50.97
N ALA H 276 -55.70 -19.40 51.40
CA ALA H 276 -55.13 -19.17 52.74
C ALA H 276 -54.23 -17.92 52.79
N GLU I 10 -11.18 -28.87 33.78
CA GLU I 10 -11.61 -27.81 32.82
C GLU I 10 -13.09 -27.56 32.93
N LYS I 11 -13.56 -27.04 34.07
CA LYS I 11 -12.76 -26.35 35.13
C LYS I 11 -12.40 -24.89 34.79
N LEU I 12 -12.39 -24.56 33.49
CA LEU I 12 -12.41 -23.16 33.03
C LEU I 12 -13.88 -22.74 32.81
N ALA I 13 -14.75 -23.73 32.95
CA ALA I 13 -16.20 -23.56 33.11
C ALA I 13 -16.60 -23.04 34.49
N TYR I 14 -15.80 -23.35 35.50
CA TYR I 14 -15.98 -22.66 36.78
C TYR I 14 -15.67 -21.19 36.65
N GLN I 15 -14.68 -20.85 35.84
CA GLN I 15 -14.31 -19.48 35.68
C GLN I 15 -15.55 -18.80 35.14
N GLN I 16 -16.01 -19.33 34.02
CA GLN I 16 -17.23 -18.89 33.36
C GLN I 16 -18.39 -18.53 34.31
N SER I 17 -18.58 -19.32 35.37
CA SER I 17 -19.57 -19.00 36.40
C SER I 17 -19.09 -17.99 37.44
N VAL I 18 -17.85 -18.14 37.91
CA VAL I 18 -17.29 -17.11 38.74
C VAL I 18 -17.44 -15.72 38.16
N GLU I 19 -17.23 -15.59 36.86
CA GLU I 19 -17.34 -14.28 36.25
C GLU I 19 -18.79 -13.81 36.23
N MET I 20 -19.69 -14.72 35.84
CA MET I 20 -21.13 -14.51 35.79
C MET I 20 -21.71 -14.03 37.11
N ALA I 21 -21.40 -14.70 38.22
CA ALA I 21 -21.84 -14.22 39.52
C ALA I 21 -21.30 -12.81 39.73
N SER I 22 -20.03 -12.64 39.42
CA SER I 22 -19.39 -11.36 39.58
C SER I 22 -20.23 -10.33 38.89
N ASN I 23 -20.58 -10.65 37.66
CA ASN I 23 -21.37 -9.78 36.83
C ASN I 23 -22.69 -9.34 37.52
N TYR I 24 -23.52 -10.32 37.86
CA TYR I 24 -24.78 -10.08 38.57
C TYR I 24 -24.56 -9.33 39.87
N ALA I 25 -23.53 -9.71 40.60
CA ALA I 25 -23.19 -9.01 41.81
C ALA I 25 -23.18 -7.50 41.56
N ASN I 26 -22.52 -7.05 40.50
CA ASN I 26 -22.44 -5.61 40.18
C ASN I 26 -23.75 -4.97 39.72
N GLN I 27 -24.52 -5.66 38.89
CA GLN I 27 -25.80 -5.13 38.46
C GLN I 27 -26.69 -4.78 39.64
N PHE I 28 -26.78 -5.69 40.61
CA PHE I 28 -27.51 -5.38 41.83
C PHE I 28 -26.92 -4.23 42.61
N ASP I 29 -25.60 -4.11 42.56
CA ASP I 29 -24.96 -3.00 43.25
C ASP I 29 -25.39 -1.64 42.72
N ALA I 30 -25.73 -1.56 41.44
CA ALA I 30 -26.32 -0.33 40.87
C ALA I 30 -27.40 0.23 41.76
N ASP I 31 -28.38 -0.58 42.06
CA ASP I 31 -29.49 -0.07 42.83
C ASP I 31 -29.07 0.17 44.25
N MET I 32 -28.35 -0.78 44.83
CA MET I 32 -28.07 -0.67 46.25
C MET I 32 -27.17 0.54 46.48
N LYS I 33 -26.42 0.92 45.45
CA LYS I 33 -25.56 2.06 45.51
C LYS I 33 -26.41 3.31 45.39
N ALA I 34 -27.36 3.30 44.46
CA ALA I 34 -28.22 4.46 44.21
C ALA I 34 -29.04 4.77 45.45
N ASN I 35 -29.59 3.72 46.03
CA ASN I 35 -30.34 3.83 47.28
C ASN I 35 -29.49 4.47 48.34
N LEU I 36 -28.26 4.01 48.48
CA LEU I 36 -27.40 4.64 49.43
C LEU I 36 -27.20 6.12 49.08
N ALA I 37 -27.19 6.47 47.79
CA ALA I 37 -26.97 7.84 47.42
C ALA I 37 -28.15 8.71 47.81
N ILE I 38 -29.35 8.14 47.79
CA ILE I 38 -30.54 8.84 48.29
C ILE I 38 -30.47 9.13 49.82
N ALA I 39 -30.24 8.09 50.62
CA ALA I 39 -30.13 8.28 52.07
C ALA I 39 -29.05 9.34 52.35
N ARG I 40 -27.91 9.22 51.69
CA ARG I 40 -26.85 10.17 51.94
C ARG I 40 -27.34 11.56 51.57
N THR I 41 -27.88 11.72 50.38
CA THR I 41 -28.33 13.05 50.00
C THR I 41 -29.29 13.61 51.04
N ILE I 42 -30.25 12.79 51.47
CA ILE I 42 -31.21 13.23 52.46
C ILE I 42 -30.51 13.81 53.68
N SER I 43 -29.54 13.07 54.22
CA SER I 43 -28.86 13.58 55.41
C SER I 43 -28.13 14.92 55.17
N THR I 44 -27.23 14.99 54.18
CA THR I 44 -26.53 16.24 53.92
C THR I 44 -27.51 17.39 53.83
N THR I 45 -28.75 17.10 53.47
CA THR I 45 -29.71 18.19 53.34
C THR I 45 -30.04 18.67 54.72
N MET I 46 -30.74 17.83 55.48
CA MET I 46 -30.95 18.08 56.92
C MET I 46 -29.68 18.71 57.54
N GLU I 47 -28.52 18.11 57.34
CA GLU I 47 -27.31 18.79 57.79
C GLU I 47 -27.31 20.24 57.32
N SER I 48 -27.77 20.52 56.10
CA SER I 48 -27.65 21.86 55.56
C SER I 48 -28.86 22.73 55.81
N TYR I 49 -29.81 22.23 56.60
CA TYR I 49 -31.17 22.79 56.63
C TYR I 49 -31.53 23.59 57.90
N GLU I 50 -31.11 24.87 57.91
CA GLU I 50 -31.45 25.82 58.98
C GLU I 50 -32.95 25.85 59.35
N THR I 51 -33.80 26.23 58.40
CA THR I 51 -35.23 26.38 58.67
C THR I 51 -35.82 25.32 59.62
N ALA I 52 -35.28 24.10 59.60
CA ALA I 52 -35.88 22.99 60.37
C ALA I 52 -37.43 22.97 60.46
N ASP I 53 -38.08 23.61 59.49
CA ASP I 53 -39.54 23.56 59.42
C ASP I 53 -40.05 22.12 59.19
N ARG I 54 -40.69 21.55 60.20
CA ARG I 54 -41.13 20.16 60.16
C ARG I 54 -41.97 19.79 58.95
N ASP I 55 -42.93 20.64 58.60
CA ASP I 55 -43.81 20.30 57.49
C ASP I 55 -43.04 20.13 56.19
N GLU I 56 -42.07 21.01 55.97
CA GLU I 56 -41.23 20.87 54.78
C GLU I 56 -40.52 19.52 54.79
N ALA I 57 -39.64 19.30 55.76
CA ALA I 57 -39.08 17.97 55.93
C ALA I 57 -40.08 16.92 55.44
N LEU I 58 -41.22 16.83 56.09
CA LEU I 58 -42.19 15.82 55.75
C LEU I 58 -42.53 15.81 54.25
N LEU I 59 -42.79 16.98 53.66
CA LEU I 59 -43.10 17.04 52.24
C LEU I 59 -41.97 16.35 51.50
N ILE I 60 -40.76 16.87 51.67
CA ILE I 60 -39.58 16.24 51.08
C ILE I 60 -39.64 14.72 51.22
N LEU I 61 -39.63 14.22 52.44
CA LEU I 61 -39.60 12.79 52.63
C LEU I 61 -40.72 12.16 51.84
N GLU I 62 -41.87 12.81 51.78
CA GLU I 62 -42.97 12.16 51.12
C GLU I 62 -42.80 12.10 49.59
N ASN I 63 -42.33 13.20 49.01
CA ASN I 63 -42.06 13.23 47.58
C ASN I 63 -40.95 12.31 47.06
N LEU I 64 -39.90 12.12 47.82
CA LEU I 64 -38.91 11.10 47.48
C LEU I 64 -39.59 9.75 47.50
N LEU I 65 -40.28 9.40 48.58
CA LEU I 65 -40.98 8.12 48.63
C LEU I 65 -41.78 7.94 47.36
N ARG I 66 -42.58 8.94 47.04
CA ARG I 66 -43.42 8.84 45.87
C ARG I 66 -42.63 8.73 44.56
N ASP I 67 -41.56 9.50 44.43
CA ASP I 67 -40.81 9.53 43.19
C ASP I 67 -39.90 8.32 42.97
N ASN I 68 -39.83 7.41 43.93
CA ASN I 68 -38.87 6.33 43.89
C ASN I 68 -39.60 5.06 44.20
N PRO I 69 -40.31 4.50 43.22
CA PRO I 69 -41.34 3.47 43.43
C PRO I 69 -40.83 2.17 44.05
N HIS I 70 -39.53 1.95 44.06
CA HIS I 70 -38.96 0.69 44.54
C HIS I 70 -38.53 0.80 45.99
N LEU I 71 -38.97 1.87 46.65
CA LEU I 71 -38.63 2.08 48.04
C LEU I 71 -39.86 1.87 48.95
N LEU I 72 -39.67 1.10 50.02
CA LEU I 72 -40.70 0.93 51.04
C LEU I 72 -40.90 2.19 51.87
N GLY I 73 -39.84 2.96 52.09
CA GLY I 73 -40.05 4.16 52.88
C GLY I 73 -38.94 5.17 52.94
N THR I 74 -39.29 6.40 53.21
CA THR I 74 -38.27 7.36 53.48
C THR I 74 -38.48 7.83 54.92
N TYR I 75 -37.43 8.40 55.50
CA TYR I 75 -37.49 8.79 56.89
C TYR I 75 -36.31 9.63 57.31
N VAL I 76 -36.48 10.30 58.43
CA VAL I 76 -35.41 11.06 59.01
C VAL I 76 -35.63 10.85 60.49
N ALA I 77 -34.55 10.82 61.26
CA ALA I 77 -34.63 10.65 62.74
C ALA I 77 -33.75 11.64 63.51
N PHE I 78 -34.30 12.27 64.55
CA PHE I 78 -33.49 13.18 65.39
C PHE I 78 -33.34 12.83 66.91
N GLU I 79 -32.14 13.08 67.44
CA GLU I 79 -31.93 13.20 68.88
C GLU I 79 -33.00 14.12 69.49
N PRO I 80 -33.38 13.92 70.78
CA PRO I 80 -34.47 14.77 71.28
C PRO I 80 -34.16 16.28 71.20
N ASP I 81 -35.12 17.08 70.76
CA ASP I 81 -34.92 18.51 70.48
C ASP I 81 -33.69 18.74 69.59
N ALA I 82 -33.51 17.87 68.61
CA ALA I 82 -32.27 17.85 67.84
C ALA I 82 -32.42 18.49 66.45
N PHE I 83 -33.66 18.81 66.09
CA PHE I 83 -33.96 19.29 64.76
C PHE I 83 -34.33 20.80 64.73
N ASP I 84 -35.56 21.10 65.13
CA ASP I 84 -36.04 22.49 65.27
C ASP I 84 -35.90 22.90 66.71
N GLY I 85 -35.65 21.93 67.57
CA GLY I 85 -35.50 22.20 69.00
C GLY I 85 -36.80 22.51 69.73
N LYS I 86 -37.92 21.97 69.26
CA LYS I 86 -39.22 22.17 69.91
C LYS I 86 -39.94 20.86 70.15
N ASP I 87 -39.22 19.77 70.43
CA ASP I 87 -39.85 18.45 70.58
C ASP I 87 -41.22 18.54 71.26
N ALA I 88 -41.27 19.35 72.32
CA ALA I 88 -42.45 19.54 73.17
C ALA I 88 -43.69 19.97 72.40
N GLU I 89 -43.53 20.99 71.55
CA GLU I 89 -44.64 21.57 70.82
C GLU I 89 -45.34 20.55 69.97
N TYR I 90 -44.72 19.39 69.80
CA TYR I 90 -45.20 18.39 68.84
C TYR I 90 -45.47 17.07 69.52
N THR I 91 -45.03 17.00 70.76
CA THR I 91 -45.28 15.87 71.63
C THR I 91 -46.66 15.24 71.43
N ASN I 92 -46.73 14.21 70.60
CA ASN I 92 -47.97 13.47 70.42
C ASN I 92 -48.87 13.87 69.24
N SER I 93 -48.36 14.72 68.33
CA SER I 93 -49.15 15.15 67.17
C SER I 93 -49.04 14.20 65.97
N PRO I 94 -49.91 14.38 64.96
CA PRO I 94 -49.94 13.46 63.82
C PRO I 94 -48.53 13.25 63.26
N ALA I 95 -48.10 11.99 63.21
CA ALA I 95 -46.78 11.61 62.69
C ALA I 95 -45.63 11.76 63.70
N HIS I 96 -45.95 12.19 64.92
CA HIS I 96 -44.99 12.08 66.04
C HIS I 96 -45.55 11.15 67.10
N ASP I 97 -44.71 10.73 68.05
CA ASP I 97 -45.17 9.85 69.13
C ASP I 97 -44.99 10.44 70.53
N GLY I 98 -45.13 9.57 71.54
CA GLY I 98 -44.78 9.93 72.92
C GLY I 98 -43.68 10.98 72.97
N THR I 99 -42.43 10.58 72.69
CA THR I 99 -41.29 11.51 72.81
C THR I 99 -41.51 12.82 72.09
N GLY I 100 -42.36 12.82 71.07
CA GLY I 100 -42.53 13.99 70.22
C GLY I 100 -41.28 14.45 69.48
N ARG I 101 -40.37 13.51 69.20
CA ARG I 101 -39.16 13.82 68.42
C ARG I 101 -39.48 13.93 66.91
N PHE I 102 -38.58 14.53 66.12
CA PHE I 102 -38.78 14.49 64.67
C PHE I 102 -38.20 13.19 64.17
N VAL I 103 -39.13 12.31 63.77
CA VAL I 103 -38.82 10.93 63.48
C VAL I 103 -39.84 10.33 62.48
N PRO I 104 -40.05 11.02 61.32
CA PRO I 104 -41.19 10.65 60.46
C PRO I 104 -40.86 9.49 59.53
N TYR I 105 -41.80 8.56 59.40
CA TYR I 105 -41.59 7.44 58.50
C TYR I 105 -42.65 7.33 57.43
N TRP I 106 -42.38 7.94 56.26
CA TRP I 106 -43.23 7.76 55.10
C TRP I 106 -43.00 6.38 54.53
N ASN I 107 -44.07 5.68 54.20
CA ASN I 107 -43.91 4.31 53.75
C ASN I 107 -45.16 3.73 53.11
N LYS I 108 -44.93 2.78 52.23
CA LYS I 108 -46.01 2.13 51.52
C LYS I 108 -46.33 0.83 52.23
N MET I 109 -46.13 0.78 53.54
CA MET I 109 -46.14 -0.52 54.22
C MET I 109 -47.38 -1.40 54.10
N ASN I 110 -48.56 -0.85 53.82
CA ASN I 110 -49.69 -1.72 53.40
C ASN I 110 -50.56 -1.08 52.32
N GLY I 111 -50.33 -1.51 51.07
CA GLY I 111 -51.03 -0.93 49.91
C GLY I 111 -50.68 0.54 49.71
N THR I 112 -51.31 1.40 50.51
CA THR I 112 -51.25 2.87 50.37
C THR I 112 -50.08 3.59 51.11
N ALA I 113 -49.83 4.85 50.75
CA ALA I 113 -48.66 5.59 51.24
C ALA I 113 -48.93 6.61 52.32
N SER I 114 -48.48 6.34 53.55
CA SER I 114 -48.73 7.28 54.64
C SER I 114 -47.58 7.43 55.62
N VAL I 115 -47.68 8.45 56.48
CA VAL I 115 -46.66 8.64 57.50
C VAL I 115 -47.12 8.19 58.88
N ALA I 116 -46.17 7.68 59.65
CA ALA I 116 -46.38 7.22 61.00
C ALA I 116 -45.01 7.41 61.66
N PRO I 117 -44.95 7.39 63.00
CA PRO I 117 -43.61 7.70 63.54
C PRO I 117 -42.67 6.49 63.58
N LEU I 118 -41.38 6.79 63.55
CA LEU I 118 -40.38 5.73 63.63
C LEU I 118 -40.43 4.96 64.97
N LEU I 119 -40.89 3.72 64.93
CA LEU I 119 -40.90 2.87 66.13
C LEU I 119 -39.54 2.29 66.44
N HIS I 120 -38.97 2.63 67.60
CA HIS I 120 -37.82 1.91 68.16
C HIS I 120 -36.43 2.46 67.80
N TYR I 121 -36.37 3.75 67.47
CA TYR I 121 -35.08 4.42 67.26
C TYR I 121 -34.18 4.20 68.47
N ASP I 122 -34.73 3.50 69.46
CA ASP I 122 -34.08 3.33 70.76
C ASP I 122 -33.67 1.89 71.11
N SER I 123 -33.80 0.98 70.15
CA SER I 123 -33.17 -0.31 70.30
C SER I 123 -32.74 -0.80 68.93
N SER I 124 -33.17 -0.08 67.89
CA SER I 124 -33.03 -0.61 66.54
C SER I 124 -31.74 -0.27 65.77
N ASP I 125 -31.19 -1.32 65.18
CA ASP I 125 -29.99 -1.23 64.38
C ASP I 125 -29.91 -0.03 63.51
N TYR I 126 -31.04 0.31 62.89
CA TYR I 126 -31.06 1.35 61.89
C TYR I 126 -30.68 2.69 62.45
N TYR I 127 -31.14 2.99 63.66
CA TYR I 127 -30.70 4.18 64.41
C TYR I 127 -29.35 3.94 65.06
N GLN I 128 -29.31 2.85 65.82
CA GLN I 128 -28.19 2.51 66.71
C GLN I 128 -26.82 2.43 66.05
N LEU I 129 -26.68 1.57 65.03
CA LEU I 129 -25.37 1.31 64.41
C LEU I 129 -24.79 2.56 63.80
N PRO I 130 -25.65 3.40 63.21
CA PRO I 130 -25.17 4.65 62.66
C PRO I 130 -24.70 5.57 63.78
N LYS I 131 -25.52 5.71 64.82
CA LYS I 131 -25.17 6.63 65.92
C LYS I 131 -24.00 6.14 66.75
N ALA I 132 -23.73 4.84 66.68
CA ALA I 132 -22.52 4.28 67.27
C ALA I 132 -21.29 4.58 66.40
N THR I 133 -21.33 4.19 65.13
CA THR I 133 -20.18 4.34 64.24
C THR I 133 -20.08 5.74 63.65
N GLU I 134 -21.23 6.43 63.60
CA GLU I 134 -21.39 7.69 62.84
C GLU I 134 -20.87 7.49 61.42
N LYS I 135 -21.50 6.55 60.71
CA LYS I 135 -21.07 6.12 59.38
C LYS I 135 -22.25 5.53 58.65
N ASP I 136 -22.33 5.82 57.35
CA ASP I 136 -23.33 5.20 56.49
C ASP I 136 -23.37 3.70 56.76
N VAL I 137 -24.54 3.12 56.57
CA VAL I 137 -24.79 1.77 57.00
C VAL I 137 -25.88 1.19 56.13
N LEU I 138 -25.72 -0.06 55.75
CA LEU I 138 -26.77 -0.80 55.11
C LEU I 138 -27.14 -1.92 56.08
N THR I 139 -28.20 -1.69 56.85
CA THR I 139 -28.52 -2.61 57.95
C THR I 139 -28.81 -4.04 57.51
N GLU I 140 -28.55 -4.99 58.39
CA GLU I 140 -28.91 -6.35 58.13
C GLU I 140 -30.43 -6.44 58.06
N PRO I 141 -30.95 -7.50 57.48
CA PRO I 141 -32.40 -7.51 57.32
C PRO I 141 -33.04 -7.63 58.67
N TYR I 142 -34.15 -6.92 58.90
CA TYR I 142 -34.91 -7.07 60.14
C TYR I 142 -36.37 -7.09 59.86
N PHE I 143 -37.19 -7.22 60.88
CA PHE I 143 -38.58 -7.59 60.63
C PHE I 143 -39.58 -6.58 61.18
N TYR I 144 -39.39 -5.31 60.80
CA TYR I 144 -40.16 -4.17 61.31
C TYR I 144 -41.67 -4.28 60.96
N GLU I 145 -42.51 -4.09 61.98
CA GLU I 145 -43.97 -3.95 61.83
C GLU I 145 -44.61 -4.93 60.89
N GLY I 146 -44.20 -6.18 60.98
CA GLY I 146 -44.91 -7.22 60.24
C GLY I 146 -44.34 -7.46 58.86
N VAL I 147 -43.29 -6.71 58.49
CA VAL I 147 -42.61 -6.90 57.20
C VAL I 147 -41.06 -6.97 57.25
N PHE I 148 -40.47 -7.78 56.37
CA PHE I 148 -39.00 -7.91 56.32
C PHE I 148 -38.41 -6.84 55.43
N MET I 149 -37.34 -6.18 55.87
CA MET I 149 -36.85 -5.01 55.13
C MET I 149 -35.40 -4.74 55.43
N VAL I 150 -34.85 -3.69 54.84
CA VAL I 150 -33.42 -3.40 54.94
C VAL I 150 -33.21 -1.90 54.82
N SER I 151 -32.30 -1.34 55.60
CA SER I 151 -32.25 0.09 55.69
C SER I 151 -30.93 0.73 55.32
N TYR I 152 -31.01 1.60 54.30
CA TYR I 152 -29.89 2.40 53.88
C TYR I 152 -29.93 3.63 54.76
N VAL I 153 -28.90 3.84 55.55
CA VAL I 153 -28.99 4.86 56.57
C VAL I 153 -27.76 5.73 56.63
N SER I 154 -27.96 7.00 56.94
CA SER I 154 -26.83 7.89 57.00
C SER I 154 -26.94 8.83 58.21
N PRO I 155 -25.85 8.90 58.99
CA PRO I 155 -25.79 9.79 60.11
C PRO I 155 -25.89 11.26 59.66
N ILE I 156 -26.62 12.03 60.46
CA ILE I 156 -26.75 13.48 60.30
C ILE I 156 -25.81 14.22 61.24
N MET I 157 -24.61 14.55 60.75
CA MET I 157 -23.57 15.17 61.57
C MET I 157 -23.58 16.68 61.44
N LYS I 158 -24.09 17.36 62.48
CA LYS I 158 -24.18 18.83 62.57
C LYS I 158 -23.04 19.41 63.41
N GLU I 159 -22.07 20.05 62.74
CA GLU I 159 -20.80 20.49 63.37
C GLU I 159 -20.30 19.55 64.49
N GLY I 160 -19.56 18.51 64.10
CA GLY I 160 -19.03 17.51 65.06
C GLY I 160 -20.11 16.63 65.70
N GLU I 161 -21.28 17.20 65.95
CA GLU I 161 -22.31 16.49 66.69
C GLU I 161 -23.26 15.68 65.79
N PHE I 162 -23.25 14.37 65.98
CA PHE I 162 -24.29 13.57 65.39
C PHE I 162 -25.69 13.97 65.89
N ALA I 163 -26.58 14.42 65.01
CA ALA I 163 -27.92 14.93 65.38
C ALA I 163 -29.10 14.00 65.07
N GLY I 164 -28.82 12.89 64.36
CA GLY I 164 -29.86 11.90 63.98
C GLY I 164 -29.45 11.10 62.75
N ILE I 165 -30.41 10.59 62.00
CA ILE I 165 -30.10 9.93 60.75
C ILE I 165 -31.10 10.30 59.67
N GLY I 166 -30.73 9.97 58.42
CA GLY I 166 -31.63 10.00 57.28
C GLY I 166 -31.52 8.66 56.60
N GLY I 167 -32.59 8.22 55.95
CA GLY I 167 -32.56 6.93 55.26
C GLY I 167 -33.81 6.51 54.52
N VAL I 168 -33.72 5.36 53.85
CA VAL I 168 -34.75 4.82 52.98
C VAL I 168 -34.77 3.32 53.16
N ASP I 169 -35.94 2.72 53.01
CA ASP I 169 -36.10 1.29 53.27
C ASP I 169 -36.48 0.49 52.03
N VAL I 170 -36.03 -0.75 51.94
CA VAL I 170 -36.35 -1.57 50.79
C VAL I 170 -36.85 -2.92 51.27
N SER I 171 -38.05 -3.34 50.84
CA SER I 171 -38.58 -4.60 51.31
C SER I 171 -37.88 -5.80 50.66
N LEU I 172 -37.74 -6.89 51.42
CA LEU I 172 -37.18 -8.11 50.86
C LEU I 172 -38.11 -8.60 49.79
N GLU I 173 -39.39 -8.26 49.90
CA GLU I 173 -40.37 -8.75 48.94
C GLU I 173 -39.91 -8.26 47.58
N TYR I 174 -39.21 -7.13 47.59
CA TYR I 174 -38.79 -6.54 46.35
C TYR I 174 -37.47 -7.15 45.85
N VAL I 175 -36.52 -7.27 46.77
CA VAL I 175 -35.27 -7.96 46.51
C VAL I 175 -35.60 -9.32 45.92
N ASP I 176 -36.39 -10.12 46.63
CA ASP I 176 -36.63 -11.46 46.17
C ASP I 176 -37.19 -11.42 44.79
N GLU I 177 -38.01 -10.41 44.54
CA GLU I 177 -38.73 -10.29 43.29
C GLU I 177 -37.85 -10.03 42.08
N VAL I 178 -36.73 -9.34 42.28
CA VAL I 178 -35.77 -9.11 41.22
C VAL I 178 -34.83 -10.29 41.09
N VAL I 179 -34.18 -10.66 42.19
CA VAL I 179 -33.21 -11.74 42.18
C VAL I 179 -33.78 -13.08 41.76
N SER I 180 -34.96 -13.44 42.21
CA SER I 180 -35.52 -14.74 41.78
C SER I 180 -35.84 -14.82 40.29
N LYS I 181 -35.39 -13.84 39.52
CA LYS I 181 -35.67 -13.77 38.10
C LYS I 181 -34.44 -14.20 37.33
N VAL I 182 -33.36 -14.45 38.06
CA VAL I 182 -32.13 -14.97 37.49
C VAL I 182 -32.28 -16.47 37.26
N ARG I 183 -31.80 -16.96 36.13
CA ARG I 183 -31.70 -18.38 35.86
C ARG I 183 -30.31 -18.71 35.33
N THR I 184 -29.88 -19.96 35.39
CA THR I 184 -28.57 -20.34 34.87
C THR I 184 -28.54 -21.84 34.58
N PHE I 185 -27.77 -22.24 33.59
CA PHE I 185 -27.88 -23.59 33.08
C PHE I 185 -29.35 -23.94 32.96
N ASP I 186 -29.70 -25.18 33.24
CA ASP I 186 -31.12 -25.56 33.18
C ASP I 186 -31.91 -25.19 34.42
N THR I 187 -31.46 -25.63 35.58
CA THR I 187 -32.29 -25.49 36.77
C THR I 187 -31.63 -24.54 37.77
N GLY I 188 -30.51 -23.96 37.36
CA GLY I 188 -29.73 -23.06 38.22
C GLY I 188 -30.48 -21.78 38.58
N TYR I 189 -30.08 -21.14 39.68
CA TYR I 189 -30.66 -19.89 40.10
C TYR I 189 -29.70 -19.12 40.99
N ALA I 190 -30.24 -18.15 41.73
CA ALA I 190 -29.40 -17.25 42.50
C ALA I 190 -30.17 -16.67 43.68
N PHE I 191 -29.46 -16.31 44.76
CA PHE I 191 -30.10 -15.59 45.83
C PHE I 191 -29.13 -14.61 46.45
N MET I 192 -29.57 -13.43 46.85
CA MET I 192 -28.71 -12.55 47.63
C MET I 192 -28.76 -12.96 49.08
N VAL I 193 -27.83 -12.43 49.87
CA VAL I 193 -27.62 -12.82 51.26
C VAL I 193 -27.01 -11.61 51.95
N SER I 194 -27.31 -11.40 53.24
CA SER I 194 -26.87 -10.16 53.92
C SER I 194 -25.40 -10.29 54.27
N ASN I 195 -24.86 -9.27 54.95
CA ASN I 195 -23.42 -9.30 55.26
C ASN I 195 -23.01 -10.45 56.20
N SER I 196 -23.94 -10.93 57.00
CA SER I 196 -23.70 -12.13 57.76
C SER I 196 -24.56 -13.25 57.18
N GLY I 197 -24.85 -13.16 55.89
CA GLY I 197 -25.42 -14.32 55.20
C GLY I 197 -26.84 -14.75 55.54
N VAL I 198 -27.60 -13.87 56.19
CA VAL I 198 -29.05 -14.06 56.20
C VAL I 198 -29.49 -14.12 54.72
N ILE I 199 -30.26 -15.16 54.37
CA ILE I 199 -30.87 -15.25 53.03
C ILE I 199 -31.83 -14.09 52.75
N LEU I 200 -31.67 -13.45 51.59
CA LEU I 200 -32.53 -12.28 51.24
C LEU I 200 -33.62 -12.54 50.17
N SER I 201 -33.72 -13.75 49.68
CA SER I 201 -34.59 -13.99 48.59
C SER I 201 -34.48 -15.47 48.26
N HIS I 202 -35.43 -16.00 47.50
CA HIS I 202 -35.33 -17.37 47.04
C HIS I 202 -36.45 -17.70 46.11
N PRO I 203 -36.12 -18.26 44.94
CA PRO I 203 -37.14 -18.47 43.91
C PRO I 203 -38.36 -19.25 44.43
N THR I 204 -38.19 -20.09 45.46
CA THR I 204 -39.27 -20.98 45.87
C THR I 204 -39.58 -21.11 47.37
N HIS I 205 -38.60 -20.94 48.22
CA HIS I 205 -38.87 -21.13 49.63
C HIS I 205 -38.86 -19.81 50.34
N LYS I 206 -39.90 -19.04 50.05
CA LYS I 206 -40.05 -17.72 50.62
C LYS I 206 -40.10 -17.72 52.15
N ASP I 207 -40.42 -18.83 52.79
CA ASP I 207 -40.41 -18.84 54.26
C ASP I 207 -39.04 -18.56 54.84
N TRP I 208 -38.00 -18.74 54.01
CA TRP I 208 -36.60 -18.58 54.42
C TRP I 208 -36.19 -17.12 54.36
N ILE I 209 -36.68 -16.40 53.35
CA ILE I 209 -36.30 -15.01 53.18
C ILE I 209 -36.46 -14.37 54.53
N GLY I 210 -35.42 -13.73 55.03
CA GLY I 210 -35.45 -13.14 56.36
C GLY I 210 -35.29 -14.12 57.52
N LYS I 211 -35.78 -15.34 57.37
CA LYS I 211 -35.69 -16.34 58.45
C LYS I 211 -34.35 -17.10 58.47
N LYS I 212 -34.10 -17.90 57.46
CA LYS I 212 -32.93 -18.78 57.45
C LYS I 212 -31.67 -18.02 57.08
N ASP I 213 -30.50 -18.61 57.31
CA ASP I 213 -29.23 -18.03 56.85
C ASP I 213 -28.30 -19.10 56.27
N LEU I 214 -27.05 -18.74 55.97
CA LEU I 214 -26.19 -19.66 55.24
C LEU I 214 -25.88 -20.92 56.02
N TYR I 215 -25.90 -20.80 57.34
CA TYR I 215 -25.73 -21.95 58.22
C TYR I 215 -26.81 -22.99 57.95
N ASP I 216 -28.07 -22.61 58.08
CA ASP I 216 -29.19 -23.51 57.77
C ASP I 216 -29.16 -24.01 56.31
N PHE I 217 -28.08 -23.78 55.58
CA PHE I 217 -28.05 -24.14 54.16
C PHE I 217 -26.99 -25.19 53.88
N GLY I 218 -26.78 -26.08 54.84
CA GLY I 218 -25.77 -27.13 54.69
C GLY I 218 -24.77 -27.14 55.85
N GLY I 219 -23.92 -28.17 55.86
CA GLY I 219 -22.92 -28.34 56.91
C GLY I 219 -22.11 -27.08 57.26
N GLU I 220 -20.80 -27.24 57.23
CA GLU I 220 -19.93 -26.17 57.66
C GLU I 220 -18.92 -25.91 56.56
N GLU I 221 -19.20 -26.45 55.38
CA GLU I 221 -18.53 -25.96 54.19
C GLU I 221 -18.83 -24.47 54.16
N LEU I 222 -20.02 -24.16 54.63
CA LEU I 222 -20.60 -22.84 54.51
C LEU I 222 -20.14 -21.93 55.64
N GLU I 223 -18.93 -22.15 56.14
CA GLU I 223 -18.43 -21.27 57.19
C GLU I 223 -17.22 -20.44 56.77
N LYS I 224 -16.38 -21.01 55.92
CA LYS I 224 -15.39 -20.22 55.20
C LYS I 224 -16.22 -19.26 54.34
N ALA I 225 -17.21 -19.83 53.65
CA ALA I 225 -18.23 -19.05 52.98
C ALA I 225 -18.67 -17.85 53.82
N SER I 226 -19.44 -18.11 54.89
CA SER I 226 -19.99 -17.03 55.72
C SER I 226 -18.96 -15.95 56.04
N ARG I 227 -17.71 -16.36 56.13
CA ARG I 227 -16.65 -15.44 56.46
C ARG I 227 -16.25 -14.60 55.27
N ASP I 228 -16.09 -15.23 54.12
CA ASP I 228 -15.68 -14.53 52.90
C ASP I 228 -16.65 -13.44 52.54
N ILE I 229 -17.92 -13.82 52.49
CA ILE I 229 -18.95 -12.90 52.10
C ILE I 229 -18.93 -11.82 53.15
N LYS I 230 -18.92 -12.23 54.42
CA LYS I 230 -18.86 -11.28 55.55
C LYS I 230 -17.61 -10.39 55.56
N ASN I 231 -16.63 -10.71 54.72
CA ASN I 231 -15.43 -9.87 54.55
C ASN I 231 -15.31 -9.32 53.13
N GLY I 232 -16.24 -9.73 52.28
CA GLY I 232 -16.33 -9.22 50.93
C GLY I 232 -15.46 -9.99 49.95
N ILE I 233 -15.36 -11.31 50.15
CA ILE I 233 -14.49 -12.15 49.32
C ILE I 233 -15.30 -13.20 48.58
N GLY I 234 -15.23 -13.20 47.24
CA GLY I 234 -15.96 -14.20 46.44
C GLY I 234 -15.41 -15.61 46.57
N GLY I 235 -16.26 -16.62 46.44
CA GLY I 235 -15.81 -18.00 46.50
C GLY I 235 -16.71 -19.00 45.82
N HIS I 236 -16.52 -20.27 46.16
CA HIS I 236 -17.44 -21.31 45.73
C HIS I 236 -17.30 -22.56 46.64
N LEU I 237 -18.28 -23.44 46.61
CA LEU I 237 -18.20 -24.70 47.35
C LEU I 237 -19.20 -25.68 46.79
N GLU I 238 -19.17 -26.91 47.31
CA GLU I 238 -20.21 -27.83 46.98
C GLU I 238 -21.05 -27.97 48.20
N THR I 239 -22.22 -28.56 48.04
CA THR I 239 -23.11 -28.82 49.14
C THR I 239 -24.47 -29.20 48.58
N ALA I 240 -25.39 -29.62 49.45
CA ALA I 240 -26.68 -30.03 48.98
C ALA I 240 -27.70 -28.88 49.11
N ASP I 241 -28.26 -28.46 47.98
CA ASP I 241 -29.31 -27.47 48.00
C ASP I 241 -30.49 -28.09 48.71
N PRO I 242 -30.80 -27.58 49.90
CA PRO I 242 -31.85 -28.06 50.80
C PRO I 242 -33.24 -27.76 50.25
N THR I 243 -33.31 -27.24 49.04
CA THR I 243 -34.60 -26.96 48.45
C THR I 243 -34.95 -28.07 47.49
N THR I 244 -33.92 -28.79 47.05
CA THR I 244 -34.03 -29.90 46.11
C THR I 244 -33.40 -31.09 46.84
N GLY I 245 -32.72 -31.98 46.14
CA GLY I 245 -31.87 -32.97 46.85
C GLY I 245 -30.46 -32.74 46.35
N LYS I 246 -30.41 -31.82 45.38
CA LYS I 246 -29.33 -31.67 44.44
C LYS I 246 -28.03 -31.25 45.06
N THR I 247 -26.95 -31.82 44.60
CA THR I 247 -25.70 -31.26 45.01
C THR I 247 -25.55 -30.08 44.07
N VAL I 248 -25.07 -28.96 44.60
CA VAL I 248 -24.94 -27.75 43.82
C VAL I 248 -23.59 -27.14 44.17
N ILE I 249 -23.13 -26.28 43.28
CA ILE I 249 -21.94 -25.50 43.52
C ILE I 249 -22.49 -24.12 43.72
N LEU I 250 -22.03 -23.47 44.79
CA LEU I 250 -22.47 -22.14 45.12
C LEU I 250 -21.37 -21.15 44.76
N PHE I 251 -21.69 -20.26 43.82
CA PHE I 251 -20.78 -19.21 43.42
C PHE I 251 -21.28 -17.95 44.10
N TYR I 252 -20.58 -17.52 45.13
CA TYR I 252 -20.93 -16.26 45.77
C TYR I 252 -19.90 -15.21 45.39
N GLU I 253 -20.32 -13.95 45.25
CA GLU I 253 -19.42 -12.84 44.91
C GLU I 253 -19.88 -11.64 45.69
N PRO I 254 -18.94 -10.84 46.21
CA PRO I 254 -19.35 -9.73 47.07
C PRO I 254 -20.27 -8.75 46.31
N VAL I 255 -21.27 -8.18 46.98
CA VAL I 255 -21.95 -6.98 46.44
C VAL I 255 -21.30 -5.87 47.21
N GLU I 256 -20.77 -4.89 46.48
CA GLU I 256 -19.83 -4.00 47.11
C GLU I 256 -20.45 -3.25 48.24
N THR I 257 -21.46 -2.45 47.97
CA THR I 257 -22.05 -1.65 49.04
C THR I 257 -22.81 -2.54 50.03
N GLY I 258 -22.49 -2.38 51.31
CA GLY I 258 -23.00 -3.24 52.37
C GLY I 258 -22.26 -4.58 52.45
N ASP I 259 -21.34 -4.78 51.49
CA ASP I 259 -20.67 -6.06 51.35
C ASP I 259 -21.68 -7.18 51.60
N PHE I 260 -22.80 -7.16 50.86
CA PHE I 260 -23.68 -8.30 50.89
C PHE I 260 -23.06 -9.34 49.97
N ALA I 261 -23.84 -10.25 49.42
CA ALA I 261 -23.28 -11.23 48.50
C ALA I 261 -24.32 -11.59 47.47
N PHE I 262 -23.86 -11.87 46.26
CA PHE I 262 -24.71 -12.50 45.28
C PHE I 262 -24.31 -13.98 45.12
N VAL I 263 -25.15 -14.90 45.57
CA VAL I 263 -24.82 -16.32 45.45
C VAL I 263 -25.50 -16.88 44.23
N LEU I 264 -24.75 -17.47 43.30
CA LEU I 264 -25.30 -18.01 42.07
C LEU I 264 -25.30 -19.52 42.16
N VAL I 265 -26.44 -20.18 41.99
CA VAL I 265 -26.49 -21.62 42.26
C VAL I 265 -26.41 -22.47 41.01
N VAL I 266 -25.47 -23.40 40.97
CA VAL I 266 -25.37 -24.21 39.78
C VAL I 266 -25.41 -25.65 40.18
N PRO I 267 -26.31 -26.45 39.61
CA PRO I 267 -26.34 -27.87 39.99
C PRO I 267 -25.12 -28.63 39.48
N LYS I 268 -24.59 -29.55 40.28
CA LYS I 268 -23.36 -30.25 39.93
C LYS I 268 -23.59 -31.13 38.70
N GLU I 269 -24.76 -31.78 38.70
CA GLU I 269 -25.23 -32.62 37.60
C GLU I 269 -25.20 -31.86 36.28
N GLU I 270 -25.29 -30.54 36.36
CA GLU I 270 -25.33 -29.68 35.18
C GLU I 270 -23.98 -29.08 34.76
N MET I 271 -23.16 -28.64 35.72
CA MET I 271 -21.80 -28.19 35.46
C MET I 271 -21.10 -29.31 34.74
N LEU I 272 -21.32 -30.52 35.25
CA LEU I 272 -20.77 -31.73 34.68
C LEU I 272 -21.20 -31.86 33.24
N ALA I 273 -22.50 -32.05 33.02
CA ALA I 273 -23.05 -32.12 31.68
C ALA I 273 -22.43 -31.03 30.81
N GLY I 274 -22.10 -29.91 31.43
CA GLY I 274 -21.61 -28.72 30.75
C GLY I 274 -20.22 -28.94 30.23
N VAL I 275 -19.32 -29.41 31.09
CA VAL I 275 -17.92 -29.72 30.68
C VAL I 275 -17.91 -30.73 29.55
N ALA I 276 -18.76 -31.75 29.65
CA ALA I 276 -18.97 -32.68 28.56
C ALA I 276 -18.94 -31.93 27.22
N ASP I 277 -19.82 -30.96 27.05
CA ASP I 277 -19.89 -30.17 25.82
C ASP I 277 -18.60 -29.51 25.39
N LEU I 278 -18.04 -28.70 26.28
CA LEU I 278 -16.87 -27.93 25.90
C LEU I 278 -15.89 -28.73 25.01
N ARG I 279 -16.27 -29.94 24.60
CA ARG I 279 -15.42 -30.80 23.76
C ARG I 279 -16.27 -31.69 22.83
N GLU I 280 -16.21 -31.47 21.51
CA GLU I 280 -15.32 -30.47 20.87
C GLU I 280 -13.82 -30.60 21.26
N GLU J 10 -13.87 -22.95 19.59
CA GLU J 10 -12.54 -22.27 19.67
C GLU J 10 -12.79 -20.78 19.86
N LYS J 11 -13.84 -20.30 19.19
CA LYS J 11 -14.37 -18.95 19.42
C LYS J 11 -14.46 -18.62 20.91
N LEU J 12 -15.23 -19.42 21.68
CA LEU J 12 -15.18 -19.39 23.16
C LEU J 12 -14.33 -18.28 23.80
N ALA J 13 -13.26 -17.88 23.13
CA ALA J 13 -12.46 -16.74 23.57
C ALA J 13 -13.32 -15.49 23.44
N TYR J 14 -14.30 -15.55 22.55
CA TYR J 14 -15.24 -14.45 22.38
C TYR J 14 -16.21 -14.40 23.54
N GLN J 15 -16.84 -15.53 23.81
CA GLN J 15 -17.75 -15.58 24.91
C GLN J 15 -17.10 -15.01 26.15
N GLN J 16 -15.78 -15.00 26.16
CA GLN J 16 -15.06 -14.59 27.33
C GLN J 16 -14.87 -13.08 27.39
N SER J 17 -14.69 -12.46 26.24
CA SER J 17 -14.48 -11.02 26.18
C SER J 17 -15.76 -10.25 26.32
N VAL J 18 -16.81 -10.76 25.67
CA VAL J 18 -18.15 -10.26 25.85
C VAL J 18 -18.51 -10.23 27.34
N GLU J 19 -18.38 -11.37 27.98
CA GLU J 19 -18.61 -11.46 29.41
C GLU J 19 -17.89 -10.37 30.23
N MET J 20 -16.61 -10.18 29.96
CA MET J 20 -15.77 -9.26 30.71
C MET J 20 -16.18 -7.81 30.39
N ALA J 21 -16.51 -7.57 29.12
CA ALA J 21 -16.90 -6.22 28.68
C ALA J 21 -18.18 -5.83 29.36
N SER J 22 -19.06 -6.81 29.54
CA SER J 22 -20.32 -6.58 30.19
C SER J 22 -20.15 -6.26 31.66
N ASN J 23 -19.35 -7.07 32.34
CA ASN J 23 -19.00 -6.86 33.74
C ASN J 23 -18.53 -5.40 33.98
N TYR J 24 -17.54 -4.95 33.23
CA TYR J 24 -17.12 -3.56 33.34
C TYR J 24 -18.26 -2.58 33.10
N ALA J 25 -18.95 -2.76 31.97
CA ALA J 25 -19.98 -1.84 31.54
C ALA J 25 -20.82 -1.60 32.75
N ASN J 26 -21.09 -2.70 33.45
CA ASN J 26 -21.96 -2.68 34.62
C ASN J 26 -21.42 -1.96 35.84
N GLN J 27 -20.17 -2.25 36.21
CA GLN J 27 -19.51 -1.45 37.25
C GLN J 27 -19.63 0.03 36.96
N PHE J 28 -19.18 0.48 35.80
CA PHE J 28 -19.33 1.92 35.53
C PHE J 28 -20.79 2.36 35.54
N ASP J 29 -21.71 1.42 35.57
CA ASP J 29 -23.10 1.79 35.65
C ASP J 29 -23.51 2.07 37.09
N ALA J 30 -22.88 1.39 38.05
CA ALA J 30 -23.24 1.57 39.45
C ALA J 30 -22.93 3.00 39.78
N ASP J 31 -21.75 3.44 39.37
CA ASP J 31 -21.33 4.81 39.58
C ASP J 31 -22.31 5.79 38.96
N MET J 32 -22.71 5.52 37.73
CA MET J 32 -23.51 6.51 37.02
C MET J 32 -24.97 6.63 37.52
N LYS J 33 -25.50 5.49 37.99
CA LYS J 33 -26.83 5.44 38.61
C LYS J 33 -26.83 6.22 39.91
N ALA J 34 -25.76 6.12 40.69
CA ALA J 34 -25.72 6.87 41.94
C ALA J 34 -25.71 8.36 41.68
N ASN J 35 -24.85 8.84 40.78
CA ASN J 35 -24.82 10.29 40.47
C ASN J 35 -26.22 10.88 40.20
N LEU J 36 -26.82 10.44 39.08
CA LEU J 36 -28.21 10.71 38.73
C LEU J 36 -29.20 10.59 39.92
N ALA J 37 -29.08 9.53 40.74
CA ALA J 37 -29.84 9.47 42.01
C ALA J 37 -29.67 10.73 42.82
N ILE J 38 -28.44 11.25 42.87
CA ILE J 38 -28.21 12.52 43.56
C ILE J 38 -28.96 13.69 42.91
N ALA J 39 -28.95 13.74 41.58
CA ALA J 39 -29.66 14.81 40.88
C ALA J 39 -31.18 14.69 41.08
N ARG J 40 -31.71 13.47 40.93
CA ARG J 40 -33.11 13.27 41.21
C ARG J 40 -33.46 13.66 42.65
N THR J 41 -32.56 13.42 43.59
CA THR J 41 -32.87 13.88 44.93
C THR J 41 -32.76 15.40 45.07
N ILE J 42 -31.78 16.04 44.42
CA ILE J 42 -31.66 17.48 44.54
C ILE J 42 -32.94 18.13 43.99
N SER J 43 -33.52 17.53 42.97
CA SER J 43 -34.68 18.17 42.34
C SER J 43 -35.96 17.87 43.09
N THR J 44 -36.18 16.59 43.44
CA THR J 44 -37.38 16.23 44.15
C THR J 44 -37.42 17.03 45.43
N THR J 45 -36.24 17.34 45.96
CA THR J 45 -36.19 18.29 47.07
C THR J 45 -36.69 19.63 46.59
N MET J 46 -35.97 20.26 45.66
CA MET J 46 -36.38 21.61 45.26
C MET J 46 -37.86 21.63 44.92
N GLU J 47 -38.34 20.57 44.28
CA GLU J 47 -39.79 20.43 44.08
C GLU J 47 -40.51 20.78 45.38
N SER J 48 -40.10 20.18 46.48
CA SER J 48 -40.79 20.33 47.76
C SER J 48 -40.33 21.48 48.64
N TYR J 49 -39.38 22.29 48.16
CA TYR J 49 -38.79 23.36 49.00
C TYR J 49 -39.58 24.67 48.97
N GLU J 50 -40.37 24.88 50.02
CA GLU J 50 -41.28 26.02 50.15
C GLU J 50 -40.56 27.29 50.54
N THR J 51 -39.80 27.22 51.63
CA THR J 51 -39.01 28.35 52.08
C THR J 51 -38.49 29.16 50.89
N ALA J 52 -37.59 28.57 50.13
CA ALA J 52 -37.01 29.22 48.96
C ALA J 52 -36.03 30.28 49.41
N ASP J 53 -35.25 29.93 50.42
CA ASP J 53 -34.13 30.77 50.81
C ASP J 53 -32.88 30.43 50.02
N ARG J 54 -32.48 31.32 49.11
CA ARG J 54 -31.31 31.10 48.27
C ARG J 54 -30.04 30.64 49.00
N ASP J 55 -29.78 31.15 50.21
CA ASP J 55 -28.59 30.69 50.94
C ASP J 55 -28.73 29.25 51.34
N GLU J 56 -29.89 28.92 51.87
CA GLU J 56 -30.12 27.57 52.31
C GLU J 56 -29.83 26.59 51.16
N ALA J 57 -30.29 26.96 49.97
CA ALA J 57 -30.00 26.21 48.75
C ALA J 57 -28.49 26.01 48.53
N LEU J 58 -27.76 27.13 48.42
CA LEU J 58 -26.32 27.08 48.18
C LEU J 58 -25.65 26.17 49.21
N LEU J 59 -26.06 26.34 50.45
CA LEU J 59 -25.45 25.57 51.48
C LEU J 59 -25.68 24.10 51.15
N ILE J 60 -26.86 23.79 50.64
CA ILE J 60 -27.14 22.41 50.26
C ILE J 60 -26.19 21.98 49.13
N LEU J 61 -26.25 22.75 48.04
CA LEU J 61 -25.42 22.49 46.87
C LEU J 61 -23.96 22.35 47.28
N GLU J 62 -23.48 23.34 48.02
CA GLU J 62 -22.08 23.36 48.43
C GLU J 62 -21.68 22.17 49.33
N ASN J 63 -22.57 21.79 50.22
CA ASN J 63 -22.33 20.61 51.03
C ASN J 63 -22.54 19.28 50.36
N LEU J 64 -23.21 19.25 49.22
CA LEU J 64 -23.33 17.98 48.48
C LEU J 64 -22.04 17.76 47.66
N LEU J 65 -21.42 18.86 47.28
CA LEU J 65 -20.22 18.80 46.47
C LEU J 65 -19.10 18.32 47.38
N ARG J 66 -19.15 18.82 48.60
CA ARG J 66 -18.04 18.73 49.52
C ARG J 66 -17.96 17.30 50.03
N ASP J 67 -19.11 16.62 50.02
CA ASP J 67 -19.29 15.28 50.61
C ASP J 67 -19.28 14.19 49.53
N ASN J 68 -19.01 14.62 48.31
CA ASN J 68 -19.07 13.77 47.14
C ASN J 68 -17.91 14.17 46.27
N PRO J 69 -16.72 13.73 46.69
CA PRO J 69 -15.45 14.28 46.16
C PRO J 69 -15.26 13.93 44.70
N HIS J 70 -16.03 12.96 44.20
CA HIS J 70 -15.92 12.54 42.80
C HIS J 70 -16.66 13.52 41.86
N LEU J 71 -17.48 14.39 42.44
CA LEU J 71 -18.29 15.30 41.64
C LEU J 71 -17.57 16.58 41.27
N LEU J 72 -17.36 16.78 39.98
CA LEU J 72 -16.92 18.09 39.46
C LEU J 72 -17.78 19.29 39.98
N GLY J 73 -19.02 19.05 40.44
CA GLY J 73 -19.91 20.14 40.90
C GLY J 73 -21.40 19.88 41.05
N THR J 74 -22.11 20.78 41.73
CA THR J 74 -23.54 20.64 41.89
C THR J 74 -24.24 21.95 41.52
N TYR J 75 -25.50 21.86 41.06
CA TYR J 75 -26.22 23.05 40.56
C TYR J 75 -27.73 22.95 40.57
N VAL J 76 -28.34 24.12 40.68
CA VAL J 76 -29.73 24.28 40.48
C VAL J 76 -29.89 25.42 39.48
N ALA J 77 -30.82 25.30 38.54
CA ALA J 77 -31.06 26.43 37.64
C ALA J 77 -32.55 26.68 37.40
N PHE J 78 -33.04 27.82 37.88
CA PHE J 78 -34.47 28.13 37.86
C PHE J 78 -34.87 29.06 36.73
N GLU J 79 -36.10 28.88 36.27
CA GLU J 79 -36.67 29.71 35.23
C GLU J 79 -36.97 31.05 35.86
N PRO J 80 -37.08 32.09 35.02
CA PRO J 80 -37.24 33.48 35.47
C PRO J 80 -38.23 33.62 36.64
N ASP J 81 -37.76 34.06 37.81
CA ASP J 81 -38.64 34.19 39.00
C ASP J 81 -39.16 32.87 39.56
N ALA J 82 -38.83 31.78 38.89
CA ALA J 82 -39.43 30.51 39.20
C ALA J 82 -39.03 29.95 40.57
N PHE J 83 -38.05 30.55 41.24
CA PHE J 83 -37.58 29.98 42.51
C PHE J 83 -38.28 30.64 43.69
N ASP J 84 -38.02 31.93 43.87
CA ASP J 84 -38.59 32.65 44.99
C ASP J 84 -39.18 33.99 44.58
N GLY J 85 -39.76 34.06 43.38
CA GLY J 85 -40.38 35.30 42.92
C GLY J 85 -39.49 36.54 42.94
N LYS J 86 -38.31 36.47 43.56
CA LYS J 86 -37.46 37.66 43.79
C LYS J 86 -36.25 37.84 42.86
N ASP J 87 -36.33 37.41 41.60
CA ASP J 87 -35.18 37.57 40.70
C ASP J 87 -34.58 38.97 40.69
N ALA J 88 -35.39 40.00 40.40
CA ALA J 88 -34.91 41.38 40.23
C ALA J 88 -34.10 41.89 41.43
N GLU J 89 -34.22 41.23 42.57
CA GLU J 89 -33.46 41.62 43.75
C GLU J 89 -32.07 41.03 43.77
N TYR J 90 -31.90 39.86 43.19
CA TYR J 90 -30.58 39.21 43.22
C TYR J 90 -29.65 39.57 42.04
N THR J 91 -30.19 40.36 41.13
CA THR J 91 -29.43 40.81 39.99
C THR J 91 -28.05 41.36 40.38
N ASN J 92 -27.04 40.51 40.19
CA ASN J 92 -25.62 40.86 40.24
C ASN J 92 -25.02 40.66 41.59
N SER J 93 -25.81 40.18 42.53
CA SER J 93 -25.23 39.76 43.79
C SER J 93 -24.28 38.60 43.54
N PRO J 94 -23.69 38.07 44.61
CA PRO J 94 -22.83 36.89 44.50
C PRO J 94 -23.56 35.73 43.79
N ALA J 95 -22.80 34.88 43.10
CA ALA J 95 -23.30 33.70 42.40
C ALA J 95 -24.45 33.92 41.41
N HIS J 96 -24.71 35.17 41.03
CA HIS J 96 -25.70 35.43 39.97
C HIS J 96 -25.08 36.13 38.77
N ASP J 97 -25.93 36.76 37.99
CA ASP J 97 -25.49 37.50 36.83
C ASP J 97 -26.56 38.58 36.57
N GLY J 98 -26.57 39.14 35.37
CA GLY J 98 -27.53 40.18 35.06
C GLY J 98 -28.97 39.81 35.40
N THR J 99 -29.34 38.57 35.12
CA THR J 99 -30.75 38.23 35.19
C THR J 99 -31.25 38.11 36.63
N GLY J 100 -30.38 37.76 37.56
CA GLY J 100 -30.82 37.56 38.93
C GLY J 100 -31.55 36.23 39.05
N ARG J 101 -31.62 35.50 37.94
CA ARG J 101 -32.17 34.13 37.99
C ARG J 101 -31.38 33.32 39.01
N PHE J 102 -32.03 32.37 39.67
CA PHE J 102 -31.34 31.56 40.67
C PHE J 102 -30.61 30.39 40.02
N VAL J 103 -29.31 30.56 39.76
CA VAL J 103 -28.59 29.61 38.88
C VAL J 103 -27.19 29.21 39.41
N PRO J 104 -27.10 28.84 40.69
CA PRO J 104 -25.84 28.61 41.36
C PRO J 104 -25.12 27.34 40.95
N TYR J 105 -23.88 27.48 40.48
CA TYR J 105 -23.04 26.33 40.15
C TYR J 105 -21.90 26.13 41.15
N TRP J 106 -22.04 25.18 42.06
CA TRP J 106 -21.00 24.95 43.06
C TRP J 106 -20.00 23.91 42.56
N ASN J 107 -18.77 24.31 42.24
CA ASN J 107 -17.91 23.44 41.46
C ASN J 107 -16.42 23.52 41.79
N LYS J 108 -15.72 22.43 41.51
CA LYS J 108 -14.31 22.29 41.79
C LYS J 108 -13.48 22.64 40.58
N MET J 109 -13.95 23.51 39.69
CA MET J 109 -13.32 23.60 38.35
C MET J 109 -11.83 24.00 38.24
N ASN J 110 -11.17 24.38 39.34
CA ASN J 110 -9.70 24.51 39.32
C ASN J 110 -9.15 24.27 40.73
N GLY J 111 -9.20 23.00 41.14
CA GLY J 111 -8.94 22.58 42.52
C GLY J 111 -9.75 23.40 43.52
N THR J 112 -9.57 24.72 43.43
CA THR J 112 -10.44 25.70 44.06
C THR J 112 -11.95 25.35 43.97
N ALA J 113 -12.54 24.93 45.10
CA ALA J 113 -13.98 24.63 45.17
C ALA J 113 -14.83 25.88 45.47
N SER J 114 -15.32 26.56 44.45
CA SER J 114 -16.16 27.72 44.64
C SER J 114 -17.57 27.54 44.03
N VAL J 115 -18.46 28.51 44.29
CA VAL J 115 -19.75 28.65 43.60
C VAL J 115 -19.64 29.76 42.53
N ALA J 116 -20.41 29.64 41.44
CA ALA J 116 -20.49 30.67 40.38
C ALA J 116 -21.77 30.52 39.56
N PRO J 117 -22.23 31.60 38.91
CA PRO J 117 -23.43 31.35 38.12
C PRO J 117 -23.17 30.43 36.93
N LEU J 118 -24.18 29.67 36.53
CA LEU J 118 -24.09 28.85 35.33
C LEU J 118 -24.02 29.75 34.13
N LEU J 119 -23.58 29.24 32.98
CA LEU J 119 -23.52 30.03 31.74
C LEU J 119 -24.20 29.33 30.54
N HIS J 120 -24.82 30.11 29.68
CA HIS J 120 -25.54 29.54 28.55
C HIS J 120 -26.57 28.51 28.95
N TYR J 121 -27.36 28.81 29.98
CA TYR J 121 -28.41 27.85 30.39
C TYR J 121 -29.58 28.00 29.48
N ASP J 122 -29.51 28.94 28.54
CA ASP J 122 -30.57 29.10 27.59
C ASP J 122 -30.12 28.55 26.29
N SER J 123 -29.34 27.48 26.27
CA SER J 123 -28.77 27.07 24.99
C SER J 123 -27.86 25.89 25.11
N SER J 124 -27.52 25.50 26.34
CA SER J 124 -26.88 24.23 26.60
C SER J 124 -27.90 23.14 26.86
N ASP J 125 -27.59 21.91 26.45
CA ASP J 125 -28.46 20.77 26.79
C ASP J 125 -28.73 20.70 28.28
N TYR J 126 -27.66 20.72 29.07
CA TYR J 126 -27.82 20.36 30.46
C TYR J 126 -29.07 21.00 31.00
N TYR J 127 -29.50 22.08 30.37
CA TYR J 127 -30.75 22.73 30.74
C TYR J 127 -31.88 22.49 29.73
N GLN J 128 -31.62 22.75 28.46
CA GLN J 128 -32.68 22.72 27.47
C GLN J 128 -33.28 21.34 27.20
N LEU J 129 -32.45 20.31 27.13
CA LEU J 129 -33.00 18.98 26.98
C LEU J 129 -34.00 18.65 28.08
N PRO J 130 -33.71 19.07 29.32
CA PRO J 130 -34.70 18.71 30.33
C PRO J 130 -35.97 19.55 30.17
N LYS J 131 -35.81 20.83 29.88
CA LYS J 131 -36.95 21.66 29.58
C LYS J 131 -37.68 21.03 28.39
N ALA J 132 -37.02 20.82 27.28
CA ALA J 132 -37.68 20.07 26.20
C ALA J 132 -38.41 18.83 26.70
N THR J 133 -37.73 17.87 27.31
CA THR J 133 -38.30 16.54 27.49
C THR J 133 -39.10 16.44 28.77
N GLU J 134 -38.79 17.31 29.72
CA GLU J 134 -39.38 17.22 31.06
C GLU J 134 -39.09 15.92 31.77
N LYS J 135 -38.01 15.26 31.35
CA LYS J 135 -37.62 13.97 31.88
C LYS J 135 -36.13 13.99 32.30
N ASP J 136 -35.72 13.05 33.14
CA ASP J 136 -34.32 13.04 33.54
C ASP J 136 -33.47 12.97 32.31
N VAL J 137 -32.23 13.38 32.43
CA VAL J 137 -31.30 13.30 31.35
C VAL J 137 -29.89 13.07 31.87
N LEU J 138 -29.12 12.32 31.08
CA LEU J 138 -27.68 12.28 31.24
C LEU J 138 -27.10 12.80 29.93
N THR J 139 -26.63 14.06 29.93
CA THR J 139 -26.22 14.78 28.72
C THR J 139 -25.10 14.10 27.97
N GLU J 140 -25.03 14.30 26.65
CA GLU J 140 -23.83 13.93 25.94
C GLU J 140 -22.76 14.78 26.54
N PRO J 141 -21.50 14.39 26.38
CA PRO J 141 -20.33 15.12 26.87
C PRO J 141 -20.20 16.42 26.16
N TYR J 142 -19.85 17.44 26.88
CA TYR J 142 -19.49 18.68 26.21
C TYR J 142 -18.33 19.42 26.92
N PHE J 143 -17.81 20.37 26.15
CA PHE J 143 -16.74 21.23 26.56
C PHE J 143 -17.39 22.45 27.17
N TYR J 144 -17.46 22.50 28.49
CA TYR J 144 -18.04 23.68 29.15
C TYR J 144 -16.94 24.54 29.78
N GLU J 145 -16.73 25.70 29.15
CA GLU J 145 -15.87 26.72 29.69
C GLU J 145 -14.51 26.08 30.02
N GLY J 146 -14.03 25.18 29.17
CA GLY J 146 -12.67 24.68 29.33
C GLY J 146 -12.51 23.22 29.72
N VAL J 147 -13.45 22.69 30.50
CA VAL J 147 -13.38 21.29 30.94
C VAL J 147 -14.48 20.43 30.30
N PHE J 148 -14.12 19.27 29.76
CA PHE J 148 -15.08 18.25 29.26
C PHE J 148 -15.74 17.50 30.40
N MET J 149 -17.05 17.45 30.38
CA MET J 149 -17.82 16.84 31.45
C MET J 149 -19.11 16.28 30.87
N VAL J 150 -19.83 15.53 31.70
CA VAL J 150 -21.16 15.11 31.37
C VAL J 150 -22.02 15.50 32.53
N SER J 151 -23.32 15.71 32.27
CA SER J 151 -24.20 16.27 33.29
C SER J 151 -25.37 15.38 33.57
N TYR J 152 -25.55 15.01 34.84
CA TYR J 152 -26.73 14.28 35.26
C TYR J 152 -27.78 15.25 35.75
N VAL J 153 -28.80 15.50 34.94
CA VAL J 153 -29.72 16.59 35.22
C VAL J 153 -31.13 16.07 35.39
N SER J 154 -31.87 16.67 36.29
CA SER J 154 -33.25 16.24 36.52
C SER J 154 -34.22 17.39 36.74
N PRO J 155 -35.31 17.41 35.95
CA PRO J 155 -36.28 18.52 35.96
C PRO J 155 -37.01 18.67 37.29
N ILE J 156 -37.23 19.93 37.67
CA ILE J 156 -37.96 20.33 38.86
C ILE J 156 -39.33 20.74 38.40
N MET J 157 -40.24 19.77 38.50
CA MET J 157 -41.59 19.89 37.96
C MET J 157 -42.45 20.44 39.09
N LYS J 158 -42.80 21.72 39.06
CA LYS J 158 -43.67 22.29 40.11
C LYS J 158 -45.17 22.24 39.76
N GLU J 159 -45.83 21.27 40.39
CA GLU J 159 -47.22 20.86 40.07
C GLU J 159 -47.53 20.88 38.57
N GLY J 160 -46.98 19.91 37.83
CA GLY J 160 -47.22 19.82 36.40
C GLY J 160 -46.50 20.82 35.49
N GLU J 161 -45.88 21.85 36.07
CA GLU J 161 -45.21 22.90 35.30
C GLU J 161 -43.72 22.96 35.59
N PHE J 162 -42.92 23.20 34.54
CA PHE J 162 -41.46 23.16 34.58
C PHE J 162 -40.87 24.38 35.25
N ALA J 163 -40.22 24.19 36.40
CA ALA J 163 -39.73 25.28 37.22
C ALA J 163 -38.22 25.42 37.04
N GLY J 164 -37.56 24.32 36.66
CA GLY J 164 -36.10 24.34 36.48
C GLY J 164 -35.41 23.00 36.56
N ILE J 165 -34.12 23.00 36.95
CA ILE J 165 -33.30 21.75 37.04
C ILE J 165 -32.41 21.59 38.28
N GLY J 166 -32.19 20.34 38.63
CA GLY J 166 -31.23 19.96 39.66
C GLY J 166 -30.19 19.06 39.04
N GLY J 167 -28.92 19.41 39.19
CA GLY J 167 -27.88 18.68 38.50
C GLY J 167 -26.63 18.39 39.31
N VAL J 168 -25.74 17.59 38.71
CA VAL J 168 -24.42 17.34 39.24
C VAL J 168 -23.59 16.92 38.04
N ASP J 169 -22.34 17.37 37.99
CA ASP J 169 -21.46 17.12 36.84
C ASP J 169 -20.37 16.07 37.14
N VAL J 170 -19.72 15.59 36.09
CA VAL J 170 -18.53 14.81 36.24
C VAL J 170 -17.62 15.03 35.04
N SER J 171 -16.31 15.11 35.28
CA SER J 171 -15.36 15.39 34.22
C SER J 171 -14.96 14.14 33.47
N LEU J 172 -14.58 14.33 32.22
CA LEU J 172 -14.05 13.23 31.44
C LEU J 172 -12.71 12.87 32.06
N GLU J 173 -11.98 13.92 32.45
CA GLU J 173 -10.74 13.76 33.21
C GLU J 173 -10.91 12.64 34.23
N TYR J 174 -11.95 12.73 35.04
CA TYR J 174 -12.18 11.68 36.01
C TYR J 174 -12.30 10.31 35.32
N VAL J 175 -13.16 10.26 34.32
CA VAL J 175 -13.55 8.99 33.69
C VAL J 175 -12.33 8.24 33.16
N ASP J 176 -11.45 9.00 32.48
CA ASP J 176 -10.31 8.45 31.74
C ASP J 176 -9.29 7.87 32.70
N GLU J 177 -9.17 8.54 33.84
CA GLU J 177 -8.34 8.10 34.97
C GLU J 177 -8.67 6.65 35.28
N VAL J 178 -9.97 6.38 35.31
CA VAL J 178 -10.50 5.12 35.76
C VAL J 178 -10.39 4.04 34.71
N VAL J 179 -10.82 4.34 33.50
CA VAL J 179 -10.98 3.33 32.43
C VAL J 179 -9.65 2.86 31.84
N SER J 180 -8.73 3.80 31.71
CA SER J 180 -7.43 3.54 31.11
C SER J 180 -6.55 2.66 32.02
N LYS J 181 -7.00 2.46 33.26
CA LYS J 181 -6.45 1.42 34.11
C LYS J 181 -6.63 0.06 33.40
N VAL J 182 -7.87 -0.26 33.05
CA VAL J 182 -8.18 -1.58 32.45
C VAL J 182 -7.15 -2.12 31.44
N ARG J 183 -6.40 -3.12 31.88
CA ARG J 183 -5.57 -3.95 30.99
C ARG J 183 -6.32 -5.21 30.62
N THR J 184 -6.13 -5.68 29.40
CA THR J 184 -6.50 -7.04 29.08
C THR J 184 -5.60 -7.63 28.01
N PHE J 185 -5.48 -8.96 28.04
CA PHE J 185 -4.53 -9.71 27.21
C PHE J 185 -3.07 -9.22 27.33
N ASP J 186 -2.40 -9.03 26.18
CA ASP J 186 -1.06 -8.40 26.18
C ASP J 186 -1.15 -6.90 25.89
N THR J 187 -1.45 -6.51 24.64
CA THR J 187 -1.58 -5.09 24.26
C THR J 187 -2.89 -4.39 24.70
N GLY J 188 -3.96 -5.16 24.87
CA GLY J 188 -5.33 -4.63 24.97
C GLY J 188 -5.70 -3.72 26.12
N TYR J 189 -6.59 -2.77 25.81
CA TYR J 189 -7.10 -1.74 26.75
C TYR J 189 -8.62 -1.54 26.63
N ALA J 190 -9.12 -0.41 27.12
CA ALA J 190 -10.53 -0.13 27.02
C ALA J 190 -10.86 1.35 27.13
N PHE J 191 -11.90 1.77 26.42
CA PHE J 191 -12.29 3.15 26.52
C PHE J 191 -13.80 3.25 26.58
N MET J 192 -14.31 4.25 27.31
CA MET J 192 -15.75 4.57 27.24
C MET J 192 -16.08 5.47 26.09
N VAL J 193 -17.38 5.54 25.81
CA VAL J 193 -17.82 6.26 24.66
C VAL J 193 -19.22 6.73 25.05
N SER J 194 -19.57 7.95 24.65
CA SER J 194 -20.91 8.49 24.91
C SER J 194 -21.88 7.81 23.97
N ASN J 195 -23.14 8.23 24.05
CA ASN J 195 -24.19 7.53 23.33
C ASN J 195 -24.14 7.79 21.85
N SER J 196 -23.56 8.92 21.44
CA SER J 196 -23.32 9.10 20.02
C SER J 196 -21.89 8.73 19.65
N GLY J 197 -21.26 7.97 20.54
CA GLY J 197 -19.98 7.37 20.28
C GLY J 197 -18.82 8.31 20.48
N VAL J 198 -18.99 9.39 21.22
CA VAL J 198 -17.83 10.20 21.50
C VAL J 198 -16.86 9.40 22.40
N ILE J 199 -15.56 9.60 22.18
CA ILE J 199 -14.55 8.95 23.01
C ILE J 199 -14.37 9.69 24.32
N LEU J 200 -14.43 8.95 25.41
CA LEU J 200 -14.52 9.56 26.71
C LEU J 200 -13.26 9.35 27.50
N SER J 201 -12.53 8.30 27.15
CA SER J 201 -11.26 7.99 27.76
C SER J 201 -10.32 7.54 26.67
N HIS J 202 -9.04 7.47 26.98
CA HIS J 202 -8.12 6.72 26.15
C HIS J 202 -6.77 6.62 26.81
N PRO J 203 -6.24 5.39 26.86
CA PRO J 203 -4.96 5.19 27.54
C PRO J 203 -3.85 6.05 26.93
N THR J 204 -3.68 6.03 25.61
CA THR J 204 -2.51 6.69 25.04
C THR J 204 -2.80 7.77 24.01
N HIS J 205 -3.99 8.36 24.00
CA HIS J 205 -4.24 9.50 23.11
C HIS J 205 -5.14 10.54 23.74
N LYS J 206 -4.76 11.04 24.89
CA LYS J 206 -5.66 11.92 25.58
C LYS J 206 -6.22 12.99 24.66
N ASP J 207 -5.54 13.26 23.55
CA ASP J 207 -5.99 14.33 22.66
C ASP J 207 -7.35 13.99 21.98
N TRP J 208 -7.68 12.71 21.88
CA TRP J 208 -8.91 12.23 21.27
C TRP J 208 -10.13 12.49 22.18
N ILE J 209 -9.91 12.37 23.49
CA ILE J 209 -10.98 12.48 24.47
C ILE J 209 -11.85 13.70 24.24
N GLY J 210 -13.15 13.47 24.09
CA GLY J 210 -14.12 14.53 23.90
C GLY J 210 -13.97 15.20 22.55
N LYS J 211 -12.91 14.87 21.82
CA LYS J 211 -12.72 15.49 20.50
C LYS J 211 -13.03 14.58 19.32
N LYS J 212 -12.98 13.26 19.46
CA LYS J 212 -13.37 12.38 18.35
C LYS J 212 -14.42 11.33 18.73
N ASP J 213 -15.19 10.88 17.75
CA ASP J 213 -16.17 9.86 17.99
C ASP J 213 -15.88 8.70 17.03
N LEU J 214 -16.57 7.58 17.18
CA LEU J 214 -16.26 6.41 16.37
C LEU J 214 -16.26 6.66 14.86
N TYR J 215 -16.76 7.80 14.42
CA TYR J 215 -16.82 8.09 12.97
C TYR J 215 -15.47 8.48 12.42
N ASP J 216 -14.64 9.03 13.29
CA ASP J 216 -13.25 9.37 12.99
C ASP J 216 -12.38 8.09 12.96
N PHE J 217 -12.20 7.43 14.12
CA PHE J 217 -11.66 6.07 14.17
C PHE J 217 -11.81 5.48 12.76
N GLY J 218 -12.67 6.04 11.90
CA GLY J 218 -12.59 5.74 10.44
C GLY J 218 -13.64 4.90 9.68
N GLY J 219 -13.18 3.84 8.99
CA GLY J 219 -14.06 3.01 8.15
C GLY J 219 -14.97 2.06 8.93
N GLU J 220 -16.08 1.60 8.35
CA GLU J 220 -17.16 0.96 9.16
C GLU J 220 -18.01 -0.08 8.45
N GLU J 221 -18.40 -1.16 9.12
CA GLU J 221 -17.96 -1.52 10.47
C GLU J 221 -18.24 -0.54 11.63
N LEU J 222 -17.45 0.51 11.75
CA LEU J 222 -17.64 1.41 12.88
C LEU J 222 -18.86 2.33 12.77
N GLU J 223 -19.51 2.37 11.60
CA GLU J 223 -20.78 3.08 11.45
C GLU J 223 -21.82 2.08 12.01
N LYS J 224 -21.74 0.83 11.57
CA LYS J 224 -22.47 -0.24 12.22
C LYS J 224 -22.53 -0.02 13.71
N ALA J 225 -21.38 -0.14 14.35
CA ALA J 225 -21.29 -0.19 15.81
C ALA J 225 -21.82 1.06 16.47
N SER J 226 -21.77 2.19 15.79
CA SER J 226 -22.34 3.41 16.35
C SER J 226 -23.85 3.30 16.48
N ARG J 227 -24.48 2.64 15.51
CA ARG J 227 -25.90 2.44 15.57
C ARG J 227 -26.27 1.54 16.74
N ASP J 228 -25.68 0.36 16.82
CA ASP J 228 -25.85 -0.46 18.02
C ASP J 228 -25.65 0.33 19.33
N ILE J 229 -24.65 1.19 19.43
CA ILE J 229 -24.42 1.84 20.72
C ILE J 229 -25.43 2.95 20.98
N LYS J 230 -25.94 3.59 19.94
CA LYS J 230 -26.98 4.59 20.14
C LYS J 230 -28.28 3.97 20.65
N ASN J 231 -28.45 2.71 20.33
CA ASN J 231 -29.60 1.94 20.70
C ASN J 231 -29.37 1.19 21.95
N GLY J 232 -28.25 1.42 22.60
CA GLY J 232 -27.96 0.65 23.80
C GLY J 232 -27.76 -0.82 23.54
N ILE J 233 -27.46 -1.19 22.31
CA ILE J 233 -27.19 -2.59 21.97
C ILE J 233 -25.68 -2.89 22.02
N GLY J 234 -25.28 -3.95 22.69
CA GLY J 234 -23.88 -4.35 22.63
C GLY J 234 -23.58 -5.39 21.56
N GLY J 235 -22.40 -5.31 20.95
CA GLY J 235 -21.95 -6.33 20.00
C GLY J 235 -20.44 -6.33 19.84
N HIS J 236 -19.95 -6.56 18.62
CA HIS J 236 -18.50 -6.51 18.33
C HIS J 236 -18.10 -6.43 16.83
N LEU J 237 -16.99 -5.73 16.54
CA LEU J 237 -16.37 -5.70 15.20
C LEU J 237 -14.95 -6.23 15.21
N GLU J 238 -14.42 -6.38 14.00
CA GLU J 238 -12.98 -6.42 13.77
C GLU J 238 -12.61 -5.10 13.15
N THR J 239 -11.35 -4.72 13.24
CA THR J 239 -10.95 -3.44 12.67
C THR J 239 -9.47 -3.25 12.91
N ALA J 240 -8.84 -2.28 12.25
CA ALA J 240 -7.41 -2.05 12.50
C ALA J 240 -7.14 -0.93 13.50
N ASP J 241 -6.21 -1.17 14.41
CA ASP J 241 -5.84 -0.11 15.30
C ASP J 241 -5.45 1.07 14.43
N PRO J 242 -5.79 2.30 14.84
CA PRO J 242 -5.14 3.43 14.14
C PRO J 242 -3.61 3.50 14.39
N THR J 243 -3.20 4.02 15.55
CA THR J 243 -1.78 4.01 15.99
C THR J 243 -0.89 2.83 15.47
N THR J 244 -1.34 2.06 14.48
CA THR J 244 -0.58 0.92 13.91
C THR J 244 -1.31 0.44 12.69
N GLY J 245 -1.74 -0.82 12.74
CA GLY J 245 -2.59 -1.33 11.70
C GLY J 245 -3.07 -2.75 11.95
N LYS J 246 -2.62 -3.33 13.07
CA LYS J 246 -2.98 -4.73 13.41
C LYS J 246 -4.48 -4.92 13.76
N THR J 247 -5.05 -6.05 13.38
CA THR J 247 -6.49 -6.26 13.57
C THR J 247 -6.90 -6.43 15.04
N VAL J 248 -7.88 -5.64 15.47
CA VAL J 248 -8.42 -5.71 16.82
C VAL J 248 -9.89 -6.06 16.76
N ILE J 249 -10.37 -6.65 17.85
CA ILE J 249 -11.79 -6.88 18.02
C ILE J 249 -12.29 -5.93 19.12
N LEU J 250 -13.21 -5.03 18.77
CA LEU J 250 -13.84 -4.17 19.77
C LEU J 250 -15.01 -4.93 20.37
N PHE J 251 -15.09 -4.97 21.70
CA PHE J 251 -16.26 -5.55 22.33
C PHE J 251 -16.95 -4.46 23.10
N TYR J 252 -18.08 -3.97 22.60
CA TYR J 252 -18.78 -2.90 23.28
C TYR J 252 -20.03 -3.42 23.99
N GLU J 253 -20.26 -2.91 25.18
CA GLU J 253 -21.40 -3.26 25.95
C GLU J 253 -22.02 -1.97 26.47
N PRO J 254 -23.36 -1.93 26.52
CA PRO J 254 -24.01 -0.69 26.93
C PRO J 254 -23.88 -0.45 28.40
N VAL J 255 -23.69 0.81 28.78
CA VAL J 255 -23.88 1.21 30.16
C VAL J 255 -25.31 1.72 30.30
N GLU J 256 -26.09 1.02 31.10
CA GLU J 256 -27.52 1.24 31.12
C GLU J 256 -28.02 2.66 31.26
N THR J 257 -27.52 3.41 32.22
CA THR J 257 -28.02 4.77 32.36
C THR J 257 -27.33 5.61 31.32
N GLY J 258 -28.09 6.40 30.59
CA GLY J 258 -27.49 7.24 29.56
C GLY J 258 -27.25 6.48 28.28
N ASP J 259 -27.20 5.16 28.40
CA ASP J 259 -26.88 4.33 27.25
C ASP J 259 -25.54 4.74 26.64
N PHE J 260 -24.54 4.89 27.49
CA PHE J 260 -23.20 5.05 26.99
C PHE J 260 -22.74 3.64 26.66
N ALA J 261 -21.45 3.48 26.31
CA ALA J 261 -20.93 2.15 26.00
C ALA J 261 -19.49 1.98 26.46
N PHE J 262 -19.18 0.79 26.94
CA PHE J 262 -17.85 0.47 27.39
C PHE J 262 -17.29 -0.38 26.31
N VAL J 263 -16.25 0.08 25.62
CA VAL J 263 -15.61 -0.73 24.57
C VAL J 263 -14.32 -1.36 25.06
N LEU J 264 -14.17 -2.67 24.91
CA LEU J 264 -12.97 -3.39 25.29
C LEU J 264 -12.23 -3.68 24.00
N VAL J 265 -10.93 -3.34 23.94
CA VAL J 265 -10.14 -3.65 22.73
C VAL J 265 -9.21 -4.83 22.90
N VAL J 266 -9.50 -5.91 22.19
CA VAL J 266 -8.73 -7.12 22.31
C VAL J 266 -8.01 -7.29 21.01
N PRO J 267 -6.66 -7.43 21.09
CA PRO J 267 -5.86 -7.68 19.89
C PRO J 267 -6.16 -9.05 19.37
N LYS J 268 -6.54 -9.09 18.09
CA LYS J 268 -6.87 -10.35 17.45
C LYS J 268 -5.78 -11.36 17.77
N GLU J 269 -4.55 -11.03 17.37
CA GLU J 269 -3.33 -11.74 17.76
C GLU J 269 -3.44 -12.46 19.13
N GLU J 270 -3.78 -11.73 20.18
CA GLU J 270 -3.99 -12.34 21.50
C GLU J 270 -5.09 -13.41 21.56
N MET J 271 -6.06 -13.40 20.64
CA MET J 271 -7.29 -14.22 20.79
C MET J 271 -7.18 -15.70 21.20
N LEU J 272 -6.63 -16.62 20.40
CA LEU J 272 -5.69 -16.47 19.27
C LEU J 272 -4.40 -17.04 19.84
N ALA J 273 -3.65 -16.19 20.55
CA ALA J 273 -2.63 -16.67 21.48
C ALA J 273 -3.31 -17.53 22.55
N GLY J 274 -4.50 -17.10 22.97
CA GLY J 274 -5.24 -17.77 24.03
C GLY J 274 -5.68 -19.19 23.71
N VAL J 275 -6.27 -19.39 22.54
CA VAL J 275 -6.86 -20.70 22.19
C VAL J 275 -5.78 -21.80 21.97
N ALA J 276 -4.62 -21.40 21.42
CA ALA J 276 -3.47 -22.31 21.34
C ALA J 276 -3.12 -22.90 22.71
N ASP J 277 -2.88 -22.00 23.69
CA ASP J 277 -2.67 -22.33 25.11
C ASP J 277 -3.69 -23.31 25.69
N LEU J 278 -4.76 -23.56 24.95
CA LEU J 278 -5.83 -24.36 25.50
C LEU J 278 -5.99 -25.67 24.73
N ARG J 279 -4.88 -26.25 24.26
CA ARG J 279 -4.96 -27.51 23.51
C ARG J 279 -4.43 -28.78 24.21
N GLU J 280 -4.22 -28.67 25.52
CA GLU J 280 -3.92 -29.84 26.35
C GLU J 280 -4.96 -30.94 26.15
K K K . -9.01 27.78 -30.45
K K L . 13.38 -9.20 -68.85
K K M . 16.97 -17.92 9.34
K K N . 9.08 32.81 -17.53
K K O . 36.03 -14.81 19.23
K K P . 72.19 -14.91 -25.99
K K Q . -44.42 28.64 13.02
K K R . -36.72 -26.65 -1.67
K K S . -38.20 -0.14 72.24
K K T . -25.71 32.07 25.68
#